data_8WFD
#
_entry.id   8WFD
#
_cell.length_a   1.00
_cell.length_b   1.00
_cell.length_c   1.00
_cell.angle_alpha   90.00
_cell.angle_beta   90.00
_cell.angle_gamma   90.00
#
_symmetry.space_group_name_H-M   'P 1'
#
loop_
_entity.id
_entity.type
_entity.pdbx_description
1 polymer TdpA
2 polymer TdpB
3 polymer "DNA (5'-D(P*GP*CP*CP*CP*TP*TP*TP*TP*GP*CP*AP*A)-3')"
4 polymer "DNA (5'-D(P*TP*TP*GP*CP*AP*AP*AP*AP*GP*GP*GP*C)-3')"
5 non-polymer 'PHOSPHOAMINOPHOSPHONIC ACID-ADENYLATE ESTER'
#
loop_
_entity_poly.entity_id
_entity_poly.type
_entity_poly.pdbx_seq_one_letter_code
_entity_poly.pdbx_strand_id
1 'polypeptide(L)'
;MAESPIGVVVSSRRNGPWAELTLVLTPQELDQGKRLLLGELVRVSSGGKDYVGMVLDGYYEPVGRSDPTYTLALAHINQV
DLEKEDPWARKEVNFYHHRIVLLGRVVQGGLFAPSTRLLPPVVEARVYRMTEEELQRLLAAEVRTSGSVKAEGKRRYAFG
HLAYGLEEGGEYPEVVKEVDPALFVGRRTANFGKTGFGKSNENKVILTLLAHAFPRVGMLILDQNAEYLLQTEATTSPGL
AQAFKALGIRGRIRFYTAREEAWARRLKEHLGTEWREYVEVLPLKVDFYHFPELAVALAYQRRRLQGAEPPQYLENAFYN
LEDWKHIPDRMAYVYGALRKAGLTPRKGLKIKYKNENYDISEEKSWGNLQEAMENNSQRGDNKGGARELYSRAKVFSFLR
AFHAPGKEANFLETIKEDLLGEKTEGEGKVVILDLPSLGEAADFFTLRLMDLLFDRAVELYGKRQANFLVVLEEAHNFLE
DKAGIFYRVAKEGRKYGIGMLYSTQSPASIPMEILSQTENFLVKHLSSEEDVKVLKRAKAPFAFVADFLLSEPIIGYSYV
YFEPYQPFVVPLRVKLLEHVLKSLDS
;
F,A,B,E,D,C
2 'polypeptide(L)'
;MPYAGEGSNPLGLKDFLDDLRLDHYQDLLRELDELYQKLKQERQVPLHGDGEAYPLLTLTVDGGEGRAFEELPLLSFGLV
RVAAVGVKGFRLPSIAHLLPGYEVLRDPKGYLEGLLERSEESPAADALKTFFRATGISLEDLGEYYTKDLRAFMGIFRDV
LEWAYLVWGVEKVLQESYKDYLFIKDGRLAQLGVRESFRSKLQNYFARKHLLLAGVTKRSRLLAEGLTSLVMARLFAEAR
GTFVLQVPQELMEKAYRYERQWNADLEGAFVMGRRYVARLLEDTFRPQEGVAIFDLPPYLGEEDAVKVARSLRAHRSVLY
GGSVGTVVEAHGRASVARSIPRRMEEEILARFRKAFGEDLAKKLTEWLRLADRED
;
H,G
3 'polydeoxyribonucleotide' (DG)(DC)(DC)(DC)(DT)(DT)(DT)(DT)(DG)(DC)(DA)(DA) I
4 'polydeoxyribonucleotide' (DT)(DT)(DG)(DC)(DA)(DA)(DA)(DA)(DG)(DG)(DG)(DC) J
#
loop_
_chem_comp.id
_chem_comp.type
_chem_comp.name
_chem_comp.formula
ANP non-polymer 'PHOSPHOAMINOPHOSPHONIC ACID-ADENYLATE ESTER' 'C10 H17 N6 O12 P3'
DA DNA linking 2'-DEOXYADENOSINE-5'-MONOPHOSPHATE 'C10 H14 N5 O6 P'
DC DNA linking 2'-DEOXYCYTIDINE-5'-MONOPHOSPHATE 'C9 H14 N3 O7 P'
DG DNA linking 2'-DEOXYGUANOSINE-5'-MONOPHOSPHATE 'C10 H14 N5 O7 P'
DT DNA linking THYMIDINE-5'-MONOPHOSPHATE 'C10 H15 N2 O8 P'
#
# COMPACT_ATOMS: atom_id res chain seq x y z
N GLU A 3 14.97 -28.75 34.74
CA GLU A 3 14.07 -29.87 34.99
C GLU A 3 12.65 -29.39 35.26
N SER A 4 12.50 -28.08 35.38
CA SER A 4 11.22 -27.44 35.70
C SER A 4 10.91 -26.37 34.68
N PRO A 5 9.63 -26.03 34.50
CA PRO A 5 9.27 -24.99 33.54
C PRO A 5 9.87 -23.65 33.94
N ILE A 6 10.22 -22.86 32.93
CA ILE A 6 10.86 -21.57 33.18
C ILE A 6 9.86 -20.58 33.77
N GLY A 7 8.67 -20.50 33.18
CA GLY A 7 7.66 -19.58 33.67
C GLY A 7 6.29 -20.21 33.73
N VAL A 8 5.25 -19.41 33.47
CA VAL A 8 3.88 -19.89 33.39
C VAL A 8 3.25 -19.34 32.13
N VAL A 9 2.58 -20.20 31.37
CA VAL A 9 1.91 -19.80 30.14
C VAL A 9 0.55 -19.20 30.49
N VAL A 10 0.28 -18.01 29.97
CA VAL A 10 -0.94 -17.28 30.31
C VAL A 10 -1.83 -16.97 29.12
N SER A 11 -1.41 -17.28 27.89
CA SER A 11 -2.24 -17.01 26.73
C SER A 11 -1.62 -17.68 25.51
N SER A 12 -2.44 -17.93 24.51
CA SER A 12 -1.98 -18.55 23.26
C SER A 12 -2.94 -18.16 22.15
N ARG A 13 -2.43 -18.16 20.92
CA ARG A 13 -3.24 -17.79 19.77
C ARG A 13 -2.56 -18.24 18.48
N ARG A 14 -3.30 -18.10 17.38
CA ARG A 14 -2.77 -18.24 16.03
C ARG A 14 -2.60 -16.85 15.43
N ASN A 15 -1.36 -16.49 15.12
CA ASN A 15 -1.02 -15.18 14.57
C ASN A 15 -0.49 -15.41 13.16
N GLY A 16 -1.40 -15.43 12.19
CA GLY A 16 -1.05 -15.73 10.82
C GLY A 16 -0.92 -17.23 10.59
N PRO A 17 0.18 -17.64 9.96
CA PRO A 17 0.45 -19.07 9.77
C PRO A 17 1.18 -19.75 10.90
N TRP A 18 1.33 -19.10 12.06
CA TRP A 18 2.10 -19.65 13.17
C TRP A 18 1.29 -19.58 14.45
N ALA A 19 1.64 -20.46 15.39
CA ALA A 19 1.05 -20.45 16.72
C ALA A 19 2.01 -19.79 17.69
N GLU A 20 1.48 -18.95 18.57
CA GLU A 20 2.28 -18.20 19.52
C GLU A 20 1.65 -18.31 20.90
N LEU A 21 2.49 -18.16 21.92
CA LEU A 21 2.03 -18.18 23.30
C LEU A 21 2.79 -17.14 24.11
N THR A 22 2.21 -16.78 25.25
CA THR A 22 2.74 -15.77 26.13
C THR A 22 3.20 -16.40 27.43
N LEU A 23 4.39 -16.04 27.88
CA LEU A 23 5.01 -16.60 29.07
C LEU A 23 5.32 -15.48 30.04
N VAL A 24 5.16 -15.76 31.33
CA VAL A 24 5.39 -14.76 32.38
C VAL A 24 6.45 -15.30 33.33
N LEU A 25 7.44 -14.46 33.64
CA LEU A 25 8.45 -14.76 34.63
C LEU A 25 8.16 -13.96 35.89
N THR A 26 8.18 -14.64 37.03
CA THR A 26 7.74 -14.08 38.30
C THR A 26 8.93 -13.52 39.07
N PRO A 27 8.65 -12.75 40.13
CA PRO A 27 9.75 -12.18 40.92
C PRO A 27 10.73 -13.20 41.46
N GLN A 28 10.25 -14.37 41.90
CA GLN A 28 11.17 -15.39 42.41
C GLN A 28 12.13 -15.86 41.33
N GLU A 29 11.60 -16.20 40.15
CA GLU A 29 12.45 -16.67 39.07
C GLU A 29 13.41 -15.58 38.61
N LEU A 30 12.96 -14.33 38.55
CA LEU A 30 13.86 -13.25 38.18
C LEU A 30 14.95 -13.04 39.21
N ASP A 31 14.61 -13.17 40.50
CA ASP A 31 15.62 -13.05 41.55
C ASP A 31 16.59 -14.21 41.57
N GLN A 32 16.20 -15.37 41.05
CA GLN A 32 17.13 -16.48 40.88
C GLN A 32 18.03 -16.32 39.68
N GLY A 33 17.90 -15.22 38.93
CA GLY A 33 18.74 -14.97 37.77
C GLY A 33 18.28 -15.60 36.49
N LYS A 34 17.08 -16.18 36.45
CA LYS A 34 16.60 -16.84 35.25
C LYS A 34 16.16 -15.82 34.21
N ARG A 35 16.55 -16.03 32.96
CA ARG A 35 16.23 -15.12 31.88
C ARG A 35 16.00 -15.91 30.60
N LEU A 36 15.41 -15.25 29.61
CA LEU A 36 15.22 -15.81 28.27
C LEU A 36 15.79 -14.83 27.26
N LEU A 37 16.70 -15.31 26.42
CA LEU A 37 17.28 -14.48 25.38
C LEU A 37 16.40 -14.46 24.13
N LEU A 38 16.38 -13.32 23.46
CA LEU A 38 15.64 -13.20 22.21
C LEU A 38 16.30 -14.08 21.14
N GLY A 39 15.47 -14.84 20.42
CA GLY A 39 15.98 -15.76 19.43
C GLY A 39 16.41 -17.10 19.97
N GLU A 40 16.19 -17.36 21.26
CA GLU A 40 16.62 -18.61 21.88
C GLU A 40 15.60 -19.72 21.62
N LEU A 41 16.11 -20.94 21.49
CA LEU A 41 15.27 -22.10 21.20
C LEU A 41 14.89 -22.81 22.50
N VAL A 42 13.60 -23.10 22.65
CA VAL A 42 13.05 -23.68 23.86
C VAL A 42 12.19 -24.88 23.47
N ARG A 43 11.90 -25.72 24.46
CA ARG A 43 11.03 -26.87 24.27
C ARG A 43 9.66 -26.54 24.83
N VAL A 44 8.60 -26.92 24.11
CA VAL A 44 7.24 -26.64 24.55
C VAL A 44 6.50 -27.97 24.65
N SER A 45 6.02 -28.28 25.86
CA SER A 45 5.27 -29.50 26.11
C SER A 45 3.78 -29.17 26.12
N SER A 46 3.02 -29.86 25.27
CA SER A 46 1.57 -29.64 25.19
C SER A 46 0.92 -30.93 24.75
N GLY A 47 -0.03 -31.42 25.54
CA GLY A 47 -0.79 -32.61 25.16
C GLY A 47 0.06 -33.84 24.94
N GLY A 48 1.14 -33.99 25.69
CA GLY A 48 2.03 -35.12 25.51
C GLY A 48 2.95 -35.02 24.32
N LYS A 49 3.00 -33.86 23.65
CA LYS A 49 3.83 -33.68 22.48
C LYS A 49 4.81 -32.54 22.70
N ASP A 50 5.99 -32.66 22.10
CA ASP A 50 7.07 -31.70 22.25
C ASP A 50 7.22 -30.89 20.97
N TYR A 51 7.31 -29.57 21.12
CA TYR A 51 7.50 -28.64 20.03
C TYR A 51 8.79 -27.85 20.25
N VAL A 52 9.36 -27.39 19.15
CA VAL A 52 10.46 -26.43 19.16
C VAL A 52 9.86 -25.04 19.09
N GLY A 53 10.34 -24.14 19.94
CA GLY A 53 9.86 -22.78 19.94
C GLY A 53 11.00 -21.79 19.98
N MET A 54 10.69 -20.57 19.55
CA MET A 54 11.65 -19.48 19.53
C MET A 54 11.09 -18.28 20.29
N VAL A 55 11.95 -17.66 21.09
CA VAL A 55 11.58 -16.44 21.84
C VAL A 55 11.65 -15.26 20.89
N LEU A 56 10.51 -14.62 20.65
CA LEU A 56 10.40 -13.54 19.66
C LEU A 56 10.47 -12.15 20.29
N ASP A 57 9.77 -11.94 21.41
CA ASP A 57 9.61 -10.61 21.96
C ASP A 57 9.72 -10.67 23.49
N GLY A 58 9.78 -9.50 24.09
CA GLY A 58 9.79 -9.36 25.54
C GLY A 58 9.37 -7.96 25.94
N TYR A 59 8.45 -7.84 26.89
CA TYR A 59 7.93 -6.54 27.30
C TYR A 59 7.52 -6.59 28.75
N TYR A 60 7.50 -5.43 29.38
CA TYR A 60 7.03 -5.29 30.75
C TYR A 60 5.57 -4.90 30.76
N GLU A 61 4.79 -5.54 31.66
CA GLU A 61 3.38 -5.23 31.79
C GLU A 61 2.96 -5.47 33.23
N PRO A 62 2.14 -4.59 33.80
CA PRO A 62 1.67 -4.80 35.17
C PRO A 62 0.84 -6.07 35.29
N VAL A 63 0.98 -6.74 36.43
CA VAL A 63 0.25 -7.98 36.73
C VAL A 63 -0.57 -7.75 37.98
N GLY A 64 -1.87 -8.05 37.91
CA GLY A 64 -2.76 -7.81 39.01
C GLY A 64 -3.16 -6.35 39.12
N ARG A 65 -3.57 -5.96 40.33
CA ARG A 65 -3.94 -4.58 40.61
C ARG A 65 -2.72 -3.88 41.20
N SER A 66 -2.03 -3.10 40.37
CA SER A 66 -0.82 -2.41 40.82
C SER A 66 -0.54 -1.23 39.92
N ASP A 67 0.24 -0.29 40.44
CA ASP A 67 0.69 0.89 39.70
C ASP A 67 2.21 0.93 39.81
N PRO A 68 2.92 0.20 38.95
CA PRO A 68 4.38 0.16 39.07
C PRO A 68 5.03 1.53 38.97
N THR A 69 4.52 2.40 38.10
CA THR A 69 5.11 3.72 37.96
C THR A 69 5.03 4.49 39.27
N TYR A 70 3.84 4.54 39.88
CA TYR A 70 3.70 5.26 41.13
C TYR A 70 4.54 4.64 42.23
N THR A 71 4.53 3.30 42.33
CA THR A 71 5.29 2.66 43.41
C THR A 71 6.79 2.94 43.27
N LEU A 72 7.34 2.77 42.07
CA LEU A 72 8.76 2.97 41.88
C LEU A 72 9.14 4.44 42.03
N ALA A 73 8.31 5.35 41.52
CA ALA A 73 8.59 6.78 41.68
C ALA A 73 8.56 7.19 43.14
N LEU A 74 7.60 6.66 43.91
CA LEU A 74 7.54 6.98 45.33
C LEU A 74 8.75 6.44 46.07
N ALA A 75 9.17 5.21 45.76
CA ALA A 75 10.37 4.66 46.38
C ALA A 75 11.59 5.50 46.04
N HIS A 76 11.71 5.93 44.78
CA HIS A 76 12.84 6.78 44.40
C HIS A 76 12.80 8.12 45.12
N ILE A 77 11.61 8.72 45.23
CA ILE A 77 11.49 10.01 45.90
C ILE A 77 11.90 9.91 47.35
N ASN A 78 11.41 8.88 48.05
CA ASN A 78 11.72 8.71 49.46
C ASN A 78 13.08 8.06 49.70
N GLN A 79 13.78 7.65 48.65
CA GLN A 79 15.14 7.12 48.76
C GLN A 79 15.17 5.88 49.66
N VAL A 80 14.46 4.85 49.21
CA VAL A 80 14.43 3.56 49.89
C VAL A 80 15.02 2.53 48.96
N ASP A 81 16.06 1.84 49.42
CA ASP A 81 16.62 0.73 48.64
C ASP A 81 15.56 -0.33 48.48
N LEU A 82 15.08 -0.54 47.26
CA LEU A 82 13.91 -1.39 47.04
C LEU A 82 14.21 -2.86 47.28
N GLU A 83 15.46 -3.28 47.15
CA GLU A 83 15.84 -4.68 47.35
C GLU A 83 16.20 -4.99 48.80
N LYS A 84 16.22 -4.00 49.68
CA LYS A 84 16.60 -4.22 51.08
C LYS A 84 15.60 -3.70 52.08
N GLU A 85 14.81 -2.68 51.76
CA GLU A 85 13.87 -2.11 52.71
C GLU A 85 12.42 -2.47 52.44
N ASP A 86 12.05 -2.73 51.19
CA ASP A 86 10.64 -2.94 50.81
C ASP A 86 10.53 -4.18 49.94
N PRO A 87 10.76 -5.36 50.52
CA PRO A 87 10.62 -6.60 49.74
C PRO A 87 9.24 -6.79 49.16
N TRP A 88 8.19 -6.38 49.87
CA TRP A 88 6.84 -6.58 49.38
C TRP A 88 6.50 -5.61 48.24
N ALA A 89 7.07 -4.41 48.26
CA ALA A 89 6.91 -3.53 47.11
C ALA A 89 7.68 -4.06 45.91
N ARG A 90 8.87 -4.62 46.15
CA ARG A 90 9.64 -5.21 45.05
C ARG A 90 8.99 -6.47 44.51
N LYS A 91 8.17 -7.15 45.31
CA LYS A 91 7.61 -8.44 44.94
C LYS A 91 6.31 -8.33 44.15
N GLU A 92 5.80 -7.12 43.93
CA GLU A 92 4.55 -6.93 43.21
C GLU A 92 4.74 -6.24 41.85
N VAL A 93 5.98 -5.95 41.46
CA VAL A 93 6.23 -5.25 40.21
C VAL A 93 7.23 -6.02 39.34
N ASN A 94 7.87 -7.03 39.93
CA ASN A 94 8.99 -7.72 39.27
C ASN A 94 8.51 -8.94 38.48
N PHE A 95 7.65 -8.68 37.50
CA PHE A 95 7.21 -9.68 36.53
C PHE A 95 7.79 -9.32 35.17
N TYR A 96 7.75 -10.27 34.23
CA TYR A 96 8.19 -9.90 32.89
C TYR A 96 7.53 -10.83 31.89
N HIS A 97 7.27 -10.31 30.69
CA HIS A 97 6.50 -11.01 29.67
C HIS A 97 7.37 -11.38 28.47
N HIS A 98 7.13 -12.56 27.91
CA HIS A 98 7.82 -13.04 26.72
C HIS A 98 6.80 -13.65 25.77
N ARG A 99 7.14 -13.66 24.49
CA ARG A 99 6.32 -14.25 23.45
C ARG A 99 7.13 -15.34 22.74
N ILE A 100 6.51 -16.49 22.51
CA ILE A 100 7.20 -17.66 21.98
C ILE A 100 6.39 -18.23 20.82
N VAL A 101 7.07 -18.47 19.69
CA VAL A 101 6.45 -19.01 18.49
C VAL A 101 6.81 -20.48 18.33
N LEU A 102 5.82 -21.30 17.98
CA LEU A 102 6.03 -22.73 17.76
C LEU A 102 6.39 -22.96 16.30
N LEU A 103 7.54 -23.61 16.07
CA LEU A 103 8.03 -23.84 14.71
C LEU A 103 7.62 -25.19 14.15
N GLY A 104 7.44 -26.18 15.00
CA GLY A 104 7.12 -27.52 14.56
C GLY A 104 7.62 -28.54 15.57
N ARG A 105 7.65 -29.79 15.14
CA ARG A 105 8.09 -30.85 16.04
C ARG A 105 8.79 -31.96 15.26
N VAL A 106 9.64 -32.70 15.96
CA VAL A 106 10.41 -33.79 15.37
C VAL A 106 9.59 -35.07 15.44
N VAL A 107 9.58 -35.82 14.33
CA VAL A 107 8.78 -37.03 14.20
C VAL A 107 9.61 -38.13 13.57
N GLN A 108 9.21 -39.37 13.86
CA GLN A 108 9.81 -40.60 13.34
C GLN A 108 11.32 -40.51 13.15
N GLY A 109 11.78 -40.76 11.93
CA GLY A 109 13.20 -40.82 11.66
C GLY A 109 13.84 -39.47 11.49
N GLY A 110 13.65 -38.59 12.47
CA GLY A 110 14.26 -37.28 12.46
C GLY A 110 13.60 -36.27 11.56
N LEU A 111 12.46 -36.59 10.96
CA LEU A 111 11.81 -35.64 10.08
C LEU A 111 11.14 -34.54 10.89
N PHE A 112 10.80 -33.45 10.22
CA PHE A 112 10.22 -32.28 10.88
C PHE A 112 8.80 -32.05 10.37
N ALA A 113 7.85 -32.03 11.29
CA ALA A 113 6.49 -31.61 10.99
C ALA A 113 6.37 -30.13 11.28
N PRO A 114 6.11 -29.29 10.27
CA PRO A 114 6.15 -27.84 10.48
C PRO A 114 4.84 -27.29 11.02
N SER A 115 4.97 -26.24 11.82
CA SER A 115 3.82 -25.52 12.36
C SER A 115 2.92 -26.50 13.09
N THR A 116 1.61 -26.26 13.08
CA THR A 116 0.66 -27.12 13.76
C THR A 116 -0.75 -26.65 13.48
N ARG A 117 -1.70 -27.59 13.57
CA ARG A 117 -3.12 -27.28 13.47
C ARG A 117 -3.81 -27.26 14.82
N LEU A 118 -3.10 -27.60 15.90
CA LEU A 118 -3.67 -27.70 17.23
C LEU A 118 -3.10 -26.59 18.09
N LEU A 119 -3.99 -25.75 18.63
CA LEU A 119 -3.58 -24.66 19.50
C LEU A 119 -3.65 -25.11 20.96
N PRO A 120 -2.58 -24.94 21.73
CA PRO A 120 -2.52 -25.51 23.08
C PRO A 120 -3.28 -24.65 24.07
N PRO A 121 -4.15 -25.27 24.88
CA PRO A 121 -4.78 -24.52 25.98
C PRO A 121 -3.74 -24.07 27.00
N VAL A 122 -4.00 -22.94 27.64
CA VAL A 122 -2.99 -22.32 28.50
C VAL A 122 -2.73 -23.17 29.74
N VAL A 123 -3.76 -23.79 30.30
CA VAL A 123 -3.61 -24.49 31.57
C VAL A 123 -2.73 -25.72 31.46
N GLU A 124 -2.50 -26.24 30.25
CA GLU A 124 -1.79 -27.50 30.09
C GLU A 124 -0.55 -27.37 29.21
N ALA A 125 0.00 -26.17 29.06
CA ALA A 125 1.18 -25.94 28.25
C ALA A 125 2.36 -25.55 29.14
N ARG A 126 3.51 -26.15 28.88
CA ARG A 126 4.72 -25.89 29.65
C ARG A 126 5.86 -25.52 28.71
N VAL A 127 6.78 -24.70 29.22
CA VAL A 127 7.97 -24.28 28.47
C VAL A 127 9.20 -24.67 29.27
N TYR A 128 10.16 -25.30 28.61
CA TYR A 128 11.37 -25.81 29.22
C TYR A 128 12.60 -25.30 28.49
N ARG A 129 13.64 -25.02 29.28
CA ARG A 129 14.96 -24.78 28.71
C ARG A 129 15.49 -26.07 28.09
N MET A 130 16.09 -25.94 26.92
CA MET A 130 16.54 -27.11 26.16
C MET A 130 17.99 -27.44 26.54
N THR A 131 18.27 -28.73 26.70
CA THR A 131 19.59 -29.17 27.12
C THR A 131 20.51 -29.32 25.91
N GLU A 132 21.80 -29.45 26.19
CA GLU A 132 22.78 -29.61 25.12
C GLU A 132 22.54 -30.89 24.33
N GLU A 133 22.12 -31.96 25.00
CA GLU A 133 21.80 -33.19 24.29
C GLU A 133 20.64 -32.98 23.32
N GLU A 134 19.59 -32.27 23.76
CA GLU A 134 18.46 -31.99 22.89
C GLU A 134 18.88 -31.13 21.70
N LEU A 135 19.70 -30.10 21.95
CA LEU A 135 20.14 -29.25 20.86
C LEU A 135 21.03 -30.02 19.89
N GLN A 136 21.89 -30.90 20.40
CA GLN A 136 22.73 -31.72 19.54
C GLN A 136 21.88 -32.63 18.66
N ARG A 137 20.85 -33.24 19.23
CA ARG A 137 19.93 -34.03 18.39
C ARG A 137 19.25 -33.16 17.35
N LEU A 138 18.83 -31.95 17.75
CA LEU A 138 18.15 -31.06 16.82
C LEU A 138 19.04 -30.71 15.63
N LEU A 139 20.31 -30.44 15.88
CA LEU A 139 21.24 -30.10 14.81
C LEU A 139 21.67 -31.30 13.99
N ALA A 140 21.92 -32.44 14.63
CA ALA A 140 22.45 -33.60 13.92
C ALA A 140 21.38 -34.27 13.06
N ALA A 141 20.17 -34.43 13.59
CA ALA A 141 19.11 -35.10 12.86
C ALA A 141 17.99 -34.14 12.48
N TYR A 157 34.35 -33.07 12.83
CA TYR A 157 34.45 -32.20 11.66
C TYR A 157 33.42 -31.09 11.74
N ALA A 158 33.48 -30.32 12.82
CA ALA A 158 32.51 -29.27 13.07
C ALA A 158 32.84 -28.03 12.24
N PHE A 159 31.79 -27.38 11.75
CA PHE A 159 31.90 -26.16 10.98
C PHE A 159 31.58 -24.91 11.78
N GLY A 160 30.72 -25.02 12.79
CA GLY A 160 30.38 -23.92 13.65
C GLY A 160 29.66 -24.45 14.86
N HIS A 161 29.41 -23.56 15.82
CA HIS A 161 28.73 -23.97 17.05
C HIS A 161 27.64 -22.97 17.40
N LEU A 162 26.61 -23.48 18.08
CA LEU A 162 25.43 -22.67 18.37
C LEU A 162 25.79 -21.45 19.21
N ALA A 163 25.25 -20.30 18.84
CA ALA A 163 25.48 -19.08 19.60
C ALA A 163 24.28 -18.15 19.45
N TYR A 164 24.08 -17.31 20.46
CA TYR A 164 23.00 -16.32 20.47
C TYR A 164 23.64 -14.94 20.64
N GLY A 165 23.72 -14.18 19.55
CA GLY A 165 24.31 -12.86 19.63
C GLY A 165 25.74 -12.92 20.15
N LEU A 166 26.06 -11.99 21.05
CA LEU A 166 27.35 -11.95 21.72
C LEU A 166 27.19 -12.01 23.23
N GLU A 167 26.07 -12.52 23.73
CA GLU A 167 25.82 -12.58 25.15
C GLU A 167 26.72 -13.62 25.82
N GLU A 168 27.07 -13.35 27.07
CA GLU A 168 27.79 -14.32 27.88
C GLU A 168 26.81 -15.35 28.42
N GLY A 169 27.14 -16.63 28.26
CA GLY A 169 26.22 -17.70 28.56
C GLY A 169 25.31 -18.09 27.42
N GLY A 170 25.38 -17.40 26.28
CA GLY A 170 24.59 -17.75 25.12
C GLY A 170 25.38 -18.48 24.06
N GLU A 171 26.53 -19.03 24.45
CA GLU A 171 27.41 -19.76 23.55
C GLU A 171 27.49 -21.21 23.98
N TYR A 172 27.39 -22.12 23.01
CA TYR A 172 27.41 -23.56 23.27
C TYR A 172 28.48 -24.19 22.39
N PRO A 173 29.74 -24.17 22.83
CA PRO A 173 30.82 -24.71 21.98
C PRO A 173 30.68 -26.19 21.68
N GLU A 174 29.89 -26.94 22.44
CA GLU A 174 29.75 -28.37 22.23
C GLU A 174 28.63 -28.73 21.27
N VAL A 175 27.75 -27.79 20.93
CA VAL A 175 26.68 -28.02 19.97
C VAL A 175 27.16 -27.51 18.62
N VAL A 176 27.46 -28.44 17.70
CA VAL A 176 28.12 -28.10 16.46
C VAL A 176 27.29 -28.62 15.29
N LYS A 177 27.51 -28.01 14.13
CA LYS A 177 26.96 -28.48 12.86
C LYS A 177 28.12 -29.07 12.05
N GLU A 178 27.97 -30.32 11.63
CA GLU A 178 29.05 -31.04 10.97
C GLU A 178 28.87 -31.00 9.45
N VAL A 179 30.00 -31.06 8.75
CA VAL A 179 29.98 -31.15 7.30
C VAL A 179 29.72 -32.59 6.88
N ASP A 180 28.93 -32.76 5.83
CA ASP A 180 28.53 -34.07 5.37
C ASP A 180 28.29 -33.95 3.88
N PRO A 181 28.82 -34.85 3.06
CA PRO A 181 28.61 -34.73 1.61
C PRO A 181 27.16 -34.74 1.21
N ALA A 182 26.30 -35.45 1.95
CA ALA A 182 24.88 -35.43 1.64
C ALA A 182 24.28 -34.04 1.77
N LEU A 183 24.92 -33.15 2.54
CA LEU A 183 24.41 -31.79 2.69
C LEU A 183 24.70 -30.92 1.48
N PHE A 184 25.83 -31.14 0.80
CA PHE A 184 26.32 -30.20 -0.20
C PHE A 184 26.34 -30.76 -1.61
N VAL A 185 26.72 -32.02 -1.79
CA VAL A 185 26.81 -32.59 -3.14
C VAL A 185 25.42 -32.88 -3.66
N GLY A 186 25.15 -32.44 -4.88
CA GLY A 186 23.84 -32.61 -5.48
C GLY A 186 22.82 -31.56 -5.10
N ARG A 187 23.21 -30.56 -4.31
CA ARG A 187 22.28 -29.55 -3.81
C ARG A 187 22.90 -28.17 -3.96
N ARG A 188 22.04 -27.15 -3.91
CA ARG A 188 22.45 -25.77 -4.10
C ARG A 188 22.57 -25.06 -2.76
N THR A 189 23.68 -24.35 -2.56
CA THR A 189 23.93 -23.58 -1.36
C THR A 189 24.24 -22.14 -1.71
N ALA A 190 23.62 -21.22 -0.98
CA ALA A 190 23.78 -19.79 -1.16
C ALA A 190 24.48 -19.18 0.05
N ASN A 191 25.47 -18.35 -0.21
CA ASN A 191 26.27 -17.69 0.84
C ASN A 191 26.09 -16.19 0.68
N PHE A 192 25.37 -15.58 1.62
CA PHE A 192 25.07 -14.15 1.57
C PHE A 192 25.71 -13.44 2.75
N GLY A 193 25.98 -12.15 2.58
CA GLY A 193 26.54 -11.35 3.64
C GLY A 193 27.27 -10.15 3.11
N LYS A 194 27.37 -9.13 3.96
CA LYS A 194 28.07 -7.91 3.58
C LYS A 194 29.54 -8.23 3.32
N THR A 195 30.23 -7.27 2.72
CA THR A 195 31.64 -7.46 2.36
C THR A 195 32.50 -7.36 3.61
N GLY A 196 33.27 -8.42 3.88
CA GLY A 196 34.16 -8.47 5.00
C GLY A 196 33.67 -9.24 6.20
N PHE A 197 32.61 -10.04 6.05
CA PHE A 197 31.97 -10.68 7.18
C PHE A 197 32.12 -12.20 7.20
N GLY A 198 32.74 -12.79 6.19
CA GLY A 198 33.17 -14.18 6.30
C GLY A 198 32.68 -15.18 5.27
N LYS A 199 32.22 -14.71 4.10
CA LYS A 199 31.74 -15.63 3.08
C LYS A 199 32.85 -16.55 2.59
N SER A 200 34.01 -15.97 2.24
CA SER A 200 35.11 -16.77 1.71
C SER A 200 35.70 -17.70 2.77
N ASN A 201 35.79 -17.23 4.01
CA ASN A 201 36.27 -18.10 5.09
C ASN A 201 35.31 -19.28 5.30
N GLU A 202 34.01 -19.02 5.26
CA GLU A 202 33.02 -20.08 5.37
C GLU A 202 33.20 -21.10 4.25
N ASN A 203 33.32 -20.62 3.01
CA ASN A 203 33.51 -21.52 1.87
C ASN A 203 34.76 -22.36 2.05
N LYS A 204 35.88 -21.73 2.42
CA LYS A 204 37.15 -22.45 2.56
C LYS A 204 37.09 -23.47 3.68
N VAL A 205 36.44 -23.15 4.80
CA VAL A 205 36.34 -24.13 5.88
C VAL A 205 35.52 -25.33 5.43
N ILE A 206 34.39 -25.10 4.76
CA ILE A 206 33.60 -26.22 4.26
C ILE A 206 34.42 -27.07 3.31
N LEU A 207 35.14 -26.43 2.38
CA LEU A 207 35.89 -27.18 1.38
C LEU A 207 37.04 -27.97 2.00
N THR A 208 37.75 -27.38 2.95
CA THR A 208 38.84 -28.09 3.61
C THR A 208 38.33 -29.28 4.40
N LEU A 209 37.23 -29.11 5.15
CA LEU A 209 36.68 -30.24 5.88
C LEU A 209 36.20 -31.34 4.93
N LEU A 210 35.56 -30.97 3.82
CA LEU A 210 35.14 -31.99 2.85
C LEU A 210 36.33 -32.73 2.28
N ALA A 211 37.39 -32.00 1.90
CA ALA A 211 38.56 -32.65 1.32
C ALA A 211 39.23 -33.58 2.33
N HIS A 212 39.26 -33.19 3.60
CA HIS A 212 39.93 -34.01 4.60
C HIS A 212 39.11 -35.24 4.96
N ALA A 213 37.79 -35.10 5.10
CA ALA A 213 36.97 -36.18 5.63
C ALA A 213 36.38 -37.10 4.56
N PHE A 214 36.06 -36.56 3.38
CA PHE A 214 35.40 -37.33 2.32
C PHE A 214 36.20 -37.14 1.04
N PRO A 215 37.26 -37.93 0.86
CA PRO A 215 38.23 -37.68 -0.22
C PRO A 215 37.77 -38.12 -1.61
N ARG A 216 36.50 -38.49 -1.81
CA ARG A 216 36.03 -38.89 -3.12
C ARG A 216 35.14 -37.84 -3.76
N VAL A 217 35.12 -36.62 -3.23
CA VAL A 217 34.32 -35.52 -3.75
C VAL A 217 35.25 -34.57 -4.50
N GLY A 218 34.87 -34.21 -5.72
CA GLY A 218 35.64 -33.29 -6.53
C GLY A 218 35.09 -31.88 -6.46
N MET A 219 35.98 -30.91 -6.65
CA MET A 219 35.62 -29.50 -6.60
C MET A 219 36.10 -28.81 -7.87
N LEU A 220 35.28 -27.89 -8.37
CA LEU A 220 35.63 -27.02 -9.49
C LEU A 220 35.48 -25.58 -9.00
N ILE A 221 36.60 -24.95 -8.66
CA ILE A 221 36.60 -23.61 -8.09
C ILE A 221 36.93 -22.62 -9.20
N LEU A 222 36.06 -21.62 -9.39
CA LEU A 222 36.31 -20.59 -10.41
C LEU A 222 36.85 -19.36 -9.70
N ASP A 223 38.18 -19.25 -9.60
CA ASP A 223 38.80 -18.22 -8.79
C ASP A 223 38.91 -16.94 -9.62
N GLN A 224 38.11 -15.93 -9.28
CA GLN A 224 38.12 -14.66 -9.97
C GLN A 224 38.96 -13.60 -9.28
N ASN A 225 39.33 -13.81 -8.01
CA ASN A 225 40.09 -12.83 -7.25
C ASN A 225 41.48 -13.29 -6.87
N ALA A 226 41.87 -14.51 -7.24
CA ALA A 226 43.20 -15.03 -6.97
C ALA A 226 43.46 -15.14 -5.46
N GLU A 227 42.59 -15.88 -4.79
CA GLU A 227 42.66 -16.04 -3.35
C GLU A 227 42.51 -17.47 -2.87
N TYR A 228 42.11 -18.41 -3.71
CA TYR A 228 41.77 -19.75 -3.26
C TYR A 228 42.94 -20.73 -3.32
N LEU A 229 44.10 -20.33 -3.84
CA LEU A 229 45.28 -21.18 -3.84
C LEU A 229 46.35 -20.66 -2.91
N LEU A 230 46.79 -19.42 -3.09
CA LEU A 230 47.75 -18.78 -2.21
C LEU A 230 47.16 -17.47 -1.72
N GLN A 231 47.24 -17.24 -0.42
CA GLN A 231 46.74 -16.00 0.16
C GLN A 231 47.56 -15.70 1.40
N THR A 232 48.42 -14.69 1.31
CA THR A 232 49.33 -14.34 2.39
C THR A 232 49.05 -13.00 3.05
N GLU A 233 48.28 -12.12 2.41
CA GLU A 233 47.97 -10.83 3.00
C GLU A 233 47.00 -11.00 4.17
N ALA A 234 47.06 -10.06 5.12
CA ALA A 234 46.21 -10.11 6.29
C ALA A 234 44.86 -9.45 6.00
N THR A 235 44.20 -9.91 4.93
CA THR A 235 42.89 -9.42 4.57
C THR A 235 41.92 -10.56 4.24
N THR A 236 42.33 -11.80 4.39
CA THR A 236 41.49 -12.97 4.18
C THR A 236 42.17 -14.16 4.86
N SER A 237 41.51 -15.31 4.82
CA SER A 237 42.07 -16.52 5.37
C SER A 237 43.07 -17.14 4.39
N PRO A 238 43.97 -17.99 4.88
CA PRO A 238 44.95 -18.63 4.00
C PRO A 238 44.27 -19.40 2.87
N GLY A 239 45.08 -19.86 1.93
CA GLY A 239 44.58 -20.54 0.76
C GLY A 239 44.51 -22.05 0.94
N LEU A 240 43.87 -22.69 -0.05
CA LEU A 240 43.68 -24.13 -0.01
C LEU A 240 45.01 -24.86 -0.10
N ALA A 241 45.98 -24.33 -0.84
CA ALA A 241 47.28 -24.98 -0.90
C ALA A 241 47.95 -25.02 0.46
N GLN A 242 47.94 -23.90 1.18
CA GLN A 242 48.50 -23.88 2.53
C GLN A 242 47.72 -24.77 3.48
N ALA A 243 46.39 -24.78 3.37
CA ALA A 243 45.59 -25.65 4.22
C ALA A 243 45.93 -27.12 3.98
N PHE A 244 46.06 -27.51 2.71
CA PHE A 244 46.37 -28.90 2.39
C PHE A 244 47.78 -29.27 2.83
N LYS A 245 48.74 -28.35 2.71
CA LYS A 245 50.07 -28.62 3.23
C LYS A 245 50.05 -28.79 4.74
N ALA A 246 49.26 -27.97 5.44
CA ALA A 246 49.17 -28.10 6.89
C ALA A 246 48.53 -29.42 7.29
N LEU A 247 47.51 -29.87 6.56
CA LEU A 247 46.80 -31.09 6.90
C LEU A 247 47.40 -32.33 6.24
N GLY A 248 48.48 -32.19 5.49
CA GLY A 248 49.11 -33.34 4.84
C GLY A 248 48.28 -34.00 3.77
N ILE A 249 47.64 -33.22 2.91
CA ILE A 249 46.87 -33.72 1.77
C ILE A 249 47.72 -33.53 0.52
N ARG A 250 48.12 -34.62 -0.11
CA ARG A 250 49.08 -34.58 -1.21
C ARG A 250 48.42 -35.04 -2.51
N GLY A 251 48.82 -34.41 -3.61
CA GLY A 251 48.41 -34.82 -4.94
C GLY A 251 46.94 -34.74 -5.23
N ARG A 252 46.29 -33.62 -4.87
CA ARG A 252 44.86 -33.47 -5.10
C ARG A 252 44.46 -32.13 -5.70
N ILE A 253 45.39 -31.21 -5.91
CA ILE A 253 45.08 -29.88 -6.45
C ILE A 253 45.62 -29.80 -7.87
N ARG A 254 44.77 -29.32 -8.78
CA ARG A 254 45.16 -29.07 -10.16
C ARG A 254 44.86 -27.60 -10.47
N PHE A 255 45.91 -26.81 -10.64
CA PHE A 255 45.80 -25.38 -10.81
C PHE A 255 46.03 -25.04 -12.29
N TYR A 256 45.05 -24.37 -12.90
CA TYR A 256 45.17 -23.95 -14.29
C TYR A 256 45.33 -22.44 -14.36
N THR A 257 46.34 -22.00 -15.10
CA THR A 257 46.70 -20.59 -15.17
C THR A 257 47.45 -20.32 -16.47
N ALA A 258 47.53 -19.04 -16.83
CA ALA A 258 48.35 -18.58 -17.94
C ALA A 258 49.63 -17.90 -17.48
N ARG A 259 49.91 -17.90 -16.18
CA ARG A 259 51.12 -17.31 -15.61
C ARG A 259 51.91 -18.40 -14.89
N GLU A 260 52.10 -19.52 -15.60
CA GLU A 260 52.63 -20.74 -15.02
C GLU A 260 54.04 -20.59 -14.47
N GLU A 261 54.76 -19.53 -14.87
CA GLU A 261 56.08 -19.29 -14.32
C GLU A 261 56.03 -18.45 -13.06
N ALA A 262 55.24 -17.38 -13.06
CA ALA A 262 55.08 -16.57 -11.87
C ALA A 262 54.49 -17.38 -10.72
N TRP A 263 53.47 -18.20 -11.01
CA TRP A 263 52.88 -18.99 -9.95
C TRP A 263 53.83 -20.07 -9.44
N ALA A 264 54.61 -20.67 -10.35
CA ALA A 264 55.61 -21.64 -9.91
C ALA A 264 56.65 -21.00 -9.02
N ARG A 265 57.08 -19.77 -9.34
CA ARG A 265 58.02 -19.08 -8.47
C ARG A 265 57.39 -18.77 -7.12
N ARG A 266 56.14 -18.29 -7.12
CA ARG A 266 55.49 -17.94 -5.85
C ARG A 266 55.33 -19.15 -4.95
N LEU A 267 54.91 -20.29 -5.51
CA LEU A 267 54.64 -21.47 -4.69
C LEU A 267 55.85 -21.92 -3.91
N LYS A 268 57.06 -21.68 -4.42
CA LYS A 268 58.28 -22.18 -3.80
C LYS A 268 58.68 -21.41 -2.54
N GLU A 269 58.27 -20.15 -2.41
CA GLU A 269 58.59 -19.43 -1.18
C GLU A 269 57.70 -19.85 -0.02
N HIS A 270 56.45 -20.24 -0.29
CA HIS A 270 55.49 -20.49 0.78
C HIS A 270 55.26 -21.97 1.07
N LEU A 271 55.28 -22.83 0.06
CA LEU A 271 55.15 -24.26 0.29
C LEU A 271 56.49 -24.99 0.38
N GLY A 272 57.60 -24.26 0.28
CA GLY A 272 58.90 -24.88 0.39
C GLY A 272 59.36 -25.53 -0.91
N THR A 273 60.35 -26.41 -0.76
CA THR A 273 60.98 -27.04 -1.92
C THR A 273 60.21 -28.24 -2.44
N GLU A 274 59.25 -28.76 -1.68
CA GLU A 274 58.48 -29.94 -2.07
C GLU A 274 57.05 -29.57 -2.45
N TRP A 275 56.86 -28.32 -2.90
CA TRP A 275 55.51 -27.86 -3.21
C TRP A 275 54.84 -28.71 -4.28
N ARG A 276 55.63 -29.37 -5.13
CA ARG A 276 55.05 -30.20 -6.18
C ARG A 276 54.31 -31.41 -5.63
N GLU A 277 54.52 -31.77 -4.36
CA GLU A 277 53.77 -32.87 -3.78
C GLU A 277 52.33 -32.52 -3.51
N TYR A 278 52.00 -31.22 -3.46
CA TYR A 278 50.66 -30.76 -3.12
C TYR A 278 49.92 -30.14 -4.30
N VAL A 279 50.60 -29.38 -5.15
CA VAL A 279 49.97 -28.64 -6.23
C VAL A 279 50.60 -29.04 -7.55
N GLU A 280 49.77 -29.12 -8.59
CA GLU A 280 50.21 -29.41 -9.95
C GLU A 280 49.78 -28.24 -10.84
N VAL A 281 50.76 -27.53 -11.37
CA VAL A 281 50.50 -26.33 -12.17
C VAL A 281 50.41 -26.74 -13.64
N LEU A 282 49.36 -26.28 -14.31
CA LEU A 282 49.13 -26.61 -15.71
C LEU A 282 48.81 -25.36 -16.50
N PRO A 283 49.20 -25.31 -17.77
CA PRO A 283 48.96 -24.13 -18.58
C PRO A 283 47.58 -24.10 -19.21
N LEU A 284 47.08 -22.89 -19.41
CA LEU A 284 45.81 -22.65 -20.10
C LEU A 284 46.03 -22.26 -21.55
N LYS A 285 47.05 -22.84 -22.18
CA LYS A 285 47.39 -22.55 -23.57
C LYS A 285 47.55 -23.85 -24.33
N VAL A 286 47.17 -23.83 -25.60
CA VAL A 286 47.22 -25.01 -26.45
C VAL A 286 47.76 -24.62 -27.81
N ASP A 287 48.31 -25.61 -28.52
CA ASP A 287 48.79 -25.44 -29.89
C ASP A 287 47.65 -25.77 -30.83
N PHE A 288 47.14 -24.75 -31.54
CA PHE A 288 45.98 -24.94 -32.39
C PHE A 288 46.32 -25.56 -33.74
N TYR A 289 47.60 -25.69 -34.07
CA TYR A 289 47.97 -26.47 -35.24
C TYR A 289 47.89 -27.96 -34.98
N HIS A 290 47.72 -28.36 -33.72
CA HIS A 290 47.45 -29.75 -33.36
C HIS A 290 45.97 -30.03 -33.19
N PHE A 291 45.15 -29.00 -32.96
CA PHE A 291 43.72 -29.16 -32.69
C PHE A 291 42.91 -28.20 -33.55
N PRO A 292 43.01 -28.32 -34.88
CA PRO A 292 42.18 -27.48 -35.75
C PRO A 292 40.69 -27.68 -35.54
N GLU A 293 40.27 -28.90 -35.20
CA GLU A 293 38.87 -29.11 -34.85
C GLU A 293 38.50 -28.31 -33.61
N LEU A 294 39.40 -28.24 -32.62
CA LEU A 294 39.15 -27.39 -31.46
C LEU A 294 39.04 -25.93 -31.85
N ALA A 295 39.91 -25.46 -32.75
CA ALA A 295 39.83 -24.06 -33.18
C ALA A 295 38.50 -23.77 -33.84
N VAL A 296 38.07 -24.63 -34.77
CA VAL A 296 36.82 -24.42 -35.47
C VAL A 296 35.64 -24.49 -34.50
N ALA A 297 35.68 -25.45 -33.56
CA ALA A 297 34.59 -25.59 -32.60
C ALA A 297 34.49 -24.36 -31.72
N LEU A 298 35.62 -23.82 -31.27
CA LEU A 298 35.59 -22.60 -30.47
C LEU A 298 35.05 -21.42 -31.25
N ALA A 299 35.48 -21.27 -32.51
CA ALA A 299 34.97 -20.18 -33.33
C ALA A 299 33.47 -20.31 -33.56
N TYR A 300 32.98 -21.54 -33.72
CA TYR A 300 31.55 -21.76 -33.93
C TYR A 300 30.75 -21.48 -32.67
N GLN A 301 31.23 -21.98 -31.52
CA GLN A 301 30.49 -21.81 -30.26
C GLN A 301 30.52 -20.38 -29.76
N ARG A 302 31.55 -19.60 -30.11
CA ARG A 302 31.63 -18.22 -29.64
C ARG A 302 30.41 -17.42 -30.07
N ARG A 303 29.80 -17.75 -31.21
CA ARG A 303 28.65 -17.02 -31.69
C ARG A 303 27.34 -17.50 -31.08
N ARG A 304 27.21 -18.81 -30.83
CA ARG A 304 26.04 -19.29 -30.10
C ARG A 304 26.01 -18.73 -28.68
N LEU A 305 27.16 -18.72 -28.00
CA LEU A 305 27.22 -18.07 -26.69
C LEU A 305 26.95 -16.58 -26.79
N GLN A 306 27.23 -16.00 -27.96
CA GLN A 306 26.83 -14.63 -28.25
C GLN A 306 25.37 -14.63 -28.66
N GLY A 307 24.89 -13.53 -29.23
CA GLY A 307 23.48 -13.43 -29.57
C GLY A 307 22.92 -14.63 -30.31
N ALA A 308 23.37 -14.87 -31.54
CA ALA A 308 22.83 -15.99 -32.31
C ALA A 308 23.50 -16.17 -33.67
N GLU A 309 23.04 -17.19 -34.40
CA GLU A 309 23.22 -17.33 -35.84
C GLU A 309 24.66 -17.45 -36.32
N PRO A 310 25.33 -18.57 -36.08
CA PRO A 310 26.61 -18.81 -36.73
C PRO A 310 26.44 -18.80 -38.24
N PRO A 311 27.45 -18.33 -38.97
CA PRO A 311 27.34 -18.29 -40.43
C PRO A 311 27.41 -19.68 -41.05
N GLN A 312 26.95 -19.75 -42.30
CA GLN A 312 26.92 -21.02 -43.01
C GLN A 312 28.30 -21.60 -43.23
N TYR A 313 29.27 -20.76 -43.56
CA TYR A 313 30.64 -21.24 -43.76
C TYR A 313 31.28 -21.72 -42.47
N LEU A 314 30.73 -21.33 -41.31
CA LEU A 314 31.20 -21.83 -40.03
C LEU A 314 30.50 -23.13 -39.64
N GLU A 315 29.20 -23.23 -39.90
CA GLU A 315 28.51 -24.50 -39.66
C GLU A 315 29.07 -25.60 -40.56
N ASN A 316 29.35 -25.28 -41.82
CA ASN A 316 29.89 -26.27 -42.74
C ASN A 316 31.21 -26.82 -42.21
N ALA A 317 32.12 -25.95 -41.78
CA ALA A 317 33.37 -26.42 -41.21
C ALA A 317 33.15 -27.20 -39.94
N PHE A 318 32.30 -26.69 -39.04
CA PHE A 318 32.04 -27.38 -37.78
C PHE A 318 31.59 -28.81 -38.01
N TYR A 319 30.83 -29.04 -39.08
CA TYR A 319 30.30 -30.38 -39.31
C TYR A 319 31.17 -31.24 -40.23
N ASN A 320 32.02 -30.64 -41.06
CA ASN A 320 32.75 -31.42 -42.06
C ASN A 320 34.27 -31.38 -41.90
N LEU A 321 34.80 -30.75 -40.86
CA LEU A 321 36.25 -30.70 -40.73
C LEU A 321 36.83 -32.08 -40.46
N GLU A 322 36.08 -32.94 -39.77
CA GLU A 322 36.53 -34.31 -39.56
C GLU A 322 36.67 -35.04 -40.89
N ASP A 323 35.71 -34.85 -41.79
CA ASP A 323 35.82 -35.43 -43.12
C ASP A 323 37.02 -34.86 -43.88
N TRP A 324 37.24 -33.55 -43.74
CA TRP A 324 38.32 -32.91 -44.50
C TRP A 324 39.70 -33.41 -44.12
N LYS A 325 39.86 -34.01 -42.93
CA LYS A 325 41.20 -34.31 -42.43
C LYS A 325 41.94 -35.32 -43.30
N HIS A 326 41.24 -36.08 -44.13
CA HIS A 326 41.90 -37.03 -45.02
C HIS A 326 42.43 -36.40 -46.29
N ILE A 327 42.08 -35.15 -46.58
CA ILE A 327 42.43 -34.49 -47.83
C ILE A 327 43.47 -33.42 -47.52
N PRO A 328 44.73 -33.60 -47.93
CA PRO A 328 45.73 -32.55 -47.68
C PRO A 328 45.37 -31.22 -48.29
N ASP A 329 44.72 -31.20 -49.46
CA ASP A 329 44.31 -29.93 -50.04
C ASP A 329 43.33 -29.20 -49.14
N ARG A 330 42.37 -29.93 -48.57
CA ARG A 330 41.43 -29.31 -47.63
C ARG A 330 42.15 -28.81 -46.38
N MET A 331 43.06 -29.63 -45.83
CA MET A 331 43.71 -29.24 -44.58
C MET A 331 44.67 -28.07 -44.77
N ALA A 332 45.23 -27.92 -45.98
CA ALA A 332 46.14 -26.81 -46.23
C ALA A 332 45.45 -25.47 -46.04
N TYR A 333 44.19 -25.36 -46.46
CA TYR A 333 43.48 -24.10 -46.28
C TYR A 333 43.15 -23.81 -44.82
N VAL A 334 42.88 -24.85 -44.03
CA VAL A 334 42.66 -24.64 -42.59
C VAL A 334 43.94 -24.15 -41.93
N TYR A 335 45.07 -24.80 -42.24
CA TYR A 335 46.33 -24.33 -41.67
C TYR A 335 46.69 -22.94 -42.15
N GLY A 336 46.38 -22.62 -43.42
CA GLY A 336 46.61 -21.27 -43.91
C GLY A 336 45.74 -20.24 -43.22
N ALA A 337 44.48 -20.59 -42.92
CA ALA A 337 43.63 -19.68 -42.16
C ALA A 337 44.20 -19.43 -40.77
N LEU A 338 44.66 -20.49 -40.11
CA LEU A 338 45.28 -20.30 -38.79
C LEU A 338 46.52 -19.41 -38.89
N ARG A 339 47.35 -19.62 -39.91
CA ARG A 339 48.57 -18.83 -40.04
C ARG A 339 48.27 -17.38 -40.41
N LYS A 340 47.22 -17.16 -41.20
CA LYS A 340 46.85 -15.82 -41.61
C LYS A 340 46.20 -15.04 -40.48
N ALA A 341 45.49 -15.74 -39.58
CA ALA A 341 44.90 -15.09 -38.43
C ALA A 341 45.92 -14.61 -37.42
N GLY A 342 47.19 -15.03 -37.55
CA GLY A 342 48.26 -14.56 -36.69
C GLY A 342 48.87 -15.62 -35.79
N LEU A 343 48.32 -16.82 -35.77
CA LEU A 343 48.82 -17.86 -34.88
C LEU A 343 50.22 -18.29 -35.30
N THR A 344 51.14 -18.32 -34.34
CA THR A 344 52.53 -18.67 -34.62
C THR A 344 52.70 -20.19 -34.62
N PRO A 345 53.27 -20.76 -35.67
CA PRO A 345 53.57 -22.20 -35.66
C PRO A 345 54.95 -22.48 -35.09
N ARG A 346 55.16 -23.72 -34.70
CA ARG A 346 56.47 -24.14 -34.21
C ARG A 346 57.44 -24.26 -35.38
N LYS A 347 58.71 -23.95 -35.11
CA LYS A 347 59.72 -23.91 -36.16
C LYS A 347 59.78 -25.26 -36.88
N GLY A 348 59.84 -25.20 -38.21
CA GLY A 348 59.92 -26.41 -39.00
C GLY A 348 58.60 -27.09 -39.27
N LEU A 349 57.50 -26.35 -39.35
CA LEU A 349 56.20 -26.93 -39.63
C LEU A 349 56.01 -27.05 -41.13
N LYS A 350 55.85 -28.29 -41.61
CA LYS A 350 55.74 -28.58 -43.03
C LYS A 350 54.28 -28.74 -43.41
N ILE A 351 53.83 -27.93 -44.38
CA ILE A 351 52.48 -27.98 -44.91
C ILE A 351 52.56 -28.49 -46.34
N LYS A 352 51.78 -29.53 -46.65
CA LYS A 352 51.81 -30.16 -47.96
C LYS A 352 50.64 -29.65 -48.79
N TYR A 353 50.95 -29.08 -49.96
CA TYR A 353 49.94 -28.59 -50.89
C TYR A 353 50.24 -29.12 -52.28
N LYS A 354 49.21 -29.63 -52.94
CA LYS A 354 49.37 -30.17 -54.29
C LYS A 354 50.42 -31.28 -54.28
N ASN A 355 51.64 -30.96 -54.71
CA ASN A 355 52.74 -31.91 -54.69
C ASN A 355 54.01 -31.23 -54.20
N GLU A 356 53.89 -30.43 -53.14
CA GLU A 356 55.02 -29.69 -52.61
C GLU A 356 54.85 -29.53 -51.11
N ASN A 357 55.96 -29.26 -50.43
CA ASN A 357 55.98 -29.06 -48.98
C ASN A 357 56.59 -27.69 -48.69
N TYR A 358 55.86 -26.86 -47.97
CA TYR A 358 56.30 -25.53 -47.58
C TYR A 358 56.53 -25.49 -46.08
N ASP A 359 57.27 -24.47 -45.65
CA ASP A 359 57.59 -24.25 -44.23
C ASP A 359 56.97 -22.91 -43.84
N ILE A 360 55.73 -22.96 -43.33
CA ILE A 360 55.00 -21.74 -43.02
C ILE A 360 55.70 -20.91 -41.95
N SER A 361 56.54 -21.53 -41.12
CA SER A 361 57.27 -20.77 -40.12
C SER A 361 58.25 -19.80 -40.74
N GLU A 362 58.69 -20.05 -41.97
CA GLU A 362 59.59 -19.14 -42.67
C GLU A 362 58.79 -18.23 -43.59
N GLU A 363 59.16 -16.95 -43.62
CA GLU A 363 58.41 -15.97 -44.39
C GLU A 363 58.46 -16.23 -45.90
N LYS A 364 59.61 -16.66 -46.43
CA LYS A 364 59.70 -16.93 -47.87
C LYS A 364 58.79 -18.09 -48.29
N SER A 365 58.85 -19.20 -47.56
CA SER A 365 57.96 -20.33 -47.86
C SER A 365 56.50 -19.95 -47.63
N TRP A 366 56.22 -19.15 -46.60
CA TRP A 366 54.85 -18.70 -46.37
C TRP A 366 54.33 -17.90 -47.56
N GLY A 367 55.15 -16.97 -48.06
CA GLY A 367 54.74 -16.21 -49.23
C GLY A 367 54.58 -17.07 -50.46
N ASN A 368 55.48 -18.03 -50.66
CA ASN A 368 55.37 -18.94 -51.80
C ASN A 368 54.07 -19.71 -51.76
N LEU A 369 53.75 -20.31 -50.61
CA LEU A 369 52.51 -21.07 -50.48
C LEU A 369 51.28 -20.16 -50.62
N GLN A 370 51.34 -18.96 -50.06
CA GLN A 370 50.22 -18.04 -50.16
C GLN A 370 49.94 -17.67 -51.61
N GLU A 371 50.99 -17.41 -52.39
CA GLU A 371 50.81 -17.14 -53.81
C GLU A 371 50.29 -18.37 -54.54
N ALA A 372 50.84 -19.54 -54.23
CA ALA A 372 50.45 -20.76 -54.93
C ALA A 372 49.03 -21.22 -54.59
N MET A 373 48.46 -20.75 -53.49
CA MET A 373 47.10 -21.13 -53.11
C MET A 373 46.07 -20.21 -53.76
N LYS A 383 36.60 -25.61 -52.72
CA LYS A 383 37.37 -26.72 -52.17
C LYS A 383 36.66 -27.31 -50.95
N GLY A 384 35.39 -27.66 -51.12
CA GLY A 384 34.63 -28.25 -50.03
C GLY A 384 34.27 -27.29 -48.92
N GLY A 385 34.56 -26.00 -49.10
CA GLY A 385 34.29 -25.01 -48.08
C GLY A 385 35.48 -24.56 -47.26
N ALA A 386 36.65 -25.16 -47.47
CA ALA A 386 37.85 -24.75 -46.76
C ALA A 386 38.43 -23.45 -47.30
N ARG A 387 38.23 -23.17 -48.59
CA ARG A 387 38.74 -21.93 -49.15
C ARG A 387 38.02 -20.71 -48.62
N GLU A 388 36.72 -20.80 -48.34
CA GLU A 388 36.03 -19.71 -47.67
C GLU A 388 36.56 -19.50 -46.26
N LEU A 389 36.84 -20.58 -45.54
CA LEU A 389 37.45 -20.47 -44.23
C LEU A 389 38.79 -19.75 -44.30
N TYR A 390 39.59 -20.10 -45.31
CA TYR A 390 40.87 -19.40 -45.51
C TYR A 390 40.66 -17.92 -45.83
N SER A 391 39.66 -17.62 -46.67
CA SER A 391 39.43 -16.23 -47.05
C SER A 391 39.01 -15.39 -45.86
N ARG A 392 38.12 -15.91 -45.01
CA ARG A 392 37.67 -15.20 -43.83
C ARG A 392 38.46 -15.64 -42.60
N ALA A 393 39.76 -15.35 -42.63
CA ALA A 393 40.68 -15.79 -41.58
C ALA A 393 40.59 -14.97 -40.30
N LYS A 394 40.26 -13.68 -40.40
CA LYS A 394 40.20 -12.84 -39.20
C LYS A 394 39.16 -13.31 -38.20
N VAL A 395 38.40 -14.36 -38.51
CA VAL A 395 37.47 -14.93 -37.55
C VAL A 395 38.17 -15.77 -36.49
N PHE A 396 39.46 -16.04 -36.66
CA PHE A 396 40.21 -16.84 -35.70
C PHE A 396 41.15 -16.02 -34.82
N SER A 397 41.17 -14.70 -35.01
CA SER A 397 42.15 -13.87 -34.32
C SER A 397 42.02 -14.00 -32.80
N PHE A 398 40.79 -14.07 -32.29
CA PHE A 398 40.60 -14.19 -30.85
C PHE A 398 41.28 -15.42 -30.30
N LEU A 399 41.37 -16.51 -31.06
CA LEU A 399 42.05 -17.71 -30.60
C LEU A 399 43.49 -17.43 -30.17
N ARG A 400 44.05 -16.28 -30.55
CA ARG A 400 45.41 -15.95 -30.19
C ARG A 400 45.55 -15.67 -28.70
N ALA A 401 44.44 -15.56 -27.97
CA ALA A 401 44.49 -15.47 -26.52
C ALA A 401 44.72 -16.84 -25.86
N PHE A 402 44.62 -17.93 -26.62
CA PHE A 402 44.86 -19.26 -26.08
C PHE A 402 46.02 -20.00 -26.74
N HIS A 403 46.57 -19.47 -27.83
CA HIS A 403 47.54 -20.20 -28.63
C HIS A 403 48.94 -20.07 -28.07
N ALA A 404 49.67 -21.18 -28.07
CA ALA A 404 51.08 -21.22 -27.71
C ALA A 404 51.72 -22.42 -28.40
N PRO A 405 52.66 -22.19 -29.32
CA PRO A 405 53.23 -23.32 -30.07
C PRO A 405 53.92 -24.32 -29.15
N GLY A 406 53.75 -25.60 -29.48
CA GLY A 406 54.43 -26.66 -28.75
C GLY A 406 53.76 -27.13 -27.48
N LYS A 407 52.46 -26.88 -27.33
CA LYS A 407 51.73 -27.25 -26.12
C LYS A 407 51.09 -28.62 -26.23
N GLU A 408 50.20 -28.80 -27.21
CA GLU A 408 49.55 -30.09 -27.49
C GLU A 408 49.03 -30.74 -26.20
N ALA A 409 48.12 -30.03 -25.55
CA ALA A 409 47.53 -30.50 -24.29
C ALA A 409 46.02 -30.66 -24.35
N ASN A 410 45.30 -29.68 -24.89
CA ASN A 410 43.83 -29.66 -24.84
C ASN A 410 43.34 -29.67 -23.39
N PHE A 411 43.63 -28.56 -22.70
CA PHE A 411 43.28 -28.42 -21.30
C PHE A 411 41.79 -28.60 -21.05
N LEU A 412 40.95 -28.34 -22.04
CA LEU A 412 39.51 -28.59 -21.86
C LEU A 412 39.25 -30.06 -21.59
N GLU A 413 39.79 -30.94 -22.44
CA GLU A 413 39.67 -32.37 -22.20
C GLU A 413 40.41 -32.77 -20.92
N THR A 414 41.55 -32.15 -20.64
CA THR A 414 42.27 -32.49 -19.42
C THR A 414 41.38 -32.27 -18.19
N ILE A 415 40.70 -31.12 -18.13
CA ILE A 415 39.79 -30.86 -17.03
C ILE A 415 38.59 -31.81 -17.08
N LYS A 416 38.13 -32.15 -18.28
CA LYS A 416 36.98 -33.05 -18.37
C LYS A 416 37.28 -34.41 -17.74
N GLU A 417 38.45 -34.99 -18.02
CA GLU A 417 38.81 -36.22 -17.33
C GLU A 417 39.34 -36.00 -15.92
N ASP A 418 39.70 -34.77 -15.54
CA ASP A 418 39.98 -34.50 -14.13
C ASP A 418 38.72 -34.65 -13.29
N LEU A 419 37.61 -34.11 -13.77
CA LEU A 419 36.38 -34.10 -12.98
C LEU A 419 35.47 -35.29 -13.23
N LEU A 420 35.34 -35.75 -14.47
CA LEU A 420 34.43 -36.83 -14.80
C LEU A 420 35.15 -38.05 -15.35
N GLY A 421 36.47 -38.13 -15.21
CA GLY A 421 37.19 -39.27 -15.76
C GLY A 421 36.76 -40.57 -15.12
N GLU A 422 36.68 -41.62 -15.95
CA GLU A 422 36.31 -42.94 -15.45
C GLU A 422 37.34 -43.51 -14.49
N LYS A 423 38.54 -42.94 -14.44
CA LYS A 423 39.53 -43.42 -13.49
C LYS A 423 39.09 -43.21 -12.05
N THR A 424 38.36 -42.14 -11.78
CA THR A 424 38.08 -41.75 -10.40
C THR A 424 37.28 -42.82 -9.66
N GLU A 425 36.04 -43.04 -10.07
CA GLU A 425 35.08 -43.82 -9.26
C GLU A 425 35.29 -43.46 -7.80
N GLY A 426 35.57 -42.19 -7.55
CA GLY A 426 35.98 -41.68 -6.25
C GLY A 426 37.48 -41.55 -6.20
N GLU A 427 37.99 -40.37 -6.50
CA GLU A 427 39.42 -40.07 -6.37
C GLU A 427 39.68 -38.77 -5.62
N GLY A 428 38.89 -37.74 -5.88
CA GLY A 428 39.11 -36.45 -5.27
C GLY A 428 40.01 -35.59 -6.12
N LYS A 429 39.44 -34.55 -6.74
CA LYS A 429 40.23 -33.64 -7.57
C LYS A 429 39.73 -32.22 -7.36
N VAL A 430 40.61 -31.34 -6.93
CA VAL A 430 40.28 -29.94 -6.68
C VAL A 430 40.87 -29.14 -7.84
N VAL A 431 40.03 -28.80 -8.81
CA VAL A 431 40.46 -28.08 -9.99
C VAL A 431 40.20 -26.59 -9.76
N ILE A 432 41.27 -25.81 -9.70
CA ILE A 432 41.19 -24.38 -9.43
C ILE A 432 41.57 -23.63 -10.70
N LEU A 433 40.67 -22.79 -11.19
CA LEU A 433 40.89 -22.04 -12.42
C LEU A 433 41.22 -20.59 -12.09
N ASP A 434 42.39 -20.13 -12.56
CA ASP A 434 42.86 -18.76 -12.35
C ASP A 434 42.30 -17.88 -13.47
N LEU A 435 41.06 -17.45 -13.27
CA LEU A 435 40.36 -16.69 -14.31
C LEU A 435 41.06 -15.38 -14.68
N PRO A 436 41.56 -14.58 -13.75
CA PRO A 436 42.11 -13.27 -14.14
C PRO A 436 43.22 -13.35 -15.17
N SER A 437 44.07 -14.39 -15.11
CA SER A 437 45.22 -14.46 -16.01
C SER A 437 44.79 -14.52 -17.48
N LEU A 438 43.54 -14.89 -17.75
CA LEU A 438 43.05 -14.97 -19.12
C LEU A 438 42.63 -13.63 -19.69
N GLY A 439 42.61 -12.58 -18.87
CA GLY A 439 42.23 -11.27 -19.39
C GLY A 439 40.75 -11.23 -19.77
N GLU A 440 40.50 -10.86 -21.03
CA GLU A 440 39.14 -10.64 -21.49
C GLU A 440 38.51 -11.87 -22.15
N ALA A 441 39.18 -13.01 -22.14
CA ALA A 441 38.62 -14.26 -22.65
C ALA A 441 38.04 -15.15 -21.54
N ALA A 442 38.11 -14.69 -20.29
CA ALA A 442 37.72 -15.55 -19.17
C ALA A 442 36.25 -15.89 -19.20
N ASP A 443 35.39 -14.94 -19.55
CA ASP A 443 33.95 -15.21 -19.59
C ASP A 443 33.61 -16.29 -20.61
N PHE A 444 34.12 -16.15 -21.83
CA PHE A 444 33.87 -17.15 -22.86
C PHE A 444 34.44 -18.49 -22.46
N PHE A 445 35.65 -18.51 -21.89
CA PHE A 445 36.24 -19.78 -21.48
C PHE A 445 35.38 -20.47 -20.42
N THR A 446 34.90 -19.70 -19.44
CA THR A 446 34.07 -20.28 -18.39
C THR A 446 32.78 -20.85 -18.94
N LEU A 447 32.12 -20.10 -19.82
CA LEU A 447 30.88 -20.61 -20.42
C LEU A 447 31.13 -21.89 -21.21
N ARG A 448 32.18 -21.92 -22.03
CA ARG A 448 32.47 -23.12 -22.81
C ARG A 448 32.79 -24.31 -21.92
N LEU A 449 33.60 -24.11 -20.88
CA LEU A 449 33.95 -25.22 -20.01
C LEU A 449 32.73 -25.77 -19.28
N MET A 450 31.87 -24.87 -18.77
CA MET A 450 30.67 -25.33 -18.09
C MET A 450 29.77 -26.10 -19.03
N ASP A 451 29.63 -25.63 -20.28
CA ASP A 451 28.81 -26.35 -21.25
C ASP A 451 29.36 -27.75 -21.49
N LEU A 452 30.68 -27.86 -21.69
CA LEU A 452 31.27 -29.17 -21.93
C LEU A 452 31.05 -30.10 -20.75
N LEU A 453 31.29 -29.62 -19.53
CA LEU A 453 31.14 -30.47 -18.36
C LEU A 453 29.70 -30.94 -18.19
N PHE A 454 28.73 -30.04 -18.38
CA PHE A 454 27.33 -30.44 -18.23
C PHE A 454 26.93 -31.44 -19.30
N ASP A 455 27.39 -31.24 -20.54
CA ASP A 455 27.07 -32.20 -21.59
C ASP A 455 27.64 -33.58 -21.27
N ARG A 456 28.89 -33.63 -20.80
CA ARG A 456 29.46 -34.92 -20.44
C ARG A 456 28.70 -35.57 -19.29
N ALA A 457 28.32 -34.78 -18.28
CA ALA A 457 27.57 -35.33 -17.16
C ALA A 457 26.25 -35.90 -17.62
N VAL A 458 25.55 -35.20 -18.52
CA VAL A 458 24.31 -35.73 -19.08
C VAL A 458 24.57 -37.02 -19.84
N GLU A 459 25.66 -37.06 -20.63
CA GLU A 459 25.96 -38.25 -21.40
C GLU A 459 26.24 -39.47 -20.52
N LEU A 460 26.81 -39.25 -19.33
CA LEU A 460 27.15 -40.36 -18.45
C LEU A 460 26.01 -40.78 -17.53
N TYR A 461 24.84 -40.16 -17.64
CA TYR A 461 23.73 -40.50 -16.75
C TYR A 461 23.37 -41.97 -16.90
N GLY A 462 23.14 -42.62 -15.76
CA GLY A 462 22.83 -44.03 -15.73
C GLY A 462 24.04 -44.94 -15.62
N LYS A 463 25.25 -44.41 -15.71
CA LYS A 463 26.47 -45.19 -15.58
C LYS A 463 27.29 -44.79 -14.37
N ARG A 464 27.56 -43.50 -14.19
CA ARG A 464 28.21 -43.00 -13.00
C ARG A 464 27.67 -41.62 -12.67
N GLN A 465 27.84 -41.22 -11.42
CA GLN A 465 27.42 -39.91 -10.95
C GLN A 465 28.58 -38.93 -11.04
N ALA A 466 28.25 -37.67 -11.33
CA ALA A 466 29.28 -36.64 -11.44
C ALA A 466 30.01 -36.47 -10.12
N ASN A 467 29.27 -36.26 -9.04
CA ASN A 467 29.84 -36.21 -7.69
C ASN A 467 30.89 -35.12 -7.53
N PHE A 468 30.56 -33.91 -7.98
CA PHE A 468 31.45 -32.78 -7.76
C PHE A 468 30.65 -31.50 -7.53
N LEU A 469 31.34 -30.53 -6.96
CA LEU A 469 30.75 -29.28 -6.50
C LEU A 469 31.39 -28.10 -7.21
N VAL A 470 30.57 -27.22 -7.76
CA VAL A 470 31.02 -26.02 -8.46
C VAL A 470 31.00 -24.86 -7.47
N VAL A 471 32.17 -24.26 -7.24
CA VAL A 471 32.33 -23.16 -6.30
C VAL A 471 32.41 -21.87 -7.11
N LEU A 472 31.45 -20.97 -6.84
CA LEU A 472 31.16 -19.83 -7.71
C LEU A 472 31.00 -18.58 -6.85
N GLU A 473 31.96 -17.67 -6.95
CA GLU A 473 31.93 -16.41 -6.21
C GLU A 473 31.41 -15.30 -7.11
N GLU A 474 30.74 -14.32 -6.49
CA GLU A 474 30.07 -13.26 -7.22
C GLU A 474 29.13 -13.84 -8.28
N ALA A 475 28.26 -14.72 -7.81
CA ALA A 475 27.38 -15.48 -8.70
C ALA A 475 26.36 -14.61 -9.42
N HIS A 476 26.14 -13.38 -8.98
CA HIS A 476 25.15 -12.53 -9.63
C HIS A 476 25.53 -12.20 -11.07
N ASN A 477 26.80 -12.38 -11.44
CA ASN A 477 27.25 -12.18 -12.80
C ASN A 477 27.05 -13.41 -13.69
N PHE A 478 26.75 -14.56 -13.09
CA PHE A 478 26.60 -15.81 -13.83
C PHE A 478 25.15 -16.29 -13.92
N LEU A 479 24.32 -15.96 -12.94
CA LEU A 479 22.95 -16.44 -12.87
C LEU A 479 21.94 -15.39 -13.31
N GLU A 480 22.34 -14.45 -14.15
CA GLU A 480 21.44 -13.38 -14.56
C GLU A 480 20.45 -13.87 -15.62
N ASP A 481 20.96 -14.30 -16.77
CA ASP A 481 20.09 -14.67 -17.88
C ASP A 481 19.59 -16.10 -17.73
N LYS A 482 18.30 -16.30 -18.05
CA LYS A 482 17.69 -17.61 -17.88
C LYS A 482 18.23 -18.63 -18.87
N ALA A 483 18.71 -18.17 -20.03
CA ALA A 483 19.22 -19.06 -21.07
C ALA A 483 20.69 -19.42 -20.86
N GLY A 484 21.27 -19.07 -19.72
CA GLY A 484 22.67 -19.37 -19.48
C GLY A 484 22.90 -20.78 -19.01
N ILE A 485 24.12 -21.25 -19.27
CA ILE A 485 24.49 -22.60 -18.86
C ILE A 485 24.53 -22.71 -17.35
N PHE A 486 24.95 -21.66 -16.66
CA PHE A 486 24.95 -21.70 -15.19
C PHE A 486 23.55 -21.73 -14.63
N TYR A 487 22.61 -21.00 -15.24
CA TYR A 487 21.21 -21.11 -14.85
C TYR A 487 20.69 -22.53 -15.06
N ARG A 488 21.00 -23.12 -16.21
CA ARG A 488 20.58 -24.49 -16.47
C ARG A 488 21.19 -25.46 -15.47
N VAL A 489 22.45 -25.27 -15.10
CA VAL A 489 23.08 -26.13 -14.11
C VAL A 489 22.39 -25.98 -12.77
N ALA A 490 22.14 -24.74 -12.34
CA ALA A 490 21.46 -24.54 -11.07
C ALA A 490 20.10 -25.23 -11.07
N LYS A 491 19.42 -25.24 -12.22
CA LYS A 491 18.10 -25.86 -12.27
C LYS A 491 18.17 -27.38 -12.31
N GLU A 492 19.16 -27.96 -12.99
CA GLU A 492 19.12 -29.37 -13.33
C GLU A 492 20.34 -30.18 -12.88
N GLY A 493 21.15 -29.67 -11.95
CA GLY A 493 22.31 -30.44 -11.53
C GLY A 493 22.03 -31.48 -10.47
N ARG A 494 20.89 -31.36 -9.78
CA ARG A 494 20.56 -32.34 -8.74
C ARG A 494 20.33 -33.72 -9.34
N LYS A 495 19.78 -33.78 -10.55
CA LYS A 495 19.53 -35.07 -11.20
C LYS A 495 20.83 -35.81 -11.48
N TYR A 496 21.85 -35.09 -11.96
CA TYR A 496 23.11 -35.69 -12.38
C TYR A 496 24.19 -35.66 -11.32
N GLY A 497 23.91 -35.10 -10.14
CA GLY A 497 24.85 -35.16 -9.04
C GLY A 497 25.85 -34.03 -8.99
N ILE A 498 25.51 -32.87 -9.52
CA ILE A 498 26.40 -31.71 -9.52
C ILE A 498 25.88 -30.73 -8.48
N GLY A 499 26.71 -30.44 -7.47
CA GLY A 499 26.34 -29.44 -6.50
C GLY A 499 26.85 -28.06 -6.88
N MET A 500 26.19 -27.04 -6.35
CA MET A 500 26.60 -25.65 -6.58
C MET A 500 26.67 -24.91 -5.25
N LEU A 501 27.74 -24.14 -5.06
CA LEU A 501 27.91 -23.30 -3.89
C LEU A 501 28.26 -21.91 -4.38
N TYR A 502 27.31 -20.97 -4.28
CA TYR A 502 27.48 -19.65 -4.87
C TYR A 502 27.35 -18.55 -3.83
N SER A 503 28.19 -17.52 -3.98
CA SER A 503 28.21 -16.37 -3.10
C SER A 503 27.99 -15.09 -3.90
N THR A 504 27.17 -14.18 -3.35
CA THR A 504 26.82 -12.97 -4.10
C THR A 504 26.85 -11.66 -3.31
N GLN A 505 26.89 -11.68 -1.98
CA GLN A 505 26.84 -10.46 -1.16
C GLN A 505 25.47 -9.83 -1.08
N SER A 506 24.51 -10.29 -1.88
CA SER A 506 23.21 -9.64 -1.87
C SER A 506 22.12 -10.53 -2.44
N PRO A 507 21.16 -10.97 -1.62
CA PRO A 507 20.08 -11.80 -2.15
C PRO A 507 19.33 -11.15 -3.30
N ALA A 508 19.16 -9.82 -3.25
CA ALA A 508 18.42 -9.13 -4.29
C ALA A 508 19.09 -9.23 -5.64
N SER A 509 20.35 -9.63 -5.70
CA SER A 509 21.03 -9.81 -6.98
C SER A 509 20.66 -11.11 -7.68
N ILE A 510 20.03 -12.05 -6.96
CA ILE A 510 19.75 -13.37 -7.54
C ILE A 510 18.29 -13.45 -7.94
N PRO A 511 17.97 -14.13 -9.05
CA PRO A 511 16.56 -14.29 -9.43
C PRO A 511 15.77 -15.06 -8.37
N MET A 512 14.51 -14.65 -8.19
CA MET A 512 13.66 -15.28 -7.21
C MET A 512 13.42 -16.75 -7.54
N GLU A 513 13.42 -17.10 -8.82
CA GLU A 513 13.23 -18.50 -9.19
C GLU A 513 14.36 -19.38 -8.68
N ILE A 514 15.60 -18.89 -8.76
CA ILE A 514 16.72 -19.63 -8.19
C ILE A 514 16.67 -19.60 -6.67
N LEU A 515 16.34 -18.44 -6.09
CA LEU A 515 16.33 -18.32 -4.64
C LEU A 515 15.33 -19.28 -4.00
N SER A 516 14.13 -19.38 -4.57
CA SER A 516 13.10 -20.24 -3.99
C SER A 516 13.47 -21.71 -4.09
N GLN A 517 14.18 -22.10 -5.14
CA GLN A 517 14.57 -23.49 -5.32
C GLN A 517 15.86 -23.86 -4.63
N THR A 518 16.61 -22.88 -4.12
CA THR A 518 17.81 -23.18 -3.34
C THR A 518 17.45 -23.97 -2.09
N GLU A 519 18.32 -24.90 -1.70
CA GLU A 519 18.07 -25.76 -0.56
C GLU A 519 18.68 -25.23 0.73
N ASN A 520 19.98 -24.93 0.73
CA ASN A 520 20.70 -24.50 1.92
C ASN A 520 21.01 -23.02 1.87
N PHE A 521 20.95 -22.37 3.02
CA PHE A 521 21.22 -20.95 3.16
C PHE A 521 22.20 -20.72 4.29
N LEU A 522 23.18 -19.84 4.04
CA LEU A 522 24.16 -19.40 5.03
C LEU A 522 24.21 -17.87 4.93
N VAL A 523 23.62 -17.17 5.89
CA VAL A 523 23.43 -15.73 5.78
C VAL A 523 24.18 -15.02 6.89
N LYS A 524 25.06 -14.10 6.53
CA LYS A 524 25.70 -13.18 7.46
C LYS A 524 24.98 -11.83 7.43
N HIS A 525 25.57 -10.85 8.11
CA HIS A 525 24.91 -9.57 8.30
C HIS A 525 24.57 -8.91 6.97
N LEU A 526 23.33 -8.45 6.86
CA LEU A 526 22.87 -7.64 5.73
C LEU A 526 22.31 -6.33 6.26
N SER A 527 22.80 -5.22 5.71
CA SER A 527 22.42 -3.91 6.23
C SER A 527 21.11 -3.39 5.64
N SER A 528 20.77 -3.83 4.43
CA SER A 528 19.65 -3.25 3.70
C SER A 528 18.34 -3.96 4.03
N GLU A 529 17.26 -3.18 4.10
CA GLU A 529 15.94 -3.75 4.34
C GLU A 529 15.45 -4.58 3.16
N GLU A 530 15.79 -4.16 1.94
CA GLU A 530 15.37 -4.89 0.76
C GLU A 530 15.94 -6.30 0.73
N ASP A 531 17.19 -6.45 1.16
CA ASP A 531 17.81 -7.78 1.16
C ASP A 531 17.07 -8.73 2.08
N VAL A 532 16.77 -8.30 3.32
CA VAL A 532 16.06 -9.16 4.24
C VAL A 532 14.63 -9.41 3.78
N LYS A 533 13.99 -8.41 3.17
CA LYS A 533 12.64 -8.63 2.64
C LYS A 533 12.66 -9.69 1.55
N VAL A 534 13.63 -9.62 0.64
CA VAL A 534 13.75 -10.64 -0.40
C VAL A 534 14.02 -12.01 0.22
N LEU A 535 14.88 -12.03 1.24
CA LEU A 535 15.23 -13.30 1.89
C LEU A 535 14.00 -13.97 2.51
N LYS A 536 13.19 -13.18 3.23
CA LYS A 536 11.98 -13.73 3.84
C LYS A 536 10.87 -14.00 2.84
N ARG A 537 10.86 -13.30 1.71
CA ARG A 537 9.93 -13.60 0.63
C ARG A 537 10.29 -14.89 -0.09
N ALA A 538 11.57 -15.24 -0.12
CA ALA A 538 12.02 -16.53 -0.64
C ALA A 538 11.79 -17.68 0.34
N LYS A 539 12.09 -17.48 1.63
CA LYS A 539 11.86 -18.53 2.63
C LYS A 539 11.15 -17.92 3.82
N ALA A 540 9.96 -18.42 4.12
CA ALA A 540 9.16 -17.86 5.22
C ALA A 540 9.86 -17.92 6.57
N PRO A 541 10.48 -19.03 6.97
CA PRO A 541 11.09 -19.07 8.32
C PRO A 541 12.14 -18.00 8.55
N PHE A 542 12.69 -17.40 7.50
CA PHE A 542 13.66 -16.34 7.65
C PHE A 542 13.03 -15.01 8.05
N ALA A 543 11.74 -15.00 8.39
CA ALA A 543 11.09 -13.79 8.86
C ALA A 543 11.35 -13.50 10.32
N PHE A 544 11.91 -14.45 11.06
CA PHE A 544 12.12 -14.31 12.50
C PHE A 544 13.51 -13.81 12.87
N VAL A 545 14.38 -13.55 11.90
CA VAL A 545 15.75 -13.13 12.18
C VAL A 545 16.12 -11.85 11.43
N ALA A 546 15.18 -11.27 10.69
CA ALA A 546 15.49 -10.08 9.90
C ALA A 546 15.90 -8.91 10.80
N ASP A 547 15.24 -8.76 11.95
CA ASP A 547 15.58 -7.69 12.86
C ASP A 547 16.99 -7.87 13.44
N PHE A 548 17.37 -9.09 13.78
CA PHE A 548 18.74 -9.34 14.22
C PHE A 548 19.74 -9.01 13.11
N LEU A 549 19.45 -9.46 11.89
CA LEU A 549 20.36 -9.19 10.78
C LEU A 549 20.54 -7.70 10.55
N LEU A 550 19.45 -6.93 10.64
CA LEU A 550 19.52 -5.51 10.32
C LEU A 550 20.37 -4.74 11.32
N SER A 551 20.42 -5.18 12.58
CA SER A 551 20.96 -4.35 13.65
C SER A 551 22.17 -4.96 14.35
N GLU A 552 22.63 -6.14 13.96
CA GLU A 552 23.78 -6.77 14.60
C GLU A 552 24.87 -7.07 13.57
N PRO A 553 25.76 -6.11 13.33
CA PRO A 553 26.94 -6.33 12.45
C PRO A 553 28.09 -7.07 13.16
N ILE A 554 27.98 -8.40 13.20
CA ILE A 554 28.99 -9.25 13.82
C ILE A 554 29.66 -10.07 12.73
N ILE A 555 31.00 -10.07 12.75
CA ILE A 555 31.79 -10.72 11.72
C ILE A 555 31.93 -12.20 12.06
N GLY A 556 31.55 -13.07 11.14
CA GLY A 556 31.65 -14.50 11.35
C GLY A 556 30.46 -15.14 12.01
N TYR A 557 29.33 -14.45 12.08
CA TYR A 557 28.12 -14.94 12.72
C TYR A 557 27.10 -15.24 11.64
N SER A 558 26.72 -16.51 11.49
CA SER A 558 25.91 -16.95 10.37
C SER A 558 24.56 -17.47 10.86
N TYR A 559 23.55 -17.36 10.00
CA TYR A 559 22.26 -18.02 10.19
C TYR A 559 22.17 -19.09 9.13
N VAL A 560 22.01 -20.34 9.55
CA VAL A 560 22.08 -21.47 8.64
C VAL A 560 20.72 -22.15 8.57
N TYR A 561 20.41 -22.66 7.39
CA TYR A 561 19.12 -23.30 7.12
C TYR A 561 19.35 -24.40 6.11
N PHE A 562 18.94 -25.63 6.45
CA PHE A 562 19.16 -26.79 5.58
C PHE A 562 17.87 -27.53 5.35
N GLU A 563 17.64 -27.96 4.12
CA GLU A 563 16.49 -28.79 3.81
C GLU A 563 16.91 -30.22 3.53
N PRO A 564 16.07 -31.21 3.84
CA PRO A 564 14.77 -31.11 4.50
C PRO A 564 14.85 -31.45 5.98
N TYR A 565 16.04 -31.67 6.53
CA TYR A 565 16.17 -32.18 7.89
C TYR A 565 16.22 -31.09 8.94
N GLN A 566 16.63 -29.87 8.59
CA GLN A 566 16.64 -28.74 9.51
C GLN A 566 15.96 -27.56 8.85
N PRO A 567 14.66 -27.63 8.65
CA PRO A 567 13.91 -26.56 7.98
C PRO A 567 13.59 -25.38 8.90
N PHE A 568 14.58 -24.94 9.66
CA PHE A 568 14.46 -23.76 10.51
C PHE A 568 15.84 -23.16 10.69
N VAL A 569 15.87 -21.87 11.00
CA VAL A 569 17.11 -21.10 11.02
C VAL A 569 17.83 -21.32 12.35
N VAL A 570 19.14 -21.52 12.28
CA VAL A 570 19.94 -21.71 13.49
C VAL A 570 21.12 -20.73 13.48
N PRO A 571 21.40 -20.04 14.59
CA PRO A 571 22.55 -19.14 14.63
C PRO A 571 23.86 -19.83 15.02
N LEU A 572 24.82 -19.81 14.11
CA LEU A 572 26.10 -20.47 14.29
C LEU A 572 27.22 -19.43 14.37
N ARG A 573 28.17 -19.69 15.25
CA ARG A 573 29.45 -18.99 15.27
C ARG A 573 30.38 -19.86 14.43
N VAL A 574 30.94 -19.26 13.36
CA VAL A 574 31.74 -20.01 12.40
C VAL A 574 33.21 -19.97 12.80
N LYS A 575 33.94 -21.00 12.37
CA LYS A 575 35.33 -21.19 12.76
C LYS A 575 36.28 -20.53 11.78
N LEU A 576 37.36 -19.97 12.32
CA LEU A 576 38.44 -19.47 11.48
C LEU A 576 39.22 -20.63 10.88
N LEU A 577 39.65 -20.46 9.63
CA LEU A 577 40.42 -21.52 8.98
C LEU A 577 41.74 -21.77 9.68
N GLU A 578 42.38 -20.72 10.20
CA GLU A 578 43.62 -20.91 10.94
C GLU A 578 43.40 -21.79 12.17
N HIS A 579 42.35 -21.51 12.93
CA HIS A 579 42.05 -22.33 14.10
C HIS A 579 41.69 -23.75 13.70
N VAL A 580 40.93 -23.91 12.62
CA VAL A 580 40.56 -25.25 12.16
C VAL A 580 41.80 -26.04 11.79
N LEU A 581 42.75 -25.42 11.10
CA LEU A 581 43.98 -26.11 10.73
C LEU A 581 44.79 -26.46 11.98
N LYS A 582 44.92 -25.52 12.91
CA LYS A 582 45.69 -25.80 14.12
C LYS A 582 45.03 -26.86 15.00
N SER A 583 43.73 -27.06 14.87
CA SER A 583 43.01 -28.03 15.69
C SER A 583 42.88 -29.39 15.04
N LEU A 584 42.86 -29.47 13.71
CA LEU A 584 42.74 -30.77 13.04
C LEU A 584 44.03 -31.57 13.08
N ASP A 585 45.15 -30.97 13.46
CA ASP A 585 46.38 -31.74 13.64
C ASP A 585 46.30 -32.72 14.80
N SER A 586 45.30 -32.58 15.66
CA SER A 586 45.08 -33.51 16.76
C SER A 586 44.06 -34.57 16.35
N GLU B 3 27.25 10.90 40.16
CA GLU B 3 27.49 9.53 40.61
C GLU B 3 26.21 8.89 41.10
N SER B 4 25.07 9.49 40.74
CA SER B 4 23.78 8.99 41.16
C SER B 4 22.85 8.88 39.97
N PRO B 5 21.91 7.94 40.01
CA PRO B 5 20.99 7.77 38.88
C PRO B 5 20.15 9.02 38.64
N ILE B 6 19.88 9.29 37.36
CA ILE B 6 19.14 10.50 37.00
C ILE B 6 17.68 10.38 37.41
N GLY B 7 17.05 9.26 37.08
CA GLY B 7 15.65 9.08 37.42
C GLY B 7 15.32 7.70 37.93
N VAL B 8 14.17 7.16 37.51
CA VAL B 8 13.78 5.80 37.85
C VAL B 8 13.23 5.14 36.59
N VAL B 9 13.68 3.92 36.32
CA VAL B 9 13.18 3.15 35.18
C VAL B 9 11.87 2.48 35.57
N VAL B 10 10.84 2.69 34.75
CA VAL B 10 9.50 2.19 35.06
C VAL B 10 8.99 1.19 34.03
N SER B 11 9.71 0.94 32.95
CA SER B 11 9.24 0.00 31.94
C SER B 11 10.36 -0.26 30.94
N SER B 12 10.29 -1.41 30.29
CA SER B 12 11.24 -1.76 29.23
C SER B 12 10.55 -2.69 28.25
N ARG B 13 11.03 -2.68 27.02
CA ARG B 13 10.44 -3.51 25.98
C ARG B 13 11.38 -3.61 24.79
N ARG B 14 11.01 -4.49 23.86
CA ARG B 14 11.69 -4.64 22.59
C ARG B 14 10.82 -4.01 21.51
N ASN B 15 11.31 -2.94 20.89
CA ASN B 15 10.62 -2.25 19.82
C ASN B 15 11.43 -2.50 18.55
N GLY B 16 10.84 -3.24 17.61
CA GLY B 16 11.53 -3.60 16.39
C GLY B 16 12.83 -4.31 16.68
N PRO B 17 13.91 -3.89 16.02
CA PRO B 17 15.22 -4.48 16.27
C PRO B 17 15.97 -3.89 17.46
N TRP B 18 15.33 -3.07 18.31
CA TRP B 18 16.04 -2.39 19.38
C TRP B 18 15.32 -2.61 20.71
N ALA B 19 16.03 -2.29 21.79
CA ALA B 19 15.48 -2.35 23.13
C ALA B 19 15.31 -0.93 23.67
N GLU B 20 14.13 -0.63 24.21
CA GLU B 20 13.85 0.67 24.79
C GLU B 20 13.47 0.52 26.25
N LEU B 21 13.72 1.58 27.02
CA LEU B 21 13.25 1.67 28.39
C LEU B 21 12.70 3.07 28.63
N THR B 22 11.82 3.15 29.62
CA THR B 22 11.14 4.39 29.98
C THR B 22 11.69 4.91 31.30
N LEU B 23 12.01 6.20 31.31
CA LEU B 23 12.60 6.85 32.48
C LEU B 23 11.67 7.97 32.94
N VAL B 24 11.56 8.14 34.25
CA VAL B 24 10.71 9.16 34.85
C VAL B 24 11.57 10.08 35.69
N LEU B 25 11.45 11.38 35.44
CA LEU B 25 12.11 12.41 36.24
C LEU B 25 11.11 12.97 37.23
N THR B 26 11.52 13.04 38.50
CA THR B 26 10.67 13.37 39.63
C THR B 26 10.75 14.84 39.97
N PRO B 27 9.83 15.32 40.81
CA PRO B 27 9.81 16.76 41.14
C PRO B 27 11.11 17.28 41.73
N GLN B 28 11.76 16.51 42.59
CA GLN B 28 12.99 16.99 43.21
C GLN B 28 14.10 17.15 42.18
N GLU B 29 14.26 16.18 41.28
CA GLU B 29 15.28 16.28 40.26
C GLU B 29 14.98 17.39 39.26
N LEU B 30 13.69 17.57 38.93
CA LEU B 30 13.33 18.68 38.05
C LEU B 30 13.57 20.03 38.71
N ASP B 31 13.39 20.11 40.03
CA ASP B 31 13.68 21.36 40.73
C ASP B 31 15.18 21.62 40.83
N GLN B 32 15.98 20.56 40.96
CA GLN B 32 17.43 20.72 41.01
C GLN B 32 18.01 21.16 39.68
N GLY B 33 17.23 21.15 38.60
CA GLY B 33 17.70 21.58 37.31
C GLY B 33 18.26 20.51 36.41
N LYS B 34 18.07 19.24 36.75
CA LYS B 34 18.62 18.15 35.96
C LYS B 34 17.69 17.85 34.79
N ARG B 35 18.22 17.90 33.57
CA ARG B 35 17.46 17.65 32.36
C ARG B 35 18.23 16.68 31.48
N LEU B 36 17.52 16.11 30.51
CA LEU B 36 18.12 15.25 29.49
C LEU B 36 17.85 15.85 28.13
N LEU B 37 18.91 16.05 27.35
CA LEU B 37 18.76 16.53 25.98
C LEU B 37 18.38 15.38 25.05
N LEU B 38 17.66 15.71 24.00
CA LEU B 38 17.31 14.71 23.00
C LEU B 38 18.53 14.39 22.14
N GLY B 39 18.79 13.10 21.95
CA GLY B 39 19.98 12.67 21.28
C GLY B 39 21.21 12.56 22.16
N GLU B 40 21.07 12.79 23.46
CA GLU B 40 22.20 12.67 24.38
C GLU B 40 22.53 11.20 24.64
N LEU B 41 23.81 10.94 24.86
CA LEU B 41 24.29 9.60 25.18
C LEU B 41 24.44 9.46 26.69
N VAL B 42 23.88 8.37 27.22
CA VAL B 42 23.87 8.10 28.65
C VAL B 42 24.35 6.67 28.88
N ARG B 43 24.63 6.36 30.14
CA ARG B 43 25.07 5.03 30.55
C ARG B 43 23.91 4.31 31.22
N VAL B 44 23.75 3.03 30.91
CA VAL B 44 22.69 2.21 31.50
C VAL B 44 23.35 1.03 32.20
N SER B 45 23.12 0.92 33.50
CA SER B 45 23.67 -0.17 34.30
C SER B 45 22.58 -1.20 34.55
N SER B 46 22.89 -2.46 34.25
CA SER B 46 21.94 -3.55 34.43
C SER B 46 22.71 -4.84 34.63
N GLY B 47 22.44 -5.52 35.73
CA GLY B 47 23.08 -6.80 36.00
C GLY B 47 24.58 -6.75 36.04
N GLY B 48 25.14 -5.66 36.56
CA GLY B 48 26.58 -5.51 36.60
C GLY B 48 27.22 -5.17 35.27
N LYS B 49 26.43 -4.83 34.26
CA LYS B 49 26.95 -4.53 32.93
C LYS B 49 26.55 -3.12 32.52
N ASP B 50 27.43 -2.46 31.78
CA ASP B 50 27.23 -1.08 31.33
C ASP B 50 26.92 -1.07 29.83
N TYR B 51 25.84 -0.40 29.46
CA TYR B 51 25.45 -0.19 28.08
C TYR B 51 25.48 1.30 27.77
N VAL B 52 25.59 1.60 26.49
CA VAL B 52 25.42 2.96 25.97
C VAL B 52 23.98 3.09 25.51
N GLY B 53 23.33 4.19 25.91
CA GLY B 53 21.97 4.46 25.51
C GLY B 53 21.82 5.86 24.93
N MET B 54 20.77 6.04 24.15
CA MET B 54 20.49 7.32 23.54
C MET B 54 19.08 7.77 23.89
N VAL B 55 18.93 9.03 24.27
CA VAL B 55 17.63 9.60 24.59
C VAL B 55 16.91 9.93 23.29
N LEU B 56 15.75 9.31 23.08
CA LEU B 56 15.02 9.43 21.83
C LEU B 56 13.78 10.31 21.93
N ASP B 57 13.06 10.26 23.05
CA ASP B 57 11.75 10.87 23.14
C ASP B 57 11.60 11.57 24.48
N GLY B 58 10.53 12.36 24.60
CA GLY B 58 10.18 13.03 25.83
C GLY B 58 8.76 13.55 25.80
N TYR B 59 7.99 13.28 26.85
CA TYR B 59 6.59 13.68 26.88
C TYR B 59 6.13 13.80 28.33
N TYR B 60 5.05 14.53 28.52
CA TYR B 60 4.45 14.69 29.83
C TYR B 60 3.28 13.72 29.99
N GLU B 61 3.27 13.00 31.11
CA GLU B 61 2.21 12.05 31.41
C GLU B 61 1.86 12.14 32.88
N PRO B 62 0.59 11.94 33.23
CA PRO B 62 0.21 11.97 34.65
C PRO B 62 0.69 10.72 35.38
N VAL B 63 1.10 10.92 36.63
CA VAL B 63 1.60 9.85 37.49
C VAL B 63 0.62 9.67 38.64
N GLY B 64 0.18 8.44 38.86
CA GLY B 64 -0.79 8.16 39.90
C GLY B 64 -2.19 8.53 39.47
N ARG B 65 -3.03 8.77 40.48
CA ARG B 65 -4.42 9.17 40.26
C ARG B 65 -4.53 10.68 40.47
N SER B 66 -4.23 11.42 39.42
CA SER B 66 -4.19 12.88 39.48
C SER B 66 -4.75 13.46 38.19
N ASP B 67 -5.15 14.73 38.27
CA ASP B 67 -5.68 15.48 37.13
C ASP B 67 -4.86 16.76 36.99
N PRO B 68 -3.71 16.69 36.29
CA PRO B 68 -2.86 17.88 36.19
C PRO B 68 -3.56 19.06 35.54
N THR B 69 -4.39 18.82 34.53
CA THR B 69 -5.07 19.93 33.87
C THR B 69 -5.98 20.68 34.83
N TYR B 70 -6.82 19.94 35.56
CA TYR B 70 -7.71 20.59 36.52
C TYR B 70 -6.93 21.28 37.63
N THR B 71 -5.88 20.63 38.15
CA THR B 71 -5.10 21.24 39.22
C THR B 71 -4.47 22.56 38.76
N LEU B 72 -3.80 22.54 37.61
CA LEU B 72 -3.12 23.74 37.12
C LEU B 72 -4.11 24.84 36.76
N ALA B 73 -5.23 24.47 36.12
CA ALA B 73 -6.23 25.47 35.77
C ALA B 73 -6.83 26.11 37.03
N LEU B 74 -7.13 25.31 38.05
CA LEU B 74 -7.67 25.86 39.28
C LEU B 74 -6.67 26.78 39.97
N ALA B 75 -5.40 26.37 40.01
CA ALA B 75 -4.39 27.23 40.62
C ALA B 75 -4.24 28.54 39.86
N HIS B 76 -4.29 28.49 38.53
CA HIS B 76 -4.19 29.72 37.74
C HIS B 76 -5.41 30.61 37.96
N ILE B 77 -6.60 30.02 38.03
CA ILE B 77 -7.82 30.81 38.22
C ILE B 77 -7.81 31.49 39.57
N ASN B 78 -7.48 30.74 40.63
CA ASN B 78 -7.57 31.26 41.99
C ASN B 78 -6.36 32.10 42.39
N GLN B 79 -5.55 32.55 41.44
CA GLN B 79 -4.32 33.28 41.72
C GLN B 79 -3.55 32.62 42.87
N VAL B 80 -3.25 31.35 42.67
CA VAL B 80 -2.48 30.55 43.63
C VAL B 80 -1.13 30.26 43.00
N ASP B 81 -0.06 30.82 43.58
CA ASP B 81 1.29 30.55 43.13
C ASP B 81 1.73 29.22 43.73
N LEU B 82 1.86 28.19 42.90
CA LEU B 82 2.13 26.85 43.41
C LEU B 82 3.43 26.82 44.21
N GLU B 83 4.52 27.33 43.63
CA GLU B 83 5.83 27.18 44.25
C GLU B 83 5.84 27.69 45.68
N LYS B 84 5.34 28.90 45.90
CA LYS B 84 5.43 29.55 47.21
C LYS B 84 4.27 29.23 48.13
N GLU B 85 3.08 28.97 47.60
CA GLU B 85 1.89 28.83 48.42
C GLU B 85 1.45 27.38 48.61
N ASP B 86 1.55 26.54 47.58
CA ASP B 86 1.08 25.16 47.63
C ASP B 86 2.19 24.23 47.13
N PRO B 87 3.23 24.04 47.93
CA PRO B 87 4.29 23.10 47.53
C PRO B 87 3.78 21.67 47.35
N TRP B 88 2.69 21.31 48.02
CA TRP B 88 2.19 19.94 47.93
C TRP B 88 1.47 19.68 46.62
N ALA B 89 0.73 20.67 46.12
CA ALA B 89 0.05 20.51 44.83
C ALA B 89 1.04 20.52 43.67
N ARG B 90 2.22 21.11 43.85
CA ARG B 90 3.23 21.15 42.82
C ARG B 90 4.10 19.91 42.80
N LYS B 91 4.05 19.07 43.84
CA LYS B 91 4.83 17.85 43.87
C LYS B 91 4.14 16.68 43.19
N GLU B 92 2.84 16.77 42.95
CA GLU B 92 2.08 15.69 42.34
C GLU B 92 1.89 15.85 40.84
N VAL B 93 2.35 16.97 40.26
CA VAL B 93 2.23 17.19 38.83
C VAL B 93 3.57 17.37 38.15
N ASN B 94 4.67 17.48 38.89
CA ASN B 94 5.98 17.79 38.32
C ASN B 94 6.76 16.51 38.06
N PHE B 95 6.35 15.80 37.02
CA PHE B 95 7.01 14.58 36.56
C PHE B 95 7.27 14.71 35.06
N TYR B 96 8.22 13.96 34.54
CA TYR B 96 8.42 13.97 33.10
C TYR B 96 8.91 12.61 32.64
N HIS B 97 8.65 12.28 31.37
CA HIS B 97 8.93 10.96 30.83
C HIS B 97 9.93 11.04 29.69
N HIS B 98 10.77 10.01 29.58
CA HIS B 98 11.78 9.91 28.54
C HIS B 98 11.88 8.48 28.03
N ARG B 99 12.24 8.34 26.77
CA ARG B 99 12.50 7.04 26.15
C ARG B 99 13.99 6.94 25.84
N ILE B 100 14.59 5.79 26.20
CA ILE B 100 16.02 5.58 25.99
C ILE B 100 16.22 4.26 25.26
N VAL B 101 16.98 4.30 24.17
CA VAL B 101 17.25 3.12 23.34
C VAL B 101 18.66 2.62 23.66
N LEU B 102 18.79 1.30 23.81
CA LEU B 102 20.06 0.67 24.15
C LEU B 102 20.83 0.38 22.87
N LEU B 103 21.92 1.13 22.64
CA LEU B 103 22.68 0.98 21.40
C LEU B 103 23.57 -0.26 21.43
N GLY B 104 24.15 -0.56 22.58
CA GLY B 104 25.05 -1.69 22.68
C GLY B 104 25.88 -1.64 23.95
N ARG B 105 26.89 -2.50 23.98
CA ARG B 105 27.73 -2.69 25.16
C ARG B 105 29.19 -2.57 24.76
N VAL B 106 29.94 -1.76 25.49
CA VAL B 106 31.35 -1.58 25.25
C VAL B 106 32.13 -2.66 25.98
N VAL B 107 33.00 -3.36 25.28
CA VAL B 107 33.78 -4.46 25.83
C VAL B 107 35.22 -3.98 26.01
N GLN B 108 35.65 -3.87 27.26
CA GLN B 108 37.02 -3.43 27.54
C GLN B 108 38.02 -4.45 27.00
N GLY B 109 39.07 -3.94 26.35
CA GLY B 109 39.99 -4.83 25.65
C GLY B 109 39.33 -5.59 24.53
N GLY B 110 38.36 -4.99 23.85
CA GLY B 110 37.64 -5.69 22.82
C GLY B 110 36.86 -4.73 21.95
N LEU B 111 35.99 -5.31 21.13
CA LEU B 111 35.22 -4.56 20.15
C LEU B 111 33.80 -4.33 20.66
N PHE B 112 33.25 -3.18 20.28
CA PHE B 112 31.89 -2.82 20.69
C PHE B 112 30.90 -3.87 20.24
N ALA B 113 30.01 -4.27 21.16
CA ALA B 113 29.00 -5.28 20.87
C ALA B 113 27.67 -4.60 20.59
N PRO B 114 27.12 -4.70 19.38
CA PRO B 114 25.92 -3.93 19.04
C PRO B 114 24.65 -4.56 19.58
N SER B 115 23.74 -3.69 20.03
CA SER B 115 22.42 -4.10 20.47
C SER B 115 22.50 -5.07 21.65
N THR B 116 21.42 -5.80 21.93
CA THR B 116 21.42 -6.75 23.03
C THR B 116 20.26 -7.73 22.85
N ARG B 117 20.45 -8.95 23.33
CA ARG B 117 19.41 -9.95 23.37
C ARG B 117 18.77 -10.10 24.74
N LEU B 118 19.29 -9.40 25.74
CA LEU B 118 18.83 -9.52 27.12
C LEU B 118 18.10 -8.23 27.50
N LEU B 119 16.82 -8.36 27.83
CA LEU B 119 15.98 -7.22 28.17
C LEU B 119 15.97 -7.01 29.69
N PRO B 120 16.34 -5.83 30.17
CA PRO B 120 16.51 -5.62 31.61
C PRO B 120 15.18 -5.56 32.33
N PRO B 121 15.07 -6.23 33.49
CA PRO B 121 13.92 -5.99 34.36
C PRO B 121 13.95 -4.58 34.92
N VAL B 122 12.76 -4.06 35.23
CA VAL B 122 12.63 -2.64 35.54
C VAL B 122 13.18 -2.28 36.91
N VAL B 123 13.32 -3.25 37.82
CA VAL B 123 13.83 -2.94 39.16
C VAL B 123 15.34 -2.95 39.24
N GLU B 124 16.02 -3.44 38.21
CA GLU B 124 17.47 -3.63 38.25
C GLU B 124 18.23 -2.73 37.29
N ALA B 125 17.57 -1.77 36.65
CA ALA B 125 18.20 -0.90 35.67
C ALA B 125 18.37 0.51 36.25
N ARG B 126 19.54 1.09 36.03
CA ARG B 126 19.84 2.47 36.41
C ARG B 126 20.36 3.24 35.22
N VAL B 127 20.11 4.54 35.20
CA VAL B 127 20.56 5.42 34.14
C VAL B 127 21.45 6.50 34.74
N TYR B 128 22.62 6.70 34.16
CA TYR B 128 23.61 7.66 34.63
C TYR B 128 24.01 8.58 33.49
N ARG B 129 24.41 9.80 33.86
CA ARG B 129 25.02 10.72 32.91
C ARG B 129 26.44 10.28 32.62
N MET B 130 26.85 10.44 31.36
CA MET B 130 28.18 10.03 30.92
C MET B 130 29.14 11.19 31.07
N THR B 131 30.34 10.91 31.57
CA THR B 131 31.34 11.94 31.82
C THR B 131 32.24 12.12 30.60
N GLU B 132 33.07 13.16 30.67
CA GLU B 132 33.94 13.49 29.54
C GLU B 132 34.96 12.40 29.27
N GLU B 133 35.54 11.82 30.33
CA GLU B 133 36.49 10.72 30.14
C GLU B 133 35.81 9.52 29.50
N GLU B 134 34.59 9.20 29.95
CA GLU B 134 33.86 8.08 29.37
C GLU B 134 33.56 8.32 27.90
N LEU B 135 33.13 9.55 27.55
CA LEU B 135 32.86 9.86 26.15
C LEU B 135 34.13 9.81 25.31
N GLN B 136 35.25 10.31 25.84
CA GLN B 136 36.51 10.24 25.12
C GLN B 136 36.90 8.79 24.86
N ARG B 137 36.77 7.93 25.87
CA ARG B 137 37.07 6.52 25.67
C ARG B 137 36.14 5.89 24.65
N LEU B 138 34.86 6.26 24.68
CA LEU B 138 33.90 5.70 23.74
C LEU B 138 34.26 6.08 22.30
N LEU B 139 34.62 7.34 22.06
CA LEU B 139 34.94 7.77 20.71
C LEU B 139 36.32 7.32 20.25
N ALA B 140 37.26 7.12 21.18
CA ALA B 140 38.61 6.72 20.78
C ALA B 140 38.60 5.36 20.10
N ALA B 141 37.85 4.40 20.65
CA ALA B 141 37.81 3.05 20.10
C ALA B 141 37.08 3.02 18.76
N TYR B 157 45.38 15.17 15.92
CA TYR B 157 44.78 15.13 14.60
C TYR B 157 43.28 14.97 14.67
N ALA B 158 42.65 15.86 15.43
CA ALA B 158 41.20 15.82 15.58
C ALA B 158 40.51 16.29 14.31
N PHE B 159 39.37 15.68 14.01
CA PHE B 159 38.56 15.98 12.85
C PHE B 159 37.25 16.67 13.19
N GLY B 160 36.74 16.48 14.40
CA GLY B 160 35.55 17.16 14.89
C GLY B 160 35.39 16.86 16.35
N HIS B 161 34.47 17.60 16.98
CA HIS B 161 34.22 17.40 18.40
C HIS B 161 32.73 17.24 18.69
N LEU B 162 32.43 16.47 19.72
CA LEU B 162 31.06 16.11 20.03
C LEU B 162 30.22 17.34 20.34
N ALA B 163 28.98 17.36 19.85
CA ALA B 163 28.08 18.47 20.12
C ALA B 163 26.64 18.01 19.93
N TYR B 164 25.76 18.51 20.81
CA TYR B 164 24.32 18.20 20.75
C TYR B 164 23.59 19.48 20.36
N GLY B 165 23.17 19.56 19.10
CA GLY B 165 22.44 20.72 18.64
C GLY B 165 23.22 21.99 18.86
N LEU B 166 22.48 23.08 19.07
CA LEU B 166 23.05 24.37 19.44
C LEU B 166 22.74 24.74 20.88
N GLU B 167 22.16 23.82 21.65
CA GLU B 167 21.84 24.10 23.04
C GLU B 167 23.12 24.26 23.86
N GLU B 168 23.09 25.19 24.80
CA GLU B 168 24.20 25.37 25.72
C GLU B 168 24.31 24.15 26.63
N GLY B 169 25.55 23.75 26.92
CA GLY B 169 25.79 22.56 27.70
C GLY B 169 25.90 21.28 26.90
N GLY B 170 25.64 21.32 25.60
CA GLY B 170 25.81 20.15 24.75
C GLY B 170 27.08 20.24 23.92
N GLU B 171 27.99 21.11 24.33
CA GLU B 171 29.23 21.37 23.59
C GLU B 171 30.40 20.80 24.37
N TYR B 172 31.16 19.90 23.74
CA TYR B 172 32.30 19.24 24.37
C TYR B 172 33.52 19.38 23.47
N PRO B 173 34.23 20.50 23.55
CA PRO B 173 35.41 20.68 22.69
C PRO B 173 36.51 19.67 22.94
N GLU B 174 36.57 19.04 24.11
CA GLU B 174 37.64 18.12 24.44
C GLU B 174 37.35 16.68 24.04
N VAL B 175 36.13 16.37 23.62
CA VAL B 175 35.78 15.03 23.15
C VAL B 175 35.82 15.09 21.63
N VAL B 176 36.81 14.43 21.04
CA VAL B 176 37.10 14.56 19.61
C VAL B 176 37.16 13.18 18.96
N LYS B 177 36.90 13.17 17.66
CA LYS B 177 37.08 12.01 16.80
C LYS B 177 38.31 12.24 15.95
N GLU B 178 39.20 11.26 15.89
CA GLU B 178 40.49 11.42 15.23
C GLU B 178 40.52 10.66 13.92
N VAL B 179 41.30 11.17 12.98
CA VAL B 179 41.49 10.53 11.68
C VAL B 179 42.50 9.39 11.83
N ASP B 180 42.13 8.22 11.33
CA ASP B 180 42.97 7.04 11.38
C ASP B 180 42.91 6.32 10.05
N PRO B 181 44.05 5.89 9.51
CA PRO B 181 44.03 5.21 8.20
C PRO B 181 43.23 3.93 8.21
N ALA B 182 43.09 3.27 9.37
CA ALA B 182 42.31 2.05 9.44
C ALA B 182 40.83 2.29 9.20
N LEU B 183 40.35 3.51 9.43
CA LEU B 183 38.95 3.84 9.18
C LEU B 183 38.67 4.06 7.70
N PHE B 184 39.68 4.34 6.88
CA PHE B 184 39.46 4.81 5.53
C PHE B 184 40.08 3.94 4.45
N VAL B 185 41.16 3.25 4.72
CA VAL B 185 41.87 2.48 3.70
C VAL B 185 41.18 1.13 3.53
N GLY B 186 40.77 0.83 2.30
CA GLY B 186 40.06 -0.40 2.02
C GLY B 186 38.58 -0.35 2.28
N ARG B 187 38.02 0.81 2.58
CA ARG B 187 36.63 0.94 2.99
C ARG B 187 35.96 2.05 2.20
N ARG B 188 34.63 2.09 2.26
CA ARG B 188 33.83 3.08 1.57
C ARG B 188 33.24 4.06 2.56
N THR B 189 33.35 5.35 2.24
CA THR B 189 32.81 6.42 3.06
C THR B 189 31.86 7.24 2.20
N ALA B 190 30.64 7.43 2.70
CA ALA B 190 29.63 8.22 2.02
C ALA B 190 29.52 9.57 2.71
N ASN B 191 29.44 10.63 1.91
CA ASN B 191 29.34 12.00 2.41
C ASN B 191 28.09 12.63 1.79
N PHE B 192 27.10 12.92 2.63
CA PHE B 192 25.83 13.44 2.17
C PHE B 192 25.55 14.80 2.81
N GLY B 193 24.72 15.58 2.15
CA GLY B 193 24.32 16.89 2.62
C GLY B 193 23.93 17.78 1.47
N LYS B 194 23.09 18.76 1.77
CA LYS B 194 22.63 19.67 0.73
C LYS B 194 23.67 20.76 0.48
N THR B 195 23.45 21.52 -0.59
CA THR B 195 24.46 22.46 -1.07
C THR B 195 24.83 23.47 0.01
N GLY B 196 26.13 23.65 0.22
CA GLY B 196 26.64 24.69 1.09
C GLY B 196 26.80 24.30 2.54
N PHE B 197 26.81 23.01 2.88
CA PHE B 197 26.81 22.58 4.26
C PHE B 197 28.11 21.93 4.71
N GLY B 198 29.08 21.76 3.81
CA GLY B 198 30.42 21.42 4.25
C GLY B 198 31.02 20.10 3.81
N LYS B 199 30.47 19.48 2.76
CA LYS B 199 31.00 18.20 2.30
C LYS B 199 32.44 18.33 1.82
N SER B 200 32.71 19.33 0.97
CA SER B 200 34.06 19.49 0.44
C SER B 200 35.04 19.87 1.54
N ASN B 201 34.63 20.72 2.48
CA ASN B 201 35.49 21.06 3.60
C ASN B 201 35.84 19.83 4.43
N GLU B 202 34.85 18.98 4.68
CA GLU B 202 35.10 17.74 5.41
C GLU B 202 36.09 16.85 4.66
N ASN B 203 35.89 16.70 3.35
CA ASN B 203 36.80 15.88 2.56
C ASN B 203 38.22 16.42 2.62
N LYS B 204 38.38 17.74 2.45
CA LYS B 204 39.72 18.33 2.48
C LYS B 204 40.37 18.19 3.84
N VAL B 205 39.61 18.37 4.92
CA VAL B 205 40.19 18.20 6.26
C VAL B 205 40.68 16.77 6.45
N ILE B 206 39.86 15.79 6.09
CA ILE B 206 40.26 14.40 6.26
C ILE B 206 41.50 14.09 5.42
N LEU B 207 41.51 14.53 4.16
CA LEU B 207 42.63 14.22 3.28
C LEU B 207 43.92 14.91 3.75
N THR B 208 43.82 16.15 4.19
CA THR B 208 45.01 16.85 4.69
C THR B 208 45.56 16.18 5.95
N LEU B 209 44.68 15.79 6.87
CA LEU B 209 45.18 15.09 8.06
C LEU B 209 45.81 13.76 7.70
N LEU B 210 45.22 13.01 6.78
CA LEU B 210 45.82 11.75 6.35
C LEU B 210 47.19 11.97 5.73
N ALA B 211 47.31 12.96 4.83
CA ALA B 211 48.59 13.22 4.19
C ALA B 211 49.64 13.63 5.22
N HIS B 212 49.26 14.46 6.19
CA HIS B 212 50.23 14.92 7.18
C HIS B 212 50.69 13.79 8.10
N ALA B 213 49.75 13.03 8.65
CA ALA B 213 50.09 12.10 9.71
C ALA B 213 50.49 10.71 9.20
N PHE B 214 49.92 10.25 8.10
CA PHE B 214 50.17 8.91 7.58
C PHE B 214 50.57 9.05 6.11
N PRO B 215 51.84 9.35 5.83
CA PRO B 215 52.27 9.62 4.46
C PRO B 215 52.45 8.38 3.59
N ARG B 216 51.97 7.21 4.02
CA ARG B 216 52.09 5.99 3.24
C ARG B 216 50.82 5.66 2.47
N VAL B 217 49.84 6.56 2.45
CA VAL B 217 48.56 6.33 1.79
C VAL B 217 48.52 7.20 0.54
N GLY B 218 48.20 6.58 -0.60
CA GLY B 218 48.05 7.31 -1.83
C GLY B 218 46.60 7.68 -2.11
N MET B 219 46.42 8.73 -2.90
CA MET B 219 45.10 9.22 -3.23
C MET B 219 44.98 9.42 -4.73
N LEU B 220 43.80 9.10 -5.26
CA LEU B 220 43.45 9.35 -6.65
C LEU B 220 42.18 10.20 -6.65
N ILE B 221 42.33 11.50 -6.86
CA ILE B 221 41.22 12.44 -6.81
C ILE B 221 40.78 12.73 -8.24
N LEU B 222 39.48 12.56 -8.51
CA LEU B 222 38.93 12.85 -9.83
C LEU B 222 38.22 14.19 -9.76
N ASP B 223 38.96 15.27 -9.97
CA ASP B 223 38.45 16.61 -9.69
C ASP B 223 37.51 17.02 -10.83
N GLN B 224 36.22 16.80 -10.62
CA GLN B 224 35.22 17.16 -11.61
C GLN B 224 34.84 18.64 -11.56
N ASN B 225 35.19 19.35 -10.49
CA ASN B 225 34.83 20.75 -10.33
C ASN B 225 36.03 21.68 -10.29
N ALA B 226 37.25 21.16 -10.33
CA ALA B 226 38.46 21.98 -10.39
C ALA B 226 38.61 22.84 -9.12
N GLU B 227 38.55 22.16 -7.97
CA GLU B 227 38.64 22.83 -6.68
C GLU B 227 39.60 22.20 -5.69
N TYR B 228 40.19 21.05 -5.99
CA TYR B 228 41.01 20.34 -5.03
C TYR B 228 42.49 20.68 -5.11
N LEU B 229 42.92 21.42 -6.13
CA LEU B 229 44.31 21.87 -6.23
C LEU B 229 44.47 23.31 -5.77
N LEU B 230 43.74 24.23 -6.37
CA LEU B 230 43.78 25.64 -6.02
C LEU B 230 42.36 26.15 -5.86
N GLN B 231 42.15 26.99 -4.84
CA GLN B 231 40.83 27.53 -4.55
C GLN B 231 41.02 28.88 -3.89
N THR B 232 40.86 29.95 -4.68
CA THR B 232 41.08 31.31 -4.19
C THR B 232 39.79 32.09 -3.93
N GLU B 233 38.63 31.56 -4.33
CA GLU B 233 37.39 32.26 -4.09
C GLU B 233 36.90 32.02 -2.66
N ALA B 234 35.99 32.88 -2.22
CA ALA B 234 35.44 32.82 -0.86
C ALA B 234 34.27 31.86 -0.74
N THR B 235 33.88 31.20 -1.84
CA THR B 235 32.74 30.29 -1.82
C THR B 235 33.10 28.90 -1.33
N THR B 236 34.37 28.64 -1.03
CA THR B 236 34.80 27.35 -0.50
C THR B 236 36.15 27.52 0.17
N SER B 237 36.62 26.44 0.79
CA SER B 237 37.89 26.43 1.50
C SER B 237 39.06 26.21 0.54
N PRO B 238 40.28 26.50 0.99
CA PRO B 238 41.44 26.40 0.09
C PRO B 238 41.64 24.99 -0.44
N GLY B 239 42.62 24.86 -1.34
CA GLY B 239 42.90 23.61 -2.00
C GLY B 239 44.07 22.84 -1.37
N LEU B 240 44.29 21.65 -1.93
CA LEU B 240 45.32 20.77 -1.39
C LEU B 240 46.72 21.33 -1.62
N ALA B 241 46.95 21.99 -2.75
CA ALA B 241 48.28 22.57 -2.98
C ALA B 241 48.61 23.63 -1.94
N GLN B 242 47.66 24.51 -1.64
CA GLN B 242 47.87 25.53 -0.61
C GLN B 242 47.99 24.91 0.78
N ALA B 243 47.19 23.89 1.09
CA ALA B 243 47.31 23.23 2.38
C ALA B 243 48.68 22.57 2.53
N PHE B 244 49.17 21.91 1.49
CA PHE B 244 50.47 21.27 1.55
C PHE B 244 51.59 22.29 1.65
N LYS B 245 51.47 23.42 0.96
CA LYS B 245 52.47 24.48 1.13
C LYS B 245 52.47 25.01 2.55
N ALA B 246 51.29 25.18 3.13
CA ALA B 246 51.20 25.67 4.51
C ALA B 246 51.84 24.68 5.48
N LEU B 247 51.60 23.39 5.29
CA LEU B 247 52.12 22.38 6.20
C LEU B 247 53.53 21.91 5.87
N GLY B 248 54.11 22.40 4.77
CA GLY B 248 55.48 22.02 4.43
C GLY B 248 55.63 20.64 3.84
N ILE B 249 54.62 20.15 3.12
CA ILE B 249 54.66 18.84 2.48
C ILE B 249 55.11 19.02 1.03
N ARG B 250 56.21 18.35 0.67
CA ARG B 250 56.87 18.59 -0.60
C ARG B 250 56.92 17.33 -1.44
N GLY B 251 56.78 17.49 -2.75
CA GLY B 251 57.00 16.41 -3.69
C GLY B 251 56.04 15.24 -3.58
N ARG B 252 54.75 15.52 -3.41
CA ARG B 252 53.77 14.46 -3.28
C ARG B 252 52.55 14.60 -4.18
N ILE B 253 52.39 15.73 -4.87
CA ILE B 253 51.21 15.98 -5.71
C ILE B 253 51.60 15.80 -7.16
N ARG B 254 50.87 14.94 -7.87
CA ARG B 254 51.03 14.74 -9.31
C ARG B 254 49.75 15.21 -9.98
N PHE B 255 49.84 16.31 -10.74
CA PHE B 255 48.66 16.96 -11.32
C PHE B 255 48.69 16.75 -12.83
N TYR B 256 47.61 16.16 -13.35
CA TYR B 256 47.48 15.86 -14.77
C TYR B 256 46.39 16.73 -15.37
N THR B 257 46.72 17.42 -16.47
CA THR B 257 45.78 18.34 -17.08
C THR B 257 46.12 18.52 -18.55
N ALA B 258 45.16 19.06 -19.30
CA ALA B 258 45.36 19.45 -20.69
C ALA B 258 45.51 20.96 -20.85
N ARG B 259 45.67 21.69 -19.75
CA ARG B 259 45.84 23.14 -19.73
C ARG B 259 47.10 23.49 -18.93
N GLU B 260 48.20 22.83 -19.31
CA GLU B 260 49.42 22.88 -18.52
C GLU B 260 49.93 24.31 -18.35
N GLU B 261 49.90 25.11 -19.41
CA GLU B 261 50.44 26.46 -19.31
C GLU B 261 49.61 27.34 -18.39
N ALA B 262 48.28 27.31 -18.55
CA ALA B 262 47.42 28.10 -17.68
C ALA B 262 47.58 27.69 -16.22
N TRP B 263 47.62 26.38 -15.97
CA TRP B 263 47.76 25.92 -14.59
C TRP B 263 49.14 26.24 -14.02
N ALA B 264 50.20 26.22 -14.84
CA ALA B 264 51.50 26.65 -14.34
C ALA B 264 51.50 28.13 -13.99
N ARG B 265 50.87 28.97 -14.82
CA ARG B 265 50.76 30.38 -14.47
C ARG B 265 50.03 30.58 -13.15
N ARG B 266 48.89 29.90 -12.99
CA ARG B 266 48.13 30.04 -11.75
C ARG B 266 48.93 29.55 -10.55
N LEU B 267 49.61 28.42 -10.70
CA LEU B 267 50.40 27.88 -9.59
C LEU B 267 51.51 28.82 -9.20
N LYS B 268 52.23 29.37 -10.17
CA LYS B 268 53.27 30.34 -9.85
C LYS B 268 52.67 31.56 -9.13
N GLU B 269 51.56 32.08 -9.65
CA GLU B 269 50.97 33.27 -9.05
C GLU B 269 50.55 33.04 -7.61
N HIS B 270 50.00 31.87 -7.30
CA HIS B 270 49.43 31.66 -5.98
C HIS B 270 50.30 30.86 -5.02
N LEU B 271 51.45 30.35 -5.46
CA LEU B 271 52.36 29.67 -4.55
C LEU B 271 53.77 30.25 -4.56
N GLY B 272 54.04 31.24 -5.41
CA GLY B 272 55.36 31.82 -5.47
C GLY B 272 56.25 31.15 -6.51
N THR B 273 57.54 31.42 -6.40
CA THR B 273 58.51 30.90 -7.37
C THR B 273 58.85 29.43 -7.15
N GLU B 274 58.81 28.95 -5.91
CA GLU B 274 59.21 27.59 -5.58
C GLU B 274 58.05 26.60 -5.65
N TRP B 275 56.97 26.95 -6.38
CA TRP B 275 55.81 26.09 -6.44
C TRP B 275 56.14 24.71 -7.00
N ARG B 276 57.22 24.59 -7.76
CA ARG B 276 57.58 23.30 -8.34
C ARG B 276 58.12 22.32 -7.31
N GLU B 277 58.37 22.77 -6.08
CA GLU B 277 58.74 21.86 -5.01
C GLU B 277 57.55 21.16 -4.38
N TYR B 278 56.33 21.62 -4.67
CA TYR B 278 55.12 21.05 -4.11
C TYR B 278 54.25 20.36 -5.14
N VAL B 279 54.13 20.90 -6.34
CA VAL B 279 53.26 20.38 -7.38
C VAL B 279 54.08 20.09 -8.62
N GLU B 280 53.86 18.91 -9.22
CA GLU B 280 54.46 18.54 -10.49
C GLU B 280 53.35 18.37 -11.51
N VAL B 281 53.40 19.16 -12.57
CA VAL B 281 52.33 19.22 -13.57
C VAL B 281 52.71 18.37 -14.77
N LEU B 282 51.80 17.49 -15.18
CA LEU B 282 52.02 16.61 -16.32
C LEU B 282 50.86 16.71 -17.28
N PRO B 283 51.10 16.51 -18.57
CA PRO B 283 50.04 16.64 -19.57
C PRO B 283 49.23 15.36 -19.75
N LEU B 284 48.02 15.54 -20.24
CA LEU B 284 47.13 14.45 -20.63
C LEU B 284 47.08 14.28 -22.14
N LYS B 285 48.22 14.48 -22.80
CA LYS B 285 48.36 14.33 -24.23
C LYS B 285 49.54 13.41 -24.52
N VAL B 286 49.44 12.67 -25.63
CA VAL B 286 50.49 11.75 -26.04
C VAL B 286 50.57 11.75 -27.56
N ASP B 287 51.73 11.36 -28.07
CA ASP B 287 51.94 11.21 -29.50
C ASP B 287 51.58 9.79 -29.91
N PHE B 288 50.56 9.64 -30.74
CA PHE B 288 50.09 8.32 -31.11
C PHE B 288 50.89 7.70 -32.25
N TYR B 289 51.77 8.46 -32.90
CA TYR B 289 52.72 7.85 -33.83
C TYR B 289 53.86 7.19 -33.08
N HIS B 290 54.01 7.51 -31.80
CA HIS B 290 55.00 6.84 -30.95
C HIS B 290 54.40 5.69 -30.17
N PHE B 291 53.07 5.64 -30.02
CA PHE B 291 52.38 4.56 -29.31
C PHE B 291 51.21 4.05 -30.16
N PRO B 292 51.48 3.54 -31.36
CA PRO B 292 50.40 2.96 -32.16
C PRO B 292 49.72 1.79 -31.48
N GLU B 293 50.47 0.99 -30.72
CA GLU B 293 49.85 -0.08 -29.95
C GLU B 293 48.85 0.46 -28.95
N LEU B 294 49.18 1.58 -28.30
CA LEU B 294 48.24 2.22 -27.39
C LEU B 294 47.02 2.76 -28.12
N ALA B 295 47.20 3.33 -29.31
CA ALA B 295 46.04 3.78 -30.08
C ALA B 295 45.11 2.62 -30.40
N VAL B 296 45.67 1.51 -30.87
CA VAL B 296 44.86 0.34 -31.21
C VAL B 296 44.17 -0.20 -29.97
N ALA B 297 44.89 -0.26 -28.84
CA ALA B 297 44.30 -0.76 -27.61
C ALA B 297 43.14 0.12 -27.15
N LEU B 298 43.29 1.44 -27.24
CA LEU B 298 42.19 2.32 -26.86
C LEU B 298 40.98 2.11 -27.77
N ALA B 299 41.20 2.02 -29.08
CA ALA B 299 40.09 1.80 -29.99
C ALA B 299 39.40 0.48 -29.71
N TYR B 300 40.16 -0.57 -29.35
CA TYR B 300 39.55 -1.86 -29.06
C TYR B 300 38.78 -1.82 -27.74
N GLN B 301 39.35 -1.20 -26.71
CA GLN B 301 38.71 -1.17 -25.39
C GLN B 301 37.47 -0.30 -25.36
N ARG B 302 37.35 0.67 -26.27
CA ARG B 302 36.17 1.52 -26.29
C ARG B 302 34.89 0.69 -26.46
N ARG B 303 34.89 -0.26 -27.38
CA ARG B 303 33.69 -1.06 -27.64
C ARG B 303 33.27 -1.83 -26.39
N ARG B 304 34.22 -2.46 -25.72
CA ARG B 304 33.90 -3.19 -24.50
C ARG B 304 33.41 -2.25 -23.41
N LEU B 305 34.03 -1.08 -23.28
CA LEU B 305 33.60 -0.12 -22.28
C LEU B 305 32.19 0.42 -22.54
N GLN B 306 31.72 0.38 -23.78
CA GLN B 306 30.34 0.77 -24.05
C GLN B 306 29.44 -0.44 -24.28
N GLY B 307 29.85 -1.62 -23.81
CA GLY B 307 29.01 -2.79 -23.73
C GLY B 307 28.97 -3.65 -24.97
N ALA B 308 29.43 -3.14 -26.11
CA ALA B 308 29.34 -3.88 -27.37
C ALA B 308 30.44 -4.95 -27.44
N GLU B 309 30.51 -5.62 -28.60
CA GLU B 309 31.53 -6.62 -28.86
C GLU B 309 32.47 -6.11 -29.94
N PRO B 310 33.78 -6.21 -29.74
CA PRO B 310 34.73 -5.70 -30.73
C PRO B 310 34.61 -6.43 -32.06
N PRO B 311 34.80 -5.73 -33.17
CA PRO B 311 34.78 -6.40 -34.47
C PRO B 311 36.05 -7.20 -34.72
N GLN B 312 35.96 -8.09 -35.72
CA GLN B 312 37.07 -8.98 -36.04
C GLN B 312 38.28 -8.20 -36.52
N TYR B 313 38.08 -7.13 -37.30
CA TYR B 313 39.22 -6.35 -37.78
C TYR B 313 39.89 -5.56 -36.66
N LEU B 314 39.20 -5.31 -35.55
CA LEU B 314 39.84 -4.69 -34.40
C LEU B 314 40.52 -5.71 -33.51
N GLU B 315 39.93 -6.90 -33.35
CA GLU B 315 40.61 -7.95 -32.61
C GLU B 315 41.91 -8.38 -33.30
N ASN B 316 41.88 -8.46 -34.64
CA ASN B 316 43.09 -8.80 -35.39
C ASN B 316 44.22 -7.83 -35.07
N ALA B 317 43.96 -6.54 -35.20
CA ALA B 317 45.00 -5.55 -34.90
C ALA B 317 45.42 -5.60 -33.45
N PHE B 318 44.45 -5.71 -32.53
CA PHE B 318 44.76 -5.75 -31.11
C PHE B 318 45.74 -6.88 -30.79
N TYR B 319 45.51 -8.05 -31.37
CA TYR B 319 46.35 -9.20 -31.06
C TYR B 319 47.61 -9.31 -31.91
N ASN B 320 47.70 -8.58 -33.03
CA ASN B 320 48.80 -8.79 -33.96
C ASN B 320 49.67 -7.57 -34.25
N LEU B 321 49.37 -6.40 -33.68
CA LEU B 321 50.18 -5.23 -33.99
C LEU B 321 51.61 -5.37 -33.49
N GLU B 322 51.83 -6.10 -32.39
CA GLU B 322 53.20 -6.33 -31.92
C GLU B 322 54.03 -7.04 -32.97
N ASP B 323 53.46 -8.07 -33.61
CA ASP B 323 54.14 -8.72 -34.72
C ASP B 323 54.28 -7.77 -35.91
N TRP B 324 53.22 -7.01 -36.21
CA TRP B 324 53.27 -6.11 -37.35
C TRP B 324 54.38 -5.07 -37.24
N LYS B 325 54.75 -4.68 -36.02
CA LYS B 325 55.76 -3.63 -35.87
C LYS B 325 57.07 -3.97 -36.57
N HIS B 326 57.37 -5.26 -36.73
CA HIS B 326 58.59 -5.67 -37.41
C HIS B 326 58.44 -5.73 -38.93
N ILE B 327 57.26 -5.44 -39.47
CA ILE B 327 57.03 -5.42 -40.90
C ILE B 327 56.75 -3.98 -41.30
N PRO B 328 57.69 -3.29 -41.96
CA PRO B 328 57.44 -1.90 -42.36
C PRO B 328 56.26 -1.74 -43.28
N ASP B 329 55.91 -2.76 -44.06
CA ASP B 329 54.76 -2.63 -44.96
C ASP B 329 53.45 -2.56 -44.19
N ARG B 330 53.34 -3.31 -43.08
CA ARG B 330 52.16 -3.18 -42.23
C ARG B 330 52.20 -1.89 -41.43
N MET B 331 53.39 -1.51 -40.94
CA MET B 331 53.49 -0.27 -40.18
C MET B 331 53.14 0.95 -41.02
N ALA B 332 53.44 0.91 -42.32
CA ALA B 332 53.04 1.99 -43.21
C ALA B 332 51.54 2.16 -43.27
N TYR B 333 50.78 1.07 -43.35
CA TYR B 333 49.32 1.15 -43.28
C TYR B 333 48.82 1.62 -41.93
N VAL B 334 49.46 1.21 -40.84
CA VAL B 334 49.04 1.69 -39.53
C VAL B 334 49.21 3.21 -39.44
N TYR B 335 50.38 3.71 -39.85
CA TYR B 335 50.62 5.15 -39.82
C TYR B 335 49.72 5.88 -40.80
N GLY B 336 49.43 5.29 -41.95
CA GLY B 336 48.49 5.88 -42.87
C GLY B 336 47.09 5.99 -42.31
N ALA B 337 46.64 4.97 -41.57
CA ALA B 337 45.35 5.06 -40.90
C ALA B 337 45.35 6.18 -39.87
N LEU B 338 46.43 6.30 -39.10
CA LEU B 338 46.52 7.39 -38.13
C LEU B 338 46.47 8.76 -38.82
N ARG B 339 47.16 8.89 -39.95
CA ARG B 339 47.16 10.17 -40.67
C ARG B 339 45.82 10.45 -41.34
N LYS B 340 45.11 9.40 -41.76
CA LYS B 340 43.79 9.58 -42.35
C LYS B 340 42.75 9.97 -41.31
N ALA B 341 42.88 9.46 -40.09
CA ALA B 341 41.96 9.83 -39.03
C ALA B 341 42.07 11.30 -38.62
N GLY B 342 43.16 11.97 -38.99
CA GLY B 342 43.34 13.38 -38.70
C GLY B 342 44.43 13.71 -37.71
N LEU B 343 45.21 12.72 -37.27
CA LEU B 343 46.23 12.95 -36.26
C LEU B 343 47.46 13.58 -36.91
N THR B 344 47.87 14.73 -36.39
CA THR B 344 48.98 15.47 -36.98
C THR B 344 50.32 14.86 -36.58
N PRO B 345 51.16 14.45 -37.54
CA PRO B 345 52.49 13.97 -37.20
C PRO B 345 53.45 15.13 -36.91
N ARG B 346 54.52 14.81 -36.20
CA ARG B 346 55.54 15.80 -35.94
C ARG B 346 56.28 16.15 -37.23
N LYS B 347 56.85 17.35 -37.26
CA LYS B 347 57.54 17.82 -38.47
C LYS B 347 58.69 16.88 -38.81
N GLY B 348 58.70 16.42 -40.06
CA GLY B 348 59.79 15.60 -40.56
C GLY B 348 59.64 14.11 -40.41
N LEU B 349 58.46 13.62 -40.07
CA LEU B 349 58.26 12.18 -39.95
C LEU B 349 58.29 11.52 -41.32
N LYS B 350 58.92 10.35 -41.40
CA LYS B 350 59.15 9.66 -42.65
C LYS B 350 58.56 8.26 -42.62
N ILE B 351 57.95 7.85 -43.73
CA ILE B 351 57.46 6.49 -43.90
C ILE B 351 58.38 5.78 -44.90
N LYS B 352 58.26 4.45 -44.95
CA LYS B 352 59.11 3.61 -45.78
C LYS B 352 58.28 2.59 -46.55
N TYR B 353 57.21 3.05 -47.19
CA TYR B 353 56.40 2.16 -48.01
C TYR B 353 57.24 1.59 -49.15
N LYS B 354 57.10 0.29 -49.39
CA LYS B 354 57.92 -0.43 -50.36
C LYS B 354 59.39 -0.16 -49.99
N ASN B 355 60.25 0.19 -50.94
CA ASN B 355 61.63 0.55 -50.67
C ASN B 355 61.86 2.05 -50.88
N GLU B 356 60.84 2.84 -50.58
CA GLU B 356 60.88 4.28 -50.78
C GLU B 356 60.52 4.98 -49.48
N ASN B 357 60.93 6.24 -49.37
CA ASN B 357 60.70 7.06 -48.19
C ASN B 357 59.76 8.21 -48.52
N TYR B 358 58.85 8.50 -47.60
CA TYR B 358 57.90 9.59 -47.76
C TYR B 358 57.98 10.49 -46.53
N ASP B 359 57.29 11.64 -46.62
CA ASP B 359 57.24 12.61 -45.53
C ASP B 359 55.76 12.99 -45.37
N ILE B 360 55.05 12.23 -44.54
CA ILE B 360 53.62 12.46 -44.37
C ILE B 360 53.31 13.78 -43.67
N SER B 361 54.31 14.41 -43.06
CA SER B 361 54.10 15.75 -42.51
C SER B 361 53.96 16.79 -43.61
N GLU B 362 54.32 16.45 -44.85
CA GLU B 362 54.16 17.33 -46.00
C GLU B 362 52.96 16.87 -46.82
N GLU B 363 52.09 17.81 -47.17
CA GLU B 363 50.86 17.48 -47.87
C GLU B 363 51.12 16.94 -49.28
N LYS B 364 52.34 17.10 -49.79
CA LYS B 364 52.68 16.60 -51.12
C LYS B 364 53.01 15.11 -51.07
N SER B 365 54.05 14.74 -50.31
CA SER B 365 54.38 13.34 -50.15
C SER B 365 53.29 12.55 -49.44
N TRP B 366 52.44 13.21 -48.65
CA TRP B 366 51.29 12.50 -48.09
C TRP B 366 50.39 11.96 -49.19
N GLY B 367 50.01 12.82 -50.14
CA GLY B 367 49.23 12.37 -51.27
C GLY B 367 49.98 11.39 -52.16
N ASN B 368 51.29 11.59 -52.31
CA ASN B 368 52.10 10.65 -53.08
C ASN B 368 51.97 9.23 -52.50
N LEU B 369 52.17 9.10 -51.19
CA LEU B 369 52.04 7.80 -50.54
C LEU B 369 50.60 7.29 -50.61
N GLN B 370 49.63 8.17 -50.38
CA GLN B 370 48.22 7.80 -50.39
C GLN B 370 47.78 7.26 -51.74
N GLU B 371 48.39 7.72 -52.84
CA GLU B 371 48.10 7.16 -54.15
C GLU B 371 48.97 5.97 -54.51
N ALA B 372 50.20 5.90 -53.99
CA ALA B 372 51.04 4.73 -54.19
C ALA B 372 50.50 3.51 -53.47
N MET B 373 49.70 3.68 -52.43
CA MET B 373 49.06 2.56 -51.75
C MET B 373 47.89 2.04 -52.58
N GLY B 384 44.66 -8.31 -45.97
CA GLY B 384 45.63 -7.75 -45.06
C GLY B 384 45.01 -7.13 -43.82
N GLY B 385 45.57 -7.45 -42.66
CA GLY B 385 45.04 -6.88 -41.43
C GLY B 385 45.23 -5.38 -41.33
N ALA B 386 46.42 -4.90 -41.70
CA ALA B 386 46.69 -3.46 -41.59
C ALA B 386 45.95 -2.67 -42.67
N ARG B 387 45.76 -3.27 -43.85
CA ARG B 387 45.04 -2.58 -44.91
C ARG B 387 43.60 -2.29 -44.51
N GLU B 388 42.98 -3.21 -43.77
CA GLU B 388 41.61 -2.96 -43.30
C GLU B 388 41.57 -1.85 -42.26
N LEU B 389 42.59 -1.76 -41.41
CA LEU B 389 42.70 -0.62 -40.50
C LEU B 389 42.81 0.68 -41.27
N TYR B 390 43.63 0.69 -42.33
CA TYR B 390 43.75 1.89 -43.15
C TYR B 390 42.44 2.23 -43.84
N SER B 391 41.68 1.22 -44.25
CA SER B 391 40.41 1.45 -44.92
C SER B 391 39.33 1.95 -43.97
N ARG B 392 39.39 1.54 -42.71
CA ARG B 392 38.42 1.96 -41.69
C ARG B 392 39.03 3.00 -40.75
N ALA B 393 39.81 3.93 -41.30
CA ALA B 393 40.57 4.86 -40.48
C ALA B 393 39.69 5.73 -39.60
N LYS B 394 38.47 6.03 -40.02
CA LYS B 394 37.61 6.91 -39.24
C LYS B 394 37.30 6.36 -37.86
N VAL B 395 37.75 5.14 -37.54
CA VAL B 395 37.55 4.59 -36.21
C VAL B 395 38.49 5.24 -35.19
N PHE B 396 39.51 5.96 -35.65
CA PHE B 396 40.51 6.54 -34.76
C PHE B 396 40.28 8.02 -34.48
N SER B 397 39.21 8.61 -35.04
CA SER B 397 39.04 10.04 -34.95
C SER B 397 38.91 10.52 -33.50
N PHE B 398 38.25 9.75 -32.65
CA PHE B 398 38.11 10.16 -31.25
C PHE B 398 39.46 10.35 -30.57
N LEU B 399 40.51 9.69 -31.06
CA LEU B 399 41.82 9.87 -30.46
C LEU B 399 42.31 11.30 -30.57
N ARG B 400 41.68 12.12 -31.41
CA ARG B 400 42.02 13.53 -31.49
C ARG B 400 41.86 14.23 -30.15
N ALA B 401 41.07 13.66 -29.24
CA ALA B 401 40.93 14.26 -27.92
C ALA B 401 42.20 14.13 -27.07
N PHE B 402 43.09 13.18 -27.39
CA PHE B 402 44.29 12.96 -26.57
C PHE B 402 45.59 13.13 -27.33
N HIS B 403 45.57 13.47 -28.61
CA HIS B 403 46.77 13.47 -29.42
C HIS B 403 47.46 14.84 -29.39
N ALA B 404 48.78 14.81 -29.30
CA ALA B 404 49.62 16.00 -29.40
C ALA B 404 51.00 15.58 -29.89
N PRO B 405 51.45 16.10 -31.04
CA PRO B 405 52.73 15.64 -31.60
C PRO B 405 53.90 15.92 -30.67
N GLY B 406 54.85 14.99 -30.65
CA GLY B 406 56.08 15.16 -29.89
C GLY B 406 55.93 15.19 -28.39
N LYS B 407 55.12 14.30 -27.82
CA LYS B 407 54.95 14.20 -26.38
C LYS B 407 55.81 13.07 -25.79
N GLU B 408 55.60 11.85 -26.27
CA GLU B 408 56.50 10.73 -25.97
C GLU B 408 56.48 10.36 -24.48
N ALA B 409 55.29 10.25 -23.92
CA ALA B 409 55.13 9.79 -22.54
C ALA B 409 53.71 9.28 -22.36
N ASN B 410 53.59 8.01 -21.96
CA ASN B 410 52.29 7.39 -21.79
C ASN B 410 51.76 7.73 -20.39
N PHE B 411 50.78 8.63 -20.32
CA PHE B 411 50.28 9.08 -19.03
C PHE B 411 49.47 8.02 -18.30
N LEU B 412 48.83 7.09 -19.01
CA LEU B 412 48.20 5.97 -18.33
C LEU B 412 49.22 5.12 -17.58
N GLU B 413 50.33 4.79 -18.22
CA GLU B 413 51.41 4.08 -17.55
C GLU B 413 52.02 4.90 -16.43
N THR B 414 52.16 6.22 -16.62
CA THR B 414 52.72 7.05 -15.57
C THR B 414 51.83 7.06 -14.33
N ILE B 415 50.51 7.17 -14.51
CA ILE B 415 49.59 7.12 -13.37
C ILE B 415 49.62 5.75 -12.73
N LYS B 416 49.66 4.70 -13.53
CA LYS B 416 49.74 3.35 -12.98
C LYS B 416 50.97 3.18 -12.12
N GLU B 417 52.12 3.65 -12.59
CA GLU B 417 53.34 3.58 -11.80
C GLU B 417 53.25 4.44 -10.55
N ASP B 418 52.67 5.63 -10.65
CA ASP B 418 52.53 6.49 -9.48
C ASP B 418 51.74 5.79 -8.38
N LEU B 419 50.65 5.12 -8.73
CA LEU B 419 49.80 4.53 -7.72
C LEU B 419 50.23 3.13 -7.27
N LEU B 420 50.83 2.33 -8.16
CA LEU B 420 51.15 0.95 -7.84
C LEU B 420 52.59 0.58 -8.22
N GLY B 421 53.52 1.52 -8.04
CA GLY B 421 54.88 1.27 -8.43
C GLY B 421 55.61 0.36 -7.46
N GLU B 422 56.69 -0.24 -7.96
CA GLU B 422 57.52 -1.10 -7.13
C GLU B 422 58.21 -0.30 -6.03
N LYS B 423 58.76 0.85 -6.39
CA LYS B 423 59.44 1.69 -5.42
C LYS B 423 58.56 2.79 -4.86
N THR B 424 57.50 3.18 -5.57
CA THR B 424 56.58 4.18 -5.04
C THR B 424 55.86 3.70 -3.80
N GLU B 425 55.88 2.39 -3.53
CA GLU B 425 55.35 1.88 -2.28
C GLU B 425 56.06 2.55 -1.12
N GLY B 426 55.30 2.89 -0.08
CA GLY B 426 55.86 3.73 0.96
C GLY B 426 55.51 5.20 0.76
N GLU B 427 56.40 5.94 0.11
CA GLU B 427 56.32 7.39 0.02
C GLU B 427 54.89 7.93 -0.04
N GLY B 428 54.03 7.31 -0.84
CA GLY B 428 52.66 7.77 -0.97
C GLY B 428 52.55 8.94 -1.93
N LYS B 429 51.59 8.89 -2.85
CA LYS B 429 51.47 9.89 -3.89
C LYS B 429 50.02 10.35 -4.02
N VAL B 430 49.84 11.63 -4.30
CA VAL B 430 48.52 12.24 -4.42
C VAL B 430 48.35 12.65 -5.88
N VAL B 431 47.61 11.83 -6.64
CA VAL B 431 47.35 12.10 -8.04
C VAL B 431 46.00 12.80 -8.15
N ILE B 432 45.97 13.92 -8.85
CA ILE B 432 44.75 14.70 -9.07
C ILE B 432 44.52 14.82 -10.56
N LEU B 433 43.30 14.50 -11.00
CA LEU B 433 42.97 14.52 -12.42
C LEU B 433 42.02 15.67 -12.71
N ASP B 434 42.45 16.58 -13.59
CA ASP B 434 41.67 17.74 -14.02
C ASP B 434 40.74 17.30 -15.15
N LEU B 435 39.60 16.71 -14.74
CA LEU B 435 38.68 16.13 -15.70
C LEU B 435 38.10 17.12 -16.69
N PRO B 436 37.69 18.34 -16.30
CA PRO B 436 37.05 19.25 -17.26
C PRO B 436 37.88 19.54 -18.49
N SER B 437 39.21 19.59 -18.37
CA SER B 437 40.05 19.93 -19.50
C SER B 437 39.95 18.94 -20.65
N LEU B 438 39.40 17.74 -20.41
CA LEU B 438 39.25 16.74 -21.45
C LEU B 438 37.92 16.85 -22.19
N GLY B 439 37.02 17.72 -21.75
CA GLY B 439 35.76 17.87 -22.46
C GLY B 439 34.92 16.61 -22.38
N GLU B 440 34.58 16.05 -23.55
CA GLU B 440 33.70 14.90 -23.62
C GLU B 440 34.44 13.57 -23.64
N ALA B 441 35.77 13.57 -23.56
CA ALA B 441 36.54 12.33 -23.46
C ALA B 441 36.80 11.91 -22.03
N ALA B 442 36.33 12.71 -21.06
CA ALA B 442 36.60 12.42 -19.65
C ALA B 442 35.95 11.11 -19.21
N ASP B 443 34.75 10.80 -19.69
CA ASP B 443 34.08 9.57 -19.28
C ASP B 443 34.88 8.35 -19.71
N PHE B 444 35.26 8.29 -20.99
CA PHE B 444 36.05 7.17 -21.47
C PHE B 444 37.39 7.10 -20.77
N PHE B 445 38.05 8.25 -20.57
CA PHE B 445 39.33 8.24 -19.89
C PHE B 445 39.21 7.68 -18.47
N THR B 446 38.18 8.11 -17.73
CA THR B 446 38.01 7.64 -16.37
C THR B 446 37.72 6.14 -16.33
N LEU B 447 36.83 5.67 -17.20
CA LEU B 447 36.52 4.24 -17.21
C LEU B 447 37.76 3.41 -17.55
N ARG B 448 38.51 3.83 -18.57
CA ARG B 448 39.72 3.12 -18.95
C ARG B 448 40.73 3.09 -17.81
N LEU B 449 40.94 4.24 -17.16
CA LEU B 449 41.92 4.29 -16.08
C LEU B 449 41.52 3.41 -14.91
N MET B 450 40.24 3.45 -14.52
CA MET B 450 39.81 2.62 -13.39
C MET B 450 39.93 1.14 -13.72
N ASP B 451 39.55 0.74 -14.94
CA ASP B 451 39.67 -0.67 -15.31
C ASP B 451 41.13 -1.11 -15.28
N LEU B 452 42.03 -0.31 -15.85
CA LEU B 452 43.44 -0.65 -15.88
C LEU B 452 44.01 -0.75 -14.45
N LEU B 453 43.68 0.21 -13.59
CA LEU B 453 44.19 0.19 -12.23
C LEU B 453 43.68 -1.02 -11.46
N PHE B 454 42.40 -1.36 -11.60
CA PHE B 454 41.87 -2.51 -10.89
C PHE B 454 42.52 -3.80 -11.38
N ASP B 455 42.69 -3.94 -12.70
CA ASP B 455 43.34 -5.15 -13.22
C ASP B 455 44.77 -5.27 -12.69
N ARG B 456 45.51 -4.17 -12.67
CA ARG B 456 46.87 -4.22 -12.14
C ARG B 456 46.86 -4.58 -10.66
N ALA B 457 45.96 -4.00 -9.88
CA ALA B 457 45.89 -4.31 -8.46
C ALA B 457 45.59 -5.79 -8.23
N VAL B 458 44.67 -6.36 -9.01
CA VAL B 458 44.38 -7.78 -8.88
C VAL B 458 45.60 -8.61 -9.23
N GLU B 459 46.32 -8.22 -10.29
CA GLU B 459 47.51 -8.98 -10.68
C GLU B 459 48.61 -8.91 -9.63
N LEU B 460 48.68 -7.82 -8.88
CA LEU B 460 49.73 -7.63 -7.87
C LEU B 460 49.39 -8.26 -6.53
N TYR B 461 48.22 -8.87 -6.39
CA TYR B 461 47.82 -9.45 -5.12
C TYR B 461 48.84 -10.48 -4.64
N GLY B 462 49.38 -10.27 -3.45
CA GLY B 462 50.38 -11.14 -2.87
C GLY B 462 51.79 -10.59 -2.88
N LYS B 463 52.06 -9.55 -3.66
CA LYS B 463 53.36 -8.91 -3.68
C LYS B 463 53.34 -7.51 -3.09
N ARG B 464 52.32 -6.72 -3.40
CA ARG B 464 52.12 -5.42 -2.75
C ARG B 464 50.63 -5.09 -2.76
N GLN B 465 50.20 -4.37 -1.73
CA GLN B 465 48.81 -3.93 -1.64
C GLN B 465 48.66 -2.58 -2.30
N ALA B 466 47.53 -2.39 -2.98
CA ALA B 466 47.28 -1.12 -3.66
C ALA B 466 47.29 0.03 -2.66
N ASN B 467 46.49 -0.09 -1.60
CA ASN B 467 46.47 0.87 -0.49
C ASN B 467 46.40 2.31 -1.00
N PHE B 468 45.32 2.61 -1.70
CA PHE B 468 45.06 4.00 -2.10
C PHE B 468 43.56 4.25 -2.09
N LEU B 469 43.22 5.53 -2.03
CA LEU B 469 41.85 6.00 -1.83
C LEU B 469 41.38 6.73 -3.07
N VAL B 470 40.28 6.28 -3.66
CA VAL B 470 39.68 6.93 -4.81
C VAL B 470 38.66 7.94 -4.32
N VAL B 471 38.89 9.22 -4.62
CA VAL B 471 38.05 10.31 -4.16
C VAL B 471 37.27 10.85 -5.35
N LEU B 472 35.94 10.84 -5.22
CA LEU B 472 35.08 11.30 -6.31
C LEU B 472 33.90 12.09 -5.76
N GLU B 473 33.77 13.33 -6.21
CA GLU B 473 32.60 14.14 -5.93
C GLU B 473 31.57 13.95 -7.03
N GLU B 474 30.32 14.32 -6.74
CA GLU B 474 29.21 14.10 -7.65
C GLU B 474 29.18 12.64 -8.10
N ALA B 475 29.27 11.75 -7.12
CA ALA B 475 29.42 10.33 -7.41
C ALA B 475 28.25 9.75 -8.19
N HIS B 476 27.08 10.38 -8.15
CA HIS B 476 25.94 9.87 -8.89
C HIS B 476 26.18 9.88 -10.39
N ASN B 477 27.10 10.70 -10.88
CA ASN B 477 27.46 10.71 -12.28
C ASN B 477 28.44 9.60 -12.66
N PHE B 478 29.05 8.95 -11.67
CA PHE B 478 30.06 7.91 -11.90
C PHE B 478 29.57 6.51 -11.59
N LEU B 479 28.80 6.33 -10.52
CA LEU B 479 28.49 4.98 -10.05
C LEU B 479 27.35 4.36 -10.85
N GLU B 480 27.46 4.41 -12.17
CA GLU B 480 26.57 3.70 -13.08
C GLU B 480 27.16 3.73 -14.49
N ASP B 481 27.33 2.57 -15.11
CA ASP B 481 27.97 2.51 -16.40
C ASP B 481 27.92 1.08 -16.92
N LYS B 482 28.00 0.95 -18.24
CA LYS B 482 28.11 -0.37 -18.85
C LYS B 482 29.45 -1.00 -18.49
N ALA B 483 29.42 -2.29 -18.20
CA ALA B 483 30.52 -3.12 -17.74
C ALA B 483 30.79 -2.97 -16.24
N GLY B 484 30.10 -2.06 -15.55
CA GLY B 484 30.16 -2.01 -14.09
C GLY B 484 31.54 -1.88 -13.49
N ILE B 485 32.36 -0.97 -14.02
CA ILE B 485 33.72 -0.81 -13.51
C ILE B 485 33.72 -0.31 -12.07
N PHE B 486 32.94 0.74 -11.78
CA PHE B 486 32.88 1.25 -10.43
C PHE B 486 32.12 0.33 -9.48
N TYR B 487 31.12 -0.39 -9.98
CA TYR B 487 30.49 -1.43 -9.16
C TYR B 487 31.52 -2.48 -8.75
N ARG B 488 32.36 -2.93 -9.69
CA ARG B 488 33.38 -3.90 -9.35
C ARG B 488 34.38 -3.33 -8.37
N VAL B 489 34.79 -2.07 -8.55
CA VAL B 489 35.72 -1.47 -7.61
C VAL B 489 35.11 -1.43 -6.20
N ALA B 490 33.86 -0.98 -6.09
CA ALA B 490 33.24 -0.89 -4.77
C ALA B 490 33.08 -2.26 -4.12
N LYS B 491 32.69 -3.27 -4.90
CA LYS B 491 32.37 -4.57 -4.33
C LYS B 491 33.56 -5.51 -4.22
N GLU B 492 34.73 -5.15 -4.76
CA GLU B 492 35.88 -6.04 -4.67
C GLU B 492 37.17 -5.34 -4.27
N GLY B 493 37.15 -4.05 -3.98
CA GLY B 493 38.39 -3.36 -3.63
C GLY B 493 38.87 -3.57 -2.21
N ARG B 494 38.04 -4.14 -1.34
CA ARG B 494 38.45 -4.32 0.05
C ARG B 494 39.63 -5.26 0.18
N LYS B 495 39.68 -6.29 -0.67
CA LYS B 495 40.76 -7.27 -0.58
C LYS B 495 42.13 -6.65 -0.87
N TYR B 496 42.17 -5.72 -1.82
CA TYR B 496 43.42 -5.14 -2.29
C TYR B 496 43.74 -3.79 -1.65
N GLY B 497 42.98 -3.40 -0.62
CA GLY B 497 43.21 -2.13 0.03
C GLY B 497 42.92 -0.91 -0.84
N ILE B 498 41.82 -0.95 -1.59
CA ILE B 498 41.39 0.18 -2.41
C ILE B 498 40.15 0.77 -1.74
N GLY B 499 40.29 1.97 -1.19
CA GLY B 499 39.19 2.63 -0.52
C GLY B 499 38.46 3.58 -1.45
N MET B 500 37.22 3.89 -1.09
CA MET B 500 36.41 4.84 -1.84
C MET B 500 35.89 5.93 -0.92
N LEU B 501 35.96 7.17 -1.40
CA LEU B 501 35.38 8.33 -0.71
C LEU B 501 34.58 9.09 -1.76
N TYR B 502 33.26 8.92 -1.73
CA TYR B 502 32.38 9.47 -2.75
C TYR B 502 31.36 10.40 -2.11
N SER B 503 31.22 11.60 -2.67
CA SER B 503 30.23 12.57 -2.24
C SER B 503 29.19 12.74 -3.32
N THR B 504 27.91 12.71 -2.93
CA THR B 504 26.81 12.77 -3.89
C THR B 504 25.78 13.84 -3.59
N GLN B 505 25.61 14.27 -2.36
CA GLN B 505 24.69 15.33 -1.97
C GLN B 505 23.24 14.88 -1.88
N SER B 506 22.93 13.63 -2.26
CA SER B 506 21.58 13.10 -2.08
C SER B 506 21.61 11.57 -2.04
N PRO B 507 21.30 10.95 -0.91
CA PRO B 507 21.35 9.49 -0.84
C PRO B 507 20.51 8.80 -1.89
N ALA B 508 19.33 9.34 -2.20
CA ALA B 508 18.45 8.70 -3.17
C ALA B 508 19.09 8.58 -4.55
N SER B 509 20.14 9.35 -4.83
CA SER B 509 20.80 9.28 -6.12
C SER B 509 21.84 8.16 -6.20
N ILE B 510 22.07 7.44 -5.12
CA ILE B 510 23.06 6.36 -5.10
C ILE B 510 22.32 5.03 -5.11
N PRO B 511 22.75 4.07 -5.93
CA PRO B 511 22.09 2.76 -5.93
C PRO B 511 22.22 2.05 -4.59
N MET B 512 21.18 1.30 -4.23
CA MET B 512 21.24 0.51 -3.01
C MET B 512 22.32 -0.57 -3.09
N GLU B 513 22.68 -1.02 -4.29
CA GLU B 513 23.76 -1.99 -4.43
C GLU B 513 25.06 -1.46 -3.87
N ILE B 514 25.30 -0.15 -4.00
CA ILE B 514 26.51 0.46 -3.46
C ILE B 514 26.29 1.05 -2.07
N LEU B 515 25.06 1.45 -1.74
CA LEU B 515 24.78 1.92 -0.39
C LEU B 515 24.88 0.81 0.63
N SER B 516 24.55 -0.43 0.25
CA SER B 516 24.55 -1.54 1.19
C SER B 516 25.93 -2.09 1.46
N GLN B 517 26.96 -1.62 0.75
CA GLN B 517 28.34 -2.03 0.98
C GLN B 517 29.18 -0.93 1.62
N THR B 518 28.57 0.16 2.03
CA THR B 518 29.29 1.28 2.64
C THR B 518 29.42 1.07 4.14
N GLU B 519 30.61 1.35 4.67
CA GLU B 519 30.87 1.22 6.10
C GLU B 519 30.82 2.55 6.83
N ASN B 520 31.41 3.61 6.28
CA ASN B 520 31.44 4.89 6.97
C ASN B 520 30.42 5.85 6.37
N PHE B 521 29.73 6.58 7.24
CA PHE B 521 28.73 7.56 6.83
C PHE B 521 28.99 8.89 7.52
N LEU B 522 28.89 9.98 6.75
CA LEU B 522 28.99 11.34 7.25
C LEU B 522 27.85 12.13 6.62
N VAL B 523 26.86 12.50 7.42
CA VAL B 523 25.62 13.09 6.91
C VAL B 523 25.45 14.48 7.51
N LYS B 524 25.22 15.47 6.65
CA LYS B 524 24.82 16.81 7.03
C LYS B 524 23.31 16.96 6.82
N HIS B 525 22.82 18.19 6.95
CA HIS B 525 21.39 18.44 6.89
C HIS B 525 20.81 17.99 5.55
N LEU B 526 19.71 17.25 5.62
CA LEU B 526 18.93 16.85 4.45
C LEU B 526 17.50 17.36 4.61
N SER B 527 17.00 18.04 3.58
CA SER B 527 15.67 18.65 3.65
C SER B 527 14.55 17.71 3.25
N SER B 528 14.80 16.80 2.31
CA SER B 528 13.75 15.95 1.78
C SER B 528 13.46 14.78 2.71
N GLU B 529 12.20 14.33 2.69
CA GLU B 529 11.80 13.16 3.46
C GLU B 529 12.29 11.86 2.83
N GLU B 530 12.26 11.78 1.51
CA GLU B 530 12.74 10.59 0.81
C GLU B 530 14.22 10.36 1.02
N ASP B 531 15.00 11.43 1.16
CA ASP B 531 16.43 11.27 1.43
C ASP B 531 16.65 10.55 2.75
N VAL B 532 16.01 11.02 3.82
CA VAL B 532 16.18 10.38 5.12
C VAL B 532 15.58 8.98 5.12
N LYS B 533 14.48 8.76 4.39
CA LYS B 533 13.92 7.42 4.30
C LYS B 533 14.89 6.45 3.65
N VAL B 534 15.52 6.86 2.54
CA VAL B 534 16.50 6.00 1.87
C VAL B 534 17.70 5.75 2.78
N LEU B 535 18.16 6.80 3.48
CA LEU B 535 19.29 6.64 4.39
C LEU B 535 18.96 5.64 5.49
N LYS B 536 17.77 5.73 6.06
CA LYS B 536 17.36 4.78 7.09
C LYS B 536 17.25 3.36 6.54
N ARG B 537 16.69 3.20 5.34
CA ARG B 537 16.61 1.87 4.74
C ARG B 537 17.99 1.28 4.46
N ALA B 538 18.97 2.12 4.15
CA ALA B 538 20.33 1.66 3.94
C ALA B 538 21.09 1.33 5.22
N LYS B 539 20.85 2.08 6.30
CA LYS B 539 21.57 1.85 7.55
C LYS B 539 20.58 2.09 8.69
N ALA B 540 20.32 1.04 9.47
CA ALA B 540 19.24 1.09 10.45
C ALA B 540 19.41 2.17 11.52
N PRO B 541 20.57 2.32 12.17
CA PRO B 541 20.65 3.28 13.28
C PRO B 541 20.31 4.70 12.89
N PHE B 542 20.50 5.07 11.63
CA PHE B 542 20.17 6.43 11.23
C PHE B 542 18.70 6.74 11.35
N ALA B 543 17.88 5.78 11.79
CA ALA B 543 16.49 6.06 12.12
C ALA B 543 16.35 6.93 13.38
N PHE B 544 17.42 7.11 14.14
CA PHE B 544 17.34 7.87 15.38
C PHE B 544 17.66 9.35 15.22
N VAL B 545 18.11 9.79 14.05
CA VAL B 545 18.51 11.18 13.84
C VAL B 545 17.81 11.80 12.64
N ALA B 546 16.89 11.06 12.00
CA ALA B 546 16.22 11.58 10.82
C ALA B 546 15.44 12.84 11.13
N ASP B 547 14.78 12.88 12.29
CA ASP B 547 13.98 14.05 12.64
C ASP B 547 14.83 15.26 13.00
N PHE B 548 16.04 15.03 13.53
CA PHE B 548 16.98 16.14 13.70
C PHE B 548 17.43 16.66 12.34
N LEU B 549 17.80 15.76 11.43
CA LEU B 549 18.25 16.19 10.11
C LEU B 549 17.18 16.98 9.38
N LEU B 550 15.92 16.53 9.47
CA LEU B 550 14.86 17.16 8.71
C LEU B 550 14.62 18.61 9.14
N SER B 551 14.89 18.94 10.41
CA SER B 551 14.43 20.21 10.96
C SER B 551 15.54 21.10 11.51
N GLU B 552 16.81 20.68 11.41
CA GLU B 552 17.92 21.51 11.90
C GLU B 552 18.93 21.77 10.79
N PRO B 553 18.78 22.86 10.04
CA PRO B 553 19.74 23.26 9.00
C PRO B 553 20.95 24.02 9.54
N ILE B 554 21.93 23.28 10.04
CA ILE B 554 23.16 23.84 10.59
C ILE B 554 24.31 23.48 9.68
N ILE B 555 25.13 24.47 9.35
CA ILE B 555 26.25 24.29 8.43
C ILE B 555 27.46 23.78 9.23
N GLY B 556 28.00 22.64 8.80
CA GLY B 556 29.16 22.05 9.45
C GLY B 556 28.86 21.10 10.58
N TYR B 557 27.62 20.64 10.70
CA TYR B 557 27.19 19.74 11.78
C TYR B 557 26.92 18.38 11.16
N SER B 558 27.74 17.39 11.51
CA SER B 558 27.77 16.11 10.82
C SER B 558 27.47 14.97 11.78
N TYR B 559 26.65 14.02 11.32
CA TYR B 559 26.42 12.75 12.00
C TYR B 559 27.30 11.70 11.35
N VAL B 560 28.13 11.04 12.15
CA VAL B 560 29.12 10.11 11.63
C VAL B 560 28.86 8.72 12.20
N TYR B 561 29.23 7.72 11.40
CA TYR B 561 29.02 6.32 11.76
C TYR B 561 30.14 5.50 11.14
N PHE B 562 30.80 4.65 11.94
CA PHE B 562 31.93 3.86 11.46
C PHE B 562 31.72 2.41 11.85
N GLU B 563 31.76 1.51 10.89
CA GLU B 563 31.67 0.10 11.21
C GLU B 563 33.07 -0.54 11.24
N PRO B 564 33.28 -1.51 12.13
CA PRO B 564 32.44 -1.92 13.25
C PRO B 564 32.98 -1.34 14.55
N TYR B 565 33.85 -0.34 14.43
CA TYR B 565 34.47 0.25 15.62
C TYR B 565 33.49 1.14 16.36
N GLN B 566 32.74 1.96 15.64
CA GLN B 566 31.72 2.83 16.21
C GLN B 566 30.42 2.66 15.44
N PRO B 567 29.70 1.56 15.71
CA PRO B 567 28.44 1.27 15.00
C PRO B 567 27.23 2.00 15.59
N PHE B 568 27.40 3.30 15.82
CA PHE B 568 26.30 4.16 16.24
C PHE B 568 26.60 5.58 15.81
N VAL B 569 25.54 6.37 15.67
CA VAL B 569 25.66 7.72 15.13
C VAL B 569 26.09 8.67 16.24
N VAL B 570 27.10 9.49 15.95
CA VAL B 570 27.66 10.45 16.89
C VAL B 570 27.59 11.83 16.26
N PRO B 571 27.03 12.84 16.93
CA PRO B 571 26.97 14.19 16.35
C PRO B 571 28.23 15.01 16.58
N LEU B 572 28.90 15.39 15.50
CA LEU B 572 30.16 16.13 15.56
C LEU B 572 30.00 17.51 14.92
N ARG B 573 30.74 18.47 15.47
CA ARG B 573 31.00 19.74 14.83
C ARG B 573 32.36 19.62 14.15
N VAL B 574 32.38 19.88 12.84
CA VAL B 574 33.59 19.70 12.03
C VAL B 574 34.37 21.00 11.98
N LYS B 575 35.67 20.88 11.82
CA LYS B 575 36.57 22.03 11.80
C LYS B 575 36.68 22.61 10.40
N LEU B 576 37.00 23.90 10.33
CA LEU B 576 37.36 24.53 9.08
C LEU B 576 38.81 24.25 8.77
N LEU B 577 39.11 24.01 7.48
CA LEU B 577 40.49 23.73 7.09
C LEU B 577 41.41 24.89 7.43
N GLU B 578 40.90 26.12 7.34
CA GLU B 578 41.70 27.29 7.72
C GLU B 578 42.16 27.18 9.17
N HIS B 579 41.27 26.79 10.07
CA HIS B 579 41.64 26.64 11.48
C HIS B 579 42.53 25.42 11.68
N VAL B 580 42.28 24.34 10.95
CA VAL B 580 43.09 23.14 11.07
C VAL B 580 44.54 23.43 10.71
N LEU B 581 44.75 24.23 9.66
CA LEU B 581 46.12 24.55 9.24
C LEU B 581 46.86 25.31 10.33
N LYS B 582 46.21 26.32 10.93
CA LYS B 582 46.86 27.08 11.99
C LYS B 582 47.13 26.20 13.21
N SER B 583 46.19 25.32 13.56
CA SER B 583 46.41 24.42 14.69
C SER B 583 47.59 23.49 14.42
N LEU B 584 47.70 22.97 13.19
CA LEU B 584 48.73 22.01 12.88
C LEU B 584 50.11 22.63 12.71
N ASP B 585 50.19 23.89 12.29
CA ASP B 585 51.49 24.48 11.97
C ASP B 585 52.49 24.28 13.11
N SER B 586 52.04 24.46 14.34
CA SER B 586 52.91 24.28 15.50
C SER B 586 53.46 22.87 15.57
N GLU C 3 2.25 41.78 29.05
CA GLU C 3 3.01 41.83 30.30
C GLU C 3 2.72 40.61 31.17
N SER C 4 1.64 39.91 30.86
CA SER C 4 1.22 38.76 31.65
C SER C 4 0.98 37.56 30.75
N PRO C 5 1.12 36.35 31.29
CA PRO C 5 0.89 35.15 30.47
C PRO C 5 -0.57 35.07 30.04
N ILE C 6 -0.79 34.42 28.89
CA ILE C 6 -2.12 34.34 28.33
C ILE C 6 -2.96 33.28 29.05
N GLY C 7 -2.52 32.03 29.02
CA GLY C 7 -3.24 30.94 29.62
C GLY C 7 -2.37 30.19 30.62
N VAL C 8 -2.59 28.88 30.68
CA VAL C 8 -1.84 27.98 31.55
C VAL C 8 -1.41 26.77 30.72
N VAL C 9 -0.13 26.42 30.80
CA VAL C 9 0.39 25.26 30.09
C VAL C 9 0.09 24.01 30.90
N VAL C 10 -0.46 22.99 30.24
CA VAL C 10 -0.91 21.77 30.91
C VAL C 10 -0.25 20.51 30.37
N SER C 11 0.59 20.62 29.35
CA SER C 11 1.22 19.43 28.78
C SER C 11 2.22 19.84 27.72
N SER C 12 3.22 18.99 27.51
CA SER C 12 4.21 19.21 26.46
C SER C 12 4.73 17.85 26.00
N ARG C 13 5.26 17.84 24.78
CA ARG C 13 5.78 16.61 24.18
C ARG C 13 6.59 16.97 22.94
N ARG C 14 7.15 15.94 22.32
CA ARG C 14 7.78 16.06 21.00
C ARG C 14 6.95 15.28 20.00
N ASN C 15 6.49 15.95 18.95
CA ASN C 15 5.67 15.34 17.91
C ASN C 15 6.48 15.37 16.63
N GLY C 16 7.29 14.33 16.41
CA GLY C 16 8.16 14.29 15.27
C GLY C 16 9.40 15.13 15.50
N PRO C 17 9.72 15.98 14.52
CA PRO C 17 10.89 16.86 14.65
C PRO C 17 10.65 18.13 15.46
N TRP C 18 9.48 18.33 16.06
CA TRP C 18 9.14 19.59 16.70
C TRP C 18 8.59 19.37 18.10
N ALA C 19 8.99 20.25 19.01
CA ALA C 19 8.44 20.30 20.36
C ALA C 19 7.13 21.07 20.36
N GLU C 20 6.15 20.54 21.08
CA GLU C 20 4.82 21.14 21.15
C GLU C 20 4.35 21.19 22.59
N LEU C 21 3.46 22.13 22.86
CA LEU C 21 2.84 22.24 24.18
C LEU C 21 1.37 22.59 24.02
N THR C 22 0.62 22.36 25.09
CA THR C 22 -0.82 22.58 25.13
C THR C 22 -1.13 23.71 26.10
N LEU C 23 -1.89 24.69 25.62
CA LEU C 23 -2.29 25.85 26.42
C LEU C 23 -3.80 25.82 26.63
N VAL C 24 -4.24 26.28 27.79
CA VAL C 24 -5.66 26.32 28.14
C VAL C 24 -6.02 27.75 28.49
N LEU C 25 -7.08 28.26 27.86
CA LEU C 25 -7.65 29.56 28.18
C LEU C 25 -8.84 29.35 29.09
N THR C 26 -8.86 30.06 30.21
CA THR C 26 -9.84 29.86 31.27
C THR C 26 -11.05 30.77 31.09
N PRO C 27 -12.12 30.51 31.86
CA PRO C 27 -13.34 31.31 31.68
C PRO C 27 -13.13 32.81 31.86
N GLN C 28 -12.32 33.23 32.82
CA GLN C 28 -12.12 34.65 33.03
C GLN C 28 -11.37 35.30 31.87
N GLU C 29 -10.33 34.63 31.38
CA GLU C 29 -9.60 35.15 30.22
C GLU C 29 -10.50 35.23 29.00
N LEU C 30 -11.33 34.21 28.79
CA LEU C 30 -12.25 34.23 27.65
C LEU C 30 -13.31 35.32 27.81
N ASP C 31 -13.71 35.61 29.04
CA ASP C 31 -14.67 36.67 29.29
C ASP C 31 -14.07 38.06 29.13
N GLN C 32 -12.76 38.20 29.34
CA GLN C 32 -12.09 39.47 29.09
C GLN C 32 -11.82 39.73 27.61
N GLY C 33 -12.09 38.75 26.75
CA GLY C 33 -11.90 38.94 25.32
C GLY C 33 -10.56 38.50 24.78
N LYS C 34 -9.78 37.74 25.55
CA LYS C 34 -8.45 37.32 25.13
C LYS C 34 -8.56 36.10 24.21
N ARG C 35 -8.01 36.21 23.01
CA ARG C 35 -8.11 35.19 21.99
C ARG C 35 -6.75 34.98 21.34
N LEU C 36 -6.56 33.79 20.77
CA LEU C 36 -5.38 33.45 20.01
C LEU C 36 -5.77 33.11 18.58
N LEU C 37 -5.11 33.74 17.62
CA LEU C 37 -5.37 33.47 16.21
C LEU C 37 -4.53 32.30 15.72
N LEU C 38 -5.09 31.51 14.82
CA LEU C 38 -4.35 30.41 14.23
C LEU C 38 -3.22 30.95 13.36
N GLY C 39 -2.03 30.39 13.52
CA GLY C 39 -0.87 30.85 12.79
C GLY C 39 -0.14 32.02 13.42
N GLU C 40 -0.61 32.53 14.55
CA GLU C 40 0.02 33.66 15.20
C GLU C 40 1.33 33.25 15.86
N LEU C 41 2.23 34.22 16.00
CA LEU C 41 3.53 34.01 16.63
C LEU C 41 3.50 34.52 18.07
N VAL C 42 3.92 33.68 19.00
CA VAL C 42 3.92 34.00 20.42
C VAL C 42 5.31 33.74 21.00
N ARG C 43 5.53 34.25 22.20
CA ARG C 43 6.77 34.03 22.93
C ARG C 43 6.54 32.96 23.99
N VAL C 44 7.52 32.07 24.16
CA VAL C 44 7.45 31.02 25.16
C VAL C 44 8.65 31.16 26.09
N SER C 45 8.39 31.32 27.38
CA SER C 45 9.44 31.45 28.37
C SER C 45 9.56 30.14 29.14
N SER C 46 10.76 29.58 29.15
CA SER C 46 11.01 28.31 29.85
C SER C 46 12.45 28.31 30.35
N GLY C 47 12.63 28.04 31.63
CA GLY C 47 13.96 27.99 32.21
C GLY C 47 14.74 29.27 32.05
N GLY C 48 14.05 30.41 32.00
CA GLY C 48 14.71 31.68 31.77
C GLY C 48 15.12 31.95 30.35
N LYS C 49 14.62 31.18 29.38
CA LYS C 49 14.97 31.35 27.99
C LYS C 49 13.71 31.60 27.16
N ASP C 50 13.87 32.37 26.09
CA ASP C 50 12.78 32.77 25.22
C ASP C 50 12.84 31.99 23.92
N TYR C 51 11.70 31.43 23.52
CA TYR C 51 11.52 30.74 22.25
C TYR C 51 10.40 31.40 21.47
N VAL C 52 10.46 31.25 20.15
CA VAL C 52 9.38 31.66 19.27
C VAL C 52 8.48 30.46 19.05
N GLY C 53 7.16 30.66 19.16
CA GLY C 53 6.20 29.60 18.97
C GLY C 53 5.09 30.04 18.02
N MET C 54 4.39 29.03 17.50
CA MET C 54 3.30 29.27 16.56
C MET C 54 2.07 28.51 17.02
N VAL C 55 0.92 29.16 16.96
CA VAL C 55 -0.35 28.52 17.29
C VAL C 55 -0.78 27.66 16.09
N LEU C 56 -0.97 26.37 16.34
CA LEU C 56 -1.27 25.40 15.30
C LEU C 56 -2.72 24.96 15.27
N ASP C 57 -3.29 24.61 16.42
CA ASP C 57 -4.60 23.99 16.47
C ASP C 57 -5.41 24.63 17.60
N GLY C 58 -6.71 24.34 17.61
CA GLY C 58 -7.61 24.80 18.65
C GLY C 58 -8.83 23.91 18.73
N TYR C 59 -9.23 23.51 19.93
CA TYR C 59 -10.34 22.58 20.08
C TYR C 59 -10.96 22.76 21.45
N TYR C 60 -12.19 22.28 21.59
CA TYR C 60 -12.90 22.29 22.86
C TYR C 60 -12.78 20.93 23.54
N GLU C 61 -12.45 20.94 24.83
CA GLU C 61 -12.34 19.73 25.61
C GLU C 61 -12.85 20.01 27.01
N PRO C 62 -13.66 19.10 27.58
CA PRO C 62 -14.10 19.29 28.96
C PRO C 62 -12.92 19.31 29.93
N VAL C 63 -13.01 20.17 30.93
CA VAL C 63 -12.01 20.29 31.98
C VAL C 63 -12.65 19.88 33.30
N GLY C 64 -12.07 18.89 33.95
CA GLY C 64 -12.65 18.36 35.17
C GLY C 64 -13.73 17.33 34.89
N ARG C 65 -14.52 17.04 35.92
CA ARG C 65 -15.61 16.08 35.82
C ARG C 65 -16.92 16.79 35.54
N SER C 66 -17.05 17.27 34.30
CA SER C 66 -18.22 18.01 33.88
C SER C 66 -18.88 17.33 32.69
N ASP C 67 -20.13 17.72 32.43
CA ASP C 67 -20.91 17.22 31.29
C ASP C 67 -21.41 18.44 30.53
N PRO C 68 -20.54 19.05 29.71
CA PRO C 68 -20.92 20.30 29.04
C PRO C 68 -22.14 20.16 28.17
N THR C 69 -22.30 19.04 27.47
CA THR C 69 -23.46 18.89 26.59
C THR C 69 -24.76 18.93 27.38
N TYR C 70 -24.85 18.15 28.46
CA TYR C 70 -26.06 18.15 29.28
C TYR C 70 -26.28 19.52 29.92
N THR C 71 -25.24 20.13 30.47
CA THR C 71 -25.41 21.44 31.10
C THR C 71 -25.93 22.46 30.10
N LEU C 72 -25.33 22.52 28.91
CA LEU C 72 -25.73 23.50 27.91
C LEU C 72 -27.14 23.24 27.38
N ALA C 73 -27.49 21.97 27.15
CA ALA C 73 -28.85 21.67 26.69
C ALA C 73 -29.89 22.04 27.75
N LEU C 74 -29.62 21.70 29.02
CA LEU C 74 -30.57 22.03 30.08
C LEU C 74 -30.70 23.53 30.26
N ALA C 75 -29.62 24.29 30.10
CA ALA C 75 -29.73 25.73 30.10
C ALA C 75 -30.52 26.24 28.89
N HIS C 76 -30.32 25.62 27.72
CA HIS C 76 -31.00 26.07 26.51
C HIS C 76 -32.50 25.90 26.60
N ILE C 77 -32.98 24.76 27.11
CA ILE C 77 -34.42 24.52 27.11
C ILE C 77 -35.17 25.41 28.09
N ASN C 78 -34.47 26.10 28.98
CA ASN C 78 -35.09 27.02 29.92
C ASN C 78 -34.92 28.48 29.53
N GLN C 79 -34.38 28.75 28.34
CA GLN C 79 -34.10 30.12 27.91
C GLN C 79 -33.29 30.88 28.96
N VAL C 80 -32.14 30.30 29.30
CA VAL C 80 -31.22 30.88 30.27
C VAL C 80 -30.03 31.47 29.52
N ASP C 81 -29.78 32.76 29.71
CA ASP C 81 -28.65 33.43 29.09
C ASP C 81 -27.45 33.30 30.04
N LEU C 82 -26.53 32.41 29.70
CA LEU C 82 -25.40 32.14 30.58
C LEU C 82 -24.52 33.36 30.81
N GLU C 83 -24.58 34.34 29.91
CA GLU C 83 -23.84 35.59 30.09
C GLU C 83 -24.43 36.47 31.18
N LYS C 84 -25.63 36.14 31.69
CA LYS C 84 -26.30 37.03 32.63
C LYS C 84 -26.94 36.34 33.82
N GLU C 85 -27.10 35.01 33.83
CA GLU C 85 -27.95 34.40 34.84
C GLU C 85 -27.30 33.25 35.60
N ASP C 86 -26.38 32.52 34.98
CA ASP C 86 -25.79 31.31 35.59
C ASP C 86 -24.28 31.42 35.55
N PRO C 87 -23.70 32.27 36.39
CA PRO C 87 -22.23 32.40 36.40
C PRO C 87 -21.52 31.10 36.70
N TRP C 88 -22.03 30.28 37.61
CA TRP C 88 -21.35 29.04 37.97
C TRP C 88 -21.36 28.04 36.81
N ALA C 89 -22.51 27.89 36.17
CA ALA C 89 -22.59 26.98 35.02
C ALA C 89 -21.69 27.46 33.89
N ARG C 90 -21.68 28.78 33.63
CA ARG C 90 -20.79 29.30 32.60
C ARG C 90 -19.32 29.07 32.95
N LYS C 91 -18.96 29.28 34.22
CA LYS C 91 -17.60 29.13 34.68
C LYS C 91 -17.11 27.69 34.67
N GLU C 92 -18.02 26.73 34.81
CA GLU C 92 -17.63 25.33 34.76
C GLU C 92 -17.37 24.81 33.34
N VAL C 93 -17.87 25.49 32.32
CA VAL C 93 -17.79 24.99 30.95
C VAL C 93 -17.00 25.90 30.01
N ASN C 94 -16.68 27.13 30.39
CA ASN C 94 -16.01 28.06 29.48
C ASN C 94 -14.50 27.93 29.59
N PHE C 95 -13.97 26.90 28.94
CA PHE C 95 -12.54 26.70 28.78
C PHE C 95 -12.24 26.55 27.29
N TYR C 96 -10.96 26.60 26.91
CA TYR C 96 -10.66 26.32 25.52
C TYR C 96 -9.21 25.90 25.40
N HIS C 97 -8.90 25.08 24.40
CA HIS C 97 -7.57 24.47 24.25
C HIS C 97 -6.87 24.95 22.99
N HIS C 98 -5.55 25.05 23.07
CA HIS C 98 -4.72 25.43 21.93
C HIS C 98 -3.44 24.60 21.93
N ARG C 99 -2.87 24.43 20.74
CA ARG C 99 -1.60 23.74 20.55
C ARG C 99 -0.56 24.72 20.00
N ILE C 100 0.65 24.68 20.56
CA ILE C 100 1.69 25.63 20.19
C ILE C 100 2.98 24.87 19.90
N VAL C 101 3.58 25.14 18.75
CA VAL C 101 4.82 24.47 18.33
C VAL C 101 5.99 25.45 18.46
N LEU C 102 7.10 24.96 19.00
CA LEU C 102 8.30 25.79 19.18
C LEU C 102 9.16 25.72 17.93
N LEU C 103 9.50 26.88 17.37
CA LEU C 103 10.25 26.95 16.12
C LEU C 103 11.75 27.12 16.34
N GLY C 104 12.16 27.78 17.42
CA GLY C 104 13.55 28.07 17.66
C GLY C 104 13.68 29.27 18.57
N ARG C 105 14.87 29.86 18.59
CA ARG C 105 15.09 31.03 19.43
C ARG C 105 16.14 31.94 18.83
N VAL C 106 16.15 33.18 19.30
CA VAL C 106 17.14 34.18 18.90
C VAL C 106 18.28 34.16 19.91
N VAL C 107 19.51 34.33 19.43
CA VAL C 107 20.69 34.27 20.27
C VAL C 107 21.74 35.26 19.78
N GLN C 108 22.65 35.62 20.69
CA GLN C 108 23.83 36.44 20.40
C GLN C 108 23.39 37.67 19.60
N GLY C 109 24.03 37.98 18.47
CA GLY C 109 23.71 39.18 17.72
C GLY C 109 22.47 39.03 16.86
N GLY C 110 21.55 38.17 17.28
CA GLY C 110 20.30 37.96 16.57
C GLY C 110 20.24 36.71 15.73
N LEU C 111 21.28 35.88 15.75
CA LEU C 111 21.27 34.67 14.94
C LEU C 111 20.22 33.70 15.46
N PHE C 112 19.58 32.98 14.55
CA PHE C 112 18.46 32.11 14.89
C PHE C 112 18.94 30.68 15.04
N ALA C 113 18.67 30.09 16.22
CA ALA C 113 18.92 28.67 16.45
C ALA C 113 17.61 27.93 16.23
N PRO C 114 17.53 27.04 15.24
CA PRO C 114 16.25 26.39 14.93
C PRO C 114 15.91 25.27 15.89
N SER C 115 14.62 25.06 16.07
CA SER C 115 14.10 23.98 16.90
C SER C 115 14.73 23.99 18.28
N THR C 116 14.66 22.87 18.99
CA THR C 116 15.24 22.78 20.33
C THR C 116 15.46 21.31 20.67
N ARG C 117 16.37 21.08 21.63
CA ARG C 117 16.60 19.76 22.19
C ARG C 117 16.10 19.64 23.62
N LEU C 118 15.54 20.70 24.17
CA LEU C 118 15.04 20.71 25.54
C LEU C 118 13.52 20.77 25.53
N LEU C 119 12.88 19.86 26.27
CA LEU C 119 11.44 19.85 26.39
C LEU C 119 11.04 20.54 27.68
N PRO C 120 10.23 21.60 27.62
CA PRO C 120 9.97 22.40 28.81
C PRO C 120 9.04 21.68 29.77
N PRO C 121 9.39 21.63 31.06
CA PRO C 121 8.43 21.13 32.06
C PRO C 121 7.20 21.99 32.11
N VAL C 122 6.05 21.35 32.36
CA VAL C 122 4.77 22.04 32.22
C VAL C 122 4.52 23.04 33.34
N VAL C 123 5.14 22.84 34.51
CA VAL C 123 4.85 23.70 35.66
C VAL C 123 5.58 25.03 35.64
N GLU C 124 6.54 25.21 34.72
CA GLU C 124 7.35 26.42 34.70
C GLU C 124 7.37 27.09 33.32
N ALA C 125 6.52 26.68 32.39
CA ALA C 125 6.49 27.24 31.05
C ALA C 125 5.39 28.30 30.96
N ARG C 126 5.72 29.42 30.33
CA ARG C 126 4.78 30.52 30.17
C ARG C 126 4.68 30.91 28.70
N VAL C 127 3.52 31.44 28.31
CA VAL C 127 3.27 31.91 26.96
C VAL C 127 2.84 33.36 27.01
N TYR C 128 3.45 34.19 26.19
CA TYR C 128 3.20 35.63 26.16
C TYR C 128 2.86 36.08 24.75
N ARG C 129 1.99 37.08 24.67
CA ARG C 129 1.72 37.77 23.42
C ARG C 129 2.97 38.53 22.98
N MET C 130 3.19 38.59 21.68
CA MET C 130 4.37 39.24 21.12
C MET C 130 4.05 40.67 20.72
N THR C 131 4.91 41.60 21.10
CA THR C 131 4.74 43.01 20.83
C THR C 131 5.36 43.40 19.49
N GLU C 132 5.03 44.61 19.03
CA GLU C 132 5.54 45.07 17.74
C GLU C 132 7.05 45.19 17.75
N GLU C 133 7.63 45.63 18.86
CA GLU C 133 9.09 45.72 18.95
C GLU C 133 9.73 44.34 18.84
N GLU C 134 9.16 43.35 19.54
CA GLU C 134 9.69 41.99 19.44
C GLU C 134 9.55 41.43 18.04
N LEU C 135 8.41 41.68 17.39
CA LEU C 135 8.22 41.19 16.04
C LEU C 135 9.20 41.84 15.07
N GLN C 136 9.43 43.15 15.21
CA GLN C 136 10.41 43.83 14.37
C GLN C 136 11.80 43.24 14.57
N ARG C 137 12.20 43.02 15.83
CA ARG C 137 13.51 42.43 16.08
C ARG C 137 13.60 41.01 15.54
N LEU C 138 12.46 40.28 15.52
CA LEU C 138 12.47 38.91 15.03
C LEU C 138 12.54 38.84 13.51
N LEU C 139 11.94 39.78 12.81
CA LEU C 139 11.99 39.79 11.35
C LEU C 139 13.18 40.56 10.79
N ALA C 140 14.06 41.06 11.64
CA ALA C 140 15.24 41.82 11.22
C ALA C 140 16.46 41.13 11.79
N ALA C 141 17.01 40.16 11.05
CA ALA C 141 18.18 39.43 11.48
C ALA C 141 19.10 39.11 10.31
N TYR C 157 15.72 46.89 1.86
CA TYR C 157 14.57 47.23 1.04
C TYR C 157 13.29 46.58 1.56
N ALA C 158 12.26 47.39 1.75
CA ALA C 158 10.98 46.86 2.21
C ALA C 158 10.36 45.95 1.17
N PHE C 159 9.87 44.79 1.62
CA PHE C 159 9.27 43.79 0.76
C PHE C 159 7.81 43.55 1.05
N GLY C 160 7.42 43.57 2.32
CA GLY C 160 6.03 43.37 2.70
C GLY C 160 5.89 43.56 4.19
N HIS C 161 4.65 43.44 4.66
CA HIS C 161 4.39 43.59 6.08
C HIS C 161 3.61 42.40 6.62
N LEU C 162 3.76 42.16 7.92
CA LEU C 162 3.19 40.99 8.56
C LEU C 162 1.67 41.07 8.60
N ALA C 163 1.01 39.93 8.45
CA ALA C 163 -0.44 39.86 8.50
C ALA C 163 -0.87 38.40 8.63
N TYR C 164 -1.86 38.15 9.49
CA TYR C 164 -2.40 36.81 9.71
C TYR C 164 -3.77 36.73 9.03
N GLY C 165 -3.77 36.25 7.80
CA GLY C 165 -5.03 36.11 7.09
C GLY C 165 -5.70 37.45 6.88
N LEU C 166 -7.03 37.41 6.74
CA LEU C 166 -7.84 38.61 6.62
C LEU C 166 -8.55 38.99 7.91
N GLU C 167 -8.21 38.32 9.02
CA GLU C 167 -8.88 38.59 10.28
C GLU C 167 -8.62 40.02 10.75
N GLU C 168 -9.67 40.65 11.29
CA GLU C 168 -9.50 41.96 11.91
C GLU C 168 -8.57 41.84 13.11
N GLY C 169 -7.71 42.84 13.28
CA GLY C 169 -6.74 42.79 14.35
C GLY C 169 -5.56 41.87 14.10
N GLY C 170 -5.41 41.34 12.89
CA GLY C 170 -4.30 40.49 12.54
C GLY C 170 -3.31 41.08 11.55
N GLU C 171 -3.39 42.37 11.27
CA GLU C 171 -2.50 43.03 10.32
C GLU C 171 -1.58 44.00 11.06
N TYR C 172 -0.30 44.00 10.68
CA TYR C 172 0.72 44.81 11.32
C TYR C 172 1.45 45.61 10.26
N PRO C 173 0.87 46.73 9.81
CA PRO C 173 1.52 47.51 8.75
C PRO C 173 2.87 48.10 9.15
N GLU C 174 3.16 48.18 10.45
CA GLU C 174 4.44 48.70 10.90
C GLU C 174 5.51 47.63 11.09
N VAL C 175 5.16 46.36 10.93
CA VAL C 175 6.12 45.26 10.99
C VAL C 175 6.45 44.87 9.56
N VAL C 176 7.61 45.29 9.10
CA VAL C 176 8.01 45.17 7.70
C VAL C 176 9.20 44.24 7.58
N LYS C 177 9.16 43.35 6.59
CA LYS C 177 10.28 42.50 6.25
C LYS C 177 11.14 43.19 5.20
N GLU C 178 12.39 43.48 5.55
CA GLU C 178 13.34 44.10 4.64
C GLU C 178 14.33 43.05 4.19
N VAL C 179 14.40 42.81 2.88
CA VAL C 179 15.19 41.74 2.30
C VAL C 179 16.46 42.31 1.70
N ASP C 180 17.60 41.75 2.07
CA ASP C 180 18.85 42.09 1.42
C ASP C 180 18.97 41.31 0.11
N PRO C 181 19.11 41.98 -1.04
CA PRO C 181 19.06 41.27 -2.32
C PRO C 181 20.09 40.17 -2.45
N ALA C 182 21.12 40.15 -1.61
CA ALA C 182 22.09 39.06 -1.64
C ALA C 182 21.43 37.70 -1.46
N LEU C 183 20.29 37.64 -0.75
CA LEU C 183 19.57 36.38 -0.61
C LEU C 183 19.31 35.71 -1.95
N PHE C 184 19.31 36.45 -3.04
CA PHE C 184 18.97 35.93 -4.35
C PHE C 184 20.18 35.75 -5.26
N VAL C 185 21.39 35.92 -4.74
CA VAL C 185 22.60 35.86 -5.55
C VAL C 185 23.31 34.54 -5.26
N GLY C 186 23.43 33.71 -6.28
CA GLY C 186 24.08 32.42 -6.15
C GLY C 186 23.22 31.34 -5.52
N ARG C 187 21.93 31.60 -5.33
CA ARG C 187 21.03 30.70 -4.62
C ARG C 187 19.87 30.30 -5.52
N ARG C 188 19.10 29.31 -5.06
CA ARG C 188 17.93 28.82 -5.78
C ARG C 188 16.67 29.35 -5.10
N THR C 189 15.76 29.91 -5.90
CA THR C 189 14.52 30.50 -5.40
C THR C 189 13.34 29.88 -6.11
N ALA C 190 12.28 29.60 -5.35
CA ALA C 190 11.05 29.02 -5.87
C ALA C 190 9.89 29.98 -5.66
N ASN C 191 9.02 30.10 -6.66
CA ASN C 191 7.89 31.02 -6.64
C ASN C 191 6.65 30.23 -7.07
N PHE C 192 5.87 29.80 -6.08
CA PHE C 192 4.71 28.95 -6.32
C PHE C 192 3.42 29.72 -6.08
N GLY C 193 2.35 29.27 -6.72
CA GLY C 193 1.05 29.88 -6.55
C GLY C 193 0.22 29.76 -7.81
N LYS C 194 -1.06 30.06 -7.67
CA LYS C 194 -1.98 30.02 -8.79
C LYS C 194 -1.80 31.24 -9.68
N THR C 195 -2.50 31.24 -10.81
CA THR C 195 -2.49 32.38 -11.71
C THR C 195 -3.35 33.50 -11.17
N GLY C 196 -2.80 34.71 -11.18
CA GLY C 196 -3.52 35.87 -10.69
C GLY C 196 -3.37 36.15 -9.22
N PHE C 197 -2.29 35.68 -8.58
CA PHE C 197 -2.10 35.90 -7.16
C PHE C 197 -0.80 36.61 -6.81
N GLY C 198 0.06 36.89 -7.78
CA GLY C 198 1.17 37.78 -7.53
C GLY C 198 2.55 37.30 -7.94
N LYS C 199 2.63 36.19 -8.68
CA LYS C 199 3.94 35.65 -9.05
C LYS C 199 4.73 36.66 -9.89
N SER C 200 4.09 37.25 -10.90
CA SER C 200 4.80 38.17 -11.78
C SER C 200 5.21 39.45 -11.05
N ASN C 201 4.32 39.99 -10.21
CA ASN C 201 4.68 41.17 -9.45
C ASN C 201 5.87 40.91 -8.54
N GLU C 202 5.85 39.77 -7.86
CA GLU C 202 6.95 39.46 -6.93
C GLU C 202 8.25 39.22 -7.67
N ASN C 203 8.19 38.54 -8.82
CA ASN C 203 9.39 38.34 -9.63
C ASN C 203 9.95 39.68 -10.11
N LYS C 204 9.09 40.57 -10.59
CA LYS C 204 9.57 41.87 -11.07
C LYS C 204 10.16 42.69 -9.93
N VAL C 205 9.56 42.63 -8.74
CA VAL C 205 10.14 43.34 -7.60
C VAL C 205 11.52 42.80 -7.28
N ILE C 206 11.68 41.48 -7.26
CA ILE C 206 12.97 40.89 -6.94
C ILE C 206 14.01 41.31 -7.98
N LEU C 207 13.66 41.26 -9.26
CA LEU C 207 14.62 41.59 -10.30
C LEU C 207 14.97 43.08 -10.28
N THR C 208 14.00 43.95 -10.03
CA THR C 208 14.30 45.39 -9.92
C THR C 208 15.24 45.66 -8.76
N LEU C 209 14.99 45.03 -7.60
CA LEU C 209 15.88 45.22 -6.46
C LEU C 209 17.29 44.71 -6.75
N LEU C 210 17.41 43.54 -7.41
CA LEU C 210 18.74 43.05 -7.77
C LEU C 210 19.44 44.01 -8.72
N ALA C 211 18.74 44.51 -9.72
CA ALA C 211 19.36 45.43 -10.67
C ALA C 211 19.82 46.70 -9.98
N HIS C 212 19.02 47.21 -9.05
CA HIS C 212 19.41 48.43 -8.35
C HIS C 212 20.59 48.20 -7.41
N ALA C 213 20.59 47.08 -6.70
CA ALA C 213 21.58 46.86 -5.64
C ALA C 213 22.89 46.29 -6.12
N PHE C 214 22.89 45.46 -7.16
CA PHE C 214 24.10 44.78 -7.64
C PHE C 214 24.24 45.03 -9.13
N PRO C 215 24.82 46.18 -9.50
CA PRO C 215 24.94 46.50 -10.93
C PRO C 215 25.83 45.54 -11.70
N ARG C 216 26.71 44.80 -11.04
CA ARG C 216 27.65 43.92 -11.72
C ARG C 216 27.17 42.47 -11.75
N VAL C 217 25.93 42.21 -11.38
CA VAL C 217 25.33 40.88 -11.46
C VAL C 217 24.44 40.82 -12.69
N GLY C 218 24.63 39.79 -13.51
CA GLY C 218 23.86 39.66 -14.73
C GLY C 218 22.65 38.76 -14.59
N MET C 219 21.73 38.91 -15.54
CA MET C 219 20.53 38.08 -15.58
C MET C 219 20.42 37.43 -16.95
N LEU C 220 19.92 36.20 -16.94
CA LEU C 220 19.61 35.44 -18.15
C LEU C 220 18.15 35.03 -18.03
N ILE C 221 17.27 35.82 -18.63
CA ILE C 221 15.84 35.57 -18.57
C ILE C 221 15.45 34.78 -19.81
N LEU C 222 14.80 33.63 -19.60
CA LEU C 222 14.32 32.83 -20.73
C LEU C 222 12.81 33.06 -20.85
N ASP C 223 12.45 34.15 -21.51
CA ASP C 223 11.05 34.60 -21.47
C ASP C 223 10.21 33.69 -22.34
N GLN C 224 9.27 32.97 -21.71
CA GLN C 224 8.38 32.10 -22.45
C GLN C 224 7.11 32.82 -22.86
N ASN C 225 6.63 33.74 -22.02
CA ASN C 225 5.43 34.51 -22.31
C ASN C 225 5.75 35.93 -22.76
N ALA C 226 7.02 36.26 -22.94
CA ALA C 226 7.45 37.59 -23.42
C ALA C 226 6.73 38.70 -22.67
N GLU C 227 6.85 38.67 -21.34
CA GLU C 227 6.17 39.65 -20.49
C GLU C 227 7.10 40.27 -19.46
N TYR C 228 8.41 40.22 -19.69
CA TYR C 228 9.38 40.88 -18.82
C TYR C 228 9.94 42.17 -19.39
N LEU C 229 10.07 42.26 -20.72
CA LEU C 229 10.67 43.44 -21.33
C LEU C 229 9.75 44.65 -21.27
N LEU C 230 8.45 44.44 -21.48
CA LEU C 230 7.52 45.56 -21.55
C LEU C 230 6.16 45.11 -21.00
N GLN C 231 5.34 46.10 -20.64
CA GLN C 231 3.96 45.83 -20.28
C GLN C 231 3.29 44.97 -21.34
N THR C 232 2.66 43.87 -20.89
CA THR C 232 2.07 42.94 -21.84
C THR C 232 0.81 43.51 -22.49
N GLU C 233 -0.15 43.92 -21.68
CA GLU C 233 -1.45 44.37 -22.16
C GLU C 233 -1.96 45.42 -21.18
N ALA C 234 -3.27 45.68 -21.20
CA ALA C 234 -3.84 46.75 -20.39
C ALA C 234 -3.73 46.38 -18.91
N THR C 235 -2.49 46.32 -18.41
CA THR C 235 -2.20 46.08 -17.00
C THR C 235 -1.23 47.16 -16.55
N THR C 236 -1.43 47.65 -15.33
CA THR C 236 -0.67 48.79 -14.81
C THR C 236 0.67 48.39 -14.21
N SER C 237 1.20 47.23 -14.57
CA SER C 237 2.48 46.76 -14.05
C SER C 237 3.57 47.05 -15.07
N PRO C 238 4.50 47.95 -14.79
CA PRO C 238 5.58 48.22 -15.76
C PRO C 238 6.48 47.01 -15.94
N GLY C 239 7.05 46.92 -17.14
CA GLY C 239 8.03 45.89 -17.44
C GLY C 239 9.41 46.26 -16.96
N LEU C 240 10.38 45.38 -17.26
CA LEU C 240 11.75 45.65 -16.84
C LEU C 240 12.32 46.85 -17.55
N ALA C 241 12.03 47.01 -18.85
CA ALA C 241 12.52 48.18 -19.57
C ALA C 241 11.96 49.47 -19.00
N GLN C 242 10.65 49.50 -18.71
CA GLN C 242 10.05 50.68 -18.13
C GLN C 242 10.61 50.97 -16.74
N ALA C 243 10.81 49.93 -15.93
CA ALA C 243 11.36 50.12 -14.59
C ALA C 243 12.78 50.66 -14.66
N PHE C 244 13.60 50.14 -15.58
CA PHE C 244 14.96 50.64 -15.72
C PHE C 244 14.97 52.07 -16.23
N LYS C 245 14.05 52.42 -17.12
CA LYS C 245 13.92 53.82 -17.54
C LYS C 245 13.56 54.71 -16.36
N ALA C 246 12.64 54.26 -15.50
CA ALA C 246 12.27 55.03 -14.33
C ALA C 246 13.44 55.21 -13.37
N LEU C 247 14.22 54.15 -13.18
CA LEU C 247 15.34 54.18 -12.24
C LEU C 247 16.57 54.86 -12.80
N GLY C 248 16.66 55.06 -14.11
CA GLY C 248 17.82 55.70 -14.70
C GLY C 248 18.97 54.76 -15.02
N ILE C 249 18.66 53.55 -15.47
CA ILE C 249 19.67 52.55 -15.81
C ILE C 249 19.69 52.40 -17.32
N ARG C 250 20.87 52.58 -17.91
CA ARG C 250 21.01 52.60 -19.36
C ARG C 250 22.06 51.59 -19.80
N GLY C 251 21.85 51.02 -20.98
CA GLY C 251 22.83 50.13 -21.59
C GLY C 251 23.06 48.83 -20.86
N ARG C 252 22.02 48.25 -20.28
CA ARG C 252 22.14 46.97 -19.59
C ARG C 252 21.30 45.88 -20.24
N ILE C 253 20.11 46.20 -20.73
CA ILE C 253 19.23 45.21 -21.32
C ILE C 253 19.73 44.85 -22.71
N ARG C 254 19.88 43.55 -22.97
CA ARG C 254 20.21 43.03 -24.30
C ARG C 254 19.12 42.02 -24.65
N PHE C 255 18.27 42.40 -25.59
CA PHE C 255 17.13 41.59 -26.00
C PHE C 255 17.50 40.80 -27.25
N TYR C 256 17.23 39.51 -27.23
CA TYR C 256 17.52 38.62 -28.36
C TYR C 256 16.22 38.08 -28.91
N THR C 257 16.01 38.27 -30.21
CA THR C 257 14.77 37.84 -30.85
C THR C 257 14.97 37.76 -32.36
N ALA C 258 14.08 37.05 -33.02
CA ALA C 258 14.02 36.99 -34.47
C ALA C 258 12.92 37.88 -35.05
N ARG C 259 12.32 38.74 -34.23
CA ARG C 259 11.26 39.65 -34.67
C ARG C 259 11.69 41.09 -34.42
N GLU C 260 12.91 41.42 -34.83
CA GLU C 260 13.49 42.72 -34.50
C GLU C 260 12.58 43.87 -34.93
N GLU C 261 12.05 43.79 -36.14
CA GLU C 261 11.19 44.87 -36.63
C GLU C 261 9.91 44.97 -35.82
N ALA C 262 9.31 43.83 -35.50
CA ALA C 262 8.08 43.83 -34.71
C ALA C 262 8.31 44.33 -33.29
N TRP C 263 9.53 44.22 -32.78
CA TRP C 263 9.83 44.60 -31.39
C TRP C 263 10.32 46.03 -31.28
N ALA C 264 11.09 46.52 -32.25
CA ALA C 264 11.61 47.89 -32.19
C ALA C 264 10.50 48.92 -32.24
N ARG C 265 9.41 48.65 -32.97
CA ARG C 265 8.30 49.59 -33.00
C ARG C 265 7.66 49.74 -31.63
N ARG C 266 7.42 48.61 -30.94
CA ARG C 266 6.85 48.68 -29.60
C ARG C 266 7.83 49.33 -28.63
N LEU C 267 9.12 49.05 -28.77
CA LEU C 267 10.11 49.72 -27.93
C LEU C 267 10.04 51.24 -28.12
N LYS C 268 10.00 51.69 -29.37
CA LYS C 268 9.86 53.12 -29.64
C LYS C 268 8.59 53.68 -28.99
N GLU C 269 7.46 53.00 -29.22
CA GLU C 269 6.19 53.50 -28.71
C GLU C 269 6.21 53.65 -27.19
N HIS C 270 6.75 52.65 -26.49
CA HIS C 270 6.66 52.63 -25.04
C HIS C 270 7.75 53.43 -24.35
N LEU C 271 8.98 53.41 -24.86
CA LEU C 271 10.09 54.10 -24.21
C LEU C 271 10.48 55.38 -24.94
N GLY C 272 9.63 55.90 -25.82
CA GLY C 272 9.94 57.15 -26.47
C GLY C 272 10.93 56.99 -27.61
N THR C 273 11.54 58.12 -27.98
CA THR C 273 12.48 58.12 -29.10
C THR C 273 13.83 57.52 -28.70
N GLU C 274 14.21 57.66 -27.43
CA GLU C 274 15.52 57.22 -26.97
C GLU C 274 15.50 55.80 -26.41
N TRP C 275 14.58 54.96 -26.87
CA TRP C 275 14.54 53.59 -26.39
C TRP C 275 15.86 52.88 -26.61
N ARG C 276 16.58 53.25 -27.68
CA ARG C 276 17.84 52.62 -28.00
C ARG C 276 18.91 52.86 -26.95
N GLU C 277 18.69 53.81 -26.04
CA GLU C 277 19.60 54.06 -24.94
C GLU C 277 19.40 53.08 -23.78
N TYR C 278 18.31 52.34 -23.76
CA TYR C 278 18.04 51.34 -22.73
C TYR C 278 18.03 49.91 -23.24
N VAL C 279 17.61 49.69 -24.48
CA VAL C 279 17.49 48.35 -25.04
C VAL C 279 18.39 48.24 -26.26
N GLU C 280 18.79 47.00 -26.57
CA GLU C 280 19.68 46.71 -27.70
C GLU C 280 19.19 45.41 -28.33
N VAL C 281 18.34 45.54 -29.35
CA VAL C 281 17.75 44.36 -29.98
C VAL C 281 18.80 43.66 -30.84
N LEU C 282 18.77 42.33 -30.81
CA LEU C 282 19.75 41.52 -31.51
C LEU C 282 19.06 40.34 -32.15
N PRO C 283 19.62 39.80 -33.23
CA PRO C 283 18.98 38.69 -33.95
C PRO C 283 19.29 37.34 -33.30
N LEU C 284 18.43 36.37 -33.58
CA LEU C 284 18.55 35.02 -33.07
C LEU C 284 18.76 34.01 -34.19
N LYS C 285 19.32 34.46 -35.32
CA LYS C 285 19.57 33.60 -36.46
C LYS C 285 20.96 33.89 -37.02
N VAL C 286 21.56 32.89 -37.64
CA VAL C 286 22.92 32.99 -38.16
C VAL C 286 22.97 32.40 -39.56
N ASP C 287 23.97 32.82 -40.33
CA ASP C 287 24.21 32.32 -41.67
C ASP C 287 25.18 31.14 -41.57
N PHE C 288 24.64 29.92 -41.65
CA PHE C 288 25.46 28.73 -41.45
C PHE C 288 26.51 28.55 -42.54
N TYR C 289 26.32 29.17 -43.71
CA TYR C 289 27.38 29.15 -44.71
C TYR C 289 28.59 29.95 -44.28
N HIS C 290 28.47 30.72 -43.21
CA HIS C 290 29.58 31.47 -42.63
C HIS C 290 30.18 30.74 -41.43
N PHE C 291 29.42 29.87 -40.78
CA PHE C 291 29.85 29.15 -39.58
C PHE C 291 29.59 27.66 -39.73
N PRO C 292 30.23 27.03 -40.71
CA PRO C 292 30.08 25.57 -40.85
C PRO C 292 30.58 24.80 -39.63
N GLU C 293 31.62 25.31 -38.96
CA GLU C 293 32.06 24.68 -37.72
C GLU C 293 30.96 24.70 -36.68
N LEU C 294 30.25 25.82 -36.57
CA LEU C 294 29.12 25.89 -35.66
C LEU C 294 28.02 24.92 -36.05
N ALA C 295 27.73 24.80 -37.35
CA ALA C 295 26.70 23.86 -37.78
C ALA C 295 27.08 22.43 -37.40
N VAL C 296 28.32 22.03 -37.67
CA VAL C 296 28.75 20.68 -37.36
C VAL C 296 28.77 20.45 -35.85
N ALA C 297 29.19 21.47 -35.08
CA ALA C 297 29.20 21.33 -33.64
C ALA C 297 27.80 21.15 -33.08
N LEU C 298 26.83 21.91 -33.59
CA LEU C 298 25.45 21.73 -33.16
C LEU C 298 24.93 20.35 -33.51
N ALA C 299 25.23 19.87 -34.73
CA ALA C 299 24.80 18.52 -35.11
C ALA C 299 25.40 17.46 -34.20
N TYR C 300 26.69 17.62 -33.87
CA TYR C 300 27.35 16.66 -32.98
C TYR C 300 26.75 16.69 -31.58
N GLN C 301 26.54 17.89 -31.03
CA GLN C 301 26.01 18.01 -29.68
C GLN C 301 24.55 17.55 -29.58
N ARG C 302 23.81 17.59 -30.68
CA ARG C 302 22.43 17.10 -30.63
C ARG C 302 22.38 15.64 -30.20
N ARG C 303 23.32 14.82 -30.69
CA ARG C 303 23.36 13.41 -30.28
C ARG C 303 23.64 13.28 -28.79
N ARG C 304 24.60 14.06 -28.28
CA ARG C 304 24.95 13.97 -26.87
C ARG C 304 23.77 14.39 -25.99
N LEU C 305 23.03 15.42 -26.41
CA LEU C 305 21.85 15.82 -25.65
C LEU C 305 20.76 14.75 -25.65
N GLN C 306 20.86 13.75 -26.52
CA GLN C 306 19.91 12.64 -26.55
C GLN C 306 20.42 11.43 -25.76
N GLY C 307 21.55 11.57 -25.07
CA GLY C 307 22.11 10.46 -24.32
C GLY C 307 22.58 9.30 -25.18
N ALA C 308 23.24 9.60 -26.31
CA ALA C 308 23.73 8.57 -27.21
C ALA C 308 25.11 8.96 -27.71
N GLU C 309 25.84 7.96 -28.20
CA GLU C 309 27.19 8.17 -28.70
C GLU C 309 27.16 8.61 -30.16
N PRO C 310 27.77 9.73 -30.50
CA PRO C 310 27.73 10.19 -31.89
C PRO C 310 28.44 9.21 -32.80
N PRO C 311 28.05 9.15 -34.07
CA PRO C 311 28.69 8.23 -35.00
C PRO C 311 30.10 8.68 -35.37
N GLN C 312 30.82 7.75 -35.99
CA GLN C 312 32.23 7.98 -36.29
C GLN C 312 32.42 9.07 -37.34
N TYR C 313 31.54 9.17 -38.33
CA TYR C 313 31.66 10.24 -39.30
C TYR C 313 31.38 11.60 -38.68
N LEU C 314 30.41 11.69 -37.78
CA LEU C 314 30.21 12.93 -37.04
C LEU C 314 31.41 13.28 -36.17
N GLU C 315 32.02 12.29 -35.51
CA GLU C 315 33.23 12.57 -34.74
C GLU C 315 34.34 13.09 -35.65
N ASN C 316 34.52 12.45 -36.81
CA ASN C 316 35.56 12.89 -37.75
C ASN C 316 35.33 14.33 -38.17
N ALA C 317 34.11 14.68 -38.58
CA ALA C 317 33.83 16.05 -38.96
C ALA C 317 34.05 17.02 -37.80
N PHE C 318 33.50 16.69 -36.63
CA PHE C 318 33.61 17.57 -35.46
C PHE C 318 35.06 17.85 -35.11
N TYR C 319 35.94 16.87 -35.28
CA TYR C 319 37.33 17.07 -34.90
C TYR C 319 38.19 17.62 -36.02
N ASN C 320 37.79 17.48 -37.29
CA ASN C 320 38.66 17.83 -38.40
C ASN C 320 38.16 18.94 -39.30
N LEU C 321 37.00 19.55 -38.99
CA LEU C 321 36.50 20.62 -39.86
C LEU C 321 37.45 21.81 -39.89
N GLU C 322 38.06 22.16 -38.74
CA GLU C 322 38.96 23.29 -38.71
C GLU C 322 40.18 23.08 -39.60
N ASP C 323 40.58 21.83 -39.83
CA ASP C 323 41.62 21.54 -40.81
C ASP C 323 41.08 21.49 -42.23
N TRP C 324 39.85 20.97 -42.41
CA TRP C 324 39.24 20.96 -43.72
C TRP C 324 39.05 22.37 -44.28
N LYS C 325 38.94 23.37 -43.41
CA LYS C 325 38.68 24.73 -43.88
C LYS C 325 39.78 25.21 -44.82
N HIS C 326 40.99 24.68 -44.68
CA HIS C 326 42.10 25.11 -45.54
C HIS C 326 42.13 24.41 -46.89
N ILE C 327 41.23 23.46 -47.13
CA ILE C 327 41.14 22.76 -48.40
C ILE C 327 39.81 23.14 -49.05
N PRO C 328 39.82 23.98 -50.09
CA PRO C 328 38.55 24.30 -50.77
C PRO C 328 37.84 23.08 -51.32
N ASP C 329 38.59 22.06 -51.76
CA ASP C 329 37.95 20.85 -52.28
C ASP C 329 37.11 20.17 -51.20
N ARG C 330 37.61 20.16 -49.96
CA ARG C 330 36.84 19.58 -48.87
C ARG C 330 35.70 20.51 -48.45
N MET C 331 35.96 21.82 -48.40
CA MET C 331 34.93 22.77 -47.99
C MET C 331 33.73 22.75 -48.93
N ALA C 332 33.98 22.48 -50.22
CA ALA C 332 32.89 22.41 -51.18
C ALA C 332 31.90 21.32 -50.79
N TYR C 333 32.39 20.19 -50.29
CA TYR C 333 31.50 19.10 -49.91
C TYR C 333 30.63 19.48 -48.72
N VAL C 334 31.18 20.21 -47.75
CA VAL C 334 30.38 20.63 -46.60
C VAL C 334 29.34 21.66 -47.02
N TYR C 335 29.72 22.59 -47.90
CA TYR C 335 28.75 23.56 -48.40
C TYR C 335 27.63 22.86 -49.17
N GLY C 336 27.98 21.88 -50.00
CA GLY C 336 26.97 21.11 -50.69
C GLY C 336 26.10 20.30 -49.76
N ALA C 337 26.67 19.79 -48.67
CA ALA C 337 25.87 19.09 -47.67
C ALA C 337 24.85 20.02 -47.04
N LEU C 338 25.26 21.24 -46.71
CA LEU C 338 24.31 22.22 -46.19
C LEU C 338 23.19 22.49 -47.19
N ARG C 339 23.56 22.75 -48.45
CA ARG C 339 22.54 23.06 -49.45
C ARG C 339 21.59 21.89 -49.66
N LYS C 340 22.13 20.67 -49.74
CA LYS C 340 21.30 19.49 -49.92
C LYS C 340 20.37 19.29 -48.73
N ALA C 341 20.86 19.52 -47.52
CA ALA C 341 19.97 19.52 -46.36
C ALA C 341 18.86 20.54 -46.51
N GLY C 342 19.14 21.69 -47.11
CA GLY C 342 18.09 22.64 -47.42
C GLY C 342 18.26 24.02 -46.83
N LEU C 343 19.50 24.40 -46.56
CA LEU C 343 19.80 25.72 -46.00
C LEU C 343 20.03 26.69 -47.16
N THR C 344 19.07 27.59 -47.37
CA THR C 344 19.14 28.51 -48.49
C THR C 344 20.37 29.40 -48.35
N PRO C 345 21.19 29.53 -49.39
CA PRO C 345 22.38 30.39 -49.31
C PRO C 345 22.06 31.83 -49.69
N ARG C 346 23.02 32.70 -49.43
CA ARG C 346 22.93 34.07 -49.91
C ARG C 346 23.03 34.09 -51.43
N LYS C 347 22.21 34.91 -52.08
CA LYS C 347 22.21 34.96 -53.53
C LYS C 347 23.58 35.33 -54.05
N GLY C 348 24.01 34.65 -55.11
CA GLY C 348 25.33 34.87 -55.65
C GLY C 348 26.45 34.30 -54.84
N LEU C 349 26.22 33.17 -54.16
CA LEU C 349 27.25 32.50 -53.38
C LEU C 349 27.97 31.50 -54.27
N LYS C 350 29.28 31.66 -54.43
CA LYS C 350 30.07 30.88 -55.36
C LYS C 350 31.09 30.05 -54.60
N ILE C 351 31.10 28.75 -54.89
CA ILE C 351 32.08 27.83 -54.31
C ILE C 351 33.09 27.45 -55.40
N LYS C 352 34.15 26.75 -54.99
CA LYS C 352 35.33 26.56 -55.83
C LYS C 352 35.65 25.07 -55.97
N TYR C 353 34.65 24.26 -56.29
CA TYR C 353 34.91 22.86 -56.61
C TYR C 353 35.81 22.76 -57.83
N LYS C 354 36.85 21.93 -57.73
CA LYS C 354 37.80 21.76 -58.82
C LYS C 354 38.44 23.09 -59.20
N ASN C 355 38.00 23.66 -60.33
CA ASN C 355 38.47 24.97 -60.77
C ASN C 355 37.36 25.90 -61.24
N GLU C 356 36.13 25.41 -61.39
CA GLU C 356 35.03 26.25 -61.85
C GLU C 356 34.24 26.77 -60.66
N ASN C 357 34.04 28.09 -60.64
CA ASN C 357 33.32 28.74 -59.55
C ASN C 357 31.83 28.72 -59.87
N TYR C 358 31.14 27.72 -59.34
CA TYR C 358 29.69 27.67 -59.46
C TYR C 358 29.06 28.68 -58.52
N ASP C 359 27.73 28.69 -58.47
CA ASP C 359 26.98 29.39 -57.44
C ASP C 359 25.80 28.53 -57.03
N ILE C 360 25.58 28.43 -55.72
CA ILE C 360 24.61 27.48 -55.19
C ILE C 360 23.19 28.02 -55.19
N SER C 361 23.01 29.33 -55.33
CA SER C 361 21.67 29.91 -55.26
C SER C 361 20.82 29.49 -56.47
N GLU C 362 21.41 29.52 -57.66
CA GLU C 362 20.67 29.22 -58.88
C GLU C 362 20.62 27.71 -59.10
N GLU C 363 19.42 27.20 -59.36
CA GLU C 363 19.22 25.75 -59.47
C GLU C 363 20.03 25.14 -60.60
N LYS C 364 20.28 25.87 -61.68
CA LYS C 364 21.08 25.31 -62.77
C LYS C 364 22.48 24.97 -62.30
N SER C 365 23.16 25.93 -61.68
CA SER C 365 24.50 25.68 -61.17
C SER C 365 24.49 24.70 -60.02
N TRP C 366 23.44 24.72 -59.19
CA TRP C 366 23.34 23.73 -58.13
C TRP C 366 23.26 22.31 -58.68
N GLY C 367 22.46 22.10 -59.73
CA GLY C 367 22.40 20.79 -60.35
C GLY C 367 23.70 20.40 -61.02
N ASN C 368 24.37 21.37 -61.67
CA ASN C 368 25.66 21.08 -62.27
C ASN C 368 26.66 20.63 -61.21
N LEU C 369 26.73 21.32 -60.09
CA LEU C 369 27.61 20.93 -59.00
C LEU C 369 27.22 19.56 -58.45
N GLN C 370 25.92 19.34 -58.24
CA GLN C 370 25.45 18.08 -57.69
C GLN C 370 25.87 16.91 -58.56
N GLU C 371 25.74 17.05 -59.88
CA GLU C 371 26.11 15.97 -60.77
C GLU C 371 27.61 15.86 -60.94
N ALA C 372 28.35 16.97 -60.90
CA ALA C 372 29.80 16.89 -60.97
C ALA C 372 30.39 16.15 -59.79
N MET C 373 29.87 16.42 -58.59
CA MET C 373 30.35 15.74 -57.39
C MET C 373 30.15 14.23 -57.51
N GLY C 384 37.33 10.73 -47.86
CA GLY C 384 37.40 11.66 -46.75
C GLY C 384 36.10 11.76 -45.97
N GLY C 385 36.11 12.56 -44.91
CA GLY C 385 34.91 12.72 -44.11
C GLY C 385 33.90 13.68 -44.72
N ALA C 386 34.38 14.61 -45.54
CA ALA C 386 33.48 15.58 -46.18
C ALA C 386 32.49 14.89 -47.10
N ARG C 387 32.95 13.89 -47.85
CA ARG C 387 32.05 13.17 -48.74
C ARG C 387 31.04 12.34 -47.95
N GLU C 388 31.46 11.80 -46.80
CA GLU C 388 30.50 11.14 -45.92
C GLU C 388 29.45 12.11 -45.40
N LEU C 389 29.88 13.32 -45.03
CA LEU C 389 28.93 14.35 -44.62
C LEU C 389 27.93 14.64 -45.72
N TYR C 390 28.41 14.81 -46.94
CA TYR C 390 27.51 15.08 -48.06
C TYR C 390 26.57 13.91 -48.30
N SER C 391 27.07 12.69 -48.20
CA SER C 391 26.22 11.51 -48.39
C SER C 391 25.13 11.43 -47.34
N ARG C 392 25.45 11.78 -46.10
CA ARG C 392 24.51 11.70 -44.99
C ARG C 392 24.04 13.08 -44.55
N ALA C 393 23.81 13.97 -45.52
CA ALA C 393 23.53 15.37 -45.24
C ALA C 393 22.18 15.60 -44.56
N LYS C 394 21.27 14.63 -44.60
CA LYS C 394 19.97 14.85 -43.97
C LYS C 394 20.07 15.17 -42.49
N VAL C 395 21.15 14.74 -41.83
CA VAL C 395 21.36 15.06 -40.42
C VAL C 395 21.41 16.56 -40.16
N PHE C 396 21.52 17.39 -41.19
CA PHE C 396 21.57 18.84 -41.05
C PHE C 396 20.21 19.49 -41.14
N SER C 397 19.15 18.71 -41.42
CA SER C 397 17.84 19.32 -41.66
C SER C 397 17.41 20.20 -40.49
N PHE C 398 17.50 19.69 -39.27
CA PHE C 398 17.02 20.42 -38.10
C PHE C 398 17.68 21.79 -37.96
N LEU C 399 18.71 22.09 -38.75
CA LEU C 399 19.36 23.39 -38.67
C LEU C 399 18.60 24.49 -39.39
N ARG C 400 17.45 24.18 -40.01
CA ARG C 400 16.70 25.19 -40.72
C ARG C 400 16.07 26.22 -39.80
N ALA C 401 15.89 25.90 -38.52
CA ALA C 401 15.21 26.82 -37.61
C ALA C 401 16.07 28.04 -37.30
N PHE C 402 17.39 27.86 -37.19
CA PHE C 402 18.29 28.95 -36.83
C PHE C 402 18.93 29.63 -38.03
N HIS C 403 18.59 29.21 -39.25
CA HIS C 403 19.29 29.67 -40.44
C HIS C 403 18.68 30.96 -40.97
N ALA C 404 19.55 31.87 -41.40
CA ALA C 404 19.16 33.11 -42.07
C ALA C 404 20.33 33.63 -42.88
N PRO C 405 20.18 33.78 -44.19
CA PRO C 405 21.32 34.22 -45.01
C PRO C 405 21.80 35.61 -44.63
N GLY C 406 23.10 35.82 -44.75
CA GLY C 406 23.68 37.14 -44.55
C GLY C 406 23.53 37.71 -43.16
N LYS C 407 23.77 36.90 -42.13
CA LYS C 407 23.65 37.36 -40.74
C LYS C 407 25.00 37.70 -40.14
N GLU C 408 25.93 36.74 -40.10
CA GLU C 408 27.27 36.97 -39.57
C GLU C 408 27.21 37.44 -38.11
N ALA C 409 26.41 36.73 -37.31
CA ALA C 409 26.17 37.11 -35.92
C ALA C 409 26.80 36.15 -34.93
N ASN C 410 26.46 34.86 -35.00
CA ASN C 410 26.92 33.87 -34.04
C ASN C 410 26.58 34.29 -32.61
N PHE C 411 25.27 34.38 -32.35
CA PHE C 411 24.80 34.87 -31.06
C PHE C 411 25.28 34.00 -29.90
N LEU C 412 25.61 32.73 -30.16
CA LEU C 412 26.07 31.87 -29.08
C LEU C 412 27.36 32.39 -28.46
N GLU C 413 28.16 33.12 -29.23
CA GLU C 413 29.39 33.71 -28.72
C GLU C 413 29.16 35.09 -28.12
N THR C 414 28.23 35.87 -28.69
CA THR C 414 27.94 37.19 -28.15
C THR C 414 27.26 37.10 -26.79
N ILE C 415 26.36 36.14 -26.61
CA ILE C 415 25.75 35.93 -25.29
C ILE C 415 26.80 35.47 -24.29
N LYS C 416 27.71 34.59 -24.72
CA LYS C 416 28.79 34.17 -23.85
C LYS C 416 29.63 35.35 -23.40
N GLU C 417 29.98 36.24 -24.32
CA GLU C 417 30.71 37.45 -23.95
C GLU C 417 29.88 38.37 -23.06
N ASP C 418 28.58 38.49 -23.31
CA ASP C 418 27.74 39.34 -22.47
C ASP C 418 27.73 38.87 -21.03
N LEU C 419 27.64 37.56 -20.82
CA LEU C 419 27.51 37.03 -19.46
C LEU C 419 28.83 36.68 -18.79
N LEU C 420 29.92 36.49 -19.55
CA LEU C 420 31.18 36.06 -18.97
C LEU C 420 32.38 36.76 -19.58
N GLY C 421 32.21 37.98 -20.07
CA GLY C 421 33.30 38.69 -20.73
C GLY C 421 34.50 38.93 -19.86
N GLU C 422 35.69 38.66 -20.38
CA GLU C 422 36.91 38.90 -19.63
C GLU C 422 37.08 40.38 -19.33
N LYS C 423 36.85 41.23 -20.33
CA LYS C 423 36.92 42.67 -20.10
C LYS C 423 35.77 43.14 -19.22
N THR C 424 34.56 42.62 -19.46
CA THR C 424 33.39 42.99 -18.69
C THR C 424 33.23 42.06 -17.49
N GLU C 425 34.24 42.06 -16.62
CA GLU C 425 34.17 41.35 -15.35
C GLU C 425 33.31 42.15 -14.37
N GLY C 426 32.07 42.40 -14.80
CA GLY C 426 31.15 43.25 -14.07
C GLY C 426 30.32 44.10 -15.00
N GLU C 427 29.87 45.26 -14.50
CA GLU C 427 29.10 46.21 -15.28
C GLU C 427 27.70 45.70 -15.56
N GLY C 428 27.41 44.46 -15.16
CA GLY C 428 26.06 43.92 -15.28
C GLY C 428 25.62 43.73 -16.71
N LYS C 429 24.63 42.88 -16.92
CA LYS C 429 24.04 42.70 -18.25
C LYS C 429 22.78 41.86 -18.10
N VAL C 430 21.66 42.38 -18.57
CA VAL C 430 20.36 41.71 -18.46
C VAL C 430 20.04 41.16 -19.84
N VAL C 431 20.41 39.91 -20.10
CA VAL C 431 20.12 39.24 -21.35
C VAL C 431 18.73 38.64 -21.27
N ILE C 432 17.87 39.00 -22.22
CA ILE C 432 16.52 38.45 -22.32
C ILE C 432 16.42 37.69 -23.63
N LEU C 433 15.89 36.48 -23.58
CA LEU C 433 15.73 35.65 -24.77
C LEU C 433 14.24 35.45 -25.04
N ASP C 434 13.82 35.84 -26.25
CA ASP C 434 12.42 35.66 -26.68
C ASP C 434 12.28 34.25 -27.24
N LEU C 435 12.01 33.31 -26.34
CA LEU C 435 11.94 31.90 -26.73
C LEU C 435 10.87 31.61 -27.78
N PRO C 436 9.66 32.17 -27.70
CA PRO C 436 8.64 31.81 -28.70
C PRO C 436 9.09 32.07 -30.13
N SER C 437 9.89 33.10 -30.37
CA SER C 437 10.36 33.43 -31.71
C SER C 437 11.17 32.31 -32.35
N LEU C 438 11.67 31.35 -31.56
CA LEU C 438 12.42 30.23 -32.08
C LEU C 438 11.55 29.02 -32.39
N GLY C 439 10.24 29.10 -32.12
CA GLY C 439 9.38 27.97 -32.44
C GLY C 439 9.78 26.72 -31.68
N GLU C 440 9.91 25.61 -32.43
CA GLU C 440 10.16 24.32 -31.80
C GLU C 440 11.61 24.18 -31.33
N ALA C 441 12.56 24.79 -32.02
CA ALA C 441 13.97 24.63 -31.71
C ALA C 441 14.39 25.30 -30.41
N ALA C 442 13.47 25.98 -29.72
CA ALA C 442 13.83 26.72 -28.52
C ALA C 442 14.40 25.80 -27.46
N ASP C 443 13.87 24.60 -27.33
CA ASP C 443 14.35 23.67 -26.31
C ASP C 443 15.81 23.30 -26.54
N PHE C 444 16.15 22.90 -27.77
CA PHE C 444 17.53 22.55 -28.08
C PHE C 444 18.44 23.75 -27.92
N PHE C 445 18.00 24.92 -28.37
CA PHE C 445 18.81 26.12 -28.21
C PHE C 445 19.09 26.39 -26.74
N THR C 446 18.07 26.27 -25.89
CA THR C 446 18.25 26.53 -24.46
C THR C 446 19.22 25.54 -23.85
N LEU C 447 19.06 24.25 -24.17
CA LEU C 447 19.96 23.23 -23.61
C LEU C 447 21.40 23.49 -24.03
N ARG C 448 21.63 23.75 -25.31
CA ARG C 448 22.98 23.98 -25.79
C ARG C 448 23.59 25.23 -25.15
N LEU C 449 22.81 26.32 -25.07
CA LEU C 449 23.32 27.55 -24.49
C LEU C 449 23.69 27.36 -23.02
N MET C 450 22.82 26.68 -22.26
CA MET C 450 23.11 26.45 -20.85
C MET C 450 24.35 25.58 -20.68
N ASP C 451 24.48 24.53 -21.49
CA ASP C 451 25.66 23.68 -21.39
C ASP C 451 26.94 24.45 -21.71
N LEU C 452 26.92 25.25 -22.76
CA LEU C 452 28.10 26.04 -23.12
C LEU C 452 28.45 27.05 -22.03
N LEU C 453 27.43 27.73 -21.49
CA LEU C 453 27.69 28.70 -20.43
C LEU C 453 28.26 28.04 -19.19
N PHE C 454 27.72 26.88 -18.79
CA PHE C 454 28.25 26.20 -17.61
C PHE C 454 29.67 25.68 -17.84
N ASP C 455 29.96 25.17 -19.03
CA ASP C 455 31.34 24.74 -19.32
C ASP C 455 32.30 25.93 -19.22
N ARG C 456 31.92 27.08 -19.79
CA ARG C 456 32.79 28.24 -19.69
C ARG C 456 32.94 28.70 -18.24
N ALA C 457 31.86 28.67 -17.45
CA ALA C 457 31.94 29.08 -16.06
C ALA C 457 32.88 28.17 -15.28
N VAL C 458 32.82 26.86 -15.52
CA VAL C 458 33.75 25.95 -14.85
C VAL C 458 35.18 26.20 -15.32
N GLU C 459 35.35 26.51 -16.60
CA GLU C 459 36.69 26.78 -17.12
C GLU C 459 37.29 28.05 -16.51
N LEU C 460 36.47 29.04 -16.19
CA LEU C 460 36.96 30.31 -15.68
C LEU C 460 37.04 30.37 -14.17
N TYR C 461 36.80 29.27 -13.46
CA TYR C 461 36.85 29.28 -12.01
C TYR C 461 38.21 29.75 -11.51
N GLY C 462 38.20 30.62 -10.51
CA GLY C 462 39.42 31.17 -9.95
C GLY C 462 39.99 32.36 -10.70
N LYS C 463 39.36 32.78 -11.79
CA LYS C 463 39.85 33.91 -12.57
C LYS C 463 38.74 34.93 -12.76
N ARG C 464 37.50 34.46 -12.88
CA ARG C 464 36.36 35.34 -13.11
C ARG C 464 35.10 34.57 -12.71
N GLN C 465 34.42 35.05 -11.67
CA GLN C 465 33.21 34.39 -11.21
C GLN C 465 32.06 34.63 -12.21
N ALA C 466 31.23 33.61 -12.40
CA ALA C 466 30.12 33.72 -13.35
C ALA C 466 29.18 34.84 -12.94
N ASN C 467 28.52 34.70 -11.79
CA ASN C 467 27.69 35.75 -11.21
C ASN C 467 26.55 36.18 -12.15
N PHE C 468 25.63 35.24 -12.39
CA PHE C 468 24.40 35.61 -13.07
C PHE C 468 23.26 34.71 -12.61
N LEU C 469 22.04 35.19 -12.85
CA LEU C 469 20.83 34.53 -12.39
C LEU C 469 19.97 34.11 -13.57
N VAL C 470 19.61 32.83 -13.61
CA VAL C 470 18.79 32.26 -14.68
C VAL C 470 17.33 32.32 -14.24
N VAL C 471 16.49 32.94 -15.05
CA VAL C 471 15.08 33.15 -14.73
C VAL C 471 14.22 32.27 -15.65
N LEU C 472 13.41 31.40 -15.03
CA LEU C 472 12.57 30.42 -15.70
C LEU C 472 11.13 30.57 -15.23
N GLU C 473 10.20 30.51 -16.18
CA GLU C 473 8.78 30.55 -15.87
C GLU C 473 8.12 29.27 -16.36
N GLU C 474 7.06 28.87 -15.67
CA GLU C 474 6.46 27.54 -15.85
C GLU C 474 7.56 26.48 -15.87
N ALA C 475 8.30 26.44 -14.76
CA ALA C 475 9.56 25.69 -14.71
C ALA C 475 9.37 24.20 -14.91
N HIS C 476 8.16 23.67 -14.79
CA HIS C 476 8.04 22.23 -15.01
C HIS C 476 8.16 21.86 -16.48
N ASN C 477 8.46 22.83 -17.36
CA ASN C 477 8.72 22.52 -18.76
C ASN C 477 10.18 22.16 -18.98
N PHE C 478 11.11 23.07 -18.64
CA PHE C 478 12.53 22.80 -18.80
C PHE C 478 13.08 21.89 -17.71
N LEU C 479 12.48 21.94 -16.51
CA LEU C 479 12.99 21.15 -15.40
C LEU C 479 12.62 19.69 -15.58
N GLU C 480 13.47 18.96 -16.29
CA GLU C 480 13.28 17.53 -16.54
C GLU C 480 14.67 16.89 -16.61
N ASP C 481 14.74 15.66 -17.11
CA ASP C 481 15.99 14.91 -17.13
C ASP C 481 16.17 14.28 -18.51
N LYS C 482 16.91 14.97 -19.39
CA LYS C 482 17.38 14.41 -20.64
C LYS C 482 18.89 14.18 -20.63
N ALA C 483 19.65 15.23 -20.32
CA ALA C 483 21.08 15.11 -20.06
C ALA C 483 21.46 15.74 -18.72
N GLY C 484 20.48 16.20 -17.95
CA GLY C 484 20.74 16.80 -16.67
C GLY C 484 21.48 18.12 -16.70
N ILE C 485 21.26 18.94 -17.73
CA ILE C 485 21.91 20.24 -17.78
C ILE C 485 21.38 21.15 -16.68
N PHE C 486 20.05 21.21 -16.54
CA PHE C 486 19.46 22.02 -15.48
C PHE C 486 19.70 21.41 -14.10
N TYR C 487 19.75 20.08 -14.01
CA TYR C 487 20.15 19.45 -12.76
C TYR C 487 21.57 19.86 -12.37
N ARG C 488 22.49 19.87 -13.33
CA ARG C 488 23.85 20.30 -13.05
C ARG C 488 23.88 21.75 -12.62
N VAL C 489 23.11 22.61 -13.30
CA VAL C 489 23.06 24.01 -12.90
C VAL C 489 22.58 24.15 -11.46
N ALA C 490 21.47 23.50 -11.13
CA ALA C 490 20.90 23.61 -9.80
C ALA C 490 21.76 22.95 -8.73
N LYS C 491 22.61 21.99 -9.10
CA LYS C 491 23.38 21.25 -8.10
C LYS C 491 24.77 21.81 -7.85
N GLU C 492 25.44 22.35 -8.87
CA GLU C 492 26.73 23.01 -8.63
C GLU C 492 26.82 24.34 -9.36
N GLY C 493 25.79 25.16 -9.26
CA GLY C 493 25.90 26.54 -9.69
C GLY C 493 26.33 27.46 -8.56
N ARG C 494 26.21 26.97 -7.32
CA ARG C 494 26.50 27.81 -6.16
C ARG C 494 27.99 28.12 -6.05
N LYS C 495 28.85 27.20 -6.45
CA LYS C 495 30.29 27.45 -6.39
C LYS C 495 30.69 28.61 -7.28
N TYR C 496 30.09 28.71 -8.46
CA TYR C 496 30.43 29.72 -9.45
C TYR C 496 29.52 30.94 -9.40
N GLY C 497 28.57 30.98 -8.47
CA GLY C 497 27.72 32.14 -8.33
C GLY C 497 26.58 32.23 -9.31
N ILE C 498 26.14 31.11 -9.86
CA ILE C 498 25.00 31.08 -10.78
C ILE C 498 23.77 30.72 -9.98
N GLY C 499 22.76 31.60 -10.02
CA GLY C 499 21.54 31.41 -9.28
C GLY C 499 20.39 31.03 -10.21
N MET C 500 19.32 30.54 -9.60
CA MET C 500 18.10 30.20 -10.32
C MET C 500 16.90 30.85 -9.67
N LEU C 501 15.95 31.27 -10.51
CA LEU C 501 14.65 31.78 -10.06
C LEU C 501 13.61 31.17 -10.99
N TYR C 502 12.94 30.12 -10.52
CA TYR C 502 11.96 29.39 -11.32
C TYR C 502 10.58 29.55 -10.70
N SER C 503 9.60 29.86 -11.55
CA SER C 503 8.22 30.02 -11.13
C SER C 503 7.37 28.92 -11.75
N THR C 504 6.40 28.43 -10.98
CA THR C 504 5.50 27.40 -11.50
C THR C 504 4.20 27.43 -10.73
N GLN C 505 3.14 27.00 -11.40
CA GLN C 505 1.81 26.92 -10.81
C GLN C 505 1.51 25.53 -10.26
N SER C 506 2.43 24.58 -10.41
CA SER C 506 2.19 23.19 -10.03
C SER C 506 3.46 22.63 -9.38
N PRO C 507 3.65 22.85 -8.08
CA PRO C 507 4.88 22.37 -7.43
C PRO C 507 5.12 20.88 -7.61
N ALA C 508 4.05 20.07 -7.65
CA ALA C 508 4.21 18.64 -7.78
C ALA C 508 4.92 18.25 -9.07
N SER C 509 4.97 19.14 -10.05
CA SER C 509 5.63 18.87 -11.32
C SER C 509 7.10 19.23 -11.31
N ILE C 510 7.64 19.70 -10.19
CA ILE C 510 9.07 20.01 -10.09
C ILE C 510 9.77 18.80 -9.49
N PRO C 511 10.85 18.32 -10.10
CA PRO C 511 11.56 17.16 -9.54
C PRO C 511 12.09 17.46 -8.14
N MET C 512 12.02 16.44 -7.27
CA MET C 512 12.53 16.60 -5.93
C MET C 512 14.04 16.82 -5.92
N GLU C 513 14.74 16.39 -6.98
CA GLU C 513 16.16 16.66 -7.08
C GLU C 513 16.43 18.16 -7.04
N ILE C 514 15.57 18.95 -7.69
CA ILE C 514 15.72 20.40 -7.66
C ILE C 514 15.00 21.01 -6.46
N LEU C 515 13.89 20.41 -6.03
CA LEU C 515 13.14 20.96 -4.90
C LEU C 515 13.95 20.90 -3.61
N SER C 516 14.76 19.85 -3.43
CA SER C 516 15.47 19.64 -2.18
C SER C 516 16.75 20.45 -2.08
N GLN C 517 17.15 21.16 -3.13
CA GLN C 517 18.33 22.01 -3.10
C GLN C 517 17.99 23.50 -3.09
N THR C 518 16.71 23.84 -2.90
CA THR C 518 16.27 25.23 -2.91
C THR C 518 16.38 25.84 -1.52
N GLU C 519 16.73 27.12 -1.47
CA GLU C 519 16.89 27.85 -0.22
C GLU C 519 15.77 28.84 0.05
N ASN C 520 15.30 29.55 -0.95
CA ASN C 520 14.24 30.55 -0.81
C ASN C 520 12.94 29.99 -1.34
N PHE C 521 11.87 30.14 -0.55
CA PHE C 521 10.53 29.72 -0.94
C PHE C 521 9.58 30.89 -0.77
N LEU C 522 8.73 31.10 -1.77
CA LEU C 522 7.74 32.18 -1.77
C LEU C 522 6.45 31.57 -2.30
N VAL C 523 5.56 31.15 -1.40
CA VAL C 523 4.42 30.33 -1.76
C VAL C 523 3.14 31.13 -1.58
N LYS C 524 2.30 31.14 -2.61
CA LYS C 524 0.99 31.78 -2.59
C LYS C 524 -0.11 30.72 -2.58
N HIS C 525 -1.34 31.18 -2.72
CA HIS C 525 -2.50 30.28 -2.63
C HIS C 525 -2.40 29.14 -3.63
N LEU C 526 -2.64 27.92 -3.16
CA LEU C 526 -2.77 26.74 -4.01
C LEU C 526 -4.05 26.01 -3.65
N SER C 527 -4.67 25.39 -4.64
CA SER C 527 -5.93 24.69 -4.44
C SER C 527 -5.81 23.17 -4.50
N SER C 528 -4.73 22.64 -5.06
CA SER C 528 -4.55 21.20 -5.15
C SER C 528 -3.85 20.66 -3.90
N GLU C 529 -4.28 19.49 -3.45
CA GLU C 529 -3.69 18.87 -2.28
C GLU C 529 -2.33 18.24 -2.56
N GLU C 530 -2.15 17.67 -3.75
CA GLU C 530 -0.87 17.11 -4.16
C GLU C 530 0.20 18.18 -4.36
N ASP C 531 -0.20 19.44 -4.49
CA ASP C 531 0.75 20.54 -4.60
C ASP C 531 1.29 20.98 -3.25
N VAL C 532 0.47 20.90 -2.19
CA VAL C 532 0.94 21.25 -0.86
C VAL C 532 1.59 20.07 -0.16
N LYS C 533 1.19 18.84 -0.50
CA LYS C 533 1.88 17.69 0.08
C LYS C 533 3.33 17.61 -0.37
N VAL C 534 3.60 17.91 -1.64
CA VAL C 534 4.99 17.97 -2.10
C VAL C 534 5.75 19.09 -1.40
N LEU C 535 5.10 20.22 -1.16
CA LEU C 535 5.71 21.28 -0.37
C LEU C 535 6.14 20.78 1.00
N LYS C 536 5.23 20.10 1.70
CA LYS C 536 5.57 19.58 3.02
C LYS C 536 6.70 18.55 2.95
N ARG C 537 6.68 17.67 1.95
CA ARG C 537 7.73 16.68 1.82
C ARG C 537 9.07 17.25 1.39
N ALA C 538 9.09 18.44 0.79
CA ALA C 538 10.32 19.08 0.38
C ALA C 538 10.92 20.00 1.43
N LYS C 539 10.08 20.66 2.24
CA LYS C 539 10.57 21.56 3.28
C LYS C 539 9.69 21.39 4.51
N ALA C 540 10.28 20.94 5.60
CA ALA C 540 9.49 20.53 6.76
C ALA C 540 8.62 21.63 7.35
N PRO C 541 9.12 22.83 7.61
CA PRO C 541 8.29 23.85 8.27
C PRO C 541 7.00 24.16 7.51
N PHE C 542 7.01 24.06 6.20
CA PHE C 542 5.82 24.36 5.42
C PHE C 542 4.68 23.42 5.73
N ALA C 543 4.86 22.48 6.65
CA ALA C 543 3.76 21.66 7.11
C ALA C 543 2.79 22.44 8.00
N PHE C 544 3.18 23.63 8.46
CA PHE C 544 2.33 24.39 9.37
C PHE C 544 1.35 25.32 8.67
N VAL C 545 1.44 25.48 7.35
CA VAL C 545 0.64 26.48 6.64
C VAL C 545 -0.09 25.88 5.44
N ALA C 546 -0.01 24.56 5.25
CA ALA C 546 -0.64 23.94 4.09
C ALA C 546 -2.14 24.12 4.11
N ASP C 547 -2.76 24.01 5.28
CA ASP C 547 -4.21 24.15 5.37
C ASP C 547 -4.66 25.59 5.19
N PHE C 548 -3.86 26.57 5.62
CA PHE C 548 -4.15 27.95 5.27
C PHE C 548 -4.10 28.15 3.77
N LEU C 549 -3.07 27.60 3.12
CA LEU C 549 -2.93 27.76 1.68
C LEU C 549 -4.10 27.12 0.93
N LEU C 550 -4.54 25.95 1.36
CA LEU C 550 -5.60 25.24 0.66
C LEU C 550 -6.95 25.94 0.72
N SER C 551 -7.18 26.83 1.69
CA SER C 551 -8.51 27.34 1.93
C SER C 551 -8.61 28.86 1.99
N GLU C 552 -7.51 29.59 1.86
CA GLU C 552 -7.55 31.06 1.91
C GLU C 552 -7.00 31.65 0.62
N PRO C 553 -7.87 31.92 -0.35
CA PRO C 553 -7.47 32.58 -1.62
C PRO C 553 -7.37 34.10 -1.53
N ILE C 554 -6.21 34.56 -1.05
CA ILE C 554 -5.92 35.99 -0.91
C ILE C 554 -4.84 36.36 -1.91
N ILE C 555 -5.07 37.42 -2.67
CA ILE C 555 -4.12 37.86 -3.70
C ILE C 555 -3.05 38.71 -3.05
N GLY C 556 -1.79 38.42 -3.37
CA GLY C 556 -0.67 39.15 -2.82
C GLY C 556 -0.23 38.72 -1.44
N TYR C 557 -0.81 37.64 -0.91
CA TYR C 557 -0.47 37.12 0.41
C TYR C 557 0.45 35.93 0.23
N SER C 558 1.68 36.03 0.74
CA SER C 558 2.69 35.04 0.45
C SER C 558 3.39 34.58 1.72
N TYR C 559 3.69 33.29 1.78
CA TYR C 559 4.49 32.71 2.84
C TYR C 559 5.94 32.62 2.34
N VAL C 560 6.85 33.26 3.06
CA VAL C 560 8.24 33.34 2.64
C VAL C 560 9.12 32.57 3.62
N TYR C 561 10.20 32.00 3.07
CA TYR C 561 11.14 31.20 3.84
C TYR C 561 12.52 31.37 3.23
N PHE C 562 13.49 31.77 4.05
CA PHE C 562 14.87 31.95 3.61
C PHE C 562 15.79 31.14 4.51
N GLU C 563 16.70 30.38 3.91
CA GLU C 563 17.54 29.45 4.64
C GLU C 563 19.00 29.82 4.49
N PRO C 564 19.79 29.83 5.58
CA PRO C 564 19.40 29.54 6.96
C PRO C 564 19.23 30.81 7.80
N TYR C 565 19.12 31.96 7.16
CA TYR C 565 19.00 33.21 7.92
C TYR C 565 17.64 33.33 8.59
N GLN C 566 16.58 32.89 7.92
CA GLN C 566 15.22 32.91 8.47
C GLN C 566 14.61 31.52 8.30
N PRO C 567 15.04 30.55 9.10
CA PRO C 567 14.59 29.16 8.94
C PRO C 567 13.20 28.89 9.49
N PHE C 568 12.25 29.76 9.16
CA PHE C 568 10.86 29.56 9.51
C PHE C 568 9.99 30.37 8.56
N VAL C 569 8.76 29.94 8.39
CA VAL C 569 7.86 30.52 7.41
C VAL C 569 7.21 31.77 7.99
N VAL C 570 7.16 32.83 7.20
CA VAL C 570 6.55 34.08 7.64
C VAL C 570 5.49 34.53 6.64
N PRO C 571 4.28 34.89 7.08
CA PRO C 571 3.27 35.39 6.16
C PRO C 571 3.37 36.89 5.93
N LEU C 572 3.30 37.33 4.68
CA LEU C 572 3.50 38.72 4.32
C LEU C 572 2.47 39.18 3.30
N ARG C 573 2.01 40.41 3.46
CA ARG C 573 1.39 41.17 2.38
C ARG C 573 2.52 41.84 1.61
N VAL C 574 2.62 41.52 0.32
CA VAL C 574 3.76 41.96 -0.48
C VAL C 574 3.45 43.28 -1.16
N LYS C 575 4.45 44.16 -1.22
CA LYS C 575 4.29 45.47 -1.82
C LYS C 575 4.19 45.37 -3.34
N LEU C 576 3.63 46.42 -3.95
CA LEU C 576 3.50 46.48 -5.39
C LEU C 576 4.75 47.10 -6.02
N LEU C 577 4.98 46.77 -7.28
CA LEU C 577 6.18 47.23 -7.96
C LEU C 577 6.20 48.75 -8.10
N GLU C 578 5.04 49.36 -8.35
CA GLU C 578 4.98 50.81 -8.47
C GLU C 578 5.35 51.49 -7.15
N HIS C 579 4.87 50.96 -6.03
CA HIS C 579 5.25 51.49 -4.73
C HIS C 579 6.73 51.26 -4.46
N VAL C 580 7.26 50.12 -4.86
CA VAL C 580 8.69 49.88 -4.71
C VAL C 580 9.50 50.93 -5.48
N LEU C 581 9.08 51.23 -6.70
CA LEU C 581 9.77 52.25 -7.50
C LEU C 581 9.66 53.62 -6.84
N LYS C 582 8.47 53.98 -6.36
CA LYS C 582 8.30 55.26 -5.68
C LYS C 582 9.24 55.36 -4.48
N SER C 583 9.34 54.30 -3.69
CA SER C 583 10.26 54.31 -2.56
C SER C 583 11.71 54.39 -3.03
N LEU C 584 12.06 53.68 -4.11
CA LEU C 584 13.43 53.67 -4.61
C LEU C 584 13.86 55.02 -5.17
N ASP C 585 12.91 55.86 -5.59
CA ASP C 585 13.28 57.21 -6.01
C ASP C 585 13.78 58.08 -4.86
N SER C 586 13.62 57.64 -3.62
CA SER C 586 14.09 58.39 -2.47
C SER C 586 15.53 58.02 -2.13
N GLU D 3 -22.99 -37.14 19.70
CA GLU D 3 -24.31 -36.61 19.37
C GLU D 3 -24.63 -35.39 20.22
N SER D 4 -23.58 -34.72 20.71
CA SER D 4 -23.74 -33.54 21.53
C SER D 4 -22.91 -32.39 20.97
N PRO D 5 -23.36 -31.15 21.16
CA PRO D 5 -22.60 -30.02 20.65
C PRO D 5 -21.21 -29.93 21.28
N ILE D 6 -20.25 -29.46 20.49
CA ILE D 6 -18.87 -29.39 20.97
C ILE D 6 -18.73 -28.32 22.04
N GLY D 7 -19.31 -27.15 21.82
CA GLY D 7 -19.19 -26.08 22.79
C GLY D 7 -20.46 -25.26 22.92
N VAL D 8 -20.31 -23.95 23.08
CA VAL D 8 -21.44 -23.02 23.16
C VAL D 8 -21.16 -21.85 22.24
N VAL D 9 -22.14 -21.49 21.43
CA VAL D 9 -22.01 -20.35 20.52
C VAL D 9 -22.35 -19.08 21.26
N VAL D 10 -21.50 -18.06 21.13
CA VAL D 10 -21.61 -16.84 21.92
C VAL D 10 -21.70 -15.58 21.07
N SER D 11 -21.56 -15.69 19.75
CA SER D 11 -21.65 -14.51 18.90
C SER D 11 -21.70 -14.94 17.44
N SER D 12 -22.30 -14.09 16.61
CA SER D 12 -22.34 -14.32 15.18
C SER D 12 -22.40 -12.97 14.47
N ARG D 13 -21.94 -12.95 13.23
CA ARG D 13 -21.93 -11.73 12.43
C ARG D 13 -21.60 -12.09 10.99
N ARG D 14 -21.50 -11.07 10.15
CA ARG D 14 -21.03 -11.21 8.77
C ARG D 14 -19.73 -10.46 8.61
N ASN D 15 -18.70 -11.16 8.12
CA ASN D 15 -17.39 -10.58 7.88
C ASN D 15 -17.13 -10.62 6.37
N GLY D 16 -17.61 -9.60 5.68
CA GLY D 16 -17.46 -9.54 4.24
C GLY D 16 -18.51 -10.36 3.53
N PRO D 17 -18.08 -11.19 2.58
CA PRO D 17 -19.01 -12.07 1.86
C PRO D 17 -19.38 -13.35 2.59
N TRP D 18 -19.02 -13.49 3.87
CA TRP D 18 -19.24 -14.73 4.60
C TRP D 18 -19.85 -14.43 5.97
N ALA D 19 -20.52 -15.42 6.52
CA ALA D 19 -21.03 -15.37 7.88
C ALA D 19 -20.10 -16.14 8.79
N GLU D 20 -19.88 -15.61 9.99
CA GLU D 20 -18.99 -16.21 10.97
C GLU D 20 -19.67 -16.26 12.33
N LEU D 21 -19.24 -17.22 13.13
CA LEU D 21 -19.72 -17.35 14.51
C LEU D 21 -18.55 -17.71 15.42
N THR D 22 -18.75 -17.45 16.70
CA THR D 22 -17.74 -17.66 17.73
C THR D 22 -18.17 -18.81 18.64
N LEU D 23 -17.28 -19.75 18.85
CA LEU D 23 -17.52 -20.93 19.68
C LEU D 23 -16.58 -20.90 20.87
N VAL D 24 -17.07 -21.39 22.01
CA VAL D 24 -16.28 -21.44 23.23
C VAL D 24 -16.24 -22.88 23.74
N LEU D 25 -15.04 -23.38 23.98
CA LEU D 25 -14.82 -24.68 24.62
C LEU D 25 -14.61 -24.45 26.11
N THR D 26 -15.41 -25.13 26.92
CA THR D 26 -15.43 -24.94 28.36
C THR D 26 -14.50 -25.94 29.04
N PRO D 27 -14.26 -25.76 30.35
CA PRO D 27 -13.32 -26.65 31.04
C PRO D 27 -13.71 -28.11 30.99
N GLN D 28 -15.00 -28.43 31.09
CA GLN D 28 -15.40 -29.84 31.07
C GLN D 28 -15.03 -30.50 29.75
N GLU D 29 -15.28 -29.81 28.64
CA GLU D 29 -14.92 -30.35 27.32
C GLU D 29 -13.41 -30.40 27.14
N LEU D 30 -12.70 -29.34 27.54
CA LEU D 30 -11.26 -29.33 27.37
C LEU D 30 -10.59 -30.43 28.20
N ASP D 31 -11.18 -30.78 29.34
CA ASP D 31 -10.61 -31.82 30.19
C ASP D 31 -10.93 -33.23 29.70
N GLN D 32 -11.86 -33.37 28.75
CA GLN D 32 -12.17 -34.66 28.16
C GLN D 32 -11.40 -34.92 26.87
N GLY D 33 -10.57 -33.98 26.43
CA GLY D 33 -9.79 -34.17 25.23
C GLY D 33 -10.40 -33.63 23.96
N LYS D 34 -11.47 -32.86 24.04
CA LYS D 34 -12.12 -32.32 22.85
C LYS D 34 -11.33 -31.14 22.32
N ARG D 35 -10.96 -31.21 21.04
CA ARG D 35 -10.21 -30.14 20.39
C ARG D 35 -10.77 -29.93 18.99
N LEU D 36 -10.58 -28.72 18.47
CA LEU D 36 -10.93 -28.37 17.11
C LEU D 36 -9.67 -27.98 16.35
N LEU D 37 -9.42 -28.65 15.23
CA LEU D 37 -8.26 -28.38 14.41
C LEU D 37 -8.55 -27.27 13.41
N LEU D 38 -7.51 -26.52 13.06
CA LEU D 38 -7.67 -25.45 12.09
C LEU D 38 -7.90 -26.05 10.70
N GLY D 39 -8.94 -25.57 10.02
CA GLY D 39 -9.32 -26.10 8.73
C GLY D 39 -10.31 -27.25 8.79
N GLU D 40 -10.67 -27.72 9.98
CA GLU D 40 -11.60 -28.83 10.10
C GLU D 40 -13.02 -28.41 9.75
N LEU D 41 -13.79 -29.33 9.19
CA LEU D 41 -15.17 -29.09 8.82
C LEU D 41 -16.11 -29.61 9.91
N VAL D 42 -17.10 -28.81 10.25
CA VAL D 42 -18.07 -29.13 11.30
C VAL D 42 -19.47 -28.85 10.76
N ARG D 43 -20.46 -29.38 11.47
CA ARG D 43 -21.87 -29.17 11.12
C ARG D 43 -22.43 -28.10 12.05
N VAL D 44 -23.22 -27.19 11.50
CA VAL D 44 -23.83 -26.11 12.28
C VAL D 44 -25.34 -26.23 12.14
N SER D 45 -26.03 -26.38 13.25
CA SER D 45 -27.48 -26.47 13.27
C SER D 45 -28.06 -25.15 13.75
N SER D 46 -28.97 -24.59 12.97
CA SER D 46 -29.58 -23.30 13.31
C SER D 46 -30.96 -23.23 12.68
N GLY D 47 -31.97 -22.99 13.51
CA GLY D 47 -33.33 -22.83 13.01
C GLY D 47 -33.85 -24.03 12.25
N GLY D 48 -33.38 -25.22 12.58
CA GLY D 48 -33.79 -26.42 11.87
C GLY D 48 -33.04 -26.69 10.58
N LYS D 49 -31.99 -25.93 10.28
CA LYS D 49 -31.21 -26.09 9.07
C LYS D 49 -29.78 -26.46 9.41
N ASP D 50 -29.17 -27.27 8.54
CA ASP D 50 -27.79 -27.72 8.72
C ASP D 50 -26.89 -27.03 7.71
N TYR D 51 -25.79 -26.47 8.21
CA TYR D 51 -24.78 -25.77 7.41
C TYR D 51 -23.44 -26.45 7.60
N VAL D 52 -22.57 -26.24 6.63
CA VAL D 52 -21.17 -26.68 6.67
C VAL D 52 -20.34 -25.49 7.15
N GLY D 53 -19.50 -25.72 8.16
CA GLY D 53 -18.62 -24.68 8.65
C GLY D 53 -17.19 -25.19 8.68
N MET D 54 -16.26 -24.23 8.68
CA MET D 54 -14.84 -24.54 8.74
C MET D 54 -14.19 -23.71 9.83
N VAL D 55 -13.31 -24.34 10.61
CA VAL D 55 -12.64 -23.66 11.71
C VAL D 55 -11.52 -22.80 11.13
N LEU D 56 -11.56 -21.50 11.42
CA LEU D 56 -10.62 -20.54 10.86
C LEU D 56 -9.52 -20.15 11.85
N ASP D 57 -9.89 -19.74 13.06
CA ASP D 57 -8.95 -19.15 13.99
C ASP D 57 -9.16 -19.75 15.38
N GLY D 58 -8.22 -19.46 16.27
CA GLY D 58 -8.30 -19.91 17.65
C GLY D 58 -7.44 -19.05 18.56
N TYR D 59 -8.00 -18.63 19.69
CA TYR D 59 -7.30 -17.72 20.59
C TYR D 59 -7.84 -17.89 21.99
N TYR D 60 -7.08 -17.40 22.96
CA TYR D 60 -7.46 -17.43 24.37
C TYR D 60 -7.99 -16.08 24.78
N GLU D 61 -9.12 -16.08 25.49
CA GLU D 61 -9.74 -14.86 25.99
C GLU D 61 -10.37 -15.14 27.35
N PRO D 62 -10.22 -14.23 28.30
CA PRO D 62 -10.87 -14.41 29.60
C PRO D 62 -12.39 -14.44 29.47
N VAL D 63 -13.02 -15.20 30.36
CA VAL D 63 -14.47 -15.35 30.39
C VAL D 63 -14.98 -14.87 31.74
N GLY D 64 -15.94 -13.95 31.71
CA GLY D 64 -16.47 -13.42 32.95
C GLY D 64 -15.47 -12.49 33.62
N ARG D 65 -15.61 -12.38 34.94
CA ARG D 65 -14.70 -11.58 35.76
C ARG D 65 -13.63 -12.51 36.33
N SER D 66 -12.40 -12.37 35.84
CA SER D 66 -11.31 -13.23 36.28
C SER D 66 -10.00 -12.69 35.73
N ASP D 67 -8.93 -12.85 36.51
CA ASP D 67 -7.58 -12.45 36.09
C ASP D 67 -6.76 -13.71 35.89
N PRO D 68 -6.79 -14.31 34.69
CA PRO D 68 -6.06 -15.56 34.48
C PRO D 68 -4.57 -15.43 34.73
N THR D 69 -3.96 -14.31 34.36
CA THR D 69 -2.53 -14.14 34.55
C THR D 69 -2.16 -14.23 36.02
N TYR D 70 -2.84 -13.44 36.86
CA TYR D 70 -2.54 -13.44 38.29
C TYR D 70 -2.85 -14.80 38.91
N THR D 71 -3.99 -15.40 38.54
CA THR D 71 -4.34 -16.70 39.10
C THR D 71 -3.27 -17.75 38.78
N LEU D 72 -2.85 -17.82 37.51
CA LEU D 72 -1.89 -18.82 37.09
C LEU D 72 -0.52 -18.56 37.67
N ALA D 73 -0.11 -17.29 37.80
CA ALA D 73 1.18 -17.00 38.42
C ALA D 73 1.19 -17.38 39.90
N LEU D 74 0.10 -17.08 40.61
CA LEU D 74 0.00 -17.46 42.02
C LEU D 74 0.02 -18.97 42.18
N ALA D 75 -0.68 -19.69 41.30
CA ALA D 75 -0.60 -21.15 41.35
C ALA D 75 0.79 -21.66 41.03
N HIS D 76 1.47 -21.04 40.06
CA HIS D 76 2.79 -21.50 39.65
C HIS D 76 3.81 -21.35 40.78
N ILE D 77 3.80 -20.20 41.46
CA ILE D 77 4.83 -19.98 42.47
C ILE D 77 4.69 -20.92 43.65
N ASN D 78 3.58 -21.65 43.76
CA ASN D 78 3.36 -22.60 44.84
C ASN D 78 3.44 -24.05 44.36
N GLN D 79 3.87 -24.28 43.13
CA GLN D 79 3.99 -25.64 42.58
C GLN D 79 2.67 -26.39 42.68
N VAL D 80 1.57 -25.67 42.48
CA VAL D 80 0.25 -26.28 42.51
C VAL D 80 -0.05 -26.86 41.13
N ASP D 81 -0.40 -28.14 41.10
CA ASP D 81 -0.75 -28.83 39.86
C ASP D 81 -2.23 -28.61 39.59
N LEU D 82 -2.55 -27.80 38.58
CA LEU D 82 -3.94 -27.49 38.29
C LEU D 82 -4.59 -28.62 37.50
N GLU D 83 -4.33 -29.86 37.92
CA GLU D 83 -5.01 -31.03 37.40
C GLU D 83 -5.52 -31.96 38.49
N LYS D 84 -5.00 -31.85 39.72
CA LYS D 84 -5.45 -32.68 40.82
C LYS D 84 -5.53 -31.93 42.14
N GLU D 85 -5.33 -30.61 42.16
CA GLU D 85 -5.21 -29.87 43.41
C GLU D 85 -6.15 -28.68 43.53
N ASP D 86 -6.41 -27.95 42.44
CA ASP D 86 -7.20 -26.72 42.48
C ASP D 86 -8.27 -26.75 41.41
N PRO D 87 -9.29 -27.60 41.58
CA PRO D 87 -10.37 -27.67 40.58
C PRO D 87 -11.07 -26.34 40.36
N TRP D 88 -11.27 -25.56 41.42
CA TRP D 88 -11.94 -24.27 41.30
C TRP D 88 -11.11 -23.25 40.55
N ALA D 89 -9.80 -23.23 40.77
CA ALA D 89 -8.94 -22.34 40.02
C ALA D 89 -8.84 -22.76 38.56
N ARG D 90 -8.85 -24.07 38.29
CA ARG D 90 -8.79 -24.55 36.91
C ARG D 90 -10.07 -24.27 36.15
N LYS D 91 -11.22 -24.42 36.79
CA LYS D 91 -12.51 -24.22 36.15
C LYS D 91 -12.82 -22.77 35.84
N GLU D 92 -12.05 -21.82 36.37
CA GLU D 92 -12.26 -20.42 36.09
C GLU D 92 -11.40 -19.91 34.95
N VAL D 93 -10.37 -20.65 34.55
CA VAL D 93 -9.46 -20.21 33.50
C VAL D 93 -9.45 -21.13 32.29
N ASN D 94 -9.95 -22.37 32.40
CA ASN D 94 -9.84 -23.32 31.30
C ASN D 94 -10.99 -23.12 30.30
N PHE D 95 -10.80 -22.15 29.41
CA PHE D 95 -11.70 -21.87 28.30
C PHE D 95 -10.88 -21.69 27.03
N TYR D 96 -11.54 -21.78 25.87
CA TYR D 96 -10.85 -21.48 24.63
C TYR D 96 -11.85 -21.01 23.58
N HIS D 97 -11.39 -20.15 22.66
CA HIS D 97 -12.25 -19.51 21.67
C HIS D 97 -11.89 -19.97 20.26
N HIS D 98 -12.92 -20.12 19.42
CA HIS D 98 -12.74 -20.52 18.02
C HIS D 98 -13.65 -19.69 17.14
N ARG D 99 -13.24 -19.48 15.90
CA ARG D 99 -14.02 -18.76 14.90
C ARG D 99 -14.35 -19.70 13.74
N ILE D 100 -15.62 -19.74 13.35
CA ILE D 100 -16.10 -20.69 12.35
C ILE D 100 -16.85 -19.93 11.26
N VAL D 101 -16.54 -20.23 10.01
CA VAL D 101 -17.16 -19.61 8.84
C VAL D 101 -18.19 -20.57 8.27
N LEU D 102 -19.33 -20.02 7.84
CA LEU D 102 -20.40 -20.81 7.23
C LEU D 102 -20.22 -20.82 5.72
N LEU D 103 -19.87 -21.99 5.17
CA LEU D 103 -19.60 -22.08 3.73
C LEU D 103 -20.87 -22.22 2.92
N GLY D 104 -21.86 -22.94 3.44
CA GLY D 104 -23.09 -23.17 2.71
C GLY D 104 -23.88 -24.28 3.36
N ARG D 105 -24.77 -24.88 2.57
CA ARG D 105 -25.59 -25.97 3.06
C ARG D 105 -25.91 -26.93 1.92
N VAL D 106 -26.32 -28.14 2.28
CA VAL D 106 -26.69 -29.17 1.33
C VAL D 106 -28.20 -29.36 1.40
N VAL D 107 -28.86 -29.23 0.25
CA VAL D 107 -30.31 -29.30 0.15
C VAL D 107 -30.69 -30.24 -0.98
N GLN D 108 -31.92 -30.74 -0.90
CA GLN D 108 -32.49 -31.58 -1.97
C GLN D 108 -31.65 -32.85 -2.07
N GLY D 109 -31.33 -33.30 -3.28
CA GLY D 109 -30.61 -34.55 -3.47
C GLY D 109 -29.13 -34.35 -3.69
N GLY D 110 -28.51 -33.44 -2.93
CA GLY D 110 -27.10 -33.16 -3.03
C GLY D 110 -26.76 -31.81 -3.62
N LEU D 111 -27.75 -30.93 -3.82
CA LEU D 111 -27.47 -29.59 -4.30
C LEU D 111 -26.80 -28.78 -3.20
N PHE D 112 -25.78 -28.01 -3.56
CA PHE D 112 -25.08 -27.17 -2.59
C PHE D 112 -25.52 -25.73 -2.77
N ALA D 113 -26.16 -25.18 -1.74
CA ALA D 113 -26.48 -23.76 -1.71
C ALA D 113 -25.33 -23.01 -1.06
N PRO D 114 -24.72 -22.05 -1.73
CA PRO D 114 -23.50 -21.42 -1.20
C PRO D 114 -23.82 -20.27 -0.26
N SER D 115 -22.99 -20.15 0.77
CA SER D 115 -23.09 -19.06 1.74
C SER D 115 -24.50 -19.04 2.31
N THR D 116 -24.99 -17.87 2.75
CA THR D 116 -26.31 -17.76 3.32
C THR D 116 -26.67 -16.30 3.49
N ARG D 117 -27.96 -16.00 3.32
CA ARG D 117 -28.51 -14.68 3.61
C ARG D 117 -29.04 -14.57 5.02
N LEU D 118 -29.06 -15.67 5.77
CA LEU D 118 -29.57 -15.69 7.14
C LEU D 118 -28.40 -15.72 8.12
N LEU D 119 -28.47 -14.87 9.14
CA LEU D 119 -27.46 -14.85 10.18
C LEU D 119 -28.02 -15.53 11.42
N PRO D 120 -27.43 -16.63 11.88
CA PRO D 120 -28.05 -17.43 12.94
C PRO D 120 -27.99 -16.73 14.28
N PRO D 121 -29.11 -16.66 15.01
CA PRO D 121 -29.06 -16.17 16.39
C PRO D 121 -28.24 -17.10 17.27
N VAL D 122 -27.65 -16.53 18.31
CA VAL D 122 -26.65 -17.26 19.08
C VAL D 122 -27.24 -18.17 20.15
N VAL D 123 -28.51 -17.99 20.50
CA VAL D 123 -29.07 -18.77 21.59
C VAL D 123 -29.52 -20.16 21.15
N GLU D 124 -29.80 -20.36 19.87
CA GLU D 124 -30.26 -21.66 19.37
C GLU D 124 -29.31 -22.31 18.39
N ALA D 125 -28.16 -21.71 18.11
CA ALA D 125 -27.19 -22.29 17.20
C ALA D 125 -26.33 -23.32 17.92
N ARG D 126 -26.11 -24.46 17.27
CA ARG D 126 -25.32 -25.54 17.83
C ARG D 126 -24.27 -26.00 16.83
N VAL D 127 -23.15 -26.48 17.34
CA VAL D 127 -22.05 -26.96 16.51
C VAL D 127 -21.80 -28.43 16.85
N TYR D 128 -21.65 -29.26 15.82
CA TYR D 128 -21.44 -30.69 15.98
C TYR D 128 -20.23 -31.14 15.18
N ARG D 129 -19.51 -32.10 15.74
CA ARG D 129 -18.44 -32.77 15.02
C ARG D 129 -19.06 -33.69 13.96
N MET D 130 -18.54 -33.61 12.74
CA MET D 130 -19.13 -34.32 11.62
C MET D 130 -18.67 -35.77 11.59
N THR D 131 -19.61 -36.67 11.29
CA THR D 131 -19.32 -38.09 11.20
C THR D 131 -18.82 -38.46 9.81
N GLU D 132 -18.28 -39.67 9.70
CA GLU D 132 -17.68 -40.11 8.44
C GLU D 132 -18.72 -40.22 7.33
N GLU D 133 -19.92 -40.70 7.66
CA GLU D 133 -20.97 -40.79 6.66
C GLU D 133 -21.39 -39.40 6.16
N GLU D 134 -21.53 -38.45 7.09
CA GLU D 134 -21.87 -37.09 6.71
C GLU D 134 -20.77 -36.49 5.84
N LEU D 135 -19.51 -36.74 6.18
CA LEU D 135 -18.40 -36.23 5.37
C LEU D 135 -18.43 -36.84 3.97
N GLN D 136 -18.71 -38.15 3.88
CA GLN D 136 -18.80 -38.79 2.57
C GLN D 136 -19.90 -38.18 1.73
N ARG D 137 -21.08 -37.95 2.33
CA ARG D 137 -22.17 -37.33 1.59
C ARG D 137 -21.88 -35.88 1.25
N LEU D 138 -21.09 -35.19 2.06
CA LEU D 138 -20.75 -33.80 1.79
C LEU D 138 -19.73 -33.65 0.67
N LEU D 139 -18.78 -34.59 0.57
CA LEU D 139 -17.79 -34.52 -0.49
C LEU D 139 -18.40 -34.78 -1.87
N ALA D 140 -19.59 -35.37 -1.93
CA ALA D 140 -20.23 -35.67 -3.19
C ALA D 140 -21.21 -34.60 -3.65
N ALA D 141 -21.49 -33.60 -2.83
CA ALA D 141 -22.41 -32.54 -3.21
C ALA D 141 -21.76 -31.59 -4.20
N GLU D 142 -22.59 -30.93 -5.01
CA GLU D 142 -22.09 -29.99 -6.00
C GLU D 142 -23.22 -29.03 -6.38
N VAL D 143 -22.83 -27.95 -7.06
CA VAL D 143 -23.78 -26.92 -7.47
C VAL D 143 -24.67 -27.45 -8.60
N ARG D 144 -25.97 -27.22 -8.48
CA ARG D 144 -26.95 -27.64 -9.46
C ARG D 144 -27.98 -26.53 -9.62
N THR D 145 -28.75 -26.60 -10.71
CA THR D 145 -29.57 -25.45 -11.09
C THR D 145 -30.63 -25.11 -10.05
N SER D 146 -31.67 -25.94 -9.95
CA SER D 146 -32.67 -25.80 -8.90
C SER D 146 -33.75 -26.87 -9.06
N GLY D 147 -34.31 -27.35 -7.95
CA GLY D 147 -35.44 -28.26 -8.01
C GLY D 147 -35.34 -29.34 -9.06
N SER D 148 -34.11 -29.72 -9.43
CA SER D 148 -33.86 -30.72 -10.44
C SER D 148 -33.24 -31.96 -9.80
N VAL D 149 -33.32 -33.07 -10.50
CA VAL D 149 -32.84 -34.35 -9.99
C VAL D 149 -31.37 -34.51 -10.36
N LYS D 150 -30.65 -35.27 -9.54
CA LYS D 150 -29.23 -35.46 -9.73
C LYS D 150 -28.94 -36.24 -11.00
N ALA D 151 -27.73 -36.06 -11.54
CA ALA D 151 -27.40 -36.59 -12.85
C ALA D 151 -27.42 -38.11 -12.86
N GLU D 152 -26.89 -38.76 -11.83
CA GLU D 152 -26.63 -40.19 -11.86
C GLU D 152 -25.66 -40.54 -12.99
N GLY D 153 -24.45 -39.99 -12.87
CA GLY D 153 -23.47 -40.04 -13.93
C GLY D 153 -22.78 -41.37 -14.10
N LYS D 154 -21.57 -41.31 -14.65
CA LYS D 154 -20.81 -42.50 -15.02
C LYS D 154 -20.10 -43.06 -13.79
N ARG D 155 -19.20 -44.02 -14.02
CA ARG D 155 -18.43 -44.61 -12.94
C ARG D 155 -17.42 -43.60 -12.39
N ARG D 156 -17.03 -43.81 -11.13
CA ARG D 156 -16.11 -42.93 -10.44
C ARG D 156 -15.03 -43.76 -9.75
N TYR D 157 -13.88 -43.12 -9.53
CA TYR D 157 -12.72 -43.80 -8.96
C TYR D 157 -12.17 -42.98 -7.80
N ALA D 158 -11.59 -43.69 -6.84
CA ALA D 158 -11.00 -43.03 -5.67
C ALA D 158 -9.73 -42.29 -6.06
N PHE D 159 -9.66 -41.01 -5.70
CA PHE D 159 -8.51 -40.17 -6.01
C PHE D 159 -7.63 -39.90 -4.79
N GLY D 160 -8.24 -39.75 -3.62
CA GLY D 160 -7.50 -39.51 -2.40
C GLY D 160 -8.48 -39.50 -1.24
N HIS D 161 -7.94 -39.32 -0.04
CA HIS D 161 -8.79 -39.30 1.14
C HIS D 161 -8.52 -38.04 1.97
N LEU D 162 -9.55 -37.65 2.72
CA LEU D 162 -9.51 -36.40 3.48
C LEU D 162 -8.44 -36.44 4.55
N ALA D 163 -7.73 -35.31 4.69
CA ALA D 163 -6.68 -35.17 5.70
C ALA D 163 -6.58 -33.71 6.09
N TYR D 164 -6.06 -33.47 7.29
CA TYR D 164 -5.98 -32.13 7.88
C TYR D 164 -4.55 -31.81 8.29
N GLY D 165 -3.61 -32.06 7.41
CA GLY D 165 -2.21 -31.77 7.68
C GLY D 165 -1.46 -33.03 8.07
N LEU D 166 -0.71 -32.95 9.18
CA LEU D 166 0.00 -34.09 9.73
C LEU D 166 -0.43 -34.40 11.15
N GLU D 167 -1.52 -33.82 11.62
CA GLU D 167 -1.98 -34.03 12.98
C GLU D 167 -2.50 -35.45 13.16
N GLU D 168 -2.21 -36.03 14.32
CA GLU D 168 -2.79 -37.32 14.66
C GLU D 168 -4.29 -37.17 14.85
N GLY D 169 -5.05 -38.12 14.29
CA GLY D 169 -6.49 -38.01 14.27
C GLY D 169 -7.03 -37.07 13.23
N GLY D 170 -6.20 -36.58 12.31
CA GLY D 170 -6.64 -35.69 11.27
C GLY D 170 -6.84 -36.37 9.93
N GLU D 171 -6.53 -37.66 9.84
CA GLU D 171 -6.68 -38.41 8.61
C GLU D 171 -7.94 -39.26 8.66
N TYR D 172 -8.66 -39.31 7.54
CA TYR D 172 -9.90 -40.06 7.41
C TYR D 172 -9.79 -40.96 6.20
N PRO D 173 -9.13 -42.12 6.35
CA PRO D 173 -8.95 -43.01 5.18
C PRO D 173 -10.24 -43.52 4.59
N GLU D 174 -11.35 -43.50 5.34
CA GLU D 174 -12.63 -43.96 4.83
C GLU D 174 -13.42 -42.87 4.11
N VAL D 175 -12.95 -41.63 4.16
CA VAL D 175 -13.60 -40.51 3.48
C VAL D 175 -12.75 -40.21 2.25
N VAL D 176 -13.22 -40.65 1.09
CA VAL D 176 -12.46 -40.55 -0.16
C VAL D 176 -13.21 -39.67 -1.14
N LYS D 177 -12.45 -38.92 -1.92
CA LYS D 177 -12.97 -38.08 -2.99
C LYS D 177 -12.95 -38.89 -4.28
N GLU D 178 -14.12 -39.12 -4.87
CA GLU D 178 -14.25 -39.89 -6.09
C GLU D 178 -14.40 -38.95 -7.27
N VAL D 179 -13.63 -39.20 -8.32
CA VAL D 179 -13.51 -38.29 -9.46
C VAL D 179 -13.92 -39.01 -10.73
N ASP D 180 -14.68 -38.32 -11.57
CA ASP D 180 -15.03 -38.84 -12.88
C ASP D 180 -13.96 -38.41 -13.89
N PRO D 181 -13.24 -39.34 -14.51
CA PRO D 181 -12.10 -38.95 -15.36
C PRO D 181 -12.49 -38.03 -16.51
N ALA D 182 -13.76 -37.95 -16.87
CA ALA D 182 -14.18 -37.03 -17.91
C ALA D 182 -13.82 -35.58 -17.57
N LEU D 183 -13.67 -35.26 -16.29
CA LEU D 183 -13.24 -33.91 -15.91
C LEU D 183 -11.96 -33.52 -16.62
N PHE D 184 -11.08 -34.47 -16.88
CA PHE D 184 -9.79 -34.18 -17.50
C PHE D 184 -9.83 -34.24 -19.03
N VAL D 185 -10.98 -34.56 -19.62
CA VAL D 185 -11.07 -34.69 -21.07
C VAL D 185 -11.57 -33.38 -21.66
N GLY D 186 -10.74 -32.75 -22.49
CA GLY D 186 -11.10 -31.52 -23.16
C GLY D 186 -10.96 -30.26 -22.34
N ARG D 187 -10.48 -30.35 -21.10
CA ARG D 187 -10.37 -29.21 -20.21
C ARG D 187 -8.91 -29.01 -19.81
N ARG D 188 -8.65 -27.89 -19.13
CA ARG D 188 -7.31 -27.53 -18.70
C ARG D 188 -7.11 -27.87 -17.23
N THR D 189 -5.97 -28.49 -16.92
CA THR D 189 -5.59 -28.86 -15.57
C THR D 189 -4.26 -28.24 -15.23
N ALA D 190 -4.19 -27.62 -14.05
CA ALA D 190 -2.96 -27.03 -13.54
C ALA D 190 -2.50 -27.83 -12.34
N ASN D 191 -1.23 -28.21 -12.33
CA ASN D 191 -0.64 -29.01 -11.27
C ASN D 191 0.52 -28.21 -10.67
N PHE D 192 0.20 -27.38 -9.68
CA PHE D 192 1.19 -26.52 -9.05
C PHE D 192 1.79 -27.20 -7.82
N GLY D 193 3.01 -26.80 -7.50
CA GLY D 193 3.66 -27.32 -6.30
C GLY D 193 5.16 -27.29 -6.45
N LYS D 194 5.82 -27.60 -5.34
CA LYS D 194 7.28 -27.69 -5.30
C LYS D 194 7.75 -29.00 -5.91
N THR D 195 9.03 -29.07 -6.23
CA THR D 195 9.60 -30.25 -6.85
C THR D 195 9.77 -31.37 -5.83
N GLY D 196 9.32 -32.56 -6.17
CA GLY D 196 9.45 -33.70 -5.29
C GLY D 196 8.36 -33.87 -4.27
N PHE D 197 7.18 -33.29 -4.49
CA PHE D 197 6.10 -33.32 -3.52
C PHE D 197 4.89 -34.13 -3.97
N GLY D 198 4.95 -34.78 -5.14
CA GLY D 198 3.89 -35.67 -5.57
C GLY D 198 3.34 -35.39 -6.96
N LYS D 199 3.93 -34.43 -7.64
CA LYS D 199 3.42 -34.03 -8.95
C LYS D 199 3.42 -35.20 -9.92
N SER D 200 4.54 -35.92 -10.01
CA SER D 200 4.64 -37.02 -10.96
C SER D 200 3.66 -38.14 -10.62
N ASN D 201 3.53 -38.47 -9.33
CA ASN D 201 2.62 -39.53 -8.93
C ASN D 201 1.19 -39.19 -9.31
N GLU D 202 0.74 -37.96 -9.01
CA GLU D 202 -0.64 -37.64 -9.36
C GLU D 202 -0.85 -37.48 -10.87
N ASN D 203 0.16 -37.00 -11.60
CA ASN D 203 0.05 -36.96 -13.05
C ASN D 203 -0.12 -38.36 -13.63
N LYS D 204 0.68 -39.32 -13.14
CA LYS D 204 0.56 -40.69 -13.61
C LYS D 204 -0.78 -41.29 -13.22
N VAL D 205 -1.28 -40.98 -12.03
CA VAL D 205 -2.59 -41.49 -11.63
C VAL D 205 -3.68 -40.95 -12.55
N ILE D 206 -3.63 -39.65 -12.87
CA ILE D 206 -4.62 -39.07 -13.78
C ILE D 206 -4.55 -39.73 -15.15
N LEU D 207 -3.32 -39.90 -15.67
CA LEU D 207 -3.18 -40.50 -17.00
C LEU D 207 -3.67 -41.94 -17.01
N THR D 208 -3.36 -42.71 -15.95
CA THR D 208 -3.83 -44.09 -15.89
C THR D 208 -5.35 -44.16 -15.82
N LEU D 209 -5.97 -43.29 -15.03
CA LEU D 209 -7.43 -43.29 -14.98
C LEU D 209 -8.03 -42.94 -16.32
N LEU D 210 -7.48 -41.93 -17.01
CA LEU D 210 -7.98 -41.59 -18.34
C LEU D 210 -7.82 -42.75 -19.31
N ALA D 211 -6.66 -43.41 -19.30
CA ALA D 211 -6.43 -44.52 -20.21
C ALA D 211 -7.42 -45.66 -19.94
N HIS D 212 -7.66 -45.98 -18.67
CA HIS D 212 -8.55 -47.08 -18.36
C HIS D 212 -10.01 -46.74 -18.68
N ALA D 213 -10.43 -45.50 -18.41
CA ALA D 213 -11.84 -45.16 -18.54
C ALA D 213 -12.22 -44.83 -19.98
N PHE D 214 -11.40 -44.04 -20.68
CA PHE D 214 -11.71 -43.56 -22.03
C PHE D 214 -10.63 -44.07 -22.97
N PRO D 215 -10.77 -45.27 -23.53
CA PRO D 215 -9.74 -45.81 -24.42
C PRO D 215 -9.71 -45.18 -25.81
N ARG D 216 -10.58 -44.23 -26.10
CA ARG D 216 -10.60 -43.56 -27.40
C ARG D 216 -9.89 -42.22 -27.38
N VAL D 217 -9.29 -41.83 -26.26
CA VAL D 217 -8.62 -40.54 -26.12
C VAL D 217 -7.12 -40.76 -26.17
N GLY D 218 -6.43 -40.02 -27.03
CA GLY D 218 -5.00 -40.13 -27.14
C GLY D 218 -4.27 -39.11 -26.28
N MET D 219 -2.98 -39.36 -26.09
CA MET D 219 -2.14 -38.47 -25.30
C MET D 219 -0.86 -38.15 -26.05
N LEU D 220 -0.38 -36.93 -25.87
CA LEU D 220 0.91 -36.48 -26.39
C LEU D 220 1.70 -35.94 -25.19
N ILE D 221 2.64 -36.73 -24.70
CA ILE D 221 3.42 -36.39 -23.52
C ILE D 221 4.78 -35.91 -23.99
N LEU D 222 5.19 -34.72 -23.53
CA LEU D 222 6.51 -34.17 -23.88
C LEU D 222 7.41 -34.36 -22.67
N ASP D 223 7.99 -35.57 -22.56
CA ASP D 223 8.61 -35.99 -21.30
C ASP D 223 9.99 -35.35 -21.20
N GLN D 224 10.08 -34.22 -20.50
CA GLN D 224 11.36 -33.54 -20.33
C GLN D 224 12.28 -34.33 -19.39
N ASN D 225 11.76 -34.80 -18.27
CA ASN D 225 12.57 -35.45 -17.26
C ASN D 225 12.67 -36.96 -17.46
N ALA D 226 11.98 -37.52 -18.45
CA ALA D 226 12.01 -38.96 -18.71
C ALA D 226 11.56 -39.74 -17.49
N GLU D 227 10.29 -39.53 -17.11
CA GLU D 227 9.75 -40.12 -15.90
C GLU D 227 8.38 -40.75 -16.11
N TYR D 228 7.87 -40.81 -17.34
CA TYR D 228 6.53 -41.30 -17.61
C TYR D 228 6.49 -42.67 -18.25
N LEU D 229 7.64 -43.23 -18.64
CA LEU D 229 7.67 -44.56 -19.26
C LEU D 229 8.04 -45.65 -18.27
N LEU D 230 9.14 -45.47 -17.55
CA LEU D 230 9.65 -46.47 -16.60
C LEU D 230 9.93 -45.79 -15.27
N GLN D 231 10.21 -46.61 -14.26
CA GLN D 231 10.53 -46.11 -12.94
C GLN D 231 11.98 -45.62 -12.92
N THR D 232 12.18 -44.38 -12.51
CA THR D 232 13.50 -43.77 -12.54
C THR D 232 14.40 -44.41 -11.49
N GLU D 233 15.71 -44.26 -11.69
CA GLU D 233 16.65 -44.80 -10.71
C GLU D 233 16.83 -43.82 -9.56
N ALA D 234 15.71 -43.32 -9.04
CA ALA D 234 15.66 -42.60 -7.77
C ALA D 234 14.48 -43.01 -6.90
N THR D 235 13.41 -43.56 -7.48
CA THR D 235 12.25 -44.03 -6.75
C THR D 235 11.83 -45.36 -7.35
N THR D 236 10.71 -45.91 -6.89
CA THR D 236 10.22 -47.19 -7.39
C THR D 236 8.77 -47.11 -7.85
N SER D 237 8.26 -45.91 -8.10
CA SER D 237 6.89 -45.77 -8.57
C SER D 237 6.79 -46.25 -10.02
N PRO D 238 5.89 -47.16 -10.34
CA PRO D 238 5.80 -47.67 -11.72
C PRO D 238 5.48 -46.57 -12.70
N GLY D 239 6.01 -46.71 -13.92
CA GLY D 239 5.72 -45.79 -15.00
C GLY D 239 4.48 -46.20 -15.77
N LEU D 240 4.22 -45.44 -16.84
CA LEU D 240 3.03 -45.70 -17.64
C LEU D 240 3.10 -47.06 -18.32
N ALA D 241 4.28 -47.45 -18.80
CA ALA D 241 4.41 -48.75 -19.46
C ALA D 241 4.10 -49.89 -18.49
N GLN D 242 4.65 -49.83 -17.28
CA GLN D 242 4.38 -50.86 -16.29
C GLN D 242 2.93 -50.84 -15.83
N ALA D 243 2.34 -49.66 -15.69
CA ALA D 243 0.92 -49.58 -15.34
C ALA D 243 0.05 -50.21 -16.41
N PHE D 244 0.35 -49.92 -17.69
CA PHE D 244 -0.41 -50.49 -18.80
C PHE D 244 -0.22 -52.00 -18.89
N LYS D 245 0.98 -52.50 -18.59
CA LYS D 245 1.17 -53.94 -18.51
C LYS D 245 0.33 -54.55 -17.39
N ALA D 246 0.29 -53.89 -16.23
CA ALA D 246 -0.48 -54.40 -15.11
C ALA D 246 -1.97 -54.44 -15.44
N LEU D 247 -2.48 -53.41 -16.14
CA LEU D 247 -3.88 -53.37 -16.51
C LEU D 247 -4.18 -54.17 -17.78
N GLY D 248 -3.16 -54.72 -18.44
CA GLY D 248 -3.38 -55.48 -19.66
C GLY D 248 -3.87 -54.66 -20.84
N ILE D 249 -3.33 -53.46 -21.02
CA ILE D 249 -3.64 -52.62 -22.16
C ILE D 249 -2.51 -52.77 -23.17
N ARG D 250 -2.84 -53.24 -24.37
CA ARG D 250 -1.86 -53.69 -25.34
C ARG D 250 -1.84 -52.81 -26.57
N GLY D 251 -0.64 -52.58 -27.10
CA GLY D 251 -0.49 -51.88 -28.37
C GLY D 251 -0.97 -50.45 -28.37
N ARG D 252 -0.60 -49.67 -27.36
CA ARG D 252 -1.07 -48.30 -27.24
C ARG D 252 0.03 -47.27 -27.01
N ILE D 253 1.26 -47.67 -26.73
CA ILE D 253 2.33 -46.74 -26.39
C ILE D 253 3.34 -46.71 -27.53
N ARG D 254 3.57 -45.50 -28.06
CA ARG D 254 4.57 -45.27 -29.11
C ARG D 254 5.61 -44.32 -28.54
N PHE D 255 6.80 -44.85 -28.25
CA PHE D 255 7.88 -44.11 -27.62
C PHE D 255 8.90 -43.71 -28.67
N TYR D 256 9.08 -42.40 -28.86
CA TYR D 256 10.00 -41.86 -29.86
C TYR D 256 11.26 -41.39 -29.16
N THR D 257 12.41 -41.91 -29.58
CA THR D 257 13.66 -41.60 -28.91
C THR D 257 14.82 -41.81 -29.86
N ALA D 258 15.96 -41.23 -29.51
CA ALA D 258 17.21 -41.40 -30.26
C ALA D 258 18.18 -42.33 -29.55
N ARG D 259 17.72 -43.08 -28.56
CA ARG D 259 18.52 -44.03 -27.81
C ARG D 259 17.79 -45.37 -27.71
N GLU D 260 17.34 -45.84 -28.88
CA GLU D 260 16.46 -47.00 -28.95
C GLU D 260 17.08 -48.22 -28.29
N GLU D 261 18.39 -48.43 -28.44
CA GLU D 261 19.00 -49.63 -27.88
C GLU D 261 18.94 -49.62 -26.36
N ALA D 262 19.34 -48.51 -25.74
CA ALA D 262 19.29 -48.42 -24.29
C ALA D 262 17.86 -48.54 -23.77
N TRP D 263 16.93 -47.85 -24.42
CA TRP D 263 15.55 -47.91 -23.95
C TRP D 263 14.95 -49.30 -24.15
N ALA D 264 15.34 -50.02 -25.21
CA ALA D 264 14.89 -51.39 -25.38
C ALA D 264 15.48 -52.31 -24.32
N ARG D 265 16.74 -52.11 -23.96
CA ARG D 265 17.32 -52.91 -22.89
C ARG D 265 16.57 -52.69 -21.58
N ARG D 266 16.28 -51.43 -21.25
CA ARG D 266 15.53 -51.15 -20.02
C ARG D 266 14.13 -51.73 -20.09
N LEU D 267 13.45 -51.57 -21.22
CA LEU D 267 12.11 -52.13 -21.38
C LEU D 267 12.12 -53.63 -21.19
N LYS D 268 13.12 -54.31 -21.77
CA LYS D 268 13.23 -55.75 -21.55
C LYS D 268 13.40 -56.08 -20.08
N GLU D 269 14.38 -55.45 -19.42
CA GLU D 269 14.66 -55.80 -18.03
C GLU D 269 13.49 -55.49 -17.11
N HIS D 270 12.60 -54.56 -17.47
CA HIS D 270 11.49 -54.21 -16.59
C HIS D 270 10.17 -54.88 -16.92
N LEU D 271 9.83 -55.04 -18.21
CA LEU D 271 8.58 -55.66 -18.59
C LEU D 271 8.72 -57.13 -18.98
N GLY D 272 9.92 -57.70 -18.91
CA GLY D 272 10.10 -59.08 -19.28
C GLY D 272 10.60 -59.26 -20.70
N THR D 273 10.15 -60.31 -21.38
CA THR D 273 10.57 -60.60 -22.74
C THR D 273 9.50 -60.29 -23.77
N GLU D 274 8.29 -59.93 -23.35
CA GLU D 274 7.21 -59.61 -24.26
C GLU D 274 6.91 -58.11 -24.30
N TRP D 275 7.89 -57.29 -23.92
CA TRP D 275 7.65 -55.85 -23.85
C TRP D 275 7.24 -55.27 -25.19
N ARG D 276 7.64 -55.89 -26.30
CA ARG D 276 7.26 -55.39 -27.61
C ARG D 276 5.76 -55.38 -27.80
N GLU D 277 5.02 -56.13 -26.99
CA GLU D 277 3.57 -56.16 -27.09
C GLU D 277 2.91 -54.99 -26.38
N TYR D 278 3.67 -54.17 -25.66
CA TYR D 278 3.12 -53.04 -24.92
C TYR D 278 3.69 -51.69 -25.34
N VAL D 279 4.92 -51.64 -25.83
CA VAL D 279 5.56 -50.39 -26.22
C VAL D 279 6.26 -50.58 -27.56
N GLU D 280 6.12 -49.59 -28.44
CA GLU D 280 6.82 -49.59 -29.72
C GLU D 280 7.83 -48.45 -29.75
N VAL D 281 9.09 -48.78 -29.95
CA VAL D 281 10.18 -47.81 -29.94
C VAL D 281 10.45 -47.36 -31.37
N LEU D 282 10.53 -46.06 -31.58
CA LEU D 282 10.79 -45.47 -32.88
C LEU D 282 11.88 -44.43 -32.78
N PRO D 283 12.57 -44.15 -33.89
CA PRO D 283 13.67 -43.18 -33.86
C PRO D 283 13.18 -41.75 -34.07
N LEU D 284 14.00 -40.82 -33.60
CA LEU D 284 13.75 -39.39 -33.78
C LEU D 284 14.59 -38.79 -34.91
N LYS D 285 15.40 -39.60 -35.59
CA LYS D 285 16.25 -39.12 -36.67
C LYS D 285 15.66 -39.50 -38.02
N VAL D 286 15.83 -38.62 -39.00
CA VAL D 286 15.25 -38.80 -40.32
C VAL D 286 16.37 -39.02 -41.33
N ASP D 287 16.03 -39.69 -42.43
CA ASP D 287 16.92 -39.83 -43.57
C ASP D 287 16.44 -38.87 -44.65
N PHE D 288 17.21 -37.81 -44.90
CA PHE D 288 16.77 -36.74 -45.77
C PHE D 288 16.86 -37.10 -47.25
N TYR D 289 17.49 -38.22 -47.60
CA TYR D 289 17.41 -38.70 -48.98
C TYR D 289 16.05 -39.32 -49.27
N HIS D 290 15.36 -39.81 -48.24
CA HIS D 290 13.99 -40.26 -48.40
C HIS D 290 12.99 -39.11 -48.33
N PHE D 291 13.33 -38.03 -47.64
CA PHE D 291 12.42 -36.91 -47.41
C PHE D 291 13.13 -35.59 -47.72
N PRO D 292 13.48 -35.36 -48.98
CA PRO D 292 14.08 -34.06 -49.34
C PRO D 292 13.16 -32.89 -49.11
N GLU D 293 11.85 -33.10 -49.15
CA GLU D 293 10.92 -32.02 -48.85
C GLU D 293 11.06 -31.53 -47.43
N LEU D 294 11.30 -32.44 -46.48
CA LEU D 294 11.53 -32.02 -45.10
C LEU D 294 12.79 -31.16 -44.99
N ALA D 295 13.86 -31.56 -45.66
CA ALA D 295 15.09 -30.76 -45.62
C ALA D 295 14.86 -29.38 -46.20
N VAL D 296 14.19 -29.31 -47.35
CA VAL D 296 13.92 -28.01 -47.96
C VAL D 296 13.05 -27.15 -47.06
N ALA D 297 12.01 -27.75 -46.46
CA ALA D 297 11.13 -26.99 -45.59
C ALA D 297 11.88 -26.47 -44.36
N LEU D 298 12.74 -27.31 -43.76
CA LEU D 298 13.50 -26.87 -42.61
C LEU D 298 14.43 -25.73 -42.97
N ALA D 299 15.16 -25.86 -44.08
CA ALA D 299 16.08 -24.79 -44.48
C ALA D 299 15.32 -23.50 -44.79
N TYR D 300 14.13 -23.61 -45.36
CA TYR D 300 13.36 -22.43 -45.73
C TYR D 300 12.76 -21.75 -44.50
N GLN D 301 12.23 -22.54 -43.56
CA GLN D 301 11.57 -21.99 -42.39
C GLN D 301 12.53 -21.50 -41.33
N ARG D 302 13.75 -22.05 -41.29
CA ARG D 302 14.76 -21.55 -40.36
C ARG D 302 15.03 -20.08 -40.62
N ARG D 303 15.18 -19.69 -41.90
CA ARG D 303 15.37 -18.29 -42.23
C ARG D 303 14.16 -17.46 -41.83
N ARG D 304 12.96 -17.96 -42.11
CA ARG D 304 11.75 -17.17 -41.86
C ARG D 304 11.56 -16.89 -40.38
N LEU D 305 11.67 -17.91 -39.54
CA LEU D 305 11.38 -17.71 -38.13
C LEU D 305 12.37 -16.77 -37.45
N GLN D 306 13.51 -16.49 -38.09
CA GLN D 306 14.49 -15.57 -37.56
C GLN D 306 14.42 -14.20 -38.21
N GLY D 307 13.40 -13.94 -39.03
CA GLY D 307 13.25 -12.67 -39.70
C GLY D 307 13.94 -12.64 -41.06
N ALA D 308 13.70 -11.53 -41.77
CA ALA D 308 14.29 -11.33 -43.10
C ALA D 308 13.66 -12.26 -44.12
N GLU D 309 13.53 -11.79 -45.36
CA GLU D 309 12.92 -12.59 -46.41
C GLU D 309 13.84 -13.75 -46.79
N PRO D 310 13.30 -14.95 -46.98
CA PRO D 310 14.14 -16.06 -47.43
C PRO D 310 14.62 -15.83 -48.85
N PRO D 311 15.75 -16.41 -49.22
CA PRO D 311 16.27 -16.21 -50.58
C PRO D 311 15.36 -16.81 -51.65
N GLN D 312 15.49 -16.29 -52.86
CA GLN D 312 14.60 -16.67 -53.96
C GLN D 312 14.74 -18.15 -54.28
N TYR D 313 15.96 -18.68 -54.32
CA TYR D 313 16.12 -20.08 -54.68
C TYR D 313 15.48 -21.01 -53.67
N LEU D 314 15.63 -20.73 -52.38
CA LEU D 314 14.98 -21.54 -51.36
C LEU D 314 13.46 -21.42 -51.43
N GLU D 315 12.96 -20.20 -51.64
CA GLU D 315 11.51 -20.02 -51.74
C GLU D 315 10.94 -20.73 -52.95
N ASN D 316 11.71 -20.80 -54.05
CA ASN D 316 11.26 -21.50 -55.24
C ASN D 316 11.27 -23.02 -55.02
N ALA D 317 12.35 -23.53 -54.42
CA ALA D 317 12.41 -24.96 -54.14
C ALA D 317 11.30 -25.40 -53.20
N PHE D 318 10.99 -24.62 -52.17
CA PHE D 318 9.94 -24.99 -51.23
C PHE D 318 8.62 -25.23 -51.96
N TYR D 319 8.30 -24.40 -52.96
CA TYR D 319 7.03 -24.50 -53.66
C TYR D 319 7.05 -25.43 -54.87
N ASN D 320 8.22 -25.78 -55.39
CA ASN D 320 8.27 -26.58 -56.61
C ASN D 320 8.98 -27.93 -56.47
N LEU D 321 9.41 -28.32 -55.27
CA LEU D 321 10.09 -29.60 -55.13
C LEU D 321 9.17 -30.77 -55.48
N GLU D 322 7.86 -30.65 -55.21
CA GLU D 322 6.96 -31.74 -55.54
C GLU D 322 6.82 -31.93 -57.04
N ASP D 323 6.81 -30.84 -57.81
CA ASP D 323 6.83 -30.95 -59.26
C ASP D 323 8.18 -31.45 -59.78
N TRP D 324 9.27 -31.10 -59.12
CA TRP D 324 10.58 -31.57 -59.56
C TRP D 324 10.75 -33.08 -59.41
N LYS D 325 9.93 -33.73 -58.58
CA LYS D 325 10.13 -35.15 -58.31
C LYS D 325 9.95 -36.00 -59.56
N HIS D 326 9.19 -35.52 -60.53
CA HIS D 326 8.97 -36.29 -61.76
C HIS D 326 10.09 -36.13 -62.77
N ILE D 327 11.09 -35.30 -62.49
CA ILE D 327 12.20 -35.07 -63.40
C ILE D 327 13.49 -35.52 -62.71
N PRO D 328 14.00 -36.69 -63.06
CA PRO D 328 15.25 -37.15 -62.43
C PRO D 328 16.41 -36.21 -62.65
N ASP D 329 16.48 -35.54 -63.80
CA ASP D 329 17.57 -34.59 -64.02
C ASP D 329 17.48 -33.42 -63.05
N ARG D 330 16.28 -33.08 -62.59
CA ARG D 330 16.13 -32.01 -61.61
C ARG D 330 16.29 -32.49 -60.19
N MET D 331 15.97 -33.76 -59.91
CA MET D 331 16.14 -34.32 -58.58
C MET D 331 17.58 -34.72 -58.28
N ALA D 332 18.38 -34.99 -59.31
CA ALA D 332 19.80 -35.26 -59.11
C ALA D 332 20.50 -34.08 -58.48
N TYR D 333 20.09 -32.86 -58.83
CA TYR D 333 20.70 -31.68 -58.21
C TYR D 333 20.34 -31.58 -56.73
N VAL D 334 19.13 -31.96 -56.34
CA VAL D 334 18.78 -31.94 -54.92
C VAL D 334 19.61 -32.98 -54.16
N TYR D 335 19.72 -34.19 -54.70
CA TYR D 335 20.53 -35.20 -54.03
C TYR D 335 21.99 -34.78 -53.97
N GLY D 336 22.51 -34.18 -55.04
CA GLY D 336 23.88 -33.69 -55.03
C GLY D 336 24.08 -32.55 -54.04
N ALA D 337 23.06 -31.70 -53.87
CA ALA D 337 23.14 -30.65 -52.87
C ALA D 337 23.24 -31.23 -51.47
N LEU D 338 22.44 -32.26 -51.18
CA LEU D 338 22.57 -32.93 -49.88
C LEU D 338 23.95 -33.55 -49.71
N ARG D 339 24.46 -34.23 -50.73
CA ARG D 339 25.77 -34.86 -50.63
C ARG D 339 26.87 -33.84 -50.41
N LYS D 340 26.80 -32.71 -51.13
CA LYS D 340 27.79 -31.65 -50.94
C LYS D 340 27.69 -31.04 -49.54
N ALA D 341 26.46 -30.81 -49.06
CA ALA D 341 26.28 -30.34 -47.70
C ALA D 341 26.91 -31.30 -46.71
N GLY D 342 26.97 -32.59 -47.04
CA GLY D 342 27.76 -33.54 -46.28
C GLY D 342 26.99 -34.67 -45.65
N LEU D 343 25.68 -34.74 -45.88
CA LEU D 343 24.89 -35.82 -45.32
C LEU D 343 25.37 -37.16 -45.87
N THR D 344 25.35 -38.19 -45.02
CA THR D 344 25.87 -39.49 -45.39
C THR D 344 24.76 -40.33 -46.02
N PRO D 345 24.92 -40.76 -47.28
CA PRO D 345 23.89 -41.59 -47.90
C PRO D 345 23.96 -43.03 -47.44
N ARG D 346 22.82 -43.72 -47.54
CA ARG D 346 22.80 -45.15 -47.27
C ARG D 346 23.62 -45.88 -48.32
N LYS D 347 24.29 -46.95 -47.89
CA LYS D 347 25.16 -47.70 -48.79
C LYS D 347 24.37 -48.23 -49.98
N GLY D 348 24.90 -48.00 -51.18
CA GLY D 348 24.26 -48.47 -52.39
C GLY D 348 23.26 -47.52 -53.01
N LEU D 349 23.20 -46.27 -52.58
CA LEU D 349 22.29 -45.31 -53.18
C LEU D 349 22.69 -45.02 -54.61
N LYS D 350 21.70 -44.89 -55.49
CA LYS D 350 21.91 -44.70 -56.92
C LYS D 350 21.19 -43.46 -57.39
N ILE D 351 21.89 -42.62 -58.15
CA ILE D 351 21.33 -41.40 -58.72
C ILE D 351 21.44 -41.48 -60.23
N LYS D 352 20.34 -41.21 -60.93
CA LYS D 352 20.30 -41.29 -62.38
C LYS D 352 20.38 -39.88 -62.96
N TYR D 353 21.46 -39.60 -63.68
CA TYR D 353 21.67 -38.31 -64.34
C TYR D 353 21.77 -38.53 -65.83
N LYS D 354 21.00 -37.76 -66.59
CA LYS D 354 20.89 -38.00 -68.03
C LYS D 354 20.35 -39.39 -68.27
N ASN D 355 21.22 -40.31 -68.68
CA ASN D 355 20.86 -41.72 -68.83
C ASN D 355 21.89 -42.63 -68.17
N GLU D 356 22.70 -42.10 -67.26
CA GLU D 356 23.72 -42.86 -66.56
C GLU D 356 23.39 -42.97 -65.08
N ASN D 357 23.70 -44.13 -64.50
CA ASN D 357 23.41 -44.40 -63.11
C ASN D 357 24.71 -44.37 -62.29
N TYR D 358 24.73 -43.53 -61.26
CA TYR D 358 25.87 -43.37 -60.38
C TYR D 358 25.52 -43.88 -58.98
N ASP D 359 26.57 -44.06 -58.17
CA ASP D 359 26.44 -44.54 -56.80
C ASP D 359 27.18 -43.55 -55.90
N ILE D 360 26.44 -42.58 -55.35
CA ILE D 360 27.04 -41.52 -54.55
C ILE D 360 27.64 -42.04 -53.25
N SER D 361 27.32 -43.27 -52.85
CA SER D 361 27.91 -43.83 -51.64
C SER D 361 29.38 -44.20 -51.82
N GLU D 362 29.88 -44.18 -53.05
CA GLU D 362 31.28 -44.47 -53.33
C GLU D 362 31.95 -43.23 -53.91
N GLU D 363 33.18 -42.97 -53.48
CA GLU D 363 33.84 -41.71 -53.82
C GLU D 363 34.12 -41.57 -55.31
N LYS D 364 34.52 -42.66 -55.97
CA LYS D 364 34.77 -42.58 -57.41
C LYS D 364 33.50 -42.21 -58.17
N SER D 365 32.39 -42.87 -57.86
CA SER D 365 31.14 -42.55 -58.52
C SER D 365 30.68 -41.13 -58.19
N TRP D 366 30.88 -40.70 -56.94
CA TRP D 366 30.51 -39.34 -56.57
C TRP D 366 31.32 -38.32 -57.36
N GLY D 367 32.61 -38.56 -57.53
CA GLY D 367 33.42 -37.66 -58.34
C GLY D 367 33.00 -37.64 -59.79
N ASN D 368 32.67 -38.81 -60.35
CA ASN D 368 32.18 -38.86 -61.72
C ASN D 368 30.88 -38.07 -61.86
N LEU D 369 29.97 -38.23 -60.92
CA LEU D 369 28.71 -37.48 -60.96
C LEU D 369 28.95 -35.99 -60.84
N GLN D 370 29.88 -35.58 -59.97
CA GLN D 370 30.20 -34.16 -59.86
C GLN D 370 30.75 -33.61 -61.16
N GLU D 371 31.65 -34.36 -61.82
CA GLU D 371 32.17 -33.92 -63.11
C GLU D 371 31.05 -33.77 -64.12
N ALA D 372 30.18 -34.78 -64.24
CA ALA D 372 29.10 -34.73 -65.21
C ALA D 372 28.10 -33.62 -64.91
N MET D 373 27.91 -33.27 -63.64
CA MET D 373 26.94 -32.25 -63.28
C MET D 373 27.32 -30.87 -63.80
N GLU D 374 28.60 -30.51 -63.77
CA GLU D 374 29.04 -29.21 -64.25
C GLU D 374 29.56 -29.24 -65.68
N ASN D 375 29.85 -30.42 -66.24
CA ASN D 375 30.23 -30.51 -67.63
C ASN D 375 29.10 -31.10 -68.48
N ASN D 382 19.60 -24.06 -67.20
CA ASN D 382 19.00 -23.84 -65.89
C ASN D 382 17.81 -24.76 -65.68
N LYS D 383 18.03 -25.86 -64.95
CA LYS D 383 16.99 -26.86 -64.69
C LYS D 383 16.16 -26.41 -63.49
N GLY D 384 15.39 -25.36 -63.71
CA GLY D 384 14.66 -24.78 -62.59
C GLY D 384 15.62 -24.21 -61.57
N GLY D 385 15.20 -24.22 -60.31
CA GLY D 385 16.06 -23.81 -59.23
C GLY D 385 16.93 -24.90 -58.65
N ALA D 386 16.92 -26.09 -59.24
CA ALA D 386 17.70 -27.20 -58.71
C ALA D 386 19.20 -26.91 -58.78
N ARG D 387 19.66 -26.35 -59.89
CA ARG D 387 21.09 -26.06 -60.00
C ARG D 387 21.51 -24.94 -59.04
N GLU D 388 20.66 -23.95 -58.84
CA GLU D 388 20.94 -22.93 -57.84
C GLU D 388 20.98 -23.51 -56.45
N LEU D 389 20.12 -24.49 -56.16
CA LEU D 389 20.17 -25.20 -54.89
C LEU D 389 21.47 -25.97 -54.73
N TYR D 390 21.93 -26.62 -55.79
CA TYR D 390 23.17 -27.40 -55.73
C TYR D 390 24.40 -26.50 -55.60
N SER D 391 24.36 -25.29 -56.17
CA SER D 391 25.51 -24.41 -56.09
C SER D 391 25.71 -23.85 -54.69
N ARG D 392 24.66 -23.81 -53.88
CA ARG D 392 24.69 -23.24 -52.54
C ARG D 392 24.40 -24.31 -51.50
N ALA D 393 25.01 -25.48 -51.65
CA ALA D 393 24.73 -26.63 -50.79
C ALA D 393 25.05 -26.36 -49.32
N LYS D 394 25.96 -25.45 -49.01
CA LYS D 394 26.36 -25.23 -47.63
C LYS D 394 25.21 -24.73 -46.76
N VAL D 395 24.03 -24.50 -47.34
CA VAL D 395 22.86 -24.13 -46.55
C VAL D 395 22.23 -25.34 -45.86
N PHE D 396 22.67 -26.55 -46.18
CA PHE D 396 22.09 -27.76 -45.61
C PHE D 396 22.97 -28.40 -44.55
N SER D 397 24.17 -27.87 -44.31
CA SER D 397 25.10 -28.52 -43.39
C SER D 397 24.48 -28.73 -42.01
N PHE D 398 23.69 -27.77 -41.54
CA PHE D 398 23.11 -27.88 -40.20
C PHE D 398 22.21 -29.09 -40.04
N LEU D 399 21.82 -29.75 -41.14
CA LEU D 399 21.01 -30.95 -41.02
C LEU D 399 21.79 -32.17 -40.56
N ARG D 400 23.13 -32.10 -40.54
CA ARG D 400 23.92 -33.25 -40.14
C ARG D 400 23.61 -33.68 -38.71
N ALA D 401 23.07 -32.79 -37.89
CA ALA D 401 22.68 -33.16 -36.54
C ALA D 401 21.45 -34.05 -36.54
N PHE D 402 20.49 -33.79 -37.42
CA PHE D 402 19.22 -34.49 -37.42
C PHE D 402 19.17 -35.69 -38.36
N HIS D 403 20.23 -35.94 -39.12
CA HIS D 403 20.18 -36.92 -40.20
C HIS D 403 20.81 -38.24 -39.75
N ALA D 404 20.21 -39.35 -40.20
CA ALA D 404 20.74 -40.68 -40.02
C ALA D 404 20.25 -41.51 -41.19
N PRO D 405 21.11 -42.27 -41.86
CA PRO D 405 20.70 -42.99 -43.06
C PRO D 405 19.86 -44.22 -42.72
N GLY D 406 19.07 -44.64 -43.70
CA GLY D 406 18.28 -45.86 -43.59
C GLY D 406 17.20 -45.83 -42.53
N LYS D 407 16.37 -44.79 -42.52
CA LYS D 407 15.28 -44.68 -41.56
C LYS D 407 13.91 -44.78 -42.23
N GLU D 408 13.63 -43.93 -43.21
CA GLU D 408 12.36 -43.94 -43.95
C GLU D 408 11.16 -43.92 -43.01
N ALA D 409 11.24 -43.08 -41.98
CA ALA D 409 10.20 -43.01 -40.96
C ALA D 409 9.47 -41.67 -40.96
N ASN D 410 10.19 -40.55 -40.82
CA ASN D 410 9.58 -39.23 -40.70
C ASN D 410 8.63 -39.18 -39.50
N PHE D 411 9.24 -39.28 -38.32
CA PHE D 411 8.48 -39.21 -37.07
C PHE D 411 7.48 -38.06 -37.05
N LEU D 412 7.81 -36.95 -37.70
CA LEU D 412 6.89 -35.81 -37.70
C LEU D 412 5.56 -36.18 -38.34
N GLU D 413 5.59 -36.89 -39.47
CA GLU D 413 4.36 -37.34 -40.10
C GLU D 413 3.75 -38.52 -39.37
N THR D 414 4.59 -39.41 -38.82
CA THR D 414 4.06 -40.57 -38.10
C THR D 414 3.25 -40.16 -36.88
N ILE D 415 3.73 -39.17 -36.13
CA ILE D 415 3.01 -38.72 -34.94
C ILE D 415 1.68 -38.09 -35.33
N LYS D 416 1.67 -37.29 -36.40
CA LYS D 416 0.43 -36.70 -36.85
C LYS D 416 -0.57 -37.76 -37.28
N GLU D 417 -0.11 -38.80 -37.98
CA GLU D 417 -1.01 -39.90 -38.30
C GLU D 417 -1.53 -40.57 -37.04
N ASP D 418 -0.65 -40.83 -36.08
CA ASP D 418 -1.05 -41.49 -34.84
C ASP D 418 -2.15 -40.72 -34.13
N LEU D 419 -2.02 -39.40 -34.04
CA LEU D 419 -2.93 -38.61 -33.25
C LEU D 419 -4.17 -38.14 -34.00
N LEU D 420 -4.10 -37.97 -35.32
CA LEU D 420 -5.23 -37.42 -36.07
C LEU D 420 -5.44 -38.17 -37.38
N GLY D 421 -5.29 -39.49 -37.35
CA GLY D 421 -5.48 -40.32 -38.54
C GLY D 421 -6.87 -40.94 -38.55
N GLU D 422 -7.41 -41.10 -39.75
CA GLU D 422 -8.74 -41.71 -39.88
C GLU D 422 -8.68 -43.20 -39.59
N LYS D 423 -7.67 -43.90 -40.11
CA LYS D 423 -7.54 -45.33 -39.84
C LYS D 423 -7.33 -45.59 -38.36
N THR D 424 -6.48 -44.81 -37.72
CA THR D 424 -6.21 -44.97 -36.30
C THR D 424 -7.22 -44.26 -35.41
N GLU D 425 -8.20 -43.56 -36.01
CA GLU D 425 -9.22 -42.90 -35.22
C GLU D 425 -9.95 -43.92 -34.35
N GLY D 426 -10.10 -43.58 -33.08
CA GLY D 426 -10.54 -44.58 -32.12
C GLY D 426 -9.38 -45.37 -31.54
N GLU D 427 -9.51 -45.73 -30.28
CA GLU D 427 -8.42 -46.37 -29.54
C GLU D 427 -7.15 -45.51 -29.63
N GLY D 428 -7.26 -44.31 -29.08
CA GLY D 428 -6.21 -43.31 -29.20
C GLY D 428 -4.85 -43.78 -28.70
N LYS D 429 -3.81 -43.51 -29.48
CA LYS D 429 -2.46 -43.88 -29.11
C LYS D 429 -1.89 -42.93 -28.07
N VAL D 430 -0.96 -43.45 -27.26
CA VAL D 430 -0.27 -42.67 -26.25
C VAL D 430 1.14 -42.42 -26.75
N VAL D 431 1.38 -41.25 -27.32
CA VAL D 431 2.68 -40.87 -27.85
C VAL D 431 3.48 -40.21 -26.74
N ILE D 432 4.68 -40.72 -26.48
CA ILE D 432 5.59 -40.17 -25.49
C ILE D 432 6.86 -39.74 -26.20
N LEU D 433 7.29 -38.51 -25.97
CA LEU D 433 8.45 -37.94 -26.64
C LEU D 433 9.60 -37.75 -25.65
N ASP D 434 10.71 -38.44 -25.93
CA ASP D 434 11.91 -38.39 -25.09
C ASP D 434 12.71 -37.14 -25.47
N LEU D 435 12.27 -36.01 -24.94
CA LEU D 435 12.88 -34.73 -25.31
C LEU D 435 14.38 -34.66 -25.01
N PRO D 436 14.88 -35.16 -23.87
CA PRO D 436 16.32 -34.98 -23.59
C PRO D 436 17.22 -35.51 -24.69
N SER D 437 16.89 -36.65 -25.30
CA SER D 437 17.74 -37.24 -26.32
C SER D 437 17.91 -36.34 -27.53
N LEU D 438 17.06 -35.32 -27.69
CA LEU D 438 17.17 -34.39 -28.79
C LEU D 438 18.22 -33.32 -28.59
N GLY D 439 18.73 -33.15 -27.37
CA GLY D 439 19.76 -32.15 -27.15
C GLY D 439 19.22 -30.74 -27.29
N GLU D 440 19.94 -29.92 -28.07
CA GLU D 440 19.58 -28.51 -28.22
C GLU D 440 18.36 -28.28 -29.10
N ALA D 441 17.97 -29.25 -29.91
CA ALA D 441 16.85 -29.08 -30.85
C ALA D 441 15.51 -29.46 -30.25
N ALA D 442 15.47 -29.80 -28.96
CA ALA D 442 14.23 -30.27 -28.35
C ALA D 442 13.13 -29.22 -28.46
N ASP D 443 13.42 -27.97 -28.06
CA ASP D 443 12.41 -26.94 -28.09
C ASP D 443 11.95 -26.62 -29.51
N PHE D 444 12.90 -26.54 -30.44
CA PHE D 444 12.58 -26.27 -31.84
C PHE D 444 11.62 -27.33 -32.38
N PHE D 445 11.96 -28.60 -32.20
CA PHE D 445 11.12 -29.68 -32.69
C PHE D 445 9.78 -29.74 -31.98
N THR D 446 9.75 -29.47 -30.67
CA THR D 446 8.48 -29.46 -29.95
C THR D 446 7.54 -28.40 -30.50
N LEU D 447 8.06 -27.18 -30.70
CA LEU D 447 7.22 -26.11 -31.24
C LEU D 447 6.74 -26.45 -32.64
N ARG D 448 7.63 -26.98 -33.49
CA ARG D 448 7.22 -27.34 -34.85
C ARG D 448 6.13 -28.41 -34.83
N LEU D 449 6.29 -29.44 -34.00
CA LEU D 449 5.31 -30.52 -33.94
C LEU D 449 3.96 -30.01 -33.44
N MET D 450 3.97 -29.19 -32.39
CA MET D 450 2.71 -28.64 -31.90
C MET D 450 2.03 -27.78 -32.95
N ASP D 451 2.80 -26.97 -33.68
CA ASP D 451 2.20 -26.15 -34.73
C ASP D 451 1.54 -27.01 -35.81
N LEU D 452 2.27 -28.02 -36.31
CA LEU D 452 1.72 -28.85 -37.38
C LEU D 452 0.64 -29.80 -36.90
N LEU D 453 0.51 -30.02 -35.59
CA LEU D 453 -0.63 -30.75 -35.06
C LEU D 453 -1.86 -29.86 -34.92
N PHE D 454 -1.67 -28.63 -34.43
CA PHE D 454 -2.79 -27.71 -34.31
C PHE D 454 -3.38 -27.38 -35.68
N ASP D 455 -2.53 -27.21 -36.70
CA ASP D 455 -3.04 -26.91 -38.03
C ASP D 455 -3.95 -28.03 -38.54
N ARG D 456 -3.50 -29.28 -38.42
CA ARG D 456 -4.33 -30.39 -38.86
C ARG D 456 -5.60 -30.51 -38.04
N ALA D 457 -5.51 -30.28 -36.72
CA ALA D 457 -6.70 -30.35 -35.89
C ALA D 457 -7.73 -29.30 -36.30
N VAL D 458 -7.28 -28.08 -36.61
CA VAL D 458 -8.22 -27.05 -37.05
C VAL D 458 -8.79 -27.41 -38.42
N GLU D 459 -7.98 -27.99 -39.30
CA GLU D 459 -8.49 -28.40 -40.60
C GLU D 459 -9.61 -29.43 -40.46
N LEU D 460 -9.41 -30.43 -39.60
CA LEU D 460 -10.38 -31.51 -39.45
C LEU D 460 -11.62 -31.13 -38.68
N TYR D 461 -11.93 -29.85 -38.46
CA TYR D 461 -13.09 -29.46 -37.66
C TYR D 461 -14.38 -29.70 -38.43
N GLY D 462 -15.03 -30.83 -38.18
CA GLY D 462 -16.28 -31.15 -38.84
C GLY D 462 -16.36 -32.61 -39.26
N LYS D 463 -15.22 -33.20 -39.58
CA LYS D 463 -15.15 -34.62 -39.93
C LYS D 463 -14.77 -35.50 -38.74
N ARG D 464 -13.92 -35.01 -37.85
CA ARG D 464 -13.50 -35.77 -36.68
C ARG D 464 -12.79 -34.86 -35.68
N GLN D 465 -13.17 -34.96 -34.41
CA GLN D 465 -12.54 -34.15 -33.38
C GLN D 465 -11.12 -34.64 -33.12
N ALA D 466 -10.26 -33.72 -32.67
CA ALA D 466 -8.88 -34.08 -32.36
C ALA D 466 -8.84 -35.13 -31.25
N ASN D 467 -9.35 -34.78 -30.07
CA ASN D 467 -9.55 -35.74 -28.99
C ASN D 467 -8.23 -36.31 -28.46
N PHE D 468 -7.30 -35.43 -28.09
CA PHE D 468 -6.10 -35.88 -27.41
C PHE D 468 -5.66 -34.82 -26.40
N LEU D 469 -4.88 -35.27 -25.42
CA LEU D 469 -4.46 -34.46 -24.29
C LEU D 469 -2.95 -34.21 -24.34
N VAL D 470 -2.57 -32.95 -24.19
CA VAL D 470 -1.17 -32.53 -24.25
C VAL D 470 -0.63 -32.44 -22.83
N VAL D 471 0.46 -33.16 -22.57
CA VAL D 471 1.12 -33.17 -21.27
C VAL D 471 2.42 -32.40 -21.40
N LEU D 472 2.49 -31.27 -20.70
CA LEU D 472 3.57 -30.29 -20.81
C LEU D 472 4.17 -30.04 -19.44
N GLU D 473 5.50 -29.98 -19.37
CA GLU D 473 6.21 -29.77 -18.12
C GLU D 473 6.92 -28.42 -18.13
N GLU D 474 7.09 -27.84 -16.94
CA GLU D 474 7.66 -26.50 -16.80
C GLU D 474 6.93 -25.52 -17.70
N ALA D 475 5.61 -25.54 -17.61
CA ALA D 475 4.76 -24.84 -18.56
C ALA D 475 4.99 -23.33 -18.58
N HIS D 476 5.57 -22.77 -17.53
CA HIS D 476 5.81 -21.33 -17.51
C HIS D 476 6.80 -20.91 -18.58
N ASN D 477 7.64 -21.82 -19.07
CA ASN D 477 8.59 -21.49 -20.12
C ASN D 477 7.89 -21.21 -21.44
N PHE D 478 6.86 -22.00 -21.75
CA PHE D 478 6.18 -21.90 -23.05
C PHE D 478 4.92 -21.05 -23.00
N LEU D 479 4.25 -20.95 -21.86
CA LEU D 479 3.02 -20.17 -21.79
C LEU D 479 3.27 -18.68 -21.59
N GLU D 480 4.52 -18.28 -21.36
CA GLU D 480 4.82 -16.86 -21.20
C GLU D 480 4.61 -16.10 -22.51
N ASP D 481 4.96 -16.71 -23.63
CA ASP D 481 4.88 -16.06 -24.93
C ASP D 481 3.44 -16.08 -25.43
N LYS D 482 2.84 -14.89 -25.59
CA LYS D 482 1.48 -14.79 -26.06
C LYS D 482 1.35 -14.94 -27.57
N ALA D 483 2.46 -14.89 -28.30
CA ALA D 483 2.47 -15.19 -29.72
C ALA D 483 2.84 -16.64 -30.01
N GLY D 484 2.89 -17.48 -28.97
CA GLY D 484 3.35 -18.84 -29.12
C GLY D 484 2.24 -19.85 -29.36
N ILE D 485 2.64 -20.96 -29.97
CA ILE D 485 1.68 -22.01 -30.31
C ILE D 485 1.09 -22.61 -29.04
N PHE D 486 1.88 -22.72 -27.97
CA PHE D 486 1.37 -23.31 -26.73
C PHE D 486 0.35 -22.40 -26.05
N TYR D 487 0.61 -21.09 -26.06
CA TYR D 487 -0.39 -20.15 -25.56
C TYR D 487 -1.66 -20.22 -26.40
N ARG D 488 -1.52 -20.30 -27.72
CA ARG D 488 -2.69 -20.42 -28.58
C ARG D 488 -3.46 -21.69 -28.29
N VAL D 489 -2.76 -22.80 -28.05
CA VAL D 489 -3.41 -24.06 -27.72
C VAL D 489 -4.14 -23.96 -26.40
N ALA D 490 -3.50 -23.36 -25.39
CA ALA D 490 -4.17 -23.18 -24.10
C ALA D 490 -5.45 -22.36 -24.26
N LYS D 491 -5.43 -21.33 -25.09
CA LYS D 491 -6.60 -20.48 -25.26
C LYS D 491 -7.72 -21.13 -26.09
N GLU D 492 -7.37 -21.79 -27.19
CA GLU D 492 -8.36 -22.15 -28.20
C GLU D 492 -8.57 -23.66 -28.35
N GLY D 493 -7.78 -24.50 -27.68
CA GLY D 493 -7.83 -25.92 -27.95
C GLY D 493 -9.12 -26.60 -27.55
N ARG D 494 -9.87 -25.99 -26.64
CA ARG D 494 -11.13 -26.60 -26.21
C ARG D 494 -12.09 -26.76 -27.36
N LYS D 495 -12.06 -25.84 -28.33
CA LYS D 495 -12.99 -25.90 -29.45
C LYS D 495 -12.77 -27.14 -30.30
N TYR D 496 -11.53 -27.60 -30.43
CA TYR D 496 -11.19 -28.75 -31.25
C TYR D 496 -11.00 -30.03 -30.43
N GLY D 497 -11.42 -30.02 -29.16
CA GLY D 497 -11.26 -31.19 -28.33
C GLY D 497 -9.84 -31.55 -27.97
N ILE D 498 -9.01 -30.55 -27.68
CA ILE D 498 -7.62 -30.74 -27.29
C ILE D 498 -7.47 -30.27 -25.86
N GLY D 499 -7.21 -31.19 -24.94
CA GLY D 499 -7.00 -30.84 -23.55
C GLY D 499 -5.56 -30.57 -23.22
N MET D 500 -5.35 -29.90 -22.08
CA MET D 500 -4.00 -29.56 -21.63
C MET D 500 -3.88 -29.83 -20.14
N LEU D 501 -2.80 -30.50 -19.75
CA LEU D 501 -2.47 -30.73 -18.34
C LEU D 501 -1.04 -30.25 -18.13
N TYR D 502 -0.88 -29.13 -17.43
CA TYR D 502 0.43 -28.48 -17.31
C TYR D 502 0.84 -28.32 -15.86
N SER D 503 2.13 -28.51 -15.61
CA SER D 503 2.75 -28.35 -14.31
C SER D 503 3.88 -27.33 -14.44
N THR D 504 3.90 -26.34 -13.55
CA THR D 504 4.83 -25.23 -13.67
C THR D 504 5.80 -25.12 -12.51
N GLN D 505 5.33 -25.23 -11.27
CA GLN D 505 6.09 -25.02 -10.05
C GLN D 505 6.24 -23.54 -9.73
N SER D 506 5.73 -22.63 -10.57
CA SER D 506 5.83 -21.20 -10.33
C SER D 506 4.63 -20.51 -10.95
N PRO D 507 3.45 -20.64 -10.33
CA PRO D 507 2.23 -20.10 -10.94
C PRO D 507 2.30 -18.63 -11.25
N ALA D 508 3.08 -17.85 -10.49
CA ALA D 508 3.15 -16.42 -10.75
C ALA D 508 3.62 -16.11 -12.16
N SER D 509 4.34 -17.04 -12.80
CA SER D 509 4.85 -16.79 -14.14
C SER D 509 3.84 -17.12 -15.23
N ILE D 510 2.67 -17.62 -14.88
CA ILE D 510 1.66 -17.98 -15.88
C ILE D 510 0.65 -16.85 -15.99
N PRO D 511 0.34 -16.39 -17.20
CA PRO D 511 -0.55 -15.22 -17.34
C PRO D 511 -1.92 -15.46 -16.70
N MET D 512 -2.47 -14.38 -16.15
CA MET D 512 -3.78 -14.47 -15.52
C MET D 512 -4.86 -14.87 -16.51
N GLU D 513 -4.67 -14.58 -17.80
CA GLU D 513 -5.64 -15.03 -18.79
C GLU D 513 -5.73 -16.55 -18.81
N ILE D 514 -4.58 -17.23 -18.74
CA ILE D 514 -4.58 -18.68 -18.68
C ILE D 514 -5.09 -19.17 -17.32
N LEU D 515 -4.65 -18.51 -16.24
CA LEU D 515 -5.04 -18.97 -14.91
C LEU D 515 -6.56 -18.91 -14.72
N SER D 516 -7.20 -17.83 -15.16
CA SER D 516 -8.61 -17.63 -14.87
C SER D 516 -9.49 -18.65 -15.58
N GLN D 517 -9.04 -19.17 -16.72
CA GLN D 517 -9.84 -20.07 -17.53
C GLN D 517 -9.44 -21.53 -17.36
N THR D 518 -8.59 -21.84 -16.40
CA THR D 518 -8.27 -23.23 -16.09
C THR D 518 -9.38 -23.84 -15.25
N GLU D 519 -9.74 -25.07 -15.58
CA GLU D 519 -10.85 -25.76 -14.92
C GLU D 519 -10.42 -26.56 -13.70
N ASN D 520 -9.33 -27.32 -13.78
CA ASN D 520 -8.91 -28.19 -12.69
C ASN D 520 -7.64 -27.65 -12.04
N PHE D 521 -7.59 -27.70 -10.71
CA PHE D 521 -6.45 -27.22 -9.95
C PHE D 521 -6.03 -28.25 -8.90
N LEU D 522 -4.74 -28.59 -8.90
CA LEU D 522 -4.15 -29.42 -7.86
C LEU D 522 -2.90 -28.70 -7.35
N VAL D 523 -2.93 -28.24 -6.11
CA VAL D 523 -1.88 -27.38 -5.58
C VAL D 523 -1.20 -28.07 -4.41
N LYS D 524 0.13 -28.12 -4.44
CA LYS D 524 0.96 -28.60 -3.35
C LYS D 524 1.70 -27.43 -2.73
N HIS D 525 2.61 -27.75 -1.81
CA HIS D 525 3.34 -26.71 -1.10
C HIS D 525 4.02 -25.73 -2.05
N LEU D 526 3.81 -24.44 -1.81
CA LEU D 526 4.43 -23.38 -2.59
C LEU D 526 5.27 -22.53 -1.65
N SER D 527 6.56 -22.41 -1.94
CA SER D 527 7.47 -21.71 -1.04
C SER D 527 7.34 -20.19 -1.17
N SER D 528 7.08 -19.68 -2.37
CA SER D 528 7.11 -18.25 -2.62
C SER D 528 5.75 -17.60 -2.30
N GLU D 529 5.81 -16.32 -1.91
CA GLU D 529 4.59 -15.60 -1.56
C GLU D 529 3.81 -15.17 -2.79
N GLU D 530 4.53 -14.77 -3.84
CA GLU D 530 3.86 -14.29 -5.05
C GLU D 530 3.04 -15.39 -5.70
N ASP D 531 3.55 -16.62 -5.67
CA ASP D 531 2.81 -17.75 -6.23
C ASP D 531 1.48 -17.95 -5.53
N VAL D 532 1.47 -17.84 -4.19
CA VAL D 532 0.23 -18.02 -3.45
C VAL D 532 -0.71 -16.84 -3.68
N LYS D 533 -0.16 -15.62 -3.76
CA LYS D 533 -1.01 -14.46 -3.98
C LYS D 533 -1.70 -14.53 -5.34
N VAL D 534 -0.97 -14.96 -6.38
CA VAL D 534 -1.59 -15.08 -7.69
C VAL D 534 -2.67 -16.15 -7.68
N LEU D 535 -2.47 -17.24 -6.94
CA LEU D 535 -3.49 -18.27 -6.81
C LEU D 535 -4.75 -17.71 -6.17
N LYS D 536 -4.59 -16.97 -5.08
CA LYS D 536 -5.75 -16.39 -4.41
C LYS D 536 -6.48 -15.41 -5.30
N ARG D 537 -5.74 -14.59 -6.06
CA ARG D 537 -6.40 -13.69 -7.00
C ARG D 537 -7.16 -14.46 -8.07
N ALA D 538 -6.54 -15.51 -8.62
CA ALA D 538 -7.17 -16.26 -9.71
C ALA D 538 -8.46 -16.91 -9.26
N LYS D 539 -8.43 -17.64 -8.14
CA LYS D 539 -9.62 -18.34 -7.66
C LYS D 539 -9.92 -17.94 -6.22
N ALA D 540 -11.13 -17.46 -5.99
CA ALA D 540 -11.53 -17.07 -4.63
C ALA D 540 -11.50 -18.23 -3.64
N PRO D 541 -12.00 -19.42 -3.97
CA PRO D 541 -12.04 -20.49 -2.95
C PRO D 541 -10.69 -20.85 -2.37
N PHE D 542 -9.60 -20.51 -3.05
CA PHE D 542 -8.26 -20.79 -2.54
C PHE D 542 -7.80 -19.78 -1.51
N ALA D 543 -8.70 -18.93 -1.00
CA ALA D 543 -8.32 -17.92 -0.02
C ALA D 543 -8.23 -18.47 1.39
N PHE D 544 -8.86 -19.62 1.68
CA PHE D 544 -8.86 -20.17 3.02
C PHE D 544 -7.68 -21.09 3.30
N VAL D 545 -6.81 -21.34 2.33
CA VAL D 545 -5.70 -22.27 2.47
C VAL D 545 -4.36 -21.62 2.18
N ALA D 546 -4.34 -20.29 1.96
CA ALA D 546 -3.10 -19.62 1.61
C ALA D 546 -2.07 -19.71 2.73
N ASP D 547 -2.50 -19.56 3.97
CA ASP D 547 -1.57 -19.64 5.09
C ASP D 547 -0.98 -21.04 5.23
N PHE D 548 -1.81 -22.07 5.06
CA PHE D 548 -1.31 -23.44 5.14
C PHE D 548 -0.31 -23.74 4.02
N LEU D 549 -0.67 -23.40 2.78
CA LEU D 549 0.18 -23.71 1.64
C LEU D 549 1.55 -23.05 1.75
N LEU D 550 1.65 -21.95 2.47
CA LEU D 550 2.91 -21.22 2.56
C LEU D 550 3.85 -21.77 3.61
N SER D 551 3.33 -22.29 4.72
CA SER D 551 4.17 -22.66 5.85
C SER D 551 4.14 -24.16 6.16
N GLU D 552 3.43 -24.97 5.37
CA GLU D 552 3.35 -26.41 5.61
C GLU D 552 3.89 -27.17 4.41
N PRO D 553 5.20 -27.44 4.41
CA PRO D 553 5.82 -28.30 3.36
C PRO D 553 5.63 -29.79 3.63
N ILE D 554 4.47 -30.30 3.22
CA ILE D 554 4.10 -31.70 3.42
C ILE D 554 4.10 -32.39 2.06
N ILE D 555 4.69 -33.58 2.01
CA ILE D 555 4.84 -34.33 0.76
C ILE D 555 3.63 -35.24 0.57
N GLY D 556 3.08 -35.24 -0.63
CA GLY D 556 1.92 -36.06 -0.94
C GLY D 556 0.60 -35.47 -0.52
N TYR D 557 0.58 -34.20 -0.10
CA TYR D 557 -0.61 -33.54 0.43
C TYR D 557 -1.00 -32.44 -0.53
N SER D 558 -2.22 -32.50 -1.06
CA SER D 558 -2.64 -31.62 -2.14
C SER D 558 -3.98 -30.95 -1.79
N TYR D 559 -4.21 -29.80 -2.41
CA TYR D 559 -5.52 -29.14 -2.38
C TYR D 559 -6.10 -29.19 -3.78
N VAL D 560 -7.30 -29.74 -3.91
CA VAL D 560 -7.91 -29.98 -5.20
C VAL D 560 -9.16 -29.12 -5.34
N TYR D 561 -9.39 -28.68 -6.58
CA TYR D 561 -10.57 -27.88 -6.90
C TYR D 561 -10.90 -28.10 -8.38
N PHE D 562 -12.07 -28.66 -8.66
CA PHE D 562 -12.52 -28.91 -10.03
C PHE D 562 -13.71 -28.01 -10.35
N GLU D 563 -13.54 -27.15 -11.35
CA GLU D 563 -14.61 -26.27 -11.79
C GLU D 563 -15.65 -27.06 -12.59
N PRO D 564 -16.85 -26.49 -12.77
CA PRO D 564 -17.34 -25.23 -12.22
C PRO D 564 -18.31 -25.43 -11.06
N TYR D 565 -18.62 -26.67 -10.71
CA TYR D 565 -19.65 -26.96 -9.72
C TYR D 565 -19.10 -27.61 -8.47
N GLN D 566 -17.89 -27.23 -8.06
CA GLN D 566 -17.41 -27.70 -6.77
C GLN D 566 -17.58 -26.61 -5.73
N PRO D 567 -18.17 -26.90 -4.57
CA PRO D 567 -18.40 -25.85 -3.57
C PRO D 567 -17.13 -25.20 -3.05
N PHE D 568 -16.19 -26.00 -2.54
CA PHE D 568 -15.01 -25.46 -1.88
C PHE D 568 -13.80 -26.34 -2.18
N VAL D 569 -12.62 -25.86 -1.80
CA VAL D 569 -11.36 -26.53 -2.06
C VAL D 569 -11.18 -27.65 -1.03
N VAL D 570 -10.81 -28.83 -1.51
CA VAL D 570 -10.76 -30.02 -0.66
C VAL D 570 -9.30 -30.41 -0.46
N PRO D 571 -8.84 -30.57 0.78
CA PRO D 571 -7.47 -31.09 1.02
C PRO D 571 -7.47 -32.61 1.06
N LEU D 572 -6.59 -33.22 0.27
CA LEU D 572 -6.53 -34.66 0.11
C LEU D 572 -5.11 -35.16 0.30
N ARG D 573 -5.02 -36.40 0.79
CA ARG D 573 -3.82 -37.22 0.64
C ARG D 573 -4.11 -38.15 -0.53
N VAL D 574 -3.34 -38.00 -1.60
CA VAL D 574 -3.68 -38.66 -2.86
C VAL D 574 -3.22 -40.10 -2.85
N LYS D 575 -4.00 -40.96 -3.50
CA LYS D 575 -3.66 -42.37 -3.57
C LYS D 575 -2.43 -42.59 -4.44
N LEU D 576 -1.67 -43.63 -4.08
CA LEU D 576 -0.49 -43.99 -4.85
C LEU D 576 -0.88 -44.85 -6.05
N LEU D 577 -0.08 -44.77 -7.10
CA LEU D 577 -0.35 -45.55 -8.31
C LEU D 577 -0.33 -47.04 -8.01
N GLU D 578 0.52 -47.47 -7.08
CA GLU D 578 0.59 -48.88 -6.73
C GLU D 578 -0.75 -49.39 -6.21
N HIS D 579 -1.40 -48.59 -5.36
CA HIS D 579 -2.70 -48.98 -4.81
C HIS D 579 -3.82 -48.78 -5.84
N VAL D 580 -3.72 -47.75 -6.68
CA VAL D 580 -4.73 -47.55 -7.71
C VAL D 580 -4.75 -48.72 -8.68
N LEU D 581 -3.57 -49.26 -9.01
CA LEU D 581 -3.51 -50.41 -9.91
C LEU D 581 -4.19 -51.62 -9.29
N LYS D 582 -3.97 -51.87 -8.00
CA LYS D 582 -4.66 -52.96 -7.32
C LYS D 582 -6.16 -52.73 -7.29
N SER D 583 -6.59 -51.49 -7.05
CA SER D 583 -8.02 -51.20 -7.03
C SER D 583 -8.66 -51.47 -8.38
N LEU D 584 -8.00 -51.07 -9.47
CA LEU D 584 -8.52 -51.35 -10.80
C LEU D 584 -8.36 -52.82 -11.18
N ASP D 585 -7.50 -53.55 -10.48
CA ASP D 585 -7.29 -54.97 -10.75
C ASP D 585 -8.31 -55.85 -10.05
N SER D 586 -9.21 -55.28 -9.26
CA SER D 586 -10.24 -56.05 -8.57
C SER D 586 -11.61 -55.82 -9.20
N GLU E 3 -48.30 -6.77 9.60
CA GLU E 3 -48.64 -5.36 9.43
C GLU E 3 -48.19 -4.54 10.64
N SER E 4 -47.10 -4.98 11.25
CA SER E 4 -46.53 -4.35 12.44
C SER E 4 -45.05 -4.13 12.23
N PRO E 5 -44.45 -3.22 12.99
CA PRO E 5 -43.01 -3.00 12.87
C PRO E 5 -42.24 -4.25 13.22
N ILE E 6 -41.11 -4.46 12.54
CA ILE E 6 -40.34 -5.68 12.74
C ILE E 6 -39.53 -5.61 14.02
N GLY E 7 -38.88 -4.49 14.29
CA GLY E 7 -38.11 -4.36 15.50
C GLY E 7 -38.22 -2.98 16.10
N VAL E 8 -37.12 -2.47 16.65
CA VAL E 8 -37.06 -1.13 17.20
C VAL E 8 -35.81 -0.45 16.67
N VAL E 9 -35.95 0.79 16.22
CA VAL E 9 -34.82 1.58 15.72
C VAL E 9 -34.15 2.26 16.91
N VAL E 10 -32.84 2.08 17.03
CA VAL E 10 -32.08 2.56 18.17
C VAL E 10 -31.01 3.57 17.80
N SER E 11 -30.82 3.85 16.52
CA SER E 11 -29.80 4.81 16.11
C SER E 11 -29.90 5.05 14.62
N SER E 12 -29.46 6.23 14.19
CA SER E 12 -29.39 6.56 12.78
C SER E 12 -28.24 7.53 12.57
N ARG E 13 -27.75 7.61 11.34
CA ARG E 13 -26.64 8.50 11.02
C ARG E 13 -26.46 8.57 9.52
N ARG E 14 -25.48 9.38 9.12
CA ARG E 14 -25.07 9.51 7.72
C ARG E 14 -23.68 8.91 7.57
N ASN E 15 -23.59 7.77 6.90
CA ASN E 15 -22.33 7.09 6.64
C ASN E 15 -21.99 7.38 5.17
N GLY E 16 -20.94 8.17 4.95
CA GLY E 16 -20.54 8.53 3.62
C GLY E 16 -21.67 9.20 2.86
N PRO E 17 -21.96 8.69 1.66
CA PRO E 17 -23.04 9.25 0.86
C PRO E 17 -24.43 8.70 1.18
N TRP E 18 -24.58 7.85 2.19
CA TRP E 18 -25.85 7.18 2.43
C TRP E 18 -26.27 7.34 3.89
N ALA E 19 -27.57 7.55 4.08
CA ALA E 19 -28.16 7.52 5.42
C ALA E 19 -28.44 6.08 5.82
N GLU E 20 -28.09 5.74 7.06
CA GLU E 20 -28.32 4.40 7.56
C GLU E 20 -28.90 4.46 8.97
N LEU E 21 -29.49 3.35 9.38
CA LEU E 21 -30.05 3.21 10.71
C LEU E 21 -29.81 1.80 11.23
N THR E 22 -29.94 1.66 12.55
CA THR E 22 -29.69 0.41 13.24
C THR E 22 -30.99 -0.12 13.82
N LEU E 23 -31.31 -1.37 13.49
CA LEU E 23 -32.52 -2.02 13.93
C LEU E 23 -32.17 -3.15 14.90
N VAL E 24 -32.98 -3.33 15.93
CA VAL E 24 -32.77 -4.37 16.91
C VAL E 24 -33.99 -5.28 16.93
N LEU E 25 -33.77 -6.57 16.71
CA LEU E 25 -34.80 -7.59 16.84
C LEU E 25 -34.72 -8.16 18.25
N THR E 26 -35.85 -8.17 18.94
CA THR E 26 -35.92 -8.54 20.34
C THR E 26 -36.30 -10.00 20.49
N PRO E 27 -36.32 -10.50 21.73
CA PRO E 27 -36.67 -11.91 21.94
C PRO E 27 -38.04 -12.29 21.40
N GLN E 28 -39.02 -11.39 21.47
CA GLN E 28 -40.35 -11.72 20.96
C GLN E 28 -40.31 -11.96 19.44
N GLU E 29 -39.71 -11.05 18.69
CA GLU E 29 -39.58 -11.26 17.24
C GLU E 29 -38.76 -12.50 16.95
N LEU E 30 -37.66 -12.70 17.65
CA LEU E 30 -36.79 -13.84 17.35
C LEU E 30 -37.50 -15.16 17.63
N ASP E 31 -38.28 -15.23 18.71
CA ASP E 31 -39.00 -16.45 19.03
C ASP E 31 -40.21 -16.67 18.12
N GLN E 32 -40.81 -15.61 17.60
CA GLN E 32 -41.89 -15.76 16.63
C GLN E 32 -41.39 -16.07 15.23
N GLY E 33 -40.08 -16.23 15.05
CA GLY E 33 -39.55 -16.61 13.76
C GLY E 33 -39.43 -15.50 12.75
N LYS E 34 -39.35 -14.25 13.20
CA LYS E 34 -39.21 -13.12 12.30
C LYS E 34 -37.74 -12.85 12.04
N ARG E 35 -37.37 -12.77 10.76
CA ARG E 35 -35.97 -12.60 10.37
C ARG E 35 -35.90 -11.64 9.19
N LEU E 36 -34.70 -11.09 9.00
CA LEU E 36 -34.40 -10.24 7.86
C LEU E 36 -33.27 -10.87 7.05
N LEU E 37 -33.41 -10.85 5.73
CA LEU E 37 -32.41 -11.38 4.82
C LEU E 37 -31.48 -10.26 4.35
N LEU E 38 -30.23 -10.60 4.12
CA LEU E 38 -29.27 -9.64 3.59
C LEU E 38 -29.67 -9.26 2.17
N GLY E 39 -29.71 -7.96 1.89
CA GLY E 39 -30.14 -7.48 0.60
C GLY E 39 -31.63 -7.35 0.43
N GLU E 40 -32.42 -7.60 1.47
CA GLU E 40 -33.86 -7.50 1.39
C GLU E 40 -34.31 -6.04 1.43
N LEU E 41 -35.41 -5.77 0.73
CA LEU E 41 -35.98 -4.43 0.69
C LEU E 41 -37.12 -4.32 1.70
N VAL E 42 -37.07 -3.27 2.52
CA VAL E 42 -38.05 -3.02 3.55
C VAL E 42 -38.57 -1.59 3.41
N ARG E 43 -39.68 -1.30 4.08
CA ARG E 43 -40.27 0.03 4.09
C ARG E 43 -39.89 0.72 5.40
N VAL E 44 -39.57 2.01 5.32
CA VAL E 44 -39.22 2.79 6.51
C VAL E 44 -40.16 3.98 6.59
N SER E 45 -40.88 4.09 7.70
CA SER E 45 -41.78 5.19 7.94
C SER E 45 -41.15 6.15 8.95
N SER E 46 -41.07 7.42 8.57
CA SER E 46 -40.48 8.43 9.45
C SER E 46 -41.15 9.76 9.16
N GLY E 47 -41.97 10.24 10.09
CA GLY E 47 -42.62 11.53 9.94
C GLY E 47 -43.64 11.59 8.81
N GLY E 48 -44.43 10.53 8.64
CA GLY E 48 -45.45 10.52 7.61
C GLY E 48 -44.93 10.35 6.19
N LYS E 49 -43.75 9.78 6.02
CA LYS E 49 -43.16 9.57 4.70
C LYS E 49 -42.51 8.20 4.64
N ASP E 50 -42.61 7.56 3.48
CA ASP E 50 -42.12 6.20 3.29
C ASP E 50 -40.86 6.21 2.45
N TYR E 51 -39.83 5.51 2.93
CA TYR E 51 -38.56 5.33 2.25
C TYR E 51 -38.35 3.85 1.96
N VAL E 52 -37.53 3.59 0.94
CA VAL E 52 -37.06 2.25 0.60
C VAL E 52 -35.76 2.02 1.36
N GLY E 53 -35.68 0.92 2.09
CA GLY E 53 -34.45 0.57 2.77
C GLY E 53 -33.94 -0.80 2.39
N MET E 54 -32.64 -1.00 2.51
CA MET E 54 -32.00 -2.27 2.19
C MET E 54 -31.20 -2.75 3.38
N VAL E 55 -31.30 -4.04 3.68
CA VAL E 55 -30.58 -4.64 4.80
C VAL E 55 -29.15 -4.95 4.36
N LEU E 56 -28.18 -4.29 5.00
CA LEU E 56 -26.79 -4.37 4.60
C LEU E 56 -25.93 -5.23 5.53
N ASP E 57 -26.34 -5.42 6.78
CA ASP E 57 -25.46 -6.02 7.77
C ASP E 57 -26.28 -6.71 8.84
N GLY E 58 -25.59 -7.53 9.64
CA GLY E 58 -26.18 -8.19 10.79
C GLY E 58 -25.10 -8.66 11.75
N TYR E 59 -25.27 -8.38 13.03
CA TYR E 59 -24.25 -8.74 14.02
C TYR E 59 -24.91 -8.86 15.39
N TYR E 60 -24.20 -9.52 16.30
CA TYR E 60 -24.68 -9.75 17.65
C TYR E 60 -23.93 -8.81 18.61
N GLU E 61 -24.69 -8.09 19.43
CA GLU E 61 -24.13 -7.18 20.41
C GLU E 61 -24.93 -7.26 21.69
N PRO E 62 -24.27 -7.09 22.84
CA PRO E 62 -25.01 -7.08 24.11
C PRO E 62 -25.93 -5.87 24.22
N VAL E 63 -27.05 -6.07 24.90
CA VAL E 63 -28.03 -5.02 25.13
C VAL E 63 -28.15 -4.80 26.63
N GLY E 64 -27.92 -3.57 27.08
CA GLY E 64 -27.97 -3.29 28.50
C GLY E 64 -26.68 -3.70 29.20
N ARG E 65 -26.81 -4.00 30.50
CA ARG E 65 -25.68 -4.44 31.31
C ARG E 65 -25.78 -5.96 31.44
N SER E 66 -25.19 -6.66 30.47
CA SER E 66 -25.23 -8.12 30.45
C SER E 66 -23.89 -8.65 29.99
N ASP E 67 -23.61 -9.91 30.36
CA ASP E 67 -22.41 -10.62 29.96
C ASP E 67 -22.86 -11.90 29.26
N PRO E 68 -23.23 -11.81 27.98
CA PRO E 68 -23.79 -12.98 27.29
C PRO E 68 -22.86 -14.18 27.28
N THR E 69 -21.55 -13.95 27.13
CA THR E 69 -20.61 -15.08 27.10
C THR E 69 -20.65 -15.84 28.43
N TYR E 70 -20.54 -15.11 29.54
CA TYR E 70 -20.56 -15.77 30.84
C TYR E 70 -21.90 -16.46 31.08
N THR E 71 -23.01 -15.79 30.73
CA THR E 71 -24.31 -16.39 30.96
C THR E 71 -24.46 -17.70 30.18
N LEU E 72 -24.17 -17.67 28.88
CA LEU E 72 -24.32 -18.86 28.06
C LEU E 72 -23.36 -19.97 28.48
N ALA E 73 -22.12 -19.61 28.80
CA ALA E 73 -21.14 -20.61 29.24
C ALA E 73 -21.57 -21.26 30.56
N LEU E 74 -22.07 -20.45 31.50
CA LEU E 74 -22.53 -21.01 32.76
C LEU E 74 -23.73 -21.93 32.56
N ALA E 75 -24.67 -21.52 31.70
CA ALA E 75 -25.80 -22.39 31.41
C ALA E 75 -25.35 -23.70 30.79
N HIS E 76 -24.40 -23.63 29.85
CA HIS E 76 -23.88 -24.85 29.23
C HIS E 76 -23.19 -25.74 30.26
N ILE E 77 -22.38 -25.16 31.13
CA ILE E 77 -21.64 -25.94 32.12
C ILE E 77 -22.60 -26.63 33.09
N ASN E 78 -23.54 -25.87 33.64
CA ASN E 78 -24.46 -26.40 34.64
C ASN E 78 -25.53 -27.31 34.07
N GLN E 79 -25.45 -27.66 32.78
CA GLN E 79 -26.41 -28.55 32.16
C GLN E 79 -27.83 -27.99 32.27
N VAL E 80 -27.97 -26.67 32.13
CA VAL E 80 -29.25 -26.00 32.23
C VAL E 80 -29.76 -25.70 30.83
N ASP E 81 -31.02 -26.05 30.58
CA ASP E 81 -31.66 -25.77 29.30
C ASP E 81 -32.36 -24.42 29.40
N LEU E 82 -31.88 -23.44 28.62
CA LEU E 82 -32.43 -22.09 28.72
C LEU E 82 -33.85 -22.02 28.18
N GLU E 83 -34.16 -22.81 27.14
CA GLU E 83 -35.47 -22.73 26.51
C GLU E 83 -36.56 -23.22 27.46
N LYS E 84 -36.51 -24.49 27.83
CA LYS E 84 -37.51 -25.05 28.73
C LYS E 84 -37.36 -24.50 30.14
N GLU E 85 -36.13 -24.48 30.65
CA GLU E 85 -35.84 -24.03 32.00
C GLU E 85 -35.29 -22.61 31.98
N ASP E 86 -35.63 -21.84 32.99
CA ASP E 86 -35.05 -20.52 33.19
C ASP E 86 -35.16 -19.67 31.93
N PRO E 87 -36.37 -19.29 31.51
CA PRO E 87 -36.50 -18.37 30.37
C PRO E 87 -36.10 -16.95 30.70
N TRP E 88 -35.97 -16.60 31.98
CA TRP E 88 -35.63 -15.23 32.35
C TRP E 88 -34.21 -14.86 31.94
N ALA E 89 -33.27 -15.80 32.03
CA ALA E 89 -31.93 -15.56 31.54
C ALA E 89 -31.85 -15.60 30.01
N ARG E 90 -32.73 -16.36 29.37
CA ARG E 90 -32.79 -16.39 27.92
C ARG E 90 -33.40 -15.12 27.33
N LYS E 91 -34.22 -14.40 28.11
CA LYS E 91 -34.83 -13.17 27.62
C LYS E 91 -33.87 -12.00 27.59
N GLU E 92 -32.69 -12.12 28.19
CA GLU E 92 -31.76 -11.00 28.29
C GLU E 92 -30.59 -11.10 27.32
N VAL E 93 -30.52 -12.15 26.50
CA VAL E 93 -29.40 -12.33 25.58
C VAL E 93 -29.91 -12.50 24.16
N ASN E 94 -31.21 -12.74 24.00
CA ASN E 94 -31.78 -13.04 22.69
C ASN E 94 -32.18 -11.76 21.97
N PHE E 95 -31.15 -11.07 21.45
CA PHE E 95 -31.29 -9.86 20.66
C PHE E 95 -30.49 -10.03 19.37
N TYR E 96 -30.76 -9.19 18.38
CA TYR E 96 -29.92 -9.18 17.19
C TYR E 96 -29.95 -7.79 16.57
N HIS E 97 -28.85 -7.41 15.92
CA HIS E 97 -28.69 -6.09 15.31
C HIS E 97 -28.61 -6.19 13.80
N HIS E 98 -29.19 -5.19 13.13
CA HIS E 98 -29.16 -5.09 11.68
C HIS E 98 -28.88 -3.66 11.28
N ARG E 99 -28.28 -3.50 10.11
CA ARG E 99 -27.98 -2.19 9.53
C ARG E 99 -28.81 -2.02 8.27
N ILE E 100 -29.45 -0.86 8.11
CA ILE E 100 -30.36 -0.62 7.00
C ILE E 100 -30.02 0.71 6.35
N VAL E 101 -29.85 0.70 5.03
CA VAL E 101 -29.51 1.90 4.26
C VAL E 101 -30.76 2.41 3.57
N LEU E 102 -30.91 3.74 3.53
CA LEU E 102 -32.06 4.38 2.88
C LEU E 102 -31.70 4.71 1.44
N LEU E 103 -32.28 3.97 0.49
CA LEU E 103 -31.96 4.19 -0.91
C LEU E 103 -32.64 5.42 -1.48
N GLY E 104 -33.88 5.68 -1.05
CA GLY E 104 -34.65 6.79 -1.59
C GLY E 104 -36.12 6.59 -1.29
N ARG E 105 -36.96 7.25 -2.08
CA ARG E 105 -38.39 7.14 -1.89
C ARG E 105 -39.12 7.28 -3.23
N VAL E 106 -40.36 6.80 -3.26
CA VAL E 106 -41.20 6.88 -4.45
C VAL E 106 -42.22 7.99 -4.23
N VAL E 107 -42.24 8.97 -5.14
CA VAL E 107 -43.06 10.15 -5.00
C VAL E 107 -43.84 10.39 -6.29
N GLN E 108 -44.94 11.11 -6.16
CA GLN E 108 -45.75 11.59 -7.30
C GLN E 108 -46.29 10.38 -8.04
N GLY E 109 -46.20 10.31 -9.35
CA GLY E 109 -46.79 9.23 -10.11
C GLY E 109 -45.82 8.14 -10.48
N GLY E 110 -44.95 7.77 -9.54
CA GLY E 110 -43.95 6.77 -9.78
C GLY E 110 -42.53 7.28 -9.93
N LEU E 111 -42.29 8.56 -9.67
CA LEU E 111 -40.94 9.09 -9.72
C LEU E 111 -40.13 8.59 -8.52
N PHE E 112 -38.83 8.48 -8.70
CA PHE E 112 -37.92 8.07 -7.64
C PHE E 112 -37.08 9.27 -7.22
N ALA E 113 -37.18 9.64 -5.94
CA ALA E 113 -36.29 10.64 -5.36
C ALA E 113 -35.18 9.91 -4.62
N PRO E 114 -33.94 10.03 -5.06
CA PRO E 114 -32.87 9.21 -4.47
C PRO E 114 -32.35 9.78 -3.16
N SER E 115 -31.85 8.86 -2.33
CA SER E 115 -31.22 9.19 -1.05
C SER E 115 -32.15 10.10 -0.25
N THR E 116 -31.59 10.95 0.61
CA THR E 116 -32.38 11.85 1.43
C THR E 116 -31.45 12.88 2.06
N ARG E 117 -32.00 14.07 2.30
CA ARG E 117 -31.30 15.12 3.03
C ARG E 117 -31.81 15.25 4.47
N LEU E 118 -32.77 14.42 4.87
CA LEU E 118 -33.38 14.49 6.19
C LEU E 118 -33.08 13.21 6.94
N LEU E 119 -32.43 13.34 8.09
CA LEU E 119 -32.07 12.19 8.91
C LEU E 119 -33.13 11.97 9.98
N PRO E 120 -33.67 10.76 10.10
CA PRO E 120 -34.81 10.53 10.99
C PRO E 120 -34.37 10.38 12.44
N PRO E 121 -35.06 11.03 13.36
CA PRO E 121 -34.83 10.76 14.79
C PRO E 121 -35.26 9.35 15.15
N VAL E 122 -34.65 8.82 16.22
CA VAL E 122 -34.82 7.41 16.55
C VAL E 122 -36.27 7.11 16.94
N VAL E 123 -36.89 7.97 17.75
CA VAL E 123 -38.24 7.69 18.23
C VAL E 123 -39.28 7.78 17.12
N GLU E 124 -38.92 8.31 15.95
CA GLU E 124 -39.86 8.49 14.86
C GLU E 124 -39.86 7.33 13.87
N ALA E 125 -38.70 6.74 13.59
CA ALA E 125 -38.57 5.78 12.51
C ALA E 125 -39.17 4.43 12.88
N ARG E 126 -39.69 3.74 11.87
CA ARG E 126 -40.20 2.38 12.03
C ARG E 126 -39.94 1.61 10.75
N VAL E 127 -39.75 0.30 10.88
CA VAL E 127 -39.40 -0.58 9.77
C VAL E 127 -40.51 -1.60 9.59
N TYR E 128 -40.96 -1.77 8.35
CA TYR E 128 -42.04 -2.67 8.00
C TYR E 128 -41.60 -3.60 6.88
N ARG E 129 -42.15 -4.81 6.91
CA ARG E 129 -41.98 -5.76 5.82
C ARG E 129 -42.80 -5.31 4.62
N MET E 130 -42.16 -5.27 3.45
CA MET E 130 -42.82 -4.75 2.26
C MET E 130 -43.75 -5.80 1.67
N THR E 131 -44.93 -5.34 1.23
CA THR E 131 -45.92 -6.23 0.64
C THR E 131 -45.65 -6.44 -0.85
N GLU E 132 -46.37 -7.42 -1.41
CA GLU E 132 -46.16 -7.75 -2.82
C GLU E 132 -46.57 -6.60 -3.72
N GLU E 133 -47.69 -5.94 -3.41
CA GLU E 133 -48.12 -4.79 -4.21
C GLU E 133 -47.12 -3.64 -4.11
N GLU E 134 -46.60 -3.39 -2.91
CA GLU E 134 -45.59 -2.35 -2.76
C GLU E 134 -44.33 -2.68 -3.55
N LEU E 135 -43.91 -3.95 -3.54
CA LEU E 135 -42.74 -4.34 -4.33
C LEU E 135 -43.00 -4.16 -5.82
N GLN E 136 -44.20 -4.52 -6.27
CA GLN E 136 -44.55 -4.33 -7.68
C GLN E 136 -44.49 -2.86 -8.06
N ARG E 137 -45.06 -1.98 -7.21
CA ARG E 137 -45.03 -0.56 -7.51
C ARG E 137 -43.63 0.03 -7.40
N LEU E 138 -42.77 -0.54 -6.57
CA LEU E 138 -41.40 -0.06 -6.42
C LEU E 138 -40.50 -0.47 -7.57
N LEU E 139 -40.69 -1.66 -8.14
CA LEU E 139 -39.85 -2.07 -9.25
C LEU E 139 -40.15 -1.30 -10.52
N ALA E 140 -41.28 -0.59 -10.57
CA ALA E 140 -41.65 0.19 -11.76
C ALA E 140 -41.29 1.67 -11.63
N ALA E 141 -40.71 2.09 -10.51
CA ALA E 141 -40.35 3.49 -10.33
C ALA E 141 -39.08 3.82 -11.11
N GLU E 142 -39.02 5.05 -11.63
CA GLU E 142 -37.90 5.47 -12.45
C GLU E 142 -37.50 6.90 -12.09
N VAL E 143 -36.22 7.21 -12.28
CA VAL E 143 -35.74 8.58 -12.16
C VAL E 143 -36.30 9.41 -13.31
N ARG E 144 -36.81 10.59 -12.99
CA ARG E 144 -37.49 11.42 -13.98
C ARG E 144 -37.38 12.88 -13.57
N THR E 145 -37.65 13.76 -14.52
CA THR E 145 -37.62 15.19 -14.24
C THR E 145 -38.73 15.55 -13.27
N SER E 146 -38.41 16.44 -12.33
CA SER E 146 -39.35 16.77 -11.26
C SER E 146 -40.53 17.57 -11.82
N GLY E 147 -41.70 17.34 -11.26
CA GLY E 147 -42.90 18.02 -11.69
C GLY E 147 -43.35 17.70 -13.11
N SER E 148 -43.15 16.45 -13.54
CA SER E 148 -43.60 16.03 -14.86
C SER E 148 -44.56 14.85 -14.74
N VAL E 149 -44.95 14.27 -15.87
CA VAL E 149 -45.91 13.18 -15.91
C VAL E 149 -45.28 12.00 -16.63
N LYS E 150 -45.48 10.80 -16.11
CA LYS E 150 -44.92 9.61 -16.72
C LYS E 150 -45.47 9.44 -18.14
N ALA E 151 -44.61 8.98 -19.05
CA ALA E 151 -45.01 8.83 -20.44
C ALA E 151 -46.07 7.74 -20.60
N GLU E 152 -45.81 6.56 -20.03
CA GLU E 152 -46.74 5.44 -20.15
C GLU E 152 -46.92 5.07 -21.63
N GLY E 153 -47.67 4.01 -21.91
CA GLY E 153 -47.90 3.62 -23.29
C GLY E 153 -47.39 2.24 -23.65
N LYS E 154 -46.30 2.19 -24.42
CA LYS E 154 -45.82 0.97 -25.07
C LYS E 154 -45.86 -0.25 -24.15
N ARG E 155 -46.14 -1.40 -24.75
CA ARG E 155 -46.29 -2.65 -23.99
C ARG E 155 -44.98 -3.06 -23.34
N ARG E 156 -45.10 -3.79 -22.23
CA ARG E 156 -43.96 -4.32 -21.50
C ARG E 156 -44.14 -5.81 -21.29
N TYR E 157 -43.03 -6.52 -21.21
CA TYR E 157 -43.02 -7.97 -21.05
C TYR E 157 -42.26 -8.36 -19.80
N ALA E 158 -42.68 -9.44 -19.16
CA ALA E 158 -42.01 -9.94 -17.98
C ALA E 158 -40.65 -10.50 -18.34
N PHE E 159 -39.62 -10.12 -17.58
CA PHE E 159 -38.26 -10.58 -17.80
C PHE E 159 -37.77 -11.54 -16.72
N GLY E 160 -38.26 -11.40 -15.49
CA GLY E 160 -37.87 -12.26 -14.41
C GLY E 160 -38.63 -11.86 -13.16
N HIS E 161 -38.40 -12.60 -12.09
CA HIS E 161 -39.07 -12.31 -10.83
C HIS E 161 -38.06 -12.16 -9.70
N LEU E 162 -38.47 -11.41 -8.69
CA LEU E 162 -37.56 -11.05 -7.60
C LEU E 162 -37.17 -12.27 -6.77
N ALA E 163 -35.91 -12.30 -6.35
CA ALA E 163 -35.39 -13.36 -5.49
C ALA E 163 -34.23 -12.82 -4.68
N TYR E 164 -33.94 -13.49 -3.56
CA TYR E 164 -32.88 -13.08 -2.65
C TYR E 164 -31.93 -14.25 -2.39
N GLY E 165 -31.51 -14.91 -3.45
CA GLY E 165 -30.61 -16.05 -3.33
C GLY E 165 -31.31 -17.37 -3.50
N LEU E 166 -30.96 -18.35 -2.67
CA LEU E 166 -31.60 -19.66 -2.67
C LEU E 166 -32.33 -19.95 -1.37
N GLU E 167 -32.51 -18.94 -0.52
CA GLU E 167 -33.16 -19.15 0.77
C GLU E 167 -34.65 -19.43 0.59
N GLU E 168 -35.19 -20.29 1.44
CA GLU E 168 -36.63 -20.46 1.49
C GLU E 168 -37.29 -19.18 1.96
N GLY E 169 -38.40 -18.82 1.31
CA GLY E 169 -39.10 -17.60 1.64
C GLY E 169 -38.51 -16.33 1.08
N GLY E 170 -37.44 -16.43 0.30
CA GLY E 170 -36.82 -15.29 -0.34
C GLY E 170 -37.13 -15.13 -1.82
N GLU E 171 -38.10 -15.86 -2.35
CA GLU E 171 -38.45 -15.80 -3.76
C GLU E 171 -39.89 -15.33 -3.90
N TYR E 172 -40.12 -14.44 -4.86
CA TYR E 172 -41.42 -13.80 -5.07
C TYR E 172 -41.84 -13.99 -6.52
N PRO E 173 -42.48 -15.11 -6.85
CA PRO E 173 -42.87 -15.36 -8.24
C PRO E 173 -43.85 -14.32 -8.80
N GLU E 174 -44.56 -13.61 -7.94
CA GLU E 174 -45.54 -12.63 -8.40
C GLU E 174 -44.98 -11.23 -8.54
N VAL E 175 -43.74 -10.99 -8.11
CA VAL E 175 -43.09 -9.68 -8.24
C VAL E 175 -42.17 -9.78 -9.44
N VAL E 176 -42.70 -9.47 -10.61
CA VAL E 176 -41.95 -9.58 -11.86
C VAL E 176 -41.48 -8.20 -12.27
N LYS E 177 -40.35 -8.17 -12.99
CA LYS E 177 -39.81 -6.96 -13.57
C LYS E 177 -40.13 -6.96 -15.06
N GLU E 178 -40.79 -5.89 -15.52
CA GLU E 178 -41.23 -5.78 -16.90
C GLU E 178 -40.34 -4.77 -17.63
N VAL E 179 -39.85 -5.17 -18.80
CA VAL E 179 -38.88 -4.40 -19.56
C VAL E 179 -39.52 -3.96 -20.88
N ASP E 180 -39.28 -2.72 -21.27
CA ASP E 180 -39.63 -2.27 -22.60
C ASP E 180 -38.50 -2.65 -23.56
N PRO E 181 -38.76 -3.48 -24.58
CA PRO E 181 -37.68 -3.94 -25.46
C PRO E 181 -36.94 -2.81 -26.16
N ALA E 182 -37.49 -1.61 -26.20
CA ALA E 182 -36.79 -0.48 -26.78
C ALA E 182 -35.50 -0.15 -26.05
N LEU E 183 -35.32 -0.67 -24.84
CA LEU E 183 -34.03 -0.50 -24.15
C LEU E 183 -32.89 -1.17 -24.91
N PHE E 184 -33.19 -2.13 -25.78
CA PHE E 184 -32.15 -2.91 -26.42
C PHE E 184 -31.82 -2.46 -27.83
N VAL E 185 -32.64 -1.63 -28.45
CA VAL E 185 -32.44 -1.21 -29.83
C VAL E 185 -31.56 0.04 -29.84
N GLY E 186 -30.42 -0.04 -30.54
CA GLY E 186 -29.53 1.08 -30.68
C GLY E 186 -28.59 1.31 -29.51
N ARG E 187 -28.64 0.48 -28.48
CA ARG E 187 -27.83 0.65 -27.28
C ARG E 187 -26.92 -0.55 -27.10
N ARG E 188 -26.10 -0.49 -26.05
CA ARG E 188 -25.11 -1.52 -25.77
C ARG E 188 -25.53 -2.34 -24.55
N THR E 189 -25.51 -3.66 -24.70
CA THR E 189 -25.87 -4.59 -23.64
C THR E 189 -24.68 -5.50 -23.35
N ALA E 190 -24.35 -5.65 -22.08
CA ALA E 190 -23.26 -6.51 -21.62
C ALA E 190 -23.85 -7.65 -20.81
N ASN E 191 -23.44 -8.87 -21.13
CA ASN E 191 -23.90 -10.09 -20.46
C ASN E 191 -22.69 -10.76 -19.83
N PHE E 192 -22.44 -10.47 -18.56
CA PHE E 192 -21.28 -10.99 -17.86
C PHE E 192 -21.67 -12.21 -17.02
N GLY E 193 -20.65 -12.96 -16.62
CA GLY E 193 -20.84 -14.11 -15.74
C GLY E 193 -20.04 -15.30 -16.21
N LYS E 194 -19.90 -16.28 -15.33
CA LYS E 194 -19.17 -17.49 -15.65
C LYS E 194 -19.94 -18.31 -16.67
N THR E 195 -19.29 -19.36 -17.18
CA THR E 195 -19.87 -20.18 -18.23
C THR E 195 -20.82 -21.21 -17.64
N GLY E 196 -22.01 -21.33 -18.22
CA GLY E 196 -22.98 -22.30 -17.77
C GLY E 196 -23.97 -21.82 -16.73
N PHE E 197 -24.16 -20.51 -16.59
CA PHE E 197 -25.00 -19.97 -15.53
C PHE E 197 -26.24 -19.24 -16.05
N GLY E 198 -26.50 -19.27 -17.36
CA GLY E 198 -27.74 -18.71 -17.88
C GLY E 198 -27.59 -17.73 -19.03
N LYS E 199 -26.37 -17.57 -19.53
CA LYS E 199 -26.12 -16.60 -20.60
C LYS E 199 -26.97 -16.90 -21.82
N SER E 200 -27.02 -18.16 -22.25
CA SER E 200 -27.75 -18.50 -23.47
C SER E 200 -29.23 -18.22 -23.32
N ASN E 201 -29.82 -18.61 -22.19
CA ASN E 201 -31.24 -18.37 -21.97
C ASN E 201 -31.55 -16.88 -21.95
N GLU E 202 -30.72 -16.10 -21.25
CA GLU E 202 -30.94 -14.65 -21.21
C GLU E 202 -30.90 -14.05 -22.61
N ASN E 203 -29.88 -14.42 -23.40
CA ASN E 203 -29.75 -13.86 -24.74
C ASN E 203 -30.92 -14.27 -25.63
N LYS E 204 -31.33 -15.53 -25.55
CA LYS E 204 -32.46 -15.98 -26.37
C LYS E 204 -33.75 -15.28 -25.99
N VAL E 205 -33.99 -15.07 -24.70
CA VAL E 205 -35.18 -14.34 -24.27
C VAL E 205 -35.15 -12.92 -24.81
N ILE E 206 -34.00 -12.25 -24.71
CA ILE E 206 -33.90 -10.88 -25.20
C ILE E 206 -34.18 -10.82 -26.69
N LEU E 207 -33.58 -11.73 -27.45
CA LEU E 207 -33.76 -11.73 -28.91
C LEU E 207 -35.20 -12.04 -29.29
N THR E 208 -35.85 -12.98 -28.61
CA THR E 208 -37.25 -13.27 -28.87
C THR E 208 -38.14 -12.08 -28.57
N LEU E 209 -37.90 -11.38 -27.46
CA LEU E 209 -38.69 -10.19 -27.15
C LEU E 209 -38.50 -9.12 -28.21
N LEU E 210 -37.26 -8.89 -28.65
CA LEU E 210 -37.04 -7.91 -29.72
C LEU E 210 -37.75 -8.32 -31.00
N ALA E 211 -37.66 -9.60 -31.38
CA ALA E 211 -38.32 -10.04 -32.60
C ALA E 211 -39.84 -9.87 -32.51
N HIS E 212 -40.41 -10.12 -31.34
CA HIS E 212 -41.86 -9.99 -31.19
C HIS E 212 -42.31 -8.53 -31.15
N ALA E 213 -41.52 -7.64 -30.54
CA ALA E 213 -41.97 -6.27 -30.33
C ALA E 213 -41.61 -5.32 -31.46
N PHE E 214 -40.50 -5.55 -32.17
CA PHE E 214 -40.02 -4.65 -33.21
C PHE E 214 -39.77 -5.45 -34.48
N PRO E 215 -40.81 -5.69 -35.29
CA PRO E 215 -40.63 -6.48 -36.51
C PRO E 215 -39.84 -5.78 -37.60
N ARG E 216 -39.44 -4.53 -37.41
CA ARG E 216 -38.65 -3.80 -38.40
C ARG E 216 -37.18 -3.69 -38.02
N VAL E 217 -36.76 -4.34 -36.94
CA VAL E 217 -35.38 -4.30 -36.49
C VAL E 217 -34.74 -5.65 -36.82
N GLY E 218 -33.63 -5.61 -37.57
CA GLY E 218 -32.93 -6.82 -37.94
C GLY E 218 -31.82 -7.17 -36.97
N MET E 219 -31.30 -8.39 -37.12
CA MET E 219 -30.22 -8.87 -36.27
C MET E 219 -29.17 -9.55 -37.13
N LEU E 220 -27.92 -9.39 -36.71
CA LEU E 220 -26.78 -10.10 -37.29
C LEU E 220 -26.13 -10.88 -36.15
N ILE E 221 -26.42 -12.18 -36.10
CA ILE E 221 -25.93 -13.05 -35.04
C ILE E 221 -24.71 -13.79 -35.56
N LEU E 222 -23.59 -13.68 -34.83
CA LEU E 222 -22.37 -14.39 -35.22
C LEU E 222 -22.26 -15.63 -34.35
N ASP E 223 -22.95 -16.70 -34.75
CA ASP E 223 -23.12 -17.87 -33.88
C ASP E 223 -21.81 -18.64 -33.81
N GLN E 224 -20.99 -18.29 -32.81
CA GLN E 224 -19.73 -18.98 -32.63
C GLN E 224 -19.89 -20.36 -32.02
N ASN E 225 -20.87 -20.54 -31.15
CA ASN E 225 -21.10 -21.82 -30.48
C ASN E 225 -22.18 -22.65 -31.14
N ALA E 226 -22.84 -22.13 -32.19
CA ALA E 226 -23.90 -22.84 -32.88
C ALA E 226 -25.02 -23.24 -31.92
N GLU E 227 -25.66 -22.22 -31.34
CA GLU E 227 -26.68 -22.44 -30.33
C GLU E 227 -27.92 -21.57 -30.49
N TYR E 228 -27.96 -20.68 -31.47
CA TYR E 228 -29.05 -19.71 -31.58
C TYR E 228 -30.10 -20.10 -32.61
N LEU E 229 -30.03 -21.31 -33.15
CA LEU E 229 -31.02 -21.77 -34.14
C LEU E 229 -31.85 -22.93 -33.63
N LEU E 230 -31.23 -23.95 -33.05
CA LEU E 230 -31.94 -25.12 -32.59
C LEU E 230 -31.38 -25.55 -31.24
N GLN E 231 -32.17 -26.32 -30.50
CA GLN E 231 -31.71 -26.85 -29.24
C GLN E 231 -30.52 -27.77 -29.45
N THR E 232 -29.53 -27.65 -28.56
CA THR E 232 -28.33 -28.46 -28.68
C THR E 232 -28.54 -29.84 -28.06
N GLU E 233 -27.70 -30.79 -28.48
CA GLU E 233 -27.82 -32.16 -28.00
C GLU E 233 -27.58 -32.27 -26.49
N ALA E 234 -26.91 -31.28 -25.89
CA ALA E 234 -26.61 -31.30 -24.47
C ALA E 234 -27.58 -30.47 -23.66
N THR E 235 -28.79 -30.24 -24.17
CA THR E 235 -29.82 -29.47 -23.48
C THR E 235 -31.12 -29.65 -24.26
N THR E 236 -32.19 -29.01 -23.78
CA THR E 236 -33.48 -29.05 -24.47
C THR E 236 -34.14 -27.68 -24.53
N SER E 237 -33.38 -26.60 -24.34
CA SER E 237 -33.94 -25.26 -24.46
C SER E 237 -34.08 -24.89 -25.94
N PRO E 238 -35.27 -24.46 -26.37
CA PRO E 238 -35.47 -24.19 -27.80
C PRO E 238 -34.62 -23.04 -28.31
N GLY E 239 -34.40 -23.05 -29.61
CA GLY E 239 -33.66 -22.00 -30.28
C GLY E 239 -34.56 -20.97 -30.93
N LEU E 240 -33.94 -20.06 -31.68
CA LEU E 240 -34.70 -18.98 -32.31
C LEU E 240 -35.66 -19.52 -33.36
N ALA E 241 -35.27 -20.55 -34.10
CA ALA E 241 -36.16 -21.11 -35.11
C ALA E 241 -37.42 -21.69 -34.48
N GLN E 242 -37.26 -22.44 -33.39
CA GLN E 242 -38.42 -23.01 -32.72
C GLN E 242 -39.26 -21.94 -32.04
N ALA E 243 -38.61 -20.92 -31.47
CA ALA E 243 -39.38 -19.82 -30.88
C ALA E 243 -40.20 -19.09 -31.95
N PHE E 244 -39.62 -18.85 -33.11
CA PHE E 244 -40.36 -18.19 -34.18
C PHE E 244 -41.47 -19.07 -34.72
N LYS E 245 -41.25 -20.38 -34.79
CA LYS E 245 -42.33 -21.28 -35.20
C LYS E 245 -43.49 -21.22 -34.19
N ALA E 246 -43.16 -21.22 -32.90
CA ALA E 246 -44.20 -21.11 -31.88
C ALA E 246 -44.95 -19.79 -31.97
N LEU E 247 -44.23 -18.69 -32.23
CA LEU E 247 -44.83 -17.37 -32.29
C LEU E 247 -45.53 -17.08 -33.61
N GLY E 248 -45.31 -17.90 -34.64
CA GLY E 248 -45.97 -17.68 -35.91
C GLY E 248 -45.29 -16.68 -36.82
N ILE E 249 -43.99 -16.46 -36.67
CA ILE E 249 -43.24 -15.50 -37.47
C ILE E 249 -42.59 -16.25 -38.62
N ARG E 250 -42.93 -15.86 -39.85
CA ARG E 250 -42.50 -16.57 -41.05
C ARG E 250 -41.58 -15.69 -41.89
N GLY E 251 -40.61 -16.33 -42.54
CA GLY E 251 -39.78 -15.65 -43.52
C GLY E 251 -38.91 -14.54 -42.97
N ARG E 252 -38.25 -14.78 -41.82
CA ARG E 252 -37.36 -13.80 -41.23
C ARG E 252 -35.95 -14.31 -40.96
N ILE E 253 -35.75 -15.63 -40.87
CA ILE E 253 -34.46 -16.19 -40.48
C ILE E 253 -33.72 -16.64 -41.73
N ARG E 254 -32.54 -16.07 -41.95
CA ARG E 254 -31.63 -16.47 -43.01
C ARG E 254 -30.37 -17.02 -42.38
N PHE E 255 -30.15 -18.32 -42.55
CA PHE E 255 -29.07 -19.05 -41.91
C PHE E 255 -27.98 -19.34 -42.93
N TYR E 256 -26.80 -18.77 -42.74
CA TYR E 256 -25.69 -18.94 -43.65
C TYR E 256 -24.71 -19.96 -43.08
N THR E 257 -24.52 -21.06 -43.80
CA THR E 257 -23.66 -22.15 -43.34
C THR E 257 -23.08 -22.86 -44.55
N ALA E 258 -22.04 -23.66 -44.29
CA ALA E 258 -21.41 -24.49 -45.30
C ALA E 258 -21.73 -25.97 -45.13
N ARG E 259 -22.75 -26.30 -44.33
CA ARG E 259 -23.18 -27.66 -44.07
C ARG E 259 -24.69 -27.76 -44.23
N GLU E 260 -25.17 -27.24 -45.37
CA GLU E 260 -26.60 -27.06 -45.58
C GLU E 260 -27.35 -28.38 -45.47
N GLU E 261 -26.77 -29.48 -45.96
CA GLU E 261 -27.47 -30.76 -45.89
C GLU E 261 -27.72 -31.19 -44.46
N ALA E 262 -26.68 -31.16 -43.62
CA ALA E 262 -26.85 -31.54 -42.22
C ALA E 262 -27.82 -30.61 -41.50
N TRP E 263 -27.69 -29.30 -41.74
CA TRP E 263 -28.56 -28.37 -41.03
C TRP E 263 -30.01 -28.51 -41.46
N ALA E 264 -30.24 -28.76 -42.75
CA ALA E 264 -31.61 -29.02 -43.21
C ALA E 264 -32.13 -30.34 -42.66
N ARG E 265 -31.27 -31.34 -42.51
CA ARG E 265 -31.68 -32.59 -41.89
C ARG E 265 -32.18 -32.33 -40.47
N ARG E 266 -31.42 -31.58 -39.69
CA ARG E 266 -31.85 -31.28 -38.32
C ARG E 266 -33.12 -30.43 -38.30
N LEU E 267 -33.20 -29.45 -39.20
CA LEU E 267 -34.37 -28.59 -39.24
C LEU E 267 -35.63 -29.37 -39.59
N LYS E 268 -35.53 -30.33 -40.50
CA LYS E 268 -36.69 -31.17 -40.82
C LYS E 268 -37.23 -31.82 -39.57
N GLU E 269 -36.37 -32.51 -38.81
CA GLU E 269 -36.81 -33.24 -37.63
C GLU E 269 -37.29 -32.34 -36.51
N HIS E 270 -36.76 -31.12 -36.40
CA HIS E 270 -37.14 -30.24 -35.30
C HIS E 270 -38.28 -29.28 -35.61
N LEU E 271 -38.59 -29.04 -36.89
CA LEU E 271 -39.64 -28.10 -37.26
C LEU E 271 -40.71 -28.71 -38.16
N GLY E 272 -40.64 -30.01 -38.45
CA GLY E 272 -41.62 -30.62 -39.32
C GLY E 272 -41.26 -30.47 -40.79
N THR E 273 -42.24 -30.81 -41.63
CA THR E 273 -42.06 -30.81 -43.07
C THR E 273 -42.21 -29.43 -43.70
N GLU E 274 -42.59 -28.42 -42.92
CA GLU E 274 -42.91 -27.10 -43.44
C GLU E 274 -41.84 -26.07 -43.09
N TRP E 275 -40.67 -26.53 -42.63
CA TRP E 275 -39.64 -25.66 -42.09
C TRP E 275 -39.12 -24.65 -43.11
N ARG E 276 -39.33 -24.87 -44.41
CA ARG E 276 -38.93 -23.88 -45.40
C ARG E 276 -39.64 -22.54 -45.22
N GLU E 277 -40.74 -22.49 -44.47
CA GLU E 277 -41.40 -21.20 -44.27
C GLU E 277 -40.84 -20.42 -43.09
N TYR E 278 -39.97 -21.02 -42.29
CA TYR E 278 -39.43 -20.35 -41.11
C TYR E 278 -37.94 -20.07 -41.20
N VAL E 279 -37.17 -20.94 -41.84
CA VAL E 279 -35.73 -20.76 -41.98
C VAL E 279 -35.35 -20.89 -43.44
N GLU E 280 -34.41 -20.06 -43.90
CA GLU E 280 -33.90 -20.12 -45.25
C GLU E 280 -32.40 -20.35 -45.20
N VAL E 281 -31.95 -21.51 -45.68
CA VAL E 281 -30.56 -21.92 -45.59
C VAL E 281 -29.82 -21.45 -46.83
N LEU E 282 -28.65 -20.87 -46.63
CA LEU E 282 -27.82 -20.36 -47.70
C LEU E 282 -26.37 -20.79 -47.50
N PRO E 283 -25.59 -20.87 -48.57
CA PRO E 283 -24.23 -21.40 -48.47
C PRO E 283 -23.19 -20.33 -48.15
N LEU E 284 -22.11 -20.78 -47.50
CA LEU E 284 -20.97 -19.94 -47.19
C LEU E 284 -19.76 -20.29 -48.05
N LYS E 285 -20.00 -20.72 -49.28
CA LYS E 285 -18.95 -21.07 -50.21
C LYS E 285 -19.05 -20.19 -51.45
N VAL E 286 -17.88 -19.85 -52.01
CA VAL E 286 -17.80 -18.97 -53.18
C VAL E 286 -16.95 -19.64 -54.23
N ASP E 287 -17.15 -19.22 -55.48
CA ASP E 287 -16.35 -19.69 -56.60
C ASP E 287 -15.22 -18.70 -56.82
N PHE E 288 -14.00 -19.10 -56.46
CA PHE E 288 -12.87 -18.18 -56.50
C PHE E 288 -12.47 -17.78 -57.90
N TYR E 289 -12.96 -18.47 -58.94
CA TYR E 289 -12.70 -18.02 -60.30
C TYR E 289 -13.50 -16.75 -60.61
N HIS E 290 -14.60 -16.53 -59.91
CA HIS E 290 -15.35 -15.29 -60.07
C HIS E 290 -14.81 -14.18 -59.17
N PHE E 291 -14.17 -14.54 -58.06
CA PHE E 291 -13.69 -13.57 -57.07
C PHE E 291 -12.24 -13.86 -56.75
N PRO E 292 -11.33 -13.68 -57.72
CA PRO E 292 -9.91 -13.87 -57.43
C PRO E 292 -9.36 -12.91 -56.39
N GLU E 293 -9.97 -11.73 -56.24
CA GLU E 293 -9.54 -10.81 -55.20
C GLU E 293 -9.77 -11.40 -53.81
N LEU E 294 -10.88 -12.13 -53.62
CA LEU E 294 -11.11 -12.79 -52.35
C LEU E 294 -10.02 -13.81 -52.04
N ALA E 295 -9.63 -14.61 -53.04
CA ALA E 295 -8.57 -15.59 -52.83
C ALA E 295 -7.25 -14.90 -52.50
N VAL E 296 -6.93 -13.83 -53.22
CA VAL E 296 -5.69 -13.11 -52.95
C VAL E 296 -5.68 -12.56 -51.54
N ALA E 297 -6.80 -11.96 -51.11
CA ALA E 297 -6.87 -11.40 -49.76
C ALA E 297 -6.78 -12.49 -48.70
N LEU E 298 -7.45 -13.63 -48.91
CA LEU E 298 -7.34 -14.74 -47.97
C LEU E 298 -5.90 -15.21 -47.84
N ALA E 299 -5.24 -15.48 -48.97
CA ALA E 299 -3.87 -15.95 -48.90
C ALA E 299 -2.93 -14.90 -48.31
N TYR E 300 -3.25 -13.61 -48.50
CA TYR E 300 -2.37 -12.56 -48.00
C TYR E 300 -2.54 -12.38 -46.49
N GLN E 301 -3.75 -12.56 -45.98
CA GLN E 301 -4.05 -12.32 -44.56
C GLN E 301 -4.06 -13.60 -43.74
N ARG E 302 -3.17 -14.54 -44.06
CA ARG E 302 -3.19 -15.84 -43.40
C ARG E 302 -2.39 -15.77 -42.09
N ARG E 303 -2.09 -16.94 -41.51
CA ARG E 303 -1.59 -17.01 -40.14
C ARG E 303 -0.27 -16.25 -39.98
N ARG E 304 0.68 -16.45 -40.90
CA ARG E 304 2.00 -15.83 -40.82
C ARG E 304 2.69 -16.22 -39.51
N LEU E 305 2.97 -17.52 -39.39
CA LEU E 305 3.65 -18.04 -38.21
C LEU E 305 5.05 -17.45 -38.09
N GLN E 306 5.48 -17.23 -36.85
CA GLN E 306 6.81 -16.68 -36.57
C GLN E 306 6.97 -15.31 -37.19
N GLY E 307 7.81 -15.22 -38.23
CA GLY E 307 8.03 -13.95 -38.91
C GLY E 307 6.78 -13.39 -39.55
N ALA E 308 6.43 -12.15 -39.20
CA ALA E 308 5.23 -11.50 -39.71
C ALA E 308 5.56 -10.64 -40.94
N GLU E 309 6.05 -11.30 -41.98
CA GLU E 309 6.38 -10.63 -43.23
C GLU E 309 5.47 -11.14 -44.35
N PRO E 310 4.46 -10.38 -44.77
CA PRO E 310 3.65 -10.80 -45.91
C PRO E 310 4.50 -10.89 -47.16
N PRO E 311 4.26 -11.89 -48.02
CA PRO E 311 5.07 -12.05 -49.22
C PRO E 311 4.93 -10.86 -50.17
N GLN E 312 6.03 -10.52 -50.84
CA GLN E 312 6.02 -9.37 -51.73
C GLN E 312 5.20 -9.63 -52.99
N TYR E 313 5.30 -10.84 -53.55
CA TYR E 313 4.49 -11.15 -54.73
C TYR E 313 3.00 -11.09 -54.42
N LEU E 314 2.59 -11.66 -53.28
CA LEU E 314 1.20 -11.55 -52.87
C LEU E 314 0.81 -10.10 -52.61
N GLU E 315 1.69 -9.32 -52.01
CA GLU E 315 1.39 -7.91 -51.79
C GLU E 315 1.14 -7.19 -53.11
N ASN E 316 2.01 -7.38 -54.09
CA ASN E 316 1.84 -6.73 -55.38
C ASN E 316 0.53 -7.16 -56.05
N ALA E 317 0.24 -8.47 -56.02
CA ALA E 317 -0.98 -8.96 -56.62
C ALA E 317 -2.21 -8.38 -55.95
N PHE E 318 -2.19 -8.27 -54.62
CA PHE E 318 -3.35 -7.80 -53.89
C PHE E 318 -3.86 -6.47 -54.44
N TYR E 319 -2.95 -5.55 -54.75
CA TYR E 319 -3.37 -4.25 -55.27
C TYR E 319 -3.56 -4.26 -56.79
N ASN E 320 -2.67 -4.94 -57.53
CA ASN E 320 -2.70 -4.78 -58.98
C ASN E 320 -3.58 -5.80 -59.69
N LEU E 321 -4.27 -6.69 -58.97
CA LEU E 321 -5.13 -7.65 -59.62
C LEU E 321 -6.30 -6.98 -60.32
N GLU E 322 -6.78 -5.85 -59.79
CA GLU E 322 -7.88 -5.14 -60.44
C GLU E 322 -7.44 -4.56 -61.78
N ASP E 323 -6.20 -4.07 -61.88
CA ASP E 323 -5.68 -3.61 -63.16
C ASP E 323 -5.43 -4.79 -64.09
N TRP E 324 -4.94 -5.91 -63.56
CA TRP E 324 -4.64 -7.06 -64.42
C TRP E 324 -5.87 -7.58 -65.15
N LYS E 325 -7.07 -7.32 -64.63
CA LYS E 325 -8.28 -7.91 -65.20
C LYS E 325 -8.58 -7.44 -66.61
N HIS E 326 -7.92 -6.38 -67.06
CA HIS E 326 -8.12 -5.86 -68.42
C HIS E 326 -7.16 -6.47 -69.43
N ILE E 327 -6.36 -7.46 -69.03
CA ILE E 327 -5.41 -8.12 -69.91
C ILE E 327 -5.55 -9.62 -69.77
N PRO E 328 -6.02 -10.33 -70.80
CA PRO E 328 -6.07 -11.80 -70.70
C PRO E 328 -4.71 -12.43 -70.46
N ASP E 329 -3.63 -11.83 -70.99
CA ASP E 329 -2.31 -12.39 -70.77
C ASP E 329 -1.94 -12.41 -69.30
N ARG E 330 -2.42 -11.44 -68.53
CA ARG E 330 -2.16 -11.42 -67.10
C ARG E 330 -3.19 -12.22 -66.32
N MET E 331 -4.45 -12.24 -66.76
CA MET E 331 -5.48 -12.99 -66.06
C MET E 331 -5.32 -14.50 -66.22
N ALA E 332 -4.73 -14.94 -67.33
CA ALA E 332 -4.48 -16.37 -67.53
C ALA E 332 -3.54 -16.92 -66.48
N TYR E 333 -2.54 -16.14 -66.06
CA TYR E 333 -1.64 -16.61 -65.01
C TYR E 333 -2.37 -16.77 -63.68
N VAL E 334 -3.28 -15.86 -63.33
CA VAL E 334 -4.04 -16.01 -62.09
C VAL E 334 -4.93 -17.24 -62.16
N TYR E 335 -5.65 -17.42 -63.27
CA TYR E 335 -6.51 -18.58 -63.40
C TYR E 335 -5.70 -19.87 -63.39
N GLY E 336 -4.54 -19.89 -64.04
CA GLY E 336 -3.68 -21.06 -63.99
C GLY E 336 -3.14 -21.31 -62.61
N ALA E 337 -2.85 -20.25 -61.85
CA ALA E 337 -2.41 -20.43 -60.47
C ALA E 337 -3.48 -21.12 -59.65
N LEU E 338 -4.73 -20.68 -59.78
CA LEU E 338 -5.80 -21.36 -59.06
C LEU E 338 -5.97 -22.81 -59.52
N ARG E 339 -5.92 -23.04 -60.83
CA ARG E 339 -6.09 -24.40 -61.36
C ARG E 339 -4.99 -25.32 -60.86
N LYS E 340 -3.74 -24.84 -60.87
CA LYS E 340 -2.60 -25.62 -60.38
C LYS E 340 -2.66 -25.83 -58.87
N ALA E 341 -3.14 -24.85 -58.12
CA ALA E 341 -3.40 -25.05 -56.69
C ALA E 341 -4.44 -26.14 -56.45
N GLY E 342 -5.41 -26.29 -57.35
CA GLY E 342 -6.32 -27.41 -57.30
C GLY E 342 -7.79 -27.07 -57.19
N LEU E 343 -8.20 -25.88 -57.58
CA LEU E 343 -9.59 -25.47 -57.53
C LEU E 343 -10.29 -25.91 -58.81
N THR E 344 -11.25 -26.81 -58.69
CA THR E 344 -11.93 -27.33 -59.87
C THR E 344 -12.77 -26.22 -60.50
N PRO E 345 -12.60 -25.94 -61.80
CA PRO E 345 -13.35 -24.86 -62.42
C PRO E 345 -14.76 -25.28 -62.81
N ARG E 346 -15.48 -24.38 -63.47
CA ARG E 346 -16.80 -24.71 -63.98
C ARG E 346 -16.69 -25.68 -65.15
N LYS E 347 -17.83 -26.02 -65.74
CA LYS E 347 -17.87 -26.86 -66.93
C LYS E 347 -17.84 -25.94 -68.15
N GLY E 348 -16.71 -25.93 -68.85
CA GLY E 348 -16.55 -25.08 -70.01
C GLY E 348 -15.90 -23.74 -69.74
N LEU E 349 -14.97 -23.68 -68.80
CA LEU E 349 -14.24 -22.44 -68.54
C LEU E 349 -13.08 -22.32 -69.54
N LYS E 350 -13.00 -21.17 -70.20
CA LYS E 350 -12.08 -20.99 -71.31
C LYS E 350 -11.19 -19.78 -71.07
N ILE E 351 -9.88 -19.98 -71.24
CA ILE E 351 -8.89 -18.93 -71.13
C ILE E 351 -8.34 -18.62 -72.52
N LYS E 352 -7.61 -17.51 -72.62
CA LYS E 352 -6.96 -17.09 -73.86
C LYS E 352 -5.54 -16.67 -73.50
N TYR E 353 -4.60 -17.62 -73.52
CA TYR E 353 -3.25 -17.32 -73.08
C TYR E 353 -2.59 -16.26 -73.94
N LYS E 354 -2.32 -16.57 -75.21
CA LYS E 354 -1.72 -15.59 -76.12
C LYS E 354 -2.76 -14.98 -77.06
N ASN E 355 -3.34 -15.80 -77.93
CA ASN E 355 -4.52 -15.40 -78.68
C ASN E 355 -5.49 -16.54 -78.93
N GLU E 356 -5.23 -17.73 -78.40
CA GLU E 356 -6.00 -18.92 -78.75
C GLU E 356 -6.78 -19.43 -77.54
N ASN E 357 -7.86 -20.14 -77.83
CA ASN E 357 -8.77 -20.62 -76.78
C ASN E 357 -8.24 -21.89 -76.15
N TYR E 358 -8.24 -21.92 -74.82
CA TYR E 358 -7.86 -23.11 -74.04
C TYR E 358 -9.02 -23.43 -73.10
N ASP E 359 -9.28 -24.72 -72.89
CA ASP E 359 -10.36 -25.16 -72.02
C ASP E 359 -9.73 -25.81 -70.79
N ILE E 360 -9.51 -25.00 -69.75
CA ILE E 360 -8.94 -25.52 -68.52
C ILE E 360 -9.84 -26.57 -67.89
N SER E 361 -11.14 -26.56 -68.23
CA SER E 361 -12.04 -27.60 -67.73
C SER E 361 -11.63 -28.98 -68.23
N GLU E 362 -11.07 -29.05 -69.43
CA GLU E 362 -10.62 -30.31 -70.00
C GLU E 362 -9.14 -30.55 -69.68
N GLU E 363 -8.82 -31.79 -69.33
CA GLU E 363 -7.47 -32.10 -68.87
C GLU E 363 -6.43 -31.87 -69.97
N LYS E 364 -6.75 -32.29 -71.20
CA LYS E 364 -5.78 -32.14 -72.29
C LYS E 364 -5.55 -30.67 -72.61
N SER E 365 -6.61 -29.86 -72.61
CA SER E 365 -6.43 -28.43 -72.81
C SER E 365 -5.62 -27.81 -71.67
N TRP E 366 -5.86 -28.24 -70.44
CA TRP E 366 -5.06 -27.77 -69.32
C TRP E 366 -3.59 -28.10 -69.52
N GLY E 367 -3.29 -29.32 -69.95
CA GLY E 367 -1.91 -29.70 -70.21
C GLY E 367 -1.29 -28.88 -71.33
N ASN E 368 -2.06 -28.65 -72.40
CA ASN E 368 -1.57 -27.84 -73.50
C ASN E 368 -1.21 -26.43 -73.03
N LEU E 369 -2.10 -25.81 -72.26
CA LEU E 369 -1.82 -24.47 -71.75
C LEU E 369 -0.63 -24.48 -70.79
N GLN E 370 -0.56 -25.51 -69.93
CA GLN E 370 0.54 -25.61 -68.99
C GLN E 370 1.88 -25.66 -69.72
N GLU E 371 1.98 -26.50 -70.75
CA GLU E 371 3.21 -26.58 -71.52
C GLU E 371 3.47 -25.30 -72.31
N ALA E 372 2.42 -24.65 -72.80
CA ALA E 372 2.58 -23.36 -73.46
C ALA E 372 3.09 -22.28 -72.52
N MET E 373 2.85 -22.41 -71.22
CA MET E 373 3.38 -21.45 -70.25
C MET E 373 4.80 -21.82 -69.84
N GLY E 384 4.64 -9.70 -65.93
CA GLY E 384 4.59 -8.40 -65.30
C GLY E 384 4.07 -8.44 -63.88
N GLY E 385 4.07 -9.63 -63.28
CA GLY E 385 3.60 -9.82 -61.93
C GLY E 385 2.70 -11.02 -61.76
N ALA E 386 1.93 -11.34 -62.81
CA ALA E 386 1.05 -12.49 -62.76
C ALA E 386 1.81 -13.81 -62.81
N ARG E 387 3.07 -13.80 -63.26
CA ARG E 387 3.84 -15.03 -63.38
C ARG E 387 4.34 -15.50 -62.02
N GLU E 388 4.61 -14.57 -61.10
CA GLU E 388 5.06 -14.96 -59.76
C GLU E 388 3.98 -15.75 -59.03
N LEU E 389 2.71 -15.36 -59.18
CA LEU E 389 1.63 -16.11 -58.55
C LEU E 389 1.58 -17.53 -59.09
N TYR E 390 1.72 -17.70 -60.40
CA TYR E 390 1.73 -19.04 -60.98
C TYR E 390 2.92 -19.84 -60.45
N SER E 391 4.08 -19.21 -60.33
CA SER E 391 5.24 -19.91 -59.78
C SER E 391 4.98 -20.38 -58.36
N ARG E 392 4.41 -19.52 -57.52
CA ARG E 392 4.05 -19.88 -56.15
C ARG E 392 2.57 -20.26 -56.03
N ALA E 393 2.14 -21.28 -56.78
CA ALA E 393 0.73 -21.63 -56.82
C ALA E 393 0.24 -22.31 -55.55
N LYS E 394 1.00 -23.23 -54.98
CA LYS E 394 0.53 -24.00 -53.83
C LYS E 394 0.00 -23.12 -52.70
N VAL E 395 0.38 -21.84 -52.67
CA VAL E 395 -0.09 -20.95 -51.62
C VAL E 395 -1.61 -20.82 -51.59
N PHE E 396 -2.30 -21.32 -52.61
CA PHE E 396 -3.76 -21.24 -52.68
C PHE E 396 -4.44 -22.54 -52.28
N SER E 397 -3.67 -23.59 -51.97
CA SER E 397 -4.28 -24.90 -51.75
C SER E 397 -5.32 -24.86 -50.64
N PHE E 398 -5.02 -24.18 -49.54
CA PHE E 398 -5.94 -24.15 -48.41
C PHE E 398 -7.31 -23.61 -48.79
N LEU E 399 -7.41 -22.86 -49.90
CA LEU E 399 -8.68 -22.31 -50.32
C LEU E 399 -9.68 -23.37 -50.76
N ARG E 400 -9.23 -24.60 -51.02
CA ARG E 400 -10.16 -25.61 -51.54
C ARG E 400 -11.33 -25.83 -50.59
N ALA E 401 -11.09 -25.84 -49.28
CA ALA E 401 -12.15 -26.08 -48.33
C ALA E 401 -13.28 -25.07 -48.44
N PHE E 402 -13.01 -23.89 -49.01
CA PHE E 402 -14.03 -22.86 -49.17
C PHE E 402 -14.49 -22.70 -50.61
N HIS E 403 -14.05 -23.57 -51.52
CA HIS E 403 -14.36 -23.41 -52.93
C HIS E 403 -15.63 -24.17 -53.30
N ALA E 404 -16.40 -23.59 -54.21
CA ALA E 404 -17.58 -24.21 -54.77
C ALA E 404 -17.74 -23.78 -56.22
N PRO E 405 -17.50 -24.67 -57.18
CA PRO E 405 -17.58 -24.26 -58.59
C PRO E 405 -18.99 -23.80 -58.96
N GLY E 406 -19.05 -22.76 -59.78
CA GLY E 406 -20.31 -22.25 -60.27
C GLY E 406 -21.27 -21.79 -59.19
N LYS E 407 -20.88 -20.77 -58.43
CA LYS E 407 -21.75 -20.20 -57.40
C LYS E 407 -22.11 -18.75 -57.68
N GLU E 408 -21.11 -17.88 -57.87
CA GLU E 408 -21.32 -16.47 -58.19
C GLU E 408 -22.36 -15.86 -57.25
N ALA E 409 -22.13 -16.03 -55.94
CA ALA E 409 -23.08 -15.61 -54.92
C ALA E 409 -22.59 -14.42 -54.11
N ASN E 410 -21.40 -14.52 -53.51
CA ASN E 410 -20.86 -13.45 -52.66
C ASN E 410 -21.80 -13.17 -51.48
N PHE E 411 -21.87 -14.17 -50.61
CA PHE E 411 -22.72 -14.05 -49.42
C PHE E 411 -22.47 -12.76 -48.66
N LEU E 412 -21.28 -12.17 -48.79
CA LEU E 412 -21.03 -10.88 -48.15
C LEU E 412 -21.97 -9.82 -48.72
N GLU E 413 -22.02 -9.69 -50.04
CA GLU E 413 -22.93 -8.75 -50.67
C GLU E 413 -24.38 -9.13 -50.42
N THR E 414 -24.69 -10.42 -50.40
CA THR E 414 -26.05 -10.84 -50.11
C THR E 414 -26.49 -10.40 -48.72
N ILE E 415 -25.62 -10.56 -47.72
CA ILE E 415 -25.94 -10.15 -46.36
C ILE E 415 -26.06 -8.64 -46.27
N LYS E 416 -25.16 -7.91 -46.95
CA LYS E 416 -25.27 -6.45 -46.94
C LYS E 416 -26.61 -6.01 -47.51
N GLU E 417 -27.03 -6.62 -48.63
CA GLU E 417 -28.34 -6.32 -49.18
C GLU E 417 -29.46 -6.68 -48.22
N ASP E 418 -29.37 -7.83 -47.57
CA ASP E 418 -30.41 -8.25 -46.63
C ASP E 418 -30.58 -7.26 -45.49
N LEU E 419 -29.47 -6.75 -44.95
CA LEU E 419 -29.56 -5.90 -43.77
C LEU E 419 -29.75 -4.43 -44.07
N LEU E 420 -29.28 -3.93 -45.21
CA LEU E 420 -29.30 -2.49 -45.48
C LEU E 420 -29.82 -2.14 -46.87
N GLY E 421 -30.50 -3.04 -47.56
CA GLY E 421 -30.93 -2.75 -48.91
C GLY E 421 -32.12 -1.82 -48.95
N GLU E 422 -32.28 -1.14 -50.10
CA GLU E 422 -33.43 -0.26 -50.27
C GLU E 422 -34.72 -1.07 -50.40
N LYS E 423 -34.70 -2.14 -51.19
CA LYS E 423 -35.89 -2.98 -51.32
C LYS E 423 -36.26 -3.62 -49.99
N THR E 424 -35.27 -4.13 -49.26
CA THR E 424 -35.50 -4.70 -47.94
C THR E 424 -35.36 -3.63 -46.85
N GLU E 425 -36.05 -2.52 -47.03
CA GLU E 425 -36.07 -1.47 -46.03
C GLU E 425 -37.16 -1.77 -45.01
N GLY E 426 -36.79 -1.80 -43.74
CA GLY E 426 -37.73 -2.29 -42.77
C GLY E 426 -37.96 -3.78 -42.98
N GLU E 427 -39.05 -4.27 -42.38
CA GLU E 427 -39.46 -5.65 -42.55
C GLU E 427 -38.58 -6.63 -41.78
N GLY E 428 -37.46 -6.15 -41.26
CA GLY E 428 -36.63 -6.95 -40.38
C GLY E 428 -36.02 -8.14 -41.07
N LYS E 429 -34.88 -8.63 -40.56
CA LYS E 429 -34.27 -9.87 -41.02
C LYS E 429 -33.30 -10.35 -39.95
N VAL E 430 -33.35 -11.64 -39.64
CA VAL E 430 -32.46 -12.25 -38.67
C VAL E 430 -31.45 -13.08 -39.45
N VAL E 431 -30.25 -12.55 -39.61
CA VAL E 431 -29.18 -13.21 -40.34
C VAL E 431 -28.29 -13.92 -39.32
N ILE E 432 -28.30 -15.25 -39.34
CA ILE E 432 -27.52 -16.05 -38.40
C ILE E 432 -26.37 -16.70 -39.17
N LEU E 433 -25.14 -16.39 -38.78
CA LEU E 433 -23.96 -16.90 -39.45
C LEU E 433 -23.35 -18.03 -38.63
N ASP E 434 -23.28 -19.23 -39.25
CA ASP E 434 -22.70 -20.40 -38.59
C ASP E 434 -21.18 -20.35 -38.76
N LEU E 435 -20.57 -19.52 -37.91
CA LEU E 435 -19.13 -19.28 -38.02
C LEU E 435 -18.29 -20.55 -37.94
N PRO E 436 -18.56 -21.51 -37.04
CA PRO E 436 -17.66 -22.67 -36.92
C PRO E 436 -17.53 -23.48 -38.19
N SER E 437 -18.47 -23.37 -39.13
CA SER E 437 -18.39 -24.13 -40.38
C SER E 437 -17.47 -23.48 -41.40
N LEU E 438 -16.93 -22.29 -41.11
CA LEU E 438 -16.01 -21.61 -42.02
C LEU E 438 -14.56 -21.90 -41.71
N GLY E 439 -14.27 -22.71 -40.70
CA GLY E 439 -12.89 -23.07 -40.42
C GLY E 439 -12.04 -21.87 -40.07
N GLU E 440 -10.91 -21.74 -40.75
CA GLU E 440 -9.92 -20.72 -40.42
C GLU E 440 -10.17 -19.38 -41.10
N ALA E 441 -11.12 -19.30 -42.03
CA ALA E 441 -11.47 -18.05 -42.69
C ALA E 441 -12.55 -17.27 -41.96
N ALA E 442 -13.04 -17.79 -40.83
CA ALA E 442 -14.15 -17.15 -40.14
C ALA E 442 -13.79 -15.74 -39.67
N ASP E 443 -12.59 -15.59 -39.10
CA ASP E 443 -12.18 -14.27 -38.61
C ASP E 443 -12.06 -13.26 -39.75
N PHE E 444 -11.43 -13.68 -40.85
CA PHE E 444 -11.30 -12.80 -42.02
C PHE E 444 -12.66 -12.37 -42.54
N PHE E 445 -13.57 -13.33 -42.72
CA PHE E 445 -14.88 -12.99 -43.27
C PHE E 445 -15.67 -12.12 -42.31
N THR E 446 -15.58 -12.39 -41.00
CA THR E 446 -16.30 -11.58 -40.03
C THR E 446 -15.82 -10.14 -40.05
N LEU E 447 -14.49 -9.93 -40.04
CA LEU E 447 -13.97 -8.57 -40.07
C LEU E 447 -14.36 -7.85 -41.36
N ARG E 448 -14.25 -8.53 -42.51
CA ARG E 448 -14.61 -7.91 -43.76
C ARG E 448 -16.09 -7.54 -43.82
N LEU E 449 -16.97 -8.43 -43.37
CA LEU E 449 -18.40 -8.13 -43.37
C LEU E 449 -18.73 -6.98 -42.44
N MET E 450 -18.13 -6.94 -41.26
CA MET E 450 -18.41 -5.85 -40.34
C MET E 450 -17.96 -4.51 -40.91
N ASP E 451 -16.78 -4.47 -41.53
CA ASP E 451 -16.36 -3.20 -42.11
C ASP E 451 -17.24 -2.78 -43.27
N LEU E 452 -17.66 -3.74 -44.10
CA LEU E 452 -18.58 -3.43 -45.19
C LEU E 452 -19.89 -2.85 -44.67
N LEU E 453 -20.48 -3.48 -43.66
CA LEU E 453 -21.74 -2.99 -43.10
C LEU E 453 -21.58 -1.62 -42.45
N PHE E 454 -20.48 -1.38 -41.75
CA PHE E 454 -20.27 -0.06 -41.16
C PHE E 454 -20.13 1.01 -42.24
N ASP E 455 -19.41 0.69 -43.32
CA ASP E 455 -19.29 1.66 -44.41
C ASP E 455 -20.64 1.98 -45.02
N ARG E 456 -21.48 0.96 -45.24
CA ARG E 456 -22.79 1.24 -45.80
C ARG E 456 -23.67 2.04 -44.84
N ALA E 457 -23.59 1.74 -43.54
CA ALA E 457 -24.36 2.50 -42.56
C ALA E 457 -23.93 3.96 -42.54
N VAL E 458 -22.62 4.22 -42.62
CA VAL E 458 -22.16 5.60 -42.69
C VAL E 458 -22.65 6.27 -43.97
N GLU E 459 -22.68 5.51 -45.08
CA GLU E 459 -23.23 6.07 -46.31
C GLU E 459 -24.68 6.48 -46.15
N LEU E 460 -25.48 5.69 -45.45
CA LEU E 460 -26.90 5.99 -45.28
C LEU E 460 -27.17 7.12 -44.29
N TYR E 461 -26.14 7.72 -43.70
CA TYR E 461 -26.36 8.79 -42.74
C TYR E 461 -27.09 9.95 -43.39
N GLY E 462 -28.03 10.55 -42.64
CA GLY E 462 -28.81 11.66 -43.12
C GLY E 462 -30.05 11.26 -43.90
N LYS E 463 -30.22 9.98 -44.19
CA LYS E 463 -31.37 9.47 -44.93
C LYS E 463 -32.19 8.47 -44.13
N ARG E 464 -31.52 7.60 -43.36
CA ARG E 464 -32.19 6.67 -42.47
C ARG E 464 -31.12 5.97 -41.65
N GLN E 465 -31.58 5.25 -40.63
CA GLN E 465 -30.68 4.56 -39.71
C GLN E 465 -30.56 3.09 -40.08
N ALA E 466 -29.43 2.49 -39.69
CA ALA E 466 -29.18 1.10 -40.02
C ALA E 466 -30.25 0.19 -39.44
N ASN E 467 -30.55 0.37 -38.15
CA ASN E 467 -31.64 -0.35 -37.49
C ASN E 467 -31.42 -1.86 -37.52
N PHE E 468 -30.30 -2.28 -36.92
CA PHE E 468 -30.08 -3.70 -36.69
C PHE E 468 -29.12 -3.87 -35.52
N LEU E 469 -29.15 -5.06 -34.93
CA LEU E 469 -28.42 -5.37 -33.72
C LEU E 469 -27.37 -6.43 -34.00
N VAL E 470 -26.13 -6.18 -33.57
CA VAL E 470 -25.03 -7.11 -33.75
C VAL E 470 -24.92 -7.98 -32.49
N VAL E 471 -25.00 -9.30 -32.66
CA VAL E 471 -24.90 -10.25 -31.56
C VAL E 471 -23.55 -10.93 -31.65
N LEU E 472 -22.70 -10.67 -30.65
CA LEU E 472 -21.29 -11.03 -30.65
C LEU E 472 -20.97 -11.85 -29.42
N GLU E 473 -20.22 -12.93 -29.59
CA GLU E 473 -19.84 -13.83 -28.51
C GLU E 473 -18.34 -13.77 -28.26
N GLU E 474 -17.95 -13.99 -27.01
CA GLU E 474 -16.56 -13.88 -26.59
C GLU E 474 -15.98 -12.54 -27.02
N ALA E 475 -16.63 -11.47 -26.57
CA ALA E 475 -16.33 -10.13 -27.07
C ALA E 475 -14.93 -9.67 -26.71
N HIS E 476 -14.25 -10.34 -25.78
CA HIS E 476 -12.90 -9.91 -25.41
C HIS E 476 -11.89 -10.19 -26.52
N ASN E 477 -12.19 -11.12 -27.43
CA ASN E 477 -11.30 -11.38 -28.55
C ASN E 477 -11.37 -10.31 -29.62
N PHE E 478 -12.43 -9.51 -29.64
CA PHE E 478 -12.63 -8.51 -30.69
C PHE E 478 -12.60 -7.08 -30.20
N LEU E 479 -12.94 -6.82 -28.94
CA LEU E 479 -12.98 -5.45 -28.43
C LEU E 479 -11.65 -5.00 -27.84
N GLU E 480 -10.68 -5.91 -27.70
CA GLU E 480 -9.40 -5.53 -27.11
C GLU E 480 -8.62 -4.59 -28.03
N ASP E 481 -8.66 -4.85 -29.33
CA ASP E 481 -7.91 -4.04 -30.29
C ASP E 481 -8.63 -2.72 -30.52
N LYS E 482 -7.99 -1.61 -30.13
CA LYS E 482 -8.61 -0.30 -30.22
C LYS E 482 -8.58 0.27 -31.64
N ALA E 483 -7.84 -0.36 -32.56
CA ALA E 483 -7.83 0.04 -33.96
C ALA E 483 -8.69 -0.86 -34.82
N GLY E 484 -9.55 -1.69 -34.21
CA GLY E 484 -10.33 -2.66 -34.94
C GLY E 484 -11.75 -2.19 -35.24
N ILE E 485 -12.36 -2.86 -36.21
CA ILE E 485 -13.70 -2.49 -36.65
C ILE E 485 -14.73 -2.74 -35.55
N PHE E 486 -14.56 -3.78 -34.75
CA PHE E 486 -15.55 -4.06 -33.71
C PHE E 486 -15.47 -3.06 -32.58
N TYR E 487 -14.25 -2.66 -32.19
CA TYR E 487 -14.12 -1.56 -31.23
C TYR E 487 -14.73 -0.28 -31.80
N ARG E 488 -14.47 0.00 -33.08
CA ARG E 488 -15.04 1.19 -33.71
C ARG E 488 -16.56 1.14 -33.68
N VAL E 489 -17.15 -0.02 -33.97
CA VAL E 489 -18.60 -0.15 -33.95
C VAL E 489 -19.15 0.02 -32.54
N ALA E 490 -18.52 -0.63 -31.56
CA ALA E 490 -18.97 -0.49 -30.19
C ALA E 490 -18.88 0.95 -29.71
N LYS E 491 -17.95 1.74 -30.26
CA LYS E 491 -17.77 3.12 -29.83
C LYS E 491 -18.65 4.11 -30.56
N GLU E 492 -18.91 3.92 -31.86
CA GLU E 492 -19.58 4.92 -32.67
C GLU E 492 -20.91 4.48 -33.26
N GLY E 493 -21.32 3.22 -33.05
CA GLY E 493 -22.47 2.72 -33.78
C GLY E 493 -23.79 3.35 -33.39
N ARG E 494 -23.85 3.96 -32.20
CA ARG E 494 -25.09 4.58 -31.76
C ARG E 494 -25.47 5.75 -32.64
N LYS E 495 -24.50 6.40 -33.27
CA LYS E 495 -24.78 7.53 -34.15
C LYS E 495 -25.46 7.11 -35.44
N TYR E 496 -25.41 5.82 -35.78
CA TYR E 496 -26.00 5.32 -37.02
C TYR E 496 -27.07 4.28 -36.77
N GLY E 497 -27.52 4.12 -35.52
CA GLY E 497 -28.60 3.19 -35.23
C GLY E 497 -28.21 1.74 -35.19
N ILE E 498 -26.99 1.42 -34.76
CA ILE E 498 -26.51 0.04 -34.69
C ILE E 498 -26.28 -0.30 -33.22
N GLY E 499 -27.00 -1.30 -32.72
CA GLY E 499 -26.81 -1.76 -31.36
C GLY E 499 -25.84 -2.93 -31.27
N MET E 500 -25.45 -3.26 -30.04
CA MET E 500 -24.55 -4.37 -29.80
C MET E 500 -24.92 -5.05 -28.49
N LEU E 501 -24.88 -6.38 -28.50
CA LEU E 501 -25.13 -7.21 -27.33
C LEU E 501 -23.98 -8.21 -27.22
N TYR E 502 -23.12 -8.05 -26.22
CA TYR E 502 -21.91 -8.84 -26.15
C TYR E 502 -21.78 -9.54 -24.80
N SER E 503 -21.25 -10.76 -24.83
CA SER E 503 -21.02 -11.59 -23.66
C SER E 503 -19.54 -11.95 -23.60
N THR E 504 -18.95 -11.81 -22.42
CA THR E 504 -17.51 -12.04 -22.31
C THR E 504 -17.12 -13.02 -21.22
N GLN E 505 -17.83 -13.03 -20.09
CA GLN E 505 -17.50 -13.78 -18.87
C GLN E 505 -16.23 -13.28 -18.20
N SER E 506 -15.73 -12.12 -18.58
CA SER E 506 -14.52 -11.57 -17.98
C SER E 506 -14.47 -10.06 -18.20
N PRO E 507 -15.22 -9.28 -17.41
CA PRO E 507 -15.25 -7.83 -17.63
C PRO E 507 -13.87 -7.19 -17.61
N ALA E 508 -12.95 -7.72 -16.80
CA ALA E 508 -11.63 -7.11 -16.70
C ALA E 508 -10.91 -7.08 -18.04
N SER E 509 -11.30 -7.93 -18.99
CA SER E 509 -10.71 -7.92 -20.31
C SER E 509 -11.26 -6.83 -21.20
N ILE E 510 -12.51 -6.45 -21.03
CA ILE E 510 -13.12 -5.40 -21.86
C ILE E 510 -12.48 -4.05 -21.51
N PRO E 511 -12.16 -3.22 -22.50
CA PRO E 511 -11.59 -1.90 -22.18
C PRO E 511 -12.55 -1.06 -21.37
N MET E 512 -11.98 -0.26 -20.46
CA MET E 512 -12.80 0.58 -19.60
C MET E 512 -13.56 1.63 -20.39
N GLU E 513 -13.03 2.08 -21.53
CA GLU E 513 -13.76 3.02 -22.36
C GLU E 513 -15.06 2.42 -22.88
N ILE E 514 -15.02 1.15 -23.29
CA ILE E 514 -16.23 0.46 -23.72
C ILE E 514 -17.15 0.20 -22.52
N LEU E 515 -16.56 -0.20 -21.38
CA LEU E 515 -17.38 -0.51 -20.22
C LEU E 515 -18.15 0.70 -19.73
N SER E 516 -17.50 1.87 -19.70
CA SER E 516 -18.14 3.08 -19.19
C SER E 516 -19.26 3.58 -20.08
N GLN E 517 -19.31 3.12 -21.33
CA GLN E 517 -20.28 3.61 -22.29
C GLN E 517 -21.41 2.61 -22.56
N THR E 518 -21.42 1.48 -21.89
CA THR E 518 -22.51 0.51 -22.03
C THR E 518 -23.73 0.96 -21.23
N GLU E 519 -24.91 0.65 -21.75
CA GLU E 519 -26.17 1.06 -21.14
C GLU E 519 -26.80 -0.03 -20.28
N ASN E 520 -26.85 -1.26 -20.77
CA ASN E 520 -27.54 -2.34 -20.07
C ASN E 520 -26.54 -3.38 -19.56
N PHE E 521 -26.74 -3.84 -18.32
CA PHE E 521 -25.87 -4.81 -17.68
C PHE E 521 -26.69 -5.96 -17.13
N LEU E 522 -26.25 -7.18 -17.45
CA LEU E 522 -26.82 -8.41 -16.87
C LEU E 522 -25.64 -9.22 -16.35
N VAL E 523 -25.50 -9.31 -15.03
CA VAL E 523 -24.31 -9.87 -14.40
C VAL E 523 -24.69 -11.12 -13.63
N LYS E 524 -23.98 -12.22 -13.90
CA LYS E 524 -24.12 -13.46 -13.16
C LYS E 524 -22.87 -13.70 -12.33
N HIS E 525 -22.78 -14.87 -11.71
CA HIS E 525 -21.68 -15.18 -10.80
C HIS E 525 -20.33 -14.95 -11.47
N LEU E 526 -19.49 -14.17 -10.82
CA LEU E 526 -18.10 -13.95 -11.24
C LEU E 526 -17.18 -14.39 -10.12
N SER E 527 -16.15 -15.14 -10.47
CA SER E 527 -15.24 -15.72 -9.47
C SER E 527 -13.94 -14.94 -9.32
N SER E 528 -13.82 -13.77 -9.93
CA SER E 528 -12.58 -13.01 -9.93
C SER E 528 -12.77 -11.65 -9.27
N GLU E 529 -11.92 -11.36 -8.28
CA GLU E 529 -11.94 -10.06 -7.65
C GLU E 529 -11.60 -8.95 -8.64
N GLU E 530 -10.78 -9.24 -9.64
CA GLU E 530 -10.52 -8.26 -10.69
C GLU E 530 -11.80 -7.92 -11.45
N ASP E 531 -12.59 -8.94 -11.79
CA ASP E 531 -13.84 -8.70 -12.48
C ASP E 531 -14.79 -7.85 -11.61
N VAL E 532 -14.90 -8.20 -10.32
CA VAL E 532 -15.78 -7.43 -9.45
C VAL E 532 -15.28 -5.99 -9.31
N LYS E 533 -13.97 -5.81 -9.21
CA LYS E 533 -13.41 -4.48 -9.05
C LYS E 533 -13.69 -3.62 -10.28
N VAL E 534 -13.49 -4.18 -11.48
CA VAL E 534 -13.80 -3.43 -12.69
C VAL E 534 -15.29 -3.13 -12.79
N LEU E 535 -16.15 -4.07 -12.39
CA LEU E 535 -17.58 -3.81 -12.40
C LEU E 535 -17.94 -2.63 -11.51
N LYS E 536 -17.45 -2.63 -10.27
CA LYS E 536 -17.77 -1.53 -9.36
C LYS E 536 -17.13 -0.22 -9.80
N ARG E 537 -15.93 -0.28 -10.38
CA ARG E 537 -15.31 0.95 -10.88
C ARG E 537 -16.12 1.55 -12.02
N ALA E 538 -16.61 0.72 -12.94
CA ALA E 538 -17.42 1.23 -14.04
C ALA E 538 -18.75 1.77 -13.55
N LYS E 539 -19.45 1.01 -12.70
CA LYS E 539 -20.78 1.38 -12.24
C LYS E 539 -20.83 1.31 -10.72
N ALA E 540 -20.96 2.48 -10.08
CA ALA E 540 -21.03 2.52 -8.62
C ALA E 540 -22.19 1.73 -8.04
N PRO E 541 -23.39 1.75 -8.61
CA PRO E 541 -24.51 1.04 -7.98
C PRO E 541 -24.27 -0.44 -7.78
N PHE E 542 -23.34 -1.04 -8.51
CA PHE E 542 -23.02 -2.45 -8.33
C PHE E 542 -22.18 -2.73 -7.09
N ALA E 543 -21.98 -1.74 -6.22
CA ALA E 543 -21.17 -1.94 -5.04
C ALA E 543 -21.95 -2.61 -3.92
N PHE E 544 -23.28 -2.65 -4.01
CA PHE E 544 -24.09 -3.26 -2.97
C PHE E 544 -24.19 -4.77 -3.10
N VAL E 545 -23.82 -5.33 -4.26
CA VAL E 545 -23.98 -6.75 -4.54
C VAL E 545 -22.66 -7.42 -4.88
N ALA E 546 -21.55 -6.68 -4.83
CA ALA E 546 -20.26 -7.25 -5.20
C ALA E 546 -19.86 -8.42 -4.29
N ASP E 547 -20.29 -8.39 -3.03
CA ASP E 547 -19.95 -9.47 -2.13
C ASP E 547 -20.76 -10.72 -2.43
N PHE E 548 -22.05 -10.56 -2.77
CA PHE E 548 -22.85 -11.72 -3.19
C PHE E 548 -22.28 -12.33 -4.47
N LEU E 549 -21.91 -11.48 -5.44
CA LEU E 549 -21.44 -11.99 -6.72
C LEU E 549 -20.23 -12.90 -6.57
N LEU E 550 -19.32 -12.56 -5.66
CA LEU E 550 -18.10 -13.35 -5.50
C LEU E 550 -18.39 -14.71 -4.86
N SER E 551 -19.30 -14.76 -3.89
CA SER E 551 -19.43 -15.92 -3.02
C SER E 551 -20.63 -16.80 -3.32
N GLU E 552 -21.53 -16.40 -4.23
CA GLU E 552 -22.76 -17.16 -4.47
C GLU E 552 -22.85 -17.62 -5.92
N PRO E 553 -22.34 -18.81 -6.23
CA PRO E 553 -22.53 -19.44 -7.55
C PRO E 553 -23.91 -20.08 -7.74
N ILE E 554 -24.87 -19.25 -8.12
CA ILE E 554 -26.25 -19.68 -8.35
C ILE E 554 -26.53 -19.61 -9.85
N ILE E 555 -27.15 -20.66 -10.38
CA ILE E 555 -27.42 -20.77 -11.81
C ILE E 555 -28.79 -20.17 -12.10
N GLY E 556 -28.84 -19.30 -13.12
CA GLY E 556 -30.09 -18.64 -13.48
C GLY E 556 -30.40 -17.40 -12.67
N TYR E 557 -29.49 -16.97 -11.80
CA TYR E 557 -29.68 -15.83 -10.92
C TYR E 557 -28.85 -14.68 -11.46
N SER E 558 -29.51 -13.56 -11.77
CA SER E 558 -28.84 -12.45 -12.45
C SER E 558 -29.09 -11.16 -11.70
N TYR E 559 -28.18 -10.21 -11.88
CA TYR E 559 -28.35 -8.84 -11.41
C TYR E 559 -28.45 -7.94 -12.63
N VAL E 560 -29.55 -7.22 -12.74
CA VAL E 560 -29.85 -6.42 -13.92
C VAL E 560 -29.79 -4.95 -13.56
N TYR E 561 -29.31 -4.15 -14.52
CA TYR E 561 -29.23 -2.70 -14.36
C TYR E 561 -29.32 -2.06 -15.74
N PHE E 562 -30.39 -1.32 -15.98
CA PHE E 562 -30.59 -0.62 -17.25
C PHE E 562 -30.50 0.88 -17.01
N GLU E 563 -29.73 1.56 -17.84
CA GLU E 563 -29.45 2.97 -17.66
C GLU E 563 -30.33 3.81 -18.57
N PRO E 564 -30.44 5.12 -18.28
CA PRO E 564 -29.84 5.85 -17.17
C PRO E 564 -30.77 6.11 -15.99
N TYR E 565 -32.01 5.60 -16.00
CA TYR E 565 -33.02 6.03 -15.03
C TYR E 565 -33.46 4.92 -14.09
N GLN E 566 -32.65 3.88 -13.91
CA GLN E 566 -32.97 2.83 -12.95
C GLN E 566 -32.37 3.15 -11.60
N PRO E 567 -33.15 3.20 -10.52
CA PRO E 567 -32.58 3.58 -9.22
C PRO E 567 -31.46 2.67 -8.75
N PHE E 568 -31.72 1.37 -8.62
CA PHE E 568 -30.73 0.44 -8.08
C PHE E 568 -30.75 -0.86 -8.87
N VAL E 569 -29.69 -1.65 -8.68
CA VAL E 569 -29.54 -2.94 -9.34
C VAL E 569 -30.54 -3.92 -8.76
N VAL E 570 -31.14 -4.74 -9.62
CA VAL E 570 -32.25 -5.62 -9.23
C VAL E 570 -31.78 -7.07 -9.37
N PRO E 571 -31.95 -7.92 -8.34
CA PRO E 571 -31.69 -9.35 -8.50
C PRO E 571 -32.91 -10.12 -8.99
N LEU E 572 -32.74 -10.97 -10.00
CA LEU E 572 -33.85 -11.63 -10.66
C LEU E 572 -33.53 -13.10 -10.93
N ARG E 573 -34.58 -13.92 -10.86
CA ARG E 573 -34.63 -15.20 -11.55
C ARG E 573 -35.21 -14.92 -12.92
N VAL E 574 -34.40 -15.11 -13.97
CA VAL E 574 -34.84 -14.81 -15.32
C VAL E 574 -35.79 -15.90 -15.80
N LYS E 575 -36.85 -15.49 -16.49
CA LYS E 575 -37.82 -16.44 -16.99
C LYS E 575 -37.22 -17.31 -18.10
N LEU E 576 -37.67 -18.56 -18.14
CA LEU E 576 -37.21 -19.47 -19.19
C LEU E 576 -37.91 -19.15 -20.51
N LEU E 577 -37.22 -19.48 -21.60
CA LEU E 577 -37.80 -19.25 -22.92
C LEU E 577 -39.08 -20.04 -23.12
N GLU E 578 -39.16 -21.24 -22.53
CA GLU E 578 -40.39 -22.02 -22.62
C GLU E 578 -41.56 -21.26 -22.01
N HIS E 579 -41.37 -20.71 -20.80
CA HIS E 579 -42.44 -19.94 -20.17
C HIS E 579 -42.76 -18.67 -20.94
N VAL E 580 -41.74 -17.99 -21.47
CA VAL E 580 -42.00 -16.78 -22.24
C VAL E 580 -42.84 -17.09 -23.47
N LEU E 581 -42.50 -18.17 -24.18
CA LEU E 581 -43.27 -18.56 -25.35
C LEU E 581 -44.68 -18.97 -24.97
N LYS E 582 -44.83 -19.73 -23.88
CA LYS E 582 -46.15 -20.16 -23.43
C LYS E 582 -47.03 -19.00 -23.00
N SER E 583 -46.44 -17.91 -22.51
CA SER E 583 -47.21 -16.75 -22.09
C SER E 583 -47.41 -15.72 -23.19
N LEU E 584 -46.62 -15.78 -24.26
CA LEU E 584 -46.75 -14.83 -25.36
C LEU E 584 -47.87 -15.18 -26.33
N ASP E 585 -48.44 -16.38 -26.26
CA ASP E 585 -49.52 -16.77 -27.15
C ASP E 585 -50.90 -16.51 -26.56
N SER E 586 -50.99 -16.07 -25.32
CA SER E 586 -52.27 -15.82 -24.67
C SER E 586 -52.77 -14.41 -24.94
N GLU F 3 -36.82 33.08 14.19
CA GLU F 3 -35.75 34.02 14.47
C GLU F 3 -34.84 33.48 15.58
N SER F 4 -35.43 32.68 16.48
CA SER F 4 -34.69 32.15 17.59
C SER F 4 -33.65 31.14 17.12
N PRO F 5 -32.62 30.89 17.92
CA PRO F 5 -31.61 29.91 17.53
C PRO F 5 -32.22 28.52 17.38
N ILE F 6 -31.61 27.72 16.51
CA ILE F 6 -32.15 26.39 16.22
C ILE F 6 -31.87 25.42 17.37
N GLY F 7 -30.59 25.18 17.66
CA GLY F 7 -30.25 24.27 18.72
C GLY F 7 -29.36 24.89 19.78
N VAL F 8 -28.38 24.12 20.26
CA VAL F 8 -27.39 24.62 21.21
C VAL F 8 -26.03 24.09 20.78
N VAL F 9 -25.06 24.99 20.67
CA VAL F 9 -23.70 24.61 20.30
C VAL F 9 -23.00 24.02 21.53
N VAL F 10 -22.44 22.82 21.36
CA VAL F 10 -21.84 22.09 22.48
C VAL F 10 -20.36 21.78 22.27
N SER F 11 -19.78 22.18 21.15
CA SER F 11 -18.37 21.92 20.89
C SER F 11 -17.96 22.62 19.60
N SER F 12 -16.67 22.92 19.50
CA SER F 12 -16.11 23.49 18.28
C SER F 12 -14.65 23.07 18.18
N ARG F 13 -14.12 23.11 16.97
CA ARG F 13 -12.73 22.73 16.75
C ARG F 13 -12.33 23.11 15.33
N ARG F 14 -11.07 22.85 15.01
CA ARG F 14 -10.51 23.04 13.67
C ARG F 14 -10.24 21.67 13.06
N ASN F 15 -10.93 21.37 11.97
CA ASN F 15 -10.82 20.07 11.31
C ASN F 15 -10.19 20.29 9.94
N GLY F 16 -8.86 20.29 9.89
CA GLY F 16 -8.15 20.54 8.67
C GLY F 16 -8.13 22.02 8.32
N PRO F 17 -8.33 22.33 7.04
CA PRO F 17 -8.35 23.73 6.61
C PRO F 17 -9.62 24.49 6.94
N TRP F 18 -10.51 23.92 7.76
CA TRP F 18 -11.79 24.55 8.08
C TRP F 18 -12.04 24.46 9.58
N ALA F 19 -12.94 25.31 10.05
CA ALA F 19 -13.43 25.25 11.42
C ALA F 19 -14.83 24.65 11.42
N GLU F 20 -15.12 23.83 12.43
CA GLU F 20 -16.42 23.21 12.53
C GLU F 20 -16.92 23.29 13.96
N LEU F 21 -18.24 23.19 14.10
CA LEU F 21 -18.88 23.16 15.41
C LEU F 21 -19.97 22.11 15.42
N THR F 22 -20.37 21.72 16.62
CA THR F 22 -21.36 20.67 16.85
C THR F 22 -22.61 21.28 17.45
N LEU F 23 -23.76 20.90 16.90
CA LEU F 23 -25.05 21.41 17.32
C LEU F 23 -25.92 20.26 17.79
N VAL F 24 -26.72 20.51 18.83
CA VAL F 24 -27.60 19.51 19.39
C VAL F 24 -29.03 20.03 19.34
N LEU F 25 -29.94 19.19 18.86
CA LEU F 25 -31.37 19.47 18.84
C LEU F 25 -32.04 18.65 19.94
N THR F 26 -32.84 19.33 20.76
CA THR F 26 -33.41 18.75 21.97
C THR F 26 -34.80 18.19 21.68
N PRO F 27 -35.35 17.43 22.62
CA PRO F 27 -36.68 16.84 22.41
C PRO F 27 -37.76 17.86 22.12
N GLN F 28 -37.75 19.01 22.78
CA GLN F 28 -38.80 20.00 22.55
C GLN F 28 -38.74 20.53 21.12
N GLU F 29 -37.54 20.87 20.65
CA GLU F 29 -37.40 21.37 19.28
C GLU F 29 -37.73 20.29 18.26
N LEU F 30 -37.33 19.05 18.52
CA LEU F 30 -37.66 17.97 17.60
C LEU F 30 -39.17 17.75 17.54
N ASP F 31 -39.85 17.83 18.68
CA ASP F 31 -41.31 17.70 18.70
C ASP F 31 -41.99 18.87 18.01
N GLN F 32 -41.39 20.06 18.05
CA GLN F 32 -41.91 21.19 17.29
C GLN F 32 -41.73 21.02 15.79
N GLY F 33 -40.95 20.04 15.36
CA GLY F 33 -40.77 19.80 13.93
C GLY F 33 -39.58 20.47 13.31
N LYS F 34 -38.64 20.97 14.10
CA LYS F 34 -37.48 21.68 13.56
C LYS F 34 -36.41 20.69 13.12
N ARG F 35 -35.89 20.89 11.91
CA ARG F 35 -34.89 20.01 11.33
C ARG F 35 -33.86 20.83 10.57
N LEU F 36 -32.74 20.19 10.24
CA LEU F 36 -31.70 20.79 9.42
C LEU F 36 -31.39 19.86 8.26
N LEU F 37 -31.45 20.38 7.04
CA LEU F 37 -31.12 19.60 5.86
C LEU F 37 -29.60 19.56 5.66
N LEU F 38 -29.12 18.43 5.18
CA LEU F 38 -27.70 18.31 4.86
C LEU F 38 -27.36 19.18 3.67
N GLY F 39 -26.26 19.93 3.77
CA GLY F 39 -25.87 20.86 2.74
C GLY F 39 -26.54 22.21 2.82
N GLU F 40 -27.42 22.41 3.80
CA GLU F 40 -28.12 23.68 3.92
C GLU F 40 -27.19 24.76 4.48
N LEU F 41 -27.47 26.01 4.12
CA LEU F 41 -26.69 27.16 4.55
C LEU F 41 -27.38 27.84 5.72
N VAL F 42 -26.61 28.12 6.76
CA VAL F 42 -27.12 28.71 8.00
C VAL F 42 -26.22 29.87 8.39
N ARG F 43 -26.72 30.71 9.29
CA ARG F 43 -25.97 31.83 9.83
C ARG F 43 -25.43 31.46 11.21
N VAL F 44 -24.22 31.91 11.50
CA VAL F 44 -23.57 31.64 12.78
C VAL F 44 -23.17 32.97 13.40
N SER F 45 -23.70 33.26 14.59
CA SER F 45 -23.38 34.48 15.31
C SER F 45 -22.38 34.16 16.41
N SER F 46 -21.25 34.88 16.41
CA SER F 46 -20.21 34.65 17.40
C SER F 46 -19.46 35.96 17.62
N GLY F 47 -19.47 36.44 18.86
CA GLY F 47 -18.69 37.62 19.20
C GLY F 47 -19.02 38.84 18.37
N GLY F 48 -20.28 39.05 18.05
CA GLY F 48 -20.69 40.17 17.24
C GLY F 48 -20.47 40.02 15.76
N LYS F 49 -19.98 38.88 15.29
CA LYS F 49 -19.74 38.65 13.89
C LYS F 49 -20.65 37.55 13.34
N ASP F 50 -20.95 37.64 12.05
CA ASP F 50 -21.81 36.68 11.36
C ASP F 50 -20.98 35.90 10.36
N TYR F 51 -21.04 34.58 10.45
CA TYR F 51 -20.38 33.65 9.55
C TYR F 51 -21.43 32.86 8.78
N VAL F 52 -21.02 32.37 7.62
CA VAL F 52 -21.82 31.46 6.82
C VAL F 52 -21.39 30.04 7.15
N GLY F 53 -22.35 29.16 7.41
CA GLY F 53 -22.05 27.78 7.73
C GLY F 53 -22.85 26.82 6.88
N MET F 54 -22.32 25.62 6.74
CA MET F 54 -22.96 24.56 5.97
C MET F 54 -23.10 23.33 6.84
N VAL F 55 -24.27 22.68 6.76
CA VAL F 55 -24.56 21.48 7.54
C VAL F 55 -23.94 20.29 6.81
N LEU F 56 -22.98 19.63 7.45
CA LEU F 56 -22.23 18.56 6.83
C LEU F 56 -22.67 17.17 7.27
N ASP F 57 -23.11 17.01 8.52
CA ASP F 57 -23.28 15.69 9.09
C ASP F 57 -24.48 15.67 10.03
N GLY F 58 -24.94 14.46 10.33
CA GLY F 58 -25.98 14.23 11.31
C GLY F 58 -25.90 12.82 11.87
N TYR F 59 -26.03 12.68 13.19
CA TYR F 59 -25.90 11.37 13.81
C TYR F 59 -26.58 11.40 15.17
N TYR F 60 -26.85 10.20 15.69
CA TYR F 60 -27.48 10.04 16.98
C TYR F 60 -26.44 9.68 18.04
N GLU F 61 -26.56 10.28 19.21
CA GLU F 61 -25.64 10.03 20.31
C GLU F 61 -26.36 10.24 21.63
N PRO F 62 -26.11 9.39 22.62
CA PRO F 62 -26.73 9.58 23.93
C PRO F 62 -26.27 10.87 24.59
N VAL F 63 -27.17 11.50 25.33
CA VAL F 63 -26.90 12.73 26.05
C VAL F 63 -27.16 12.48 27.54
N GLY F 64 -26.20 12.86 28.38
CA GLY F 64 -26.32 12.61 29.79
C GLY F 64 -26.07 11.15 30.14
N ARG F 65 -26.73 10.69 31.19
CA ARG F 65 -26.63 9.31 31.65
C ARG F 65 -27.89 8.57 31.20
N SER F 66 -27.78 7.83 30.10
CA SER F 66 -28.91 7.08 29.58
C SER F 66 -28.39 5.90 28.74
N ASP F 67 -29.27 4.93 28.54
CA ASP F 67 -28.99 3.75 27.71
C ASP F 67 -30.11 3.64 26.69
N PRO F 68 -30.05 4.43 25.62
CA PRO F 68 -31.18 4.48 24.68
C PRO F 68 -31.56 3.13 24.11
N THR F 69 -30.57 2.28 23.80
CA THR F 69 -30.91 0.97 23.24
C THR F 69 -31.72 0.14 24.22
N TYR F 70 -31.27 0.06 25.47
CA TYR F 70 -32.00 -0.70 26.46
C TYR F 70 -33.38 -0.12 26.71
N THR F 71 -33.48 1.21 26.82
CA THR F 71 -34.77 1.84 27.08
C THR F 71 -35.75 1.57 25.95
N LEU F 72 -35.34 1.80 24.71
CA LEU F 72 -36.23 1.60 23.57
C LEU F 72 -36.60 0.12 23.40
N ALA F 73 -35.63 -0.78 23.57
CA ALA F 73 -35.93 -2.20 23.45
C ALA F 73 -36.92 -2.65 24.52
N LEU F 74 -36.74 -2.19 25.76
CA LEU F 74 -37.66 -2.58 26.82
C LEU F 74 -39.05 -2.01 26.58
N ALA F 75 -39.13 -0.76 26.11
CA ALA F 75 -40.44 -0.19 25.80
C ALA F 75 -41.13 -0.97 24.68
N HIS F 76 -40.38 -1.37 23.66
CA HIS F 76 -40.94 -2.19 22.60
C HIS F 76 -41.41 -3.54 23.12
N ILE F 77 -40.60 -4.17 23.99
CA ILE F 77 -40.95 -5.49 24.53
C ILE F 77 -42.23 -5.41 25.35
N ASN F 78 -42.35 -4.39 26.19
CA ASN F 78 -43.49 -4.27 27.08
C ASN F 78 -44.72 -3.68 26.39
N GLN F 79 -44.64 -3.39 25.10
CA GLN F 79 -45.76 -2.82 24.35
C GLN F 79 -46.22 -1.50 24.97
N VAL F 80 -45.30 -0.53 24.95
CA VAL F 80 -45.54 0.80 25.50
C VAL F 80 -45.36 1.82 24.38
N ASP F 81 -46.28 2.79 24.32
CA ASP F 81 -46.19 3.87 23.37
C ASP F 81 -45.55 5.08 24.06
N LEU F 82 -44.37 5.48 23.59
CA LEU F 82 -43.63 6.54 24.26
C LEU F 82 -44.40 7.85 24.24
N GLU F 83 -45.03 8.18 23.12
CA GLU F 83 -45.73 9.46 23.02
C GLU F 83 -46.86 9.57 24.04
N LYS F 84 -47.57 8.47 24.29
CA LYS F 84 -48.75 8.48 25.13
C LYS F 84 -48.48 8.01 26.55
N GLU F 85 -47.98 6.78 26.70
CA GLU F 85 -47.88 6.18 28.02
C GLU F 85 -46.68 6.69 28.82
N ASP F 86 -45.57 7.02 28.16
CA ASP F 86 -44.34 7.43 28.84
C ASP F 86 -43.78 8.70 28.21
N PRO F 87 -44.31 9.87 28.59
CA PRO F 87 -43.72 11.12 28.10
C PRO F 87 -42.31 11.37 28.62
N TRP F 88 -41.93 10.74 29.73
CA TRP F 88 -40.62 11.00 30.34
C TRP F 88 -39.52 10.12 29.79
N ALA F 89 -39.85 8.92 29.32
CA ALA F 89 -38.84 8.07 28.70
C ALA F 89 -38.48 8.58 27.30
N ARG F 90 -39.43 9.22 26.63
CA ARG F 90 -39.19 9.83 25.33
C ARG F 90 -38.48 11.17 25.43
N LYS F 91 -38.37 11.74 26.63
CA LYS F 91 -37.74 13.04 26.82
C LYS F 91 -36.24 12.94 27.07
N GLU F 92 -35.71 11.75 27.34
CA GLU F 92 -34.30 11.59 27.63
C GLU F 92 -33.51 10.96 26.49
N VAL F 93 -34.17 10.55 25.41
CA VAL F 93 -33.51 9.90 24.29
C VAL F 93 -33.74 10.62 22.97
N ASN F 94 -34.55 11.67 22.96
CA ASN F 94 -34.91 12.35 21.70
C ASN F 94 -34.03 13.59 21.48
N PHE F 95 -32.74 13.34 21.25
CA PHE F 95 -31.79 14.37 20.86
C PHE F 95 -31.23 14.02 19.48
N TYR F 96 -30.65 15.01 18.82
CA TYR F 96 -29.95 14.72 17.57
C TYR F 96 -28.75 15.64 17.42
N HIS F 97 -27.73 15.16 16.72
CA HIS F 97 -26.46 15.86 16.59
C HIS F 97 -26.20 16.24 15.13
N HIS F 98 -25.60 17.42 14.94
CA HIS F 98 -25.25 17.91 13.61
C HIS F 98 -23.87 18.56 13.66
N ARG F 99 -23.18 18.54 12.52
CA ARG F 99 -21.90 19.22 12.36
C ARG F 99 -22.06 20.34 11.34
N ILE F 100 -21.49 21.51 11.65
CA ILE F 100 -21.60 22.68 10.80
C ILE F 100 -20.21 23.24 10.56
N VAL F 101 -19.85 23.42 9.29
CA VAL F 101 -18.56 23.95 8.90
C VAL F 101 -18.70 25.43 8.56
N LEU F 102 -17.74 26.24 9.00
CA LEU F 102 -17.76 27.68 8.76
C LEU F 102 -16.97 27.99 7.50
N LEU F 103 -17.65 28.54 6.49
CA LEU F 103 -17.05 28.80 5.19
C LEU F 103 -16.37 30.16 5.11
N GLY F 104 -16.84 31.14 5.87
CA GLY F 104 -16.30 32.48 5.80
C GLY F 104 -17.34 33.48 6.28
N ARG F 105 -17.12 34.75 5.92
CA ARG F 105 -18.08 35.77 6.32
C ARG F 105 -18.20 36.83 5.22
N VAL F 106 -19.32 37.55 5.24
CA VAL F 106 -19.58 38.64 4.31
C VAL F 106 -19.20 39.96 4.98
N VAL F 107 -18.41 40.77 4.29
CA VAL F 107 -17.82 41.97 4.88
C VAL F 107 -17.98 43.15 3.94
N GLN F 108 -18.01 44.35 4.53
CA GLN F 108 -17.88 45.63 3.83
C GLN F 108 -18.94 45.72 2.74
N GLY F 109 -18.57 45.93 1.48
CA GLY F 109 -19.52 46.24 0.43
C GLY F 109 -19.95 45.05 -0.39
N GLY F 110 -20.22 43.93 0.27
CA GLY F 110 -20.53 42.70 -0.40
C GLY F 110 -19.34 41.83 -0.73
N LEU F 111 -18.21 42.02 -0.05
CA LEU F 111 -17.05 41.17 -0.25
C LEU F 111 -17.15 39.93 0.65
N PHE F 112 -16.32 38.94 0.37
CA PHE F 112 -16.32 37.69 1.13
C PHE F 112 -14.92 37.44 1.67
N ALA F 113 -14.82 37.24 2.98
CA ALA F 113 -13.58 36.81 3.61
C ALA F 113 -13.64 35.31 3.83
N PRO F 114 -12.83 34.51 3.14
CA PRO F 114 -12.96 33.05 3.25
C PRO F 114 -12.42 32.51 4.55
N SER F 115 -13.03 31.41 5.00
CA SER F 115 -12.61 30.71 6.20
C SER F 115 -12.45 31.65 7.38
N THR F 116 -11.68 31.25 8.38
CA THR F 116 -11.46 32.09 9.55
C THR F 116 -10.23 31.59 10.30
N ARG F 117 -9.67 32.49 11.12
CA ARG F 117 -8.59 32.14 12.03
C ARG F 117 -9.01 32.18 13.50
N LEU F 118 -10.23 32.59 13.79
CA LEU F 118 -10.77 32.59 15.13
C LEU F 118 -11.73 31.42 15.31
N LEU F 119 -11.61 30.72 16.44
CA LEU F 119 -12.47 29.60 16.75
C LEU F 119 -13.41 29.99 17.88
N PRO F 120 -14.72 29.94 17.70
CA PRO F 120 -15.65 30.47 18.69
C PRO F 120 -15.72 29.59 19.93
N PRO F 121 -15.73 30.19 21.12
CA PRO F 121 -16.07 29.42 22.32
C PRO F 121 -17.51 28.94 22.28
N VAL F 122 -17.77 27.83 22.97
CA VAL F 122 -19.06 27.15 22.83
C VAL F 122 -20.19 28.02 23.37
N VAL F 123 -19.95 28.78 24.43
CA VAL F 123 -21.02 29.57 25.05
C VAL F 123 -21.31 30.85 24.29
N GLU F 124 -20.56 31.15 23.23
CA GLU F 124 -20.76 32.38 22.47
C GLU F 124 -21.48 32.17 21.15
N ALA F 125 -21.34 31.00 20.54
CA ALA F 125 -21.86 30.77 19.20
C ALA F 125 -23.35 30.48 19.22
N ARG F 126 -24.03 30.88 18.15
CA ARG F 126 -25.44 30.60 17.97
C ARG F 126 -25.69 30.36 16.49
N VAL F 127 -26.69 29.53 16.18
CA VAL F 127 -26.99 29.13 14.81
C VAL F 127 -28.41 29.58 14.48
N TYR F 128 -28.55 30.27 13.36
CA TYR F 128 -29.83 30.78 12.87
C TYR F 128 -30.07 30.28 11.45
N ARG F 129 -31.34 30.32 11.05
CA ARG F 129 -31.78 29.88 9.74
C ARG F 129 -31.79 31.07 8.79
N MET F 130 -31.22 30.90 7.61
CA MET F 130 -31.13 31.98 6.63
C MET F 130 -32.51 32.38 6.13
N THR F 131 -32.66 33.66 5.83
CA THR F 131 -33.85 34.18 5.16
C THR F 131 -33.56 34.39 3.68
N GLU F 132 -34.62 34.61 2.92
CA GLU F 132 -34.47 34.75 1.47
C GLU F 132 -33.62 35.96 1.09
N GLU F 133 -33.81 37.08 1.80
CA GLU F 133 -33.00 38.26 1.51
C GLU F 133 -31.53 37.99 1.78
N GLU F 134 -31.21 37.32 2.90
CA GLU F 134 -29.83 37.01 3.22
C GLU F 134 -29.24 36.07 2.18
N LEU F 135 -30.01 35.07 1.74
CA LEU F 135 -29.52 34.17 0.71
C LEU F 135 -29.26 34.89 -0.60
N GLN F 136 -30.15 35.80 -0.99
CA GLN F 136 -29.94 36.59 -2.20
C GLN F 136 -28.68 37.42 -2.10
N ARG F 137 -28.47 38.08 -0.95
CA ARG F 137 -27.25 38.87 -0.77
C ARG F 137 -26.00 38.02 -0.70
N LEU F 138 -26.11 36.79 -0.19
CA LEU F 138 -24.95 35.92 -0.07
C LEU F 138 -24.55 35.32 -1.41
N LEU F 139 -25.51 35.03 -2.29
CA LEU F 139 -25.16 34.48 -3.60
C LEU F 139 -24.45 35.49 -4.48
N ALA F 140 -24.52 36.78 -4.15
CA ALA F 140 -23.88 37.83 -4.95
C ALA F 140 -22.55 38.28 -4.39
N ALA F 141 -22.06 37.66 -3.32
CA ALA F 141 -20.80 38.07 -2.71
C ALA F 141 -19.61 37.50 -3.47
N GLU F 142 -18.50 38.24 -3.44
CA GLU F 142 -17.29 37.86 -4.16
C GLU F 142 -16.09 38.11 -3.28
N VAL F 143 -15.00 37.40 -3.57
CA VAL F 143 -13.74 37.56 -2.85
C VAL F 143 -12.87 38.55 -3.60
N ARG F 144 -12.46 39.60 -2.92
CA ARG F 144 -11.60 40.62 -3.52
C ARG F 144 -10.72 41.28 -2.46
N ARG F 155 -24.54 43.74 -17.89
CA ARG F 155 -25.66 43.19 -17.14
C ARG F 155 -25.46 41.71 -16.86
N ARG F 156 -26.37 41.14 -16.07
CA ARG F 156 -26.31 39.73 -15.70
C ARG F 156 -27.63 39.05 -16.02
N TYR F 157 -27.55 37.76 -16.32
CA TYR F 157 -28.70 36.95 -16.68
C TYR F 157 -28.91 35.84 -15.67
N ALA F 158 -30.18 35.53 -15.40
CA ALA F 158 -30.49 34.45 -14.48
C ALA F 158 -30.04 33.11 -15.06
N PHE F 159 -29.32 32.34 -14.26
CA PHE F 159 -28.81 31.03 -14.66
C PHE F 159 -29.54 29.88 -13.99
N GLY F 160 -29.91 30.03 -12.73
CA GLY F 160 -30.63 28.99 -12.01
C GLY F 160 -31.01 29.51 -10.64
N HIS F 161 -31.70 28.65 -9.89
CA HIS F 161 -32.09 29.01 -8.53
C HIS F 161 -31.67 27.96 -7.53
N LEU F 162 -31.51 28.39 -6.28
CA LEU F 162 -30.97 27.53 -5.24
C LEU F 162 -31.94 26.43 -4.86
N ALA F 163 -31.41 25.23 -4.61
CA ALA F 163 -32.21 24.10 -4.20
C ALA F 163 -31.31 23.07 -3.53
N TYR F 164 -31.87 22.38 -2.53
CA TYR F 164 -31.16 21.33 -1.80
C TYR F 164 -31.80 19.99 -2.16
N GLY F 165 -31.20 19.28 -3.11
CA GLY F 165 -31.72 18.00 -3.51
C GLY F 165 -33.12 18.09 -4.06
N LEU F 166 -33.92 17.06 -3.78
CA LEU F 166 -35.33 17.01 -4.16
C LEU F 166 -36.25 17.11 -2.95
N GLU F 167 -35.76 17.65 -1.85
CA GLU F 167 -36.51 17.67 -0.60
C GLU F 167 -37.53 18.80 -0.60
N GLU F 168 -38.72 18.50 -0.12
CA GLU F 168 -39.71 19.55 0.10
C GLU F 168 -39.19 20.55 1.14
N GLY F 169 -39.36 21.83 0.84
CA GLY F 169 -38.78 22.86 1.68
C GLY F 169 -37.32 23.14 1.43
N GLY F 170 -36.73 22.52 0.41
CA GLY F 170 -35.35 22.77 0.04
C GLY F 170 -35.15 23.50 -1.27
N GLU F 171 -36.20 24.07 -1.85
CA GLU F 171 -36.11 24.78 -3.12
C GLU F 171 -36.53 26.22 -2.93
N TYR F 172 -35.74 27.15 -3.47
CA TYR F 172 -35.98 28.59 -3.32
C TYR F 172 -36.03 29.23 -4.70
N PRO F 173 -37.20 29.28 -5.34
CA PRO F 173 -37.28 29.85 -6.69
C PRO F 173 -36.86 31.30 -6.78
N GLU F 174 -36.91 32.04 -5.67
CA GLU F 174 -36.54 33.46 -5.68
C GLU F 174 -35.07 33.69 -5.42
N VAL F 175 -34.32 32.67 -4.98
CA VAL F 175 -32.89 32.81 -4.72
C VAL F 175 -32.18 32.42 -6.02
N VAL F 176 -32.02 33.41 -6.91
CA VAL F 176 -31.52 33.20 -8.25
C VAL F 176 -30.06 33.60 -8.31
N LYS F 177 -29.25 32.81 -9.01
CA LYS F 177 -27.86 33.15 -9.30
C LYS F 177 -27.76 33.69 -10.71
N GLU F 178 -27.18 34.87 -10.85
CA GLU F 178 -27.04 35.55 -12.13
C GLU F 178 -25.57 35.66 -12.50
N VAL F 179 -25.25 35.34 -13.75
CA VAL F 179 -23.88 35.28 -14.22
C VAL F 179 -23.66 36.32 -15.31
N ASP F 180 -22.53 37.00 -15.23
CA ASP F 180 -22.08 37.84 -16.33
C ASP F 180 -21.45 36.95 -17.40
N PRO F 181 -21.94 36.97 -18.64
CA PRO F 181 -21.41 36.03 -19.64
C PRO F 181 -20.07 36.49 -20.18
N ALA F 182 -19.19 36.95 -19.28
CA ALA F 182 -17.82 37.27 -19.62
C ALA F 182 -16.82 36.33 -18.95
N LEU F 183 -17.27 35.57 -17.95
CA LEU F 183 -16.45 34.53 -17.34
C LEU F 183 -16.30 33.31 -18.23
N PHE F 184 -17.03 33.26 -19.35
CA PHE F 184 -16.88 32.18 -20.32
C PHE F 184 -15.97 32.55 -21.49
N VAL F 185 -15.76 33.84 -21.73
CA VAL F 185 -14.99 34.31 -22.89
C VAL F 185 -13.51 34.30 -22.53
N GLY F 186 -12.74 33.51 -23.28
CA GLY F 186 -11.31 33.44 -23.10
C GLY F 186 -10.83 32.54 -21.97
N ARG F 187 -11.75 31.88 -21.27
CA ARG F 187 -11.41 31.02 -20.14
C ARG F 187 -11.78 29.58 -20.44
N ARG F 188 -11.55 28.70 -19.47
CA ARG F 188 -11.81 27.28 -19.61
C ARG F 188 -13.02 26.87 -18.78
N THR F 189 -13.95 26.15 -19.41
CA THR F 189 -15.16 25.69 -18.76
C THR F 189 -15.24 24.18 -18.89
N ALA F 190 -15.47 23.50 -17.77
CA ALA F 190 -15.65 22.06 -17.72
C ALA F 190 -17.11 21.74 -17.40
N ASN F 191 -17.69 20.82 -18.16
CA ASN F 191 -19.07 20.39 -17.99
C ASN F 191 -19.05 18.88 -17.74
N PHE F 192 -19.07 18.49 -16.47
CA PHE F 192 -19.00 17.09 -16.09
C PHE F 192 -20.36 16.56 -15.69
N GLY F 193 -20.63 15.31 -16.02
CA GLY F 193 -21.87 14.69 -15.61
C GLY F 193 -22.21 13.50 -16.47
N LYS F 194 -23.09 12.66 -15.94
CA LYS F 194 -23.57 11.50 -16.66
C LYS F 194 -24.44 11.92 -17.85
N THR F 195 -24.59 11.01 -18.81
CA THR F 195 -25.31 11.31 -20.03
C THR F 195 -26.81 11.29 -19.77
N GLY F 196 -27.48 12.37 -20.16
CA GLY F 196 -28.91 12.49 -19.97
C GLY F 196 -29.34 13.23 -18.73
N PHE F 197 -28.48 14.09 -18.16
CA PHE F 197 -28.79 14.77 -16.91
C PHE F 197 -28.68 16.29 -17.02
N GLY F 198 -28.57 16.83 -18.24
CA GLY F 198 -28.66 18.28 -18.43
C GLY F 198 -27.50 18.95 -19.13
N LYS F 199 -26.55 18.14 -19.63
CA LYS F 199 -25.38 18.70 -20.29
C LYS F 199 -25.77 19.51 -21.52
N SER F 200 -26.65 18.97 -22.36
CA SER F 200 -27.03 19.67 -23.58
C SER F 200 -27.70 20.99 -23.26
N ASN F 201 -28.64 20.99 -22.31
CA ASN F 201 -29.33 22.22 -21.95
C ASN F 201 -28.36 23.26 -21.41
N GLU F 202 -27.45 22.85 -20.52
CA GLU F 202 -26.50 23.79 -19.97
C GLU F 202 -25.61 24.39 -21.06
N ASN F 203 -25.09 23.54 -21.95
CA ASN F 203 -24.21 24.03 -23.00
C ASN F 203 -24.94 24.98 -23.93
N LYS F 204 -26.17 24.64 -24.33
CA LYS F 204 -26.92 25.51 -25.22
C LYS F 204 -27.28 26.83 -24.56
N VAL F 205 -27.62 26.81 -23.27
CA VAL F 205 -27.90 28.05 -22.55
C VAL F 205 -26.65 28.94 -22.53
N ILE F 206 -25.49 28.35 -22.22
CA ILE F 206 -24.26 29.13 -22.18
C ILE F 206 -23.98 29.75 -23.54
N LEU F 207 -24.10 28.95 -24.61
CA LEU F 207 -23.81 29.46 -25.94
C LEU F 207 -24.79 30.56 -26.35
N THR F 208 -26.08 30.39 -26.05
CA THR F 208 -27.05 31.41 -26.38
C THR F 208 -26.76 32.71 -25.64
N LEU F 209 -26.46 32.62 -24.34
CA LEU F 209 -26.15 33.83 -23.58
C LEU F 209 -24.91 34.51 -24.13
N LEU F 210 -23.86 33.74 -24.46
CA LEU F 210 -22.67 34.34 -25.04
C LEU F 210 -22.98 35.03 -26.35
N ALA F 211 -23.75 34.38 -27.22
CA ALA F 211 -24.07 34.97 -28.52
C ALA F 211 -24.86 36.26 -28.35
N HIS F 212 -25.81 36.28 -27.41
CA HIS F 212 -26.61 37.48 -27.22
C HIS F 212 -25.79 38.62 -26.61
N ALA F 213 -24.98 38.32 -25.60
CA ALA F 213 -24.27 39.39 -24.89
C ALA F 213 -23.11 39.93 -25.71
N PHE F 214 -22.34 39.06 -26.36
CA PHE F 214 -21.13 39.44 -27.09
C PHE F 214 -21.29 39.07 -28.56
N PRO F 215 -21.77 39.98 -29.39
CA PRO F 215 -21.97 39.69 -30.81
C PRO F 215 -20.70 39.73 -31.65
N ARG F 216 -19.53 39.78 -31.03
CA ARG F 216 -18.26 39.89 -31.74
C ARG F 216 -17.34 38.71 -31.48
N VAL F 217 -17.82 37.69 -30.78
CA VAL F 217 -17.02 36.51 -30.44
C VAL F 217 -17.55 35.33 -31.25
N GLY F 218 -16.65 34.60 -31.90
CA GLY F 218 -17.01 33.47 -32.72
C GLY F 218 -16.90 32.16 -31.96
N MET F 219 -17.53 31.13 -32.52
CA MET F 219 -17.54 29.80 -31.92
C MET F 219 -17.21 28.76 -32.97
N LEU F 220 -16.49 27.72 -32.53
CA LEU F 220 -16.18 26.54 -33.34
C LEU F 220 -16.72 25.33 -32.58
N ILE F 221 -17.82 24.77 -33.06
CA ILE F 221 -18.53 23.71 -32.36
C ILE F 221 -18.22 22.40 -33.07
N LEU F 222 -17.50 21.51 -32.38
CA LEU F 222 -17.16 20.19 -32.92
C LEU F 222 -18.26 19.23 -32.48
N ASP F 223 -19.29 19.11 -33.31
CA ASP F 223 -20.55 18.47 -32.94
C ASP F 223 -20.48 16.98 -33.27
N GLN F 224 -20.09 16.18 -32.28
CA GLN F 224 -19.98 14.74 -32.51
C GLN F 224 -21.35 14.05 -32.50
N ASN F 225 -22.30 14.55 -31.71
CA ASN F 225 -23.61 13.93 -31.60
C ASN F 225 -24.66 14.58 -32.50
N ALA F 226 -24.32 15.67 -33.19
CA ALA F 226 -25.26 16.36 -34.06
C ALA F 226 -26.52 16.79 -33.29
N GLU F 227 -26.31 17.66 -32.31
CA GLU F 227 -27.39 18.05 -31.41
C GLU F 227 -27.48 19.54 -31.15
N TYR F 228 -26.60 20.36 -31.73
CA TYR F 228 -26.57 21.78 -31.42
C TYR F 228 -27.29 22.66 -32.43
N LEU F 229 -27.57 22.16 -33.63
CA LEU F 229 -28.20 23.01 -34.64
C LEU F 229 -29.72 23.00 -34.55
N LEU F 230 -30.33 21.82 -34.50
CA LEU F 230 -31.77 21.69 -34.48
C LEU F 230 -32.18 20.74 -33.36
N GLN F 231 -33.45 20.82 -32.99
CA GLN F 231 -33.98 19.93 -31.96
C GLN F 231 -33.89 18.49 -32.43
N THR F 232 -33.43 17.61 -31.52
CA THR F 232 -33.24 16.21 -31.86
C THR F 232 -34.59 15.50 -31.91
N GLU F 233 -34.55 14.25 -32.36
CA GLU F 233 -35.77 13.46 -32.56
C GLU F 233 -36.35 12.93 -31.24
N ALA F 234 -35.64 13.11 -30.12
CA ALA F 234 -36.12 12.62 -28.84
C ALA F 234 -36.97 13.66 -28.12
N THR F 235 -36.40 14.83 -27.86
CA THR F 235 -37.07 15.88 -27.11
C THR F 235 -37.41 17.03 -28.04
N THR F 236 -37.98 18.10 -27.46
CA THR F 236 -38.32 19.30 -28.19
C THR F 236 -37.49 20.51 -27.75
N SER F 237 -36.37 20.28 -27.07
CA SER F 237 -35.51 21.36 -26.65
C SER F 237 -34.98 22.09 -27.87
N PRO F 238 -35.17 23.41 -27.97
CA PRO F 238 -34.79 24.12 -29.19
C PRO F 238 -33.30 23.99 -29.48
N GLY F 239 -32.97 23.90 -30.77
CA GLY F 239 -31.59 23.92 -31.20
C GLY F 239 -31.04 25.32 -31.25
N LEU F 240 -29.75 25.42 -31.57
CA LEU F 240 -29.10 26.72 -31.60
C LEU F 240 -29.61 27.57 -32.75
N ALA F 241 -29.88 26.96 -33.91
CA ALA F 241 -30.43 27.72 -35.03
C ALA F 241 -31.81 28.28 -34.69
N GLN F 242 -32.65 27.47 -34.04
CA GLN F 242 -33.97 27.95 -33.61
C GLN F 242 -33.85 29.02 -32.54
N ALA F 243 -32.90 28.90 -31.62
CA ALA F 243 -32.68 29.96 -30.64
C ALA F 243 -32.26 31.26 -31.31
N PHE F 244 -31.38 31.18 -32.30
CA PHE F 244 -30.98 32.38 -33.04
C PHE F 244 -32.16 32.98 -33.79
N LYS F 245 -33.01 32.14 -34.39
CA LYS F 245 -34.21 32.65 -35.04
C LYS F 245 -35.10 33.37 -34.03
N ALA F 246 -35.30 32.79 -32.85
CA ALA F 246 -36.13 33.44 -31.85
C ALA F 246 -35.55 34.77 -31.42
N LEU F 247 -34.23 34.82 -31.22
CA LEU F 247 -33.58 36.05 -30.78
C LEU F 247 -33.38 37.06 -31.90
N GLY F 248 -33.66 36.69 -33.15
CA GLY F 248 -33.51 37.63 -34.24
C GLY F 248 -32.08 37.85 -34.70
N ILE F 249 -31.20 36.88 -34.50
CA ILE F 249 -29.83 36.97 -34.97
C ILE F 249 -29.75 36.39 -36.37
N ARG F 250 -29.19 37.17 -37.30
CA ARG F 250 -29.21 36.82 -38.71
C ARG F 250 -27.79 36.79 -39.27
N GLY F 251 -27.54 35.84 -40.17
CA GLY F 251 -26.27 35.78 -40.86
C GLY F 251 -25.08 35.49 -39.99
N ARG F 252 -25.20 34.52 -39.08
CA ARG F 252 -24.11 34.18 -38.18
C ARG F 252 -23.75 32.70 -38.15
N ILE F 253 -24.64 31.81 -38.57
CA ILE F 253 -24.40 30.37 -38.45
C ILE F 253 -23.90 29.82 -39.79
N ARG F 254 -22.73 29.19 -39.76
CA ARG F 254 -22.20 28.46 -40.89
C ARG F 254 -22.08 27.00 -40.50
N PHE F 255 -22.87 26.15 -41.17
CA PHE F 255 -22.97 24.73 -40.85
C PHE F 255 -22.28 23.95 -41.97
N TYR F 256 -21.16 23.31 -41.64
CA TYR F 256 -20.42 22.49 -42.59
C TYR F 256 -20.87 21.05 -42.44
N THR F 257 -21.20 20.41 -43.57
CA THR F 257 -21.75 19.07 -43.57
C THR F 257 -21.47 18.41 -44.91
N ALA F 258 -21.64 17.09 -44.94
CA ALA F 258 -21.53 16.30 -46.16
C ALA F 258 -22.88 15.82 -46.67
N ARG F 259 -23.97 16.30 -46.08
CA ARG F 259 -25.34 15.91 -46.44
C ARG F 259 -26.21 17.15 -46.57
N GLU F 260 -25.72 18.13 -47.34
CA GLU F 260 -26.39 19.43 -47.42
C GLU F 260 -27.85 19.29 -47.81
N GLU F 261 -28.17 18.37 -48.72
CA GLU F 261 -29.57 18.20 -49.13
C GLU F 261 -30.43 17.75 -47.95
N ALA F 262 -29.99 16.71 -47.24
CA ALA F 262 -30.75 16.20 -46.11
C ALA F 262 -30.90 17.26 -45.03
N TRP F 263 -29.84 18.03 -44.76
CA TRP F 263 -29.92 19.03 -43.71
C TRP F 263 -30.77 20.23 -44.12
N ALA F 264 -30.73 20.63 -45.39
CA ALA F 264 -31.60 21.70 -45.86
C ALA F 264 -33.06 21.29 -45.93
N ARG F 265 -33.34 19.99 -46.03
CA ARG F 265 -34.73 19.56 -45.94
C ARG F 265 -35.28 19.66 -44.52
N ARG F 266 -34.45 19.44 -43.50
CA ARG F 266 -34.88 19.62 -42.12
C ARG F 266 -34.92 21.09 -41.72
N LEU F 267 -33.96 21.88 -42.22
CA LEU F 267 -33.91 23.29 -41.86
C LEU F 267 -35.17 24.02 -42.32
N LYS F 268 -35.63 23.74 -43.54
CA LYS F 268 -36.88 24.36 -43.99
C LYS F 268 -38.03 23.97 -43.09
N GLU F 269 -38.15 22.67 -42.79
CA GLU F 269 -39.27 22.21 -41.96
C GLU F 269 -39.29 22.92 -40.62
N HIS F 270 -38.13 23.10 -39.99
CA HIS F 270 -38.13 23.63 -38.63
C HIS F 270 -38.08 25.15 -38.56
N LEU F 271 -37.40 25.82 -39.50
CA LEU F 271 -37.24 27.27 -39.44
C LEU F 271 -38.13 28.02 -40.41
N GLY F 272 -38.97 27.34 -41.19
CA GLY F 272 -39.79 28.02 -42.16
C GLY F 272 -39.08 28.22 -43.48
N THR F 273 -39.76 28.95 -44.37
CA THR F 273 -39.24 29.16 -45.73
C THR F 273 -38.08 30.14 -45.76
N GLU F 274 -37.86 30.91 -44.69
CA GLU F 274 -36.80 31.91 -44.64
C GLU F 274 -35.55 31.40 -43.92
N TRP F 275 -35.39 30.08 -43.79
CA TRP F 275 -34.27 29.54 -43.03
C TRP F 275 -32.92 29.96 -43.58
N ARG F 276 -32.86 30.38 -44.85
CA ARG F 276 -31.59 30.80 -45.42
C ARG F 276 -31.08 32.10 -44.82
N GLU F 277 -31.91 32.82 -44.06
CA GLU F 277 -31.45 34.04 -43.43
C GLU F 277 -30.67 33.80 -42.15
N TYR F 278 -30.66 32.57 -41.63
CA TYR F 278 -30.02 32.26 -40.36
C TYR F 278 -28.88 31.26 -40.46
N VAL F 279 -28.87 30.40 -41.48
CA VAL F 279 -27.87 29.34 -41.59
C VAL F 279 -27.37 29.27 -43.02
N GLU F 280 -26.06 29.03 -43.18
CA GLU F 280 -25.47 28.73 -44.47
C GLU F 280 -24.89 27.32 -44.45
N VAL F 281 -25.39 26.45 -45.33
CA VAL F 281 -24.96 25.06 -45.39
C VAL F 281 -23.83 24.94 -46.40
N LEU F 282 -22.74 24.30 -45.99
CA LEU F 282 -21.55 24.20 -46.82
C LEU F 282 -20.99 22.78 -46.80
N PRO F 283 -20.27 22.38 -47.84
CA PRO F 283 -19.72 21.03 -47.90
C PRO F 283 -18.44 20.89 -47.07
N LEU F 284 -18.00 19.63 -46.94
CA LEU F 284 -16.82 19.31 -46.14
C LEU F 284 -15.75 18.60 -46.96
N LYS F 285 -15.47 19.09 -48.17
CA LYS F 285 -14.50 18.45 -49.05
C LYS F 285 -13.16 19.18 -48.98
N VAL F 286 -12.08 18.43 -49.23
CA VAL F 286 -10.72 18.94 -49.09
C VAL F 286 -9.91 18.53 -50.31
N ASP F 287 -8.71 19.08 -50.42
CA ASP F 287 -7.77 18.79 -51.50
C ASP F 287 -6.56 18.08 -50.94
N PHE F 288 -6.25 16.90 -51.50
CA PHE F 288 -5.15 16.09 -51.01
C PHE F 288 -3.82 16.38 -51.70
N TYR F 289 -3.82 17.22 -52.73
CA TYR F 289 -2.56 17.69 -53.29
C TYR F 289 -1.92 18.79 -52.47
N HIS F 290 -2.65 19.37 -51.51
CA HIS F 290 -2.10 20.34 -50.58
C HIS F 290 -2.00 19.82 -49.16
N PHE F 291 -2.74 18.76 -48.82
CA PHE F 291 -2.68 18.13 -47.51
C PHE F 291 -2.50 16.63 -47.70
N PRO F 292 -1.34 16.20 -48.20
CA PRO F 292 -1.10 14.77 -48.39
C PRO F 292 -0.83 14.01 -47.10
N GLU F 293 -0.50 14.71 -46.01
CA GLU F 293 -0.39 14.04 -44.73
C GLU F 293 -1.72 13.41 -44.33
N LEU F 294 -2.82 14.12 -44.56
CA LEU F 294 -4.13 13.54 -44.30
C LEU F 294 -4.39 12.31 -45.16
N ALA F 295 -4.01 12.36 -46.44
CA ALA F 295 -4.18 11.21 -47.30
C ALA F 295 -3.43 9.99 -46.75
N VAL F 296 -2.15 10.18 -46.41
CA VAL F 296 -1.35 9.06 -45.93
C VAL F 296 -1.90 8.53 -44.62
N ALA F 297 -2.27 9.43 -43.69
CA ALA F 297 -2.79 9.00 -42.40
C ALA F 297 -4.12 8.27 -42.55
N LEU F 298 -4.99 8.77 -43.44
CA LEU F 298 -6.27 8.10 -43.66
C LEU F 298 -6.08 6.72 -44.28
N ALA F 299 -5.14 6.59 -45.22
CA ALA F 299 -4.85 5.26 -45.76
C ALA F 299 -4.32 4.32 -44.69
N TYR F 300 -3.41 4.82 -43.84
CA TYR F 300 -2.87 3.99 -42.77
C TYR F 300 -3.96 3.54 -41.81
N GLN F 301 -4.88 4.45 -41.47
CA GLN F 301 -6.02 4.07 -40.64
C GLN F 301 -6.92 3.06 -41.35
N ARG F 302 -7.20 3.28 -42.63
CA ARG F 302 -8.04 2.37 -43.38
C ARG F 302 -7.45 0.97 -43.41
N ARG F 303 -6.13 0.85 -43.33
CA ARG F 303 -5.50 -0.42 -43.02
C ARG F 303 -5.35 -0.56 -41.50
N ARG F 304 -5.18 -1.79 -41.05
CA ARG F 304 -5.12 -2.10 -39.63
C ARG F 304 -6.52 -2.07 -39.01
N LEU F 305 -7.51 -1.62 -39.78
CA LEU F 305 -8.90 -1.74 -39.41
C LEU F 305 -9.63 -2.80 -40.21
N GLN F 306 -9.13 -3.14 -41.40
CA GLN F 306 -9.61 -4.26 -42.20
C GLN F 306 -8.64 -5.42 -42.10
N GLY F 307 -8.06 -5.61 -40.91
CA GLY F 307 -7.01 -6.58 -40.69
C GLY F 307 -5.96 -6.06 -39.74
N ALA F 308 -4.70 -6.05 -40.15
CA ALA F 308 -3.61 -5.60 -39.29
C ALA F 308 -2.35 -5.45 -40.16
N GLU F 309 -1.23 -5.16 -39.50
CA GLU F 309 0.11 -5.09 -40.10
C GLU F 309 0.14 -4.16 -41.31
N PRO F 310 0.13 -2.85 -41.09
CA PRO F 310 0.33 -1.92 -42.20
C PRO F 310 1.68 -2.16 -42.86
N PRO F 311 1.76 -1.99 -44.18
CA PRO F 311 2.99 -2.33 -44.90
C PRO F 311 4.16 -1.47 -44.44
N GLN F 312 5.37 -1.97 -44.72
CA GLN F 312 6.57 -1.25 -44.33
C GLN F 312 6.64 0.13 -44.99
N TYR F 313 6.34 0.19 -46.29
CA TYR F 313 6.38 1.47 -46.99
C TYR F 313 5.34 2.44 -46.43
N LEU F 314 4.13 1.94 -46.15
CA LEU F 314 3.09 2.81 -45.60
C LEU F 314 3.49 3.34 -44.23
N GLU F 315 4.04 2.47 -43.37
CA GLU F 315 4.48 2.90 -42.05
C GLU F 315 5.61 3.93 -42.17
N ASN F 316 6.54 3.71 -43.11
CA ASN F 316 7.62 4.66 -43.30
C ASN F 316 7.08 6.02 -43.75
N ALA F 317 6.16 6.03 -44.72
CA ALA F 317 5.60 7.28 -45.20
C ALA F 317 4.85 8.02 -44.10
N PHE F 318 4.05 7.29 -43.31
CA PHE F 318 3.25 7.92 -42.27
C PHE F 318 4.10 8.81 -41.37
N TYR F 319 5.35 8.42 -41.12
CA TYR F 319 6.23 9.15 -40.22
C TYR F 319 7.18 10.10 -40.94
N ASN F 320 7.60 9.77 -42.17
CA ASN F 320 8.64 10.53 -42.84
C ASN F 320 8.15 11.36 -44.02
N LEU F 321 6.83 11.52 -44.17
CA LEU F 321 6.36 12.39 -45.25
C LEU F 321 6.82 13.83 -45.05
N GLU F 322 6.95 14.28 -43.80
CA GLU F 322 7.41 15.64 -43.57
C GLU F 322 8.84 15.84 -44.10
N ASP F 323 9.72 14.86 -43.86
CA ASP F 323 11.06 14.93 -44.42
C ASP F 323 11.02 14.80 -45.94
N TRP F 324 10.11 13.95 -46.46
CA TRP F 324 9.95 13.84 -47.90
C TRP F 324 9.53 15.15 -48.54
N LYS F 325 8.86 16.03 -47.80
CA LYS F 325 8.32 17.26 -48.36
C LYS F 325 9.41 18.21 -48.86
N HIS F 326 10.67 18.00 -48.46
CA HIS F 326 11.76 18.85 -48.90
C HIS F 326 12.62 18.21 -49.99
N ILE F 327 12.30 16.99 -50.43
CA ILE F 327 12.99 16.34 -51.54
C ILE F 327 11.99 16.21 -52.69
N PRO F 328 12.10 17.02 -53.75
CA PRO F 328 11.12 16.94 -54.84
C PRO F 328 11.07 15.57 -55.49
N ASP F 329 12.20 14.86 -55.56
CA ASP F 329 12.20 13.54 -56.18
C ASP F 329 11.27 12.59 -55.44
N ARG F 330 11.30 12.63 -54.10
CA ARG F 330 10.41 11.77 -53.32
C ARG F 330 8.99 12.30 -53.31
N MET F 331 8.81 13.62 -53.35
CA MET F 331 7.46 14.18 -53.33
C MET F 331 6.70 13.86 -54.61
N ALA F 332 7.40 13.86 -55.74
CA ALA F 332 6.75 13.57 -57.02
C ALA F 332 6.11 12.19 -57.02
N TYR F 333 6.71 11.23 -56.33
CA TYR F 333 6.14 9.89 -56.30
C TYR F 333 4.81 9.87 -55.56
N VAL F 334 4.71 10.60 -54.44
CA VAL F 334 3.44 10.69 -53.73
C VAL F 334 2.40 11.38 -54.60
N TYR F 335 2.79 12.46 -55.27
CA TYR F 335 1.84 13.16 -56.12
C TYR F 335 1.34 12.26 -57.25
N GLY F 336 2.25 11.53 -57.89
CA GLY F 336 1.85 10.59 -58.92
C GLY F 336 0.99 9.46 -58.39
N ALA F 337 1.26 9.02 -57.15
CA ALA F 337 0.42 8.00 -56.55
C ALA F 337 -1.02 8.49 -56.42
N LEU F 338 -1.20 9.71 -55.92
CA LEU F 338 -2.55 10.27 -55.85
C LEU F 338 -3.17 10.40 -57.23
N ARG F 339 -2.41 10.88 -58.20
CA ARG F 339 -2.95 11.07 -59.54
C ARG F 339 -3.40 9.74 -60.16
N LYS F 340 -2.59 8.69 -59.98
CA LYS F 340 -2.98 7.37 -60.46
C LYS F 340 -4.19 6.85 -59.71
N ALA F 341 -4.24 7.05 -58.39
CA ALA F 341 -5.44 6.70 -57.65
C ALA F 341 -6.68 7.33 -58.25
N GLY F 342 -6.54 8.55 -58.77
CA GLY F 342 -7.60 9.13 -59.57
C GLY F 342 -8.25 10.36 -58.97
N LEU F 343 -7.49 11.11 -58.18
CA LEU F 343 -7.99 12.34 -57.59
C LEU F 343 -7.68 13.50 -58.53
N THR F 344 -8.74 14.16 -59.01
CA THR F 344 -8.57 15.22 -59.98
C THR F 344 -7.80 16.38 -59.38
N PRO F 345 -6.71 16.82 -59.99
CA PRO F 345 -5.99 17.99 -59.46
C PRO F 345 -6.57 19.30 -59.97
N ARG F 346 -5.99 20.42 -59.55
CA ARG F 346 -6.41 21.72 -60.03
C ARG F 346 -5.58 22.14 -61.23
N LYS F 347 -6.24 22.76 -62.21
CA LYS F 347 -5.54 23.21 -63.40
C LYS F 347 -4.39 24.15 -63.03
N GLY F 348 -3.22 23.90 -63.61
CA GLY F 348 -2.04 24.67 -63.31
C GLY F 348 -1.08 24.05 -62.33
N LEU F 349 -1.38 22.84 -61.85
CA LEU F 349 -0.50 22.16 -60.90
C LEU F 349 0.62 21.46 -61.66
N LYS F 350 1.85 21.67 -61.21
CA LYS F 350 3.03 21.08 -61.85
C LYS F 350 3.96 20.52 -60.79
N ILE F 351 4.77 19.54 -61.19
CA ILE F 351 5.78 18.95 -60.33
C ILE F 351 7.11 18.95 -61.08
N LYS F 352 8.19 18.82 -60.31
CA LYS F 352 9.53 18.98 -60.85
C LYS F 352 10.32 17.67 -60.80
N TYR F 353 9.68 16.57 -61.16
CA TYR F 353 10.36 15.28 -61.28
C TYR F 353 11.72 15.44 -61.98
N TYR F 358 6.40 19.60 -65.82
CA TYR F 358 5.28 18.69 -66.03
C TYR F 358 3.98 19.29 -65.51
N ASP F 359 2.95 19.25 -66.35
CA ASP F 359 1.61 19.72 -65.99
C ASP F 359 0.76 18.48 -65.74
N ILE F 360 0.72 18.05 -64.47
CA ILE F 360 -0.02 16.85 -64.13
C ILE F 360 -1.48 16.99 -64.51
N SER F 361 -2.03 18.20 -64.36
CA SER F 361 -3.43 18.43 -64.75
C SER F 361 -3.63 18.20 -66.24
N GLU F 362 -2.68 18.66 -67.06
CA GLU F 362 -2.82 18.50 -68.51
C GLU F 362 -2.84 17.02 -68.87
N GLU F 363 -3.77 16.65 -69.74
CA GLU F 363 -4.05 15.24 -70.02
C GLU F 363 -2.93 14.55 -70.81
N LYS F 364 -1.95 15.29 -71.33
CA LYS F 364 -0.90 14.72 -72.15
C LYS F 364 0.45 14.66 -71.45
N SER F 365 0.83 15.71 -70.71
CA SER F 365 2.09 15.67 -69.99
C SER F 365 2.09 14.58 -68.92
N TRP F 366 0.90 14.21 -68.43
CA TRP F 366 0.81 13.14 -67.44
C TRP F 366 1.34 11.83 -68.00
N GLY F 367 1.01 11.53 -69.27
CA GLY F 367 1.53 10.31 -69.87
C GLY F 367 3.04 10.30 -69.95
N ASN F 368 3.64 11.42 -70.37
CA ASN F 368 5.10 11.50 -70.46
C ASN F 368 5.73 11.32 -69.09
N LEU F 369 5.21 12.01 -68.07
CA LEU F 369 5.76 11.88 -66.73
C LEU F 369 5.64 10.45 -66.21
N GLN F 370 4.46 9.85 -66.39
CA GLN F 370 4.22 8.48 -65.92
C GLN F 370 5.16 7.49 -66.60
N GLU F 371 5.34 7.63 -67.91
CA GLU F 371 6.28 6.75 -68.61
C GLU F 371 7.71 6.98 -68.16
N ALA F 372 8.08 8.24 -67.88
CA ALA F 372 9.42 8.52 -67.38
C ALA F 372 9.65 7.83 -66.04
N MET F 373 8.67 7.87 -65.16
CA MET F 373 8.78 7.16 -63.88
C MET F 373 7.92 5.89 -63.88
N GLY F 384 13.15 2.46 -53.12
CA GLY F 384 12.83 3.50 -52.15
C GLY F 384 11.41 3.42 -51.64
N GLY F 385 11.16 4.03 -50.48
CA GLY F 385 9.82 4.00 -49.91
C GLY F 385 8.81 4.70 -50.79
N ALA F 386 9.16 5.90 -51.28
CA ALA F 386 8.24 6.62 -52.15
C ALA F 386 7.98 5.87 -53.44
N ARG F 387 9.03 5.28 -54.03
CA ARG F 387 8.84 4.50 -55.25
C ARG F 387 7.90 3.32 -55.01
N GLU F 388 8.08 2.64 -53.88
CA GLU F 388 7.19 1.52 -53.55
C GLU F 388 5.76 1.99 -53.37
N LEU F 389 5.56 3.09 -52.65
CA LEU F 389 4.22 3.65 -52.47
C LEU F 389 3.61 4.08 -53.79
N TYR F 390 4.44 4.42 -54.78
CA TYR F 390 3.91 4.83 -56.08
C TYR F 390 3.10 3.71 -56.73
N SER F 391 3.61 2.49 -56.69
CA SER F 391 2.94 1.38 -57.37
C SER F 391 1.60 1.07 -56.74
N ARG F 392 1.54 1.05 -55.41
CA ARG F 392 0.30 0.74 -54.67
C ARG F 392 -0.58 1.99 -54.57
N ALA F 393 -1.06 2.44 -55.73
CA ALA F 393 -1.78 3.70 -55.82
C ALA F 393 -3.26 3.56 -55.47
N LYS F 394 -3.79 2.35 -55.37
CA LYS F 394 -5.20 2.15 -55.06
C LYS F 394 -5.51 2.33 -53.58
N VAL F 395 -4.49 2.38 -52.72
CA VAL F 395 -4.73 2.59 -51.30
C VAL F 395 -5.40 3.92 -51.03
N PHE F 396 -5.37 4.85 -51.98
CA PHE F 396 -6.00 6.15 -51.85
C PHE F 396 -7.36 6.21 -52.51
N SER F 397 -7.82 5.12 -53.12
CA SER F 397 -9.07 5.15 -53.86
C SER F 397 -10.22 5.68 -53.03
N PHE F 398 -10.38 5.17 -51.80
CA PHE F 398 -11.50 5.58 -50.96
C PHE F 398 -11.50 7.07 -50.68
N LEU F 399 -10.35 7.73 -50.78
CA LEU F 399 -10.30 9.17 -50.57
C LEU F 399 -11.24 9.92 -51.51
N ARG F 400 -11.53 9.36 -52.69
CA ARG F 400 -12.47 10.00 -53.60
C ARG F 400 -13.81 10.29 -52.95
N ALA F 401 -14.09 9.70 -51.78
CA ALA F 401 -15.34 9.98 -51.10
C ALA F 401 -15.45 11.44 -50.70
N PHE F 402 -14.34 12.05 -50.27
CA PHE F 402 -14.34 13.43 -49.79
C PHE F 402 -13.18 14.22 -50.38
N HIS F 403 -13.02 14.14 -51.70
CA HIS F 403 -12.00 14.90 -52.41
C HIS F 403 -12.64 15.98 -53.27
N ALA F 404 -11.96 17.12 -53.36
CA ALA F 404 -12.38 18.22 -54.21
C ALA F 404 -11.19 19.15 -54.49
N PRO F 405 -10.91 19.45 -55.76
CA PRO F 405 -9.77 20.33 -56.06
C PRO F 405 -10.12 21.79 -55.81
N GLY F 406 -9.07 22.60 -55.73
CA GLY F 406 -9.19 24.03 -55.55
C GLY F 406 -8.96 24.44 -54.11
N LYS F 407 -9.08 25.76 -53.90
CA LYS F 407 -8.97 26.33 -52.56
C LYS F 407 -10.27 26.90 -52.03
N GLU F 408 -11.22 27.24 -52.91
CA GLU F 408 -12.55 27.61 -52.46
C GLU F 408 -13.31 26.39 -51.93
N ALA F 409 -12.99 25.20 -52.43
CA ALA F 409 -13.62 23.99 -51.92
C ALA F 409 -13.07 23.62 -50.54
N ASN F 410 -11.83 23.99 -50.26
CA ASN F 410 -11.18 23.55 -49.03
C ASN F 410 -11.87 24.15 -47.81
N PHE F 411 -12.62 23.32 -47.09
CA PHE F 411 -13.28 23.78 -45.87
C PHE F 411 -12.27 24.14 -44.79
N LEU F 412 -11.09 23.52 -44.80
CA LEU F 412 -10.06 23.88 -43.83
C LEU F 412 -9.65 25.35 -44.00
N GLU F 413 -9.52 25.81 -45.25
CA GLU F 413 -9.20 27.21 -45.49
C GLU F 413 -10.41 28.09 -45.25
N THR F 414 -11.59 27.65 -45.68
CA THR F 414 -12.78 28.48 -45.54
C THR F 414 -13.08 28.78 -44.08
N ILE F 415 -12.98 27.76 -43.21
CA ILE F 415 -13.20 27.99 -41.78
C ILE F 415 -12.12 28.88 -41.21
N LYS F 416 -10.88 28.74 -41.69
CA LYS F 416 -9.81 29.59 -41.20
C LYS F 416 -10.11 31.05 -41.47
N GLU F 417 -10.54 31.39 -42.69
CA GLU F 417 -10.93 32.77 -42.93
C GLU F 417 -12.23 33.17 -42.22
N ASP F 418 -13.15 32.23 -42.01
CA ASP F 418 -14.37 32.58 -41.27
C ASP F 418 -14.04 33.02 -39.85
N LEU F 419 -13.09 32.35 -39.20
CA LEU F 419 -12.79 32.64 -37.80
C LEU F 419 -11.64 33.62 -37.61
N LEU F 420 -10.80 33.85 -38.62
CA LEU F 420 -9.65 34.74 -38.46
C LEU F 420 -9.42 35.58 -39.71
N GLY F 421 -10.47 35.97 -40.43
CA GLY F 421 -10.29 36.70 -41.66
C GLY F 421 -9.93 38.15 -41.41
N GLU F 422 -9.08 38.69 -42.28
CA GLU F 422 -8.73 40.10 -42.19
C GLU F 422 -9.94 40.98 -42.39
N LYS F 423 -10.79 40.64 -43.36
CA LYS F 423 -12.01 41.42 -43.60
C LYS F 423 -13.05 41.15 -42.53
N THR F 424 -13.25 39.89 -42.16
CA THR F 424 -14.27 39.52 -41.19
C THR F 424 -13.78 39.72 -39.76
N GLU F 425 -13.29 40.92 -39.46
CA GLU F 425 -12.87 41.23 -38.10
C GLU F 425 -14.09 41.49 -37.23
N GLY F 426 -14.21 40.74 -36.14
CA GLY F 426 -15.32 40.92 -35.24
C GLY F 426 -16.64 40.50 -35.87
N GLU F 427 -17.72 40.86 -35.18
CA GLU F 427 -19.08 40.56 -35.60
C GLU F 427 -19.40 39.08 -35.41
N GLY F 428 -18.40 38.28 -35.06
CA GLY F 428 -18.61 36.89 -34.68
C GLY F 428 -19.06 36.01 -35.82
N LYS F 429 -18.74 34.72 -35.72
CA LYS F 429 -19.25 33.70 -36.63
C LYS F 429 -19.32 32.38 -35.88
N VAL F 430 -20.45 31.70 -35.99
CA VAL F 430 -20.67 30.43 -35.31
C VAL F 430 -20.53 29.33 -36.35
N VAL F 431 -19.39 28.64 -36.35
CA VAL F 431 -19.11 27.54 -37.26
C VAL F 431 -19.44 26.24 -36.54
N ILE F 432 -20.30 25.42 -37.14
CA ILE F 432 -20.72 24.15 -36.58
C ILE F 432 -20.36 23.05 -37.57
N LEU F 433 -19.62 22.04 -37.09
CA LEU F 433 -19.21 20.92 -37.94
C LEU F 433 -20.15 19.74 -37.74
N ASP F 434 -20.55 19.09 -38.83
CA ASP F 434 -21.35 17.87 -38.77
C ASP F 434 -20.41 16.68 -38.83
N LEU F 435 -19.82 16.38 -37.66
CA LEU F 435 -18.78 15.37 -37.60
C LEU F 435 -19.23 13.98 -38.03
N PRO F 436 -20.42 13.48 -37.65
CA PRO F 436 -20.79 12.11 -38.04
C PRO F 436 -20.75 11.87 -39.54
N SER F 437 -21.16 12.85 -40.35
CA SER F 437 -21.18 12.67 -41.79
C SER F 437 -19.79 12.41 -42.37
N LEU F 438 -18.73 12.74 -41.64
CA LEU F 438 -17.38 12.47 -42.11
C LEU F 438 -16.95 11.03 -41.90
N GLY F 439 -17.69 10.27 -41.09
CA GLY F 439 -17.32 8.88 -40.89
C GLY F 439 -15.99 8.75 -40.17
N GLU F 440 -15.05 8.03 -40.79
CA GLU F 440 -13.81 7.65 -40.12
C GLU F 440 -12.75 8.74 -40.12
N ALA F 441 -12.92 9.77 -40.95
CA ALA F 441 -11.91 10.82 -41.07
C ALA F 441 -12.15 12.00 -40.14
N ALA F 442 -13.17 11.92 -39.29
CA ALA F 442 -13.56 13.08 -38.48
C ALA F 442 -12.43 13.50 -37.53
N ASP F 443 -11.80 12.53 -36.86
CA ASP F 443 -10.77 12.88 -35.89
C ASP F 443 -9.57 13.54 -36.55
N PHE F 444 -9.10 12.96 -37.66
CA PHE F 444 -7.96 13.54 -38.37
C PHE F 444 -8.28 14.93 -38.89
N PHE F 445 -9.47 15.10 -39.48
CA PHE F 445 -9.85 16.43 -39.98
C PHE F 445 -9.92 17.44 -38.85
N THR F 446 -10.50 17.06 -37.71
CA THR F 446 -10.60 17.97 -36.58
C THR F 446 -9.23 18.36 -36.05
N LEU F 447 -8.32 17.39 -35.91
CA LEU F 447 -6.99 17.70 -35.43
C LEU F 447 -6.26 18.63 -36.38
N ARG F 448 -6.35 18.36 -37.68
CA ARG F 448 -5.69 19.23 -38.66
C ARG F 448 -6.26 20.65 -38.62
N LEU F 449 -7.58 20.77 -38.52
CA LEU F 449 -8.20 22.09 -38.47
C LEU F 449 -7.77 22.85 -37.23
N MET F 450 -7.74 22.18 -36.08
CA MET F 450 -7.32 22.85 -34.85
C MET F 450 -5.87 23.29 -34.94
N ASP F 451 -5.00 22.45 -35.48
CA ASP F 451 -3.60 22.85 -35.63
C ASP F 451 -3.46 24.05 -36.55
N LEU F 452 -4.18 24.04 -37.68
CA LEU F 452 -4.11 25.16 -38.62
C LEU F 452 -4.59 26.45 -37.97
N LEU F 453 -5.71 26.38 -37.24
CA LEU F 453 -6.24 27.58 -36.59
C LEU F 453 -5.30 28.10 -35.52
N PHE F 454 -4.69 27.21 -34.74
CA PHE F 454 -3.74 27.66 -33.73
C PHE F 454 -2.52 28.31 -34.36
N ASP F 455 -2.01 27.74 -35.46
CA ASP F 455 -0.88 28.34 -36.14
C ASP F 455 -1.24 29.73 -36.65
N ARG F 456 -2.41 29.88 -37.26
CA ARG F 456 -2.82 31.21 -37.75
C ARG F 456 -2.96 32.20 -36.60
N ALA F 457 -3.55 31.77 -35.48
CA ALA F 457 -3.70 32.65 -34.34
C ALA F 457 -2.35 33.08 -33.76
N VAL F 458 -1.37 32.17 -33.74
CA VAL F 458 -0.03 32.54 -33.29
C VAL F 458 0.60 33.52 -34.26
N GLU F 459 0.36 33.34 -35.56
CA GLU F 459 0.86 34.30 -36.54
C GLU F 459 0.25 35.68 -36.34
N LEU F 460 -1.01 35.75 -35.93
CA LEU F 460 -1.72 37.01 -35.82
C LEU F 460 -1.45 37.75 -34.52
N TYR F 461 -0.64 37.19 -33.62
CA TYR F 461 -0.42 37.83 -32.33
C TYR F 461 0.30 39.17 -32.51
N GLY F 462 -0.12 40.16 -31.72
CA GLY F 462 0.42 41.50 -31.79
C GLY F 462 -0.38 42.46 -32.65
N LYS F 463 -1.23 41.94 -33.53
CA LYS F 463 -2.08 42.75 -34.39
C LYS F 463 -3.55 42.67 -34.01
N ARG F 464 -4.05 41.46 -33.73
CA ARG F 464 -5.42 41.28 -33.28
C ARG F 464 -5.51 39.96 -32.53
N GLN F 465 -6.60 39.80 -31.79
CA GLN F 465 -6.83 38.62 -30.99
C GLN F 465 -7.69 37.62 -31.76
N ALA F 466 -7.45 36.33 -31.52
CA ALA F 466 -8.26 35.30 -32.15
C ALA F 466 -9.72 35.42 -31.73
N ASN F 467 -9.96 35.45 -30.43
CA ASN F 467 -11.26 35.81 -29.87
C ASN F 467 -12.37 34.87 -30.36
N PHE F 468 -12.23 33.59 -30.02
CA PHE F 468 -13.29 32.64 -30.30
C PHE F 468 -13.22 31.47 -29.32
N LEU F 469 -14.31 30.71 -29.26
CA LEU F 469 -14.50 29.66 -28.28
C LEU F 469 -14.66 28.31 -28.97
N VAL F 470 -13.91 27.32 -28.49
CA VAL F 470 -13.96 25.96 -29.03
C VAL F 470 -14.84 25.11 -28.12
N VAL F 471 -15.89 24.52 -28.71
CA VAL F 471 -16.83 23.67 -27.98
C VAL F 471 -16.48 22.23 -28.32
N LEU F 472 -16.02 21.49 -27.31
CA LEU F 472 -15.45 20.16 -27.46
C LEU F 472 -16.22 19.15 -26.63
N GLU F 473 -16.67 18.08 -27.28
CA GLU F 473 -17.37 16.99 -26.63
C GLU F 473 -16.48 15.76 -26.59
N GLU F 474 -16.75 14.87 -25.63
CA GLU F 474 -15.93 13.68 -25.43
C GLU F 474 -14.48 14.08 -25.19
N ALA F 475 -14.28 15.10 -24.35
CA ALA F 475 -12.97 15.72 -24.22
C ALA F 475 -11.89 14.73 -23.81
N HIS F 476 -12.26 13.69 -23.04
CA HIS F 476 -11.26 12.74 -22.55
C HIS F 476 -10.53 12.05 -23.69
N ASN F 477 -11.11 12.02 -24.89
CA ASN F 477 -10.46 11.41 -26.04
C ASN F 477 -9.37 12.29 -26.63
N PHE F 478 -9.43 13.61 -26.44
CA PHE F 478 -8.49 14.53 -27.06
C PHE F 478 -7.50 15.16 -26.09
N LEU F 479 -7.83 15.23 -24.81
CA LEU F 479 -6.95 15.83 -23.81
C LEU F 479 -6.04 14.82 -23.12
N GLU F 480 -6.13 13.55 -23.51
CA GLU F 480 -5.39 12.50 -22.79
C GLU F 480 -3.88 12.70 -22.92
N ASP F 481 -3.41 12.98 -24.14
CA ASP F 481 -1.98 13.04 -24.42
C ASP F 481 -1.49 14.48 -24.36
N LYS F 482 -0.35 14.68 -23.69
CA LYS F 482 0.20 16.02 -23.48
C LYS F 482 0.90 16.57 -24.72
N ALA F 483 1.14 15.74 -25.73
CA ALA F 483 1.75 16.18 -26.98
C ALA F 483 0.71 16.45 -28.06
N GLY F 484 -0.53 16.74 -27.67
CA GLY F 484 -1.60 16.96 -28.61
C GLY F 484 -1.95 18.42 -28.78
N ILE F 485 -2.53 18.71 -29.95
CA ILE F 485 -2.90 20.09 -30.27
C ILE F 485 -3.96 20.61 -29.32
N PHE F 486 -4.94 19.77 -28.98
CA PHE F 486 -6.00 20.21 -28.07
C PHE F 486 -5.45 20.44 -26.67
N TYR F 487 -4.52 19.59 -26.22
CA TYR F 487 -3.88 19.82 -24.92
C TYR F 487 -3.11 21.13 -24.92
N ARG F 488 -2.36 21.41 -25.98
CA ARG F 488 -1.63 22.66 -26.06
C ARG F 488 -2.59 23.85 -26.10
N VAL F 489 -3.72 23.71 -26.79
CA VAL F 489 -4.71 24.78 -26.84
C VAL F 489 -5.28 25.03 -25.46
N ALA F 490 -5.60 23.96 -24.73
CA ALA F 490 -6.09 24.15 -23.37
C ALA F 490 -5.06 24.84 -22.49
N LYS F 491 -3.78 24.52 -22.69
CA LYS F 491 -2.74 25.13 -21.87
C LYS F 491 -2.52 26.61 -22.21
N GLU F 492 -2.46 26.95 -23.49
CA GLU F 492 -1.90 28.23 -23.92
C GLU F 492 -2.88 29.12 -24.67
N GLY F 493 -4.15 28.71 -24.81
CA GLY F 493 -5.07 29.47 -25.63
C GLY F 493 -5.40 30.83 -25.07
N ARG F 494 -5.37 30.98 -23.75
CA ARG F 494 -5.80 32.24 -23.14
C ARG F 494 -4.94 33.41 -23.61
N LYS F 495 -3.70 33.15 -24.03
CA LYS F 495 -2.85 34.24 -24.52
C LYS F 495 -3.43 34.88 -25.76
N TYR F 496 -3.95 34.06 -26.68
CA TYR F 496 -4.44 34.53 -27.97
C TYR F 496 -5.95 34.74 -27.99
N GLY F 497 -6.61 34.63 -26.85
CA GLY F 497 -8.05 34.84 -26.79
C GLY F 497 -8.89 33.67 -27.20
N ILE F 498 -8.36 32.46 -27.14
CA ILE F 498 -9.10 31.25 -27.49
C ILE F 498 -9.61 30.61 -26.21
N GLY F 499 -10.94 30.54 -26.08
CA GLY F 499 -11.56 29.90 -24.95
C GLY F 499 -11.95 28.46 -25.27
N MET F 500 -12.13 27.66 -24.22
CA MET F 500 -12.48 26.25 -24.39
C MET F 500 -13.64 25.89 -23.47
N LEU F 501 -14.58 25.12 -24.01
CA LEU F 501 -15.70 24.59 -23.22
C LEU F 501 -15.78 23.10 -23.54
N TYR F 502 -15.39 22.26 -22.58
CA TYR F 502 -15.25 20.84 -22.84
C TYR F 502 -16.13 20.01 -21.90
N SER F 503 -16.72 18.95 -22.47
CA SER F 503 -17.55 18.01 -21.74
C SER F 503 -16.97 16.62 -21.88
N THR F 504 -16.84 15.90 -20.77
CA THR F 504 -16.19 14.59 -20.82
C THR F 504 -16.99 13.46 -20.20
N GLN F 505 -17.70 13.73 -19.09
CA GLN F 505 -18.46 12.69 -18.41
C GLN F 505 -17.56 11.73 -17.62
N SER F 506 -16.26 11.83 -17.79
CA SER F 506 -15.29 10.99 -17.08
C SER F 506 -14.11 11.85 -16.64
N PRO F 507 -14.30 12.70 -15.63
CA PRO F 507 -13.24 13.63 -15.24
C PRO F 507 -11.93 12.95 -14.89
N ALA F 508 -11.97 11.72 -14.38
CA ALA F 508 -10.75 11.03 -14.00
C ALA F 508 -9.81 10.81 -15.16
N SER F 509 -10.29 10.93 -16.40
CA SER F 509 -9.43 10.78 -17.57
C SER F 509 -8.75 12.07 -17.99
N ILE F 510 -9.08 13.19 -17.36
CA ILE F 510 -8.51 14.49 -17.73
C ILE F 510 -7.27 14.75 -16.89
N PRO F 511 -6.17 15.19 -17.49
CA PRO F 511 -4.95 15.46 -16.71
C PRO F 511 -5.19 16.46 -15.60
N MET F 512 -4.51 16.24 -14.48
CA MET F 512 -4.71 17.08 -13.30
C MET F 512 -4.26 18.51 -13.53
N GLU F 513 -3.30 18.75 -14.42
CA GLU F 513 -2.92 20.13 -14.72
C GLU F 513 -4.10 20.89 -15.33
N ILE F 514 -4.77 20.28 -16.31
CA ILE F 514 -5.94 20.92 -16.90
C ILE F 514 -7.06 21.06 -15.88
N LEU F 515 -7.27 20.02 -15.08
CA LEU F 515 -8.33 20.10 -14.06
C LEU F 515 -8.09 21.26 -13.10
N SER F 516 -6.83 21.46 -12.68
CA SER F 516 -6.52 22.53 -11.74
C SER F 516 -6.56 23.89 -12.41
N GLN F 517 -6.18 23.98 -13.68
CA GLN F 517 -6.18 25.27 -14.37
C GLN F 517 -7.55 25.69 -14.87
N THR F 518 -8.52 24.78 -14.94
CA THR F 518 -9.84 25.15 -15.39
C THR F 518 -10.44 26.20 -14.47
N GLU F 519 -11.15 27.18 -15.05
CA GLU F 519 -11.71 28.28 -14.27
C GLU F 519 -13.17 28.05 -13.89
N ASN F 520 -13.99 27.52 -14.80
CA ASN F 520 -15.41 27.33 -14.54
C ASN F 520 -15.73 25.84 -14.47
N PHE F 521 -16.52 25.45 -13.48
CA PHE F 521 -16.91 24.07 -13.27
C PHE F 521 -18.43 23.97 -13.17
N LEU F 522 -19.02 23.05 -13.94
CA LEU F 522 -20.43 22.69 -13.79
C LEU F 522 -20.51 21.18 -13.70
N VAL F 523 -20.89 20.65 -12.54
CA VAL F 523 -20.82 19.22 -12.27
C VAL F 523 -22.22 18.70 -11.98
N LYS F 524 -22.60 17.62 -12.66
CA LYS F 524 -23.86 16.93 -12.44
C LYS F 524 -23.58 15.54 -11.88
N HIS F 525 -24.64 14.74 -11.76
CA HIS F 525 -24.51 13.39 -11.22
C HIS F 525 -23.45 12.60 -11.99
N LEU F 526 -22.53 12.02 -11.23
CA LEU F 526 -21.46 11.18 -11.78
C LEU F 526 -21.60 9.76 -11.26
N SER F 527 -21.33 8.79 -12.12
CA SER F 527 -21.54 7.39 -11.81
C SER F 527 -20.28 6.67 -11.35
N SER F 528 -19.17 7.38 -11.14
CA SER F 528 -17.92 6.73 -10.77
C SER F 528 -17.32 7.40 -9.54
N GLU F 529 -16.93 6.56 -8.58
CA GLU F 529 -16.30 7.06 -7.36
C GLU F 529 -14.97 7.72 -7.63
N GLU F 530 -14.16 7.17 -8.55
CA GLU F 530 -12.91 7.81 -8.92
C GLU F 530 -13.15 9.17 -9.57
N ASP F 531 -14.16 9.26 -10.43
CA ASP F 531 -14.52 10.54 -11.02
C ASP F 531 -14.88 11.55 -9.94
N VAL F 532 -15.63 11.13 -8.93
CA VAL F 532 -15.97 12.04 -7.84
C VAL F 532 -14.72 12.44 -7.07
N LYS F 533 -13.82 11.49 -6.81
CA LYS F 533 -12.64 11.77 -6.00
C LYS F 533 -11.72 12.78 -6.68
N VAL F 534 -11.54 12.66 -8.00
CA VAL F 534 -10.63 13.57 -8.69
C VAL F 534 -11.10 15.02 -8.56
N LEU F 535 -12.41 15.25 -8.46
CA LEU F 535 -12.91 16.61 -8.30
C LEU F 535 -12.37 17.25 -7.03
N LYS F 536 -12.45 16.54 -5.91
CA LYS F 536 -11.92 17.10 -4.67
C LYS F 536 -10.40 17.17 -4.69
N ARG F 537 -9.74 16.20 -5.32
CA ARG F 537 -8.29 16.29 -5.41
C ARG F 537 -7.81 17.45 -6.27
N ALA F 538 -8.65 17.94 -7.18
CA ALA F 538 -8.30 19.09 -8.01
C ALA F 538 -8.71 20.42 -7.39
N LYS F 539 -9.88 20.49 -6.76
CA LYS F 539 -10.36 21.72 -6.13
C LYS F 539 -10.81 21.41 -4.71
N ALA F 540 -10.26 22.13 -3.74
CA ALA F 540 -10.64 21.91 -2.35
C ALA F 540 -12.11 22.18 -2.08
N PRO F 541 -12.71 23.27 -2.56
CA PRO F 541 -14.11 23.54 -2.20
C PRO F 541 -15.07 22.43 -2.58
N PHE F 542 -14.69 21.56 -3.50
CA PHE F 542 -15.55 20.45 -3.91
C PHE F 542 -15.51 19.28 -2.92
N ALA F 543 -14.97 19.50 -1.72
CA ALA F 543 -14.95 18.42 -0.72
C ALA F 543 -16.31 18.20 -0.09
N PHE F 544 -17.21 19.19 -0.14
CA PHE F 544 -18.47 19.13 0.57
C PHE F 544 -19.62 18.59 -0.24
N VAL F 545 -19.45 18.38 -1.55
CA VAL F 545 -20.53 17.92 -2.43
C VAL F 545 -20.21 16.58 -3.08
N ALA F 546 -19.01 16.03 -2.87
CA ALA F 546 -18.64 14.79 -3.52
C ALA F 546 -19.57 13.65 -3.12
N ASP F 547 -19.92 13.57 -1.83
CA ASP F 547 -20.82 12.50 -1.39
C ASP F 547 -22.22 12.65 -1.97
N PHE F 548 -22.70 13.89 -2.10
CA PHE F 548 -23.99 14.10 -2.74
C PHE F 548 -23.97 13.66 -4.19
N LEU F 549 -22.89 13.97 -4.91
CA LEU F 549 -22.84 13.67 -6.34
C LEU F 549 -22.90 12.18 -6.62
N LEU F 550 -22.44 11.35 -5.68
CA LEU F 550 -22.29 9.92 -5.96
C LEU F 550 -23.55 9.10 -5.70
N SER F 551 -24.60 9.70 -5.13
CA SER F 551 -25.78 8.92 -4.79
C SER F 551 -27.09 9.63 -5.10
N GLU F 552 -27.07 10.71 -5.88
CA GLU F 552 -28.27 11.50 -6.15
C GLU F 552 -28.40 11.74 -7.65
N PRO F 553 -28.99 10.78 -8.38
CA PRO F 553 -29.28 10.98 -9.81
C PRO F 553 -30.49 11.88 -10.06
N ILE F 554 -30.25 13.19 -10.03
CA ILE F 554 -31.27 14.20 -10.25
C ILE F 554 -30.99 14.89 -11.58
N ILE F 555 -32.02 15.01 -12.41
CA ILE F 555 -31.89 15.60 -13.74
C ILE F 555 -32.07 17.11 -13.63
N GLY F 556 -31.13 17.85 -14.20
CA GLY F 556 -31.18 19.30 -14.16
C GLY F 556 -30.62 19.94 -12.92
N TYR F 557 -29.99 19.16 -12.04
CA TYR F 557 -29.44 19.63 -10.78
C TYR F 557 -27.92 19.69 -10.93
N SER F 558 -27.35 20.87 -10.74
CA SER F 558 -25.93 21.08 -11.01
C SER F 558 -25.25 21.73 -9.83
N TYR F 559 -23.93 21.54 -9.74
CA TYR F 559 -23.09 22.25 -8.79
C TYR F 559 -22.16 23.14 -9.61
N VAL F 560 -22.25 24.44 -9.37
CA VAL F 560 -21.51 25.42 -10.18
C VAL F 560 -20.45 26.07 -9.31
N TYR F 561 -19.31 26.35 -9.94
CA TYR F 561 -18.19 27.00 -9.26
C TYR F 561 -17.42 27.81 -10.29
N PHE F 562 -17.45 29.14 -10.16
CA PHE F 562 -16.82 30.04 -11.12
C PHE F 562 -15.68 30.78 -10.42
N GLU F 563 -14.45 30.45 -10.78
CA GLU F 563 -13.29 31.10 -10.22
C GLU F 563 -13.03 32.44 -10.91
N PRO F 564 -12.28 33.34 -10.26
CA PRO F 564 -11.68 33.20 -8.94
C PRO F 564 -12.42 33.98 -7.85
N TYR F 565 -13.63 34.46 -8.15
CA TYR F 565 -14.34 35.36 -7.24
C TYR F 565 -15.53 34.70 -6.56
N GLN F 566 -15.70 33.38 -6.69
CA GLN F 566 -16.80 32.70 -6.04
C GLN F 566 -16.29 32.00 -4.80
N PRO F 567 -16.83 32.29 -3.62
CA PRO F 567 -16.35 31.64 -2.39
C PRO F 567 -16.49 30.12 -2.41
N PHE F 568 -17.70 29.61 -2.63
CA PHE F 568 -17.97 28.19 -2.47
C PHE F 568 -18.86 27.70 -3.61
N VAL F 569 -18.96 26.38 -3.73
CA VAL F 569 -19.76 25.73 -4.75
C VAL F 569 -21.24 25.93 -4.44
N VAL F 570 -22.04 26.18 -5.48
CA VAL F 570 -23.45 26.51 -5.32
C VAL F 570 -24.28 25.44 -6.03
N PRO F 571 -25.25 24.82 -5.36
CA PRO F 571 -26.16 23.90 -6.04
C PRO F 571 -27.34 24.64 -6.66
N LEU F 572 -27.61 24.37 -7.92
CA LEU F 572 -28.61 25.10 -8.68
C LEU F 572 -29.51 24.16 -9.46
N ARG F 573 -30.78 24.56 -9.57
CA ARG F 573 -31.68 24.10 -10.62
C ARG F 573 -31.49 25.08 -11.77
N VAL F 574 -31.00 24.56 -12.89
CA VAL F 574 -30.65 25.41 -14.03
C VAL F 574 -31.88 25.67 -14.88
N LYS F 575 -32.01 26.91 -15.36
CA LYS F 575 -33.15 27.29 -16.17
C LYS F 575 -33.12 26.58 -17.52
N LEU F 576 -34.30 26.39 -18.10
CA LEU F 576 -34.40 25.78 -19.42
C LEU F 576 -34.18 26.83 -20.50
N LEU F 577 -33.77 26.36 -21.68
CA LEU F 577 -33.53 27.27 -22.79
C LEU F 577 -34.80 27.99 -23.21
N GLU F 578 -35.95 27.32 -23.12
CA GLU F 578 -37.22 27.97 -23.46
C GLU F 578 -37.47 29.19 -22.59
N HIS F 579 -37.32 29.03 -21.28
CA HIS F 579 -37.51 30.15 -20.36
C HIS F 579 -36.44 31.22 -20.53
N VAL F 580 -35.20 30.81 -20.81
CA VAL F 580 -34.14 31.79 -21.06
C VAL F 580 -34.50 32.65 -22.26
N LEU F 581 -35.00 32.03 -23.33
CA LEU F 581 -35.40 32.79 -24.51
C LEU F 581 -36.58 33.70 -24.20
N LYS F 582 -37.60 33.18 -23.51
CA LYS F 582 -38.75 33.99 -23.16
C LYS F 582 -38.37 35.20 -22.32
N SER F 583 -37.36 35.07 -21.46
CA SER F 583 -36.85 36.20 -20.70
C SER F 583 -35.99 37.15 -21.53
N LEU F 584 -35.23 36.61 -22.48
CA LEU F 584 -34.38 37.46 -23.31
C LEU F 584 -35.18 38.31 -24.28
N ASP F 585 -36.32 37.81 -24.75
CA ASP F 585 -37.10 38.57 -25.73
C ASP F 585 -37.49 39.93 -25.18
N SER F 586 -37.92 39.97 -23.92
CA SER F 586 -38.29 41.22 -23.27
C SER F 586 -37.16 41.72 -22.38
N LEU G 11 -5.02 22.55 46.25
CA LEU G 11 -6.25 21.94 46.71
C LEU G 11 -6.63 22.44 48.11
N GLY G 12 -5.65 22.90 48.86
CA GLY G 12 -5.88 23.47 50.17
C GLY G 12 -5.27 22.75 51.34
N LEU G 13 -4.16 22.05 51.14
CA LEU G 13 -3.43 21.47 52.27
C LEU G 13 -2.82 22.60 53.10
N LYS G 14 -2.15 22.22 54.20
CA LYS G 14 -1.57 23.05 55.24
C LYS G 14 -2.65 23.63 56.15
N ASP G 15 -3.94 23.46 55.83
CA ASP G 15 -4.99 23.82 56.77
C ASP G 15 -5.22 22.73 57.81
N PHE G 16 -4.69 21.53 57.57
CA PHE G 16 -4.74 20.45 58.53
C PHE G 16 -3.44 20.25 59.29
N LEU G 17 -2.31 20.70 58.72
CA LEU G 17 -1.01 20.42 59.30
C LEU G 17 -0.86 21.05 60.68
N ASP G 18 -1.31 22.29 60.85
CA ASP G 18 -1.08 22.99 62.10
C ASP G 18 -1.65 22.20 63.28
N ASP G 19 -0.84 22.06 64.33
CA ASP G 19 -1.20 21.30 65.51
C ASP G 19 -1.48 19.83 65.16
N LEU G 20 -0.43 19.16 64.68
CA LEU G 20 -0.55 17.77 64.25
C LEU G 20 -0.88 16.85 65.42
N ARG G 21 -0.17 17.00 66.53
CA ARG G 21 -0.38 16.19 67.73
C ARG G 21 -0.17 14.69 67.42
N LEU G 22 1.09 14.38 67.13
CA LEU G 22 1.51 13.02 66.79
C LEU G 22 2.12 12.27 67.98
N ASP G 23 1.58 12.50 69.19
CA ASP G 23 2.13 11.91 70.41
C ASP G 23 1.55 10.54 70.75
N HIS G 24 0.65 10.01 69.92
CA HIS G 24 0.01 8.73 70.21
C HIS G 24 0.60 7.56 69.43
N TYR G 25 1.29 7.84 68.32
CA TYR G 25 1.90 6.76 67.55
C TYR G 25 2.94 6.02 68.35
N GLN G 26 3.44 6.63 69.43
CA GLN G 26 4.38 5.93 70.31
C GLN G 26 3.72 4.75 71.01
N ASP G 27 2.67 5.01 71.77
CA ASP G 27 2.00 3.92 72.49
C ASP G 27 1.25 2.98 71.56
N LEU G 28 0.77 3.48 70.41
CA LEU G 28 0.18 2.57 69.43
C LEU G 28 1.16 1.48 69.04
N LEU G 29 2.37 1.87 68.63
CA LEU G 29 3.38 0.89 68.26
C LEU G 29 3.86 0.08 69.46
N ARG G 30 3.90 0.69 70.64
CA ARG G 30 4.27 -0.07 71.84
C ARG G 30 3.31 -1.24 72.05
N GLU G 31 2.01 -0.98 72.00
CA GLU G 31 1.03 -2.04 72.21
C GLU G 31 1.03 -3.04 71.05
N LEU G 32 1.23 -2.57 69.81
CA LEU G 32 1.34 -3.51 68.71
C LEU G 32 2.52 -4.45 68.89
N ASP G 33 3.65 -3.91 69.35
CA ASP G 33 4.81 -4.75 69.63
C ASP G 33 4.53 -5.71 70.78
N GLU G 34 3.77 -5.28 71.77
CA GLU G 34 3.39 -6.19 72.85
C GLU G 34 2.59 -7.37 72.31
N LEU G 35 1.62 -7.10 71.43
CA LEU G 35 0.84 -8.18 70.82
C LEU G 35 1.73 -9.09 69.99
N TYR G 36 2.67 -8.51 69.22
CA TYR G 36 3.56 -9.35 68.43
C TYR G 36 4.42 -10.23 69.33
N GLN G 37 4.89 -9.70 70.45
CA GLN G 37 5.66 -10.50 71.39
C GLN G 37 4.81 -11.64 71.95
N LYS G 38 3.55 -11.35 72.29
CA LYS G 38 2.66 -12.42 72.73
C LYS G 38 2.52 -13.49 71.66
N LEU G 39 2.42 -13.10 70.39
CA LEU G 39 2.33 -14.07 69.31
C LEU G 39 3.61 -14.90 69.22
N LYS G 40 4.76 -14.28 69.39
CA LYS G 40 6.03 -14.97 69.17
C LYS G 40 6.20 -16.20 70.06
N GLN G 41 5.48 -16.28 71.17
CA GLN G 41 5.56 -17.41 72.09
C GLN G 41 4.38 -18.37 71.93
N GLU G 42 3.92 -18.58 70.70
CA GLU G 42 2.83 -19.49 70.41
C GLU G 42 3.35 -20.69 69.63
N ARG G 43 2.95 -21.89 70.04
CA ARG G 43 3.36 -23.09 69.34
C ARG G 43 2.79 -23.10 67.93
N GLN G 44 3.61 -23.54 66.98
CA GLN G 44 3.25 -23.58 65.56
C GLN G 44 3.20 -25.04 65.14
N VAL G 45 2.03 -25.66 65.27
CA VAL G 45 1.93 -27.08 64.92
C VAL G 45 2.09 -27.24 63.42
N PRO G 46 2.99 -28.12 62.95
CA PRO G 46 3.23 -28.22 61.51
C PRO G 46 1.97 -28.61 60.76
N LEU G 47 1.88 -28.13 59.52
CA LEU G 47 0.73 -28.37 58.64
C LEU G 47 1.19 -28.93 57.30
N HIS G 48 2.05 -29.95 57.36
CA HIS G 48 2.50 -30.62 56.15
C HIS G 48 1.31 -31.07 55.31
N GLY G 49 1.52 -31.28 54.02
CA GLY G 49 0.43 -31.58 53.11
C GLY G 49 -0.38 -32.80 53.48
N ASP G 50 0.28 -33.89 53.84
CA ASP G 50 -0.42 -35.11 54.19
C ASP G 50 -1.11 -34.96 55.55
N GLY G 51 -2.01 -35.89 55.83
CA GLY G 51 -2.75 -35.89 57.09
C GLY G 51 -4.19 -36.30 56.93
N GLU G 52 -4.68 -37.13 57.84
CA GLU G 52 -6.08 -37.55 57.79
C GLU G 52 -6.98 -36.32 57.88
N ALA G 53 -7.96 -36.26 56.97
CA ALA G 53 -8.85 -35.11 56.90
C ALA G 53 -10.28 -35.59 56.68
N TYR G 54 -11.23 -34.74 57.09
CA TYR G 54 -12.66 -34.98 56.91
C TYR G 54 -13.12 -34.47 55.55
N PRO G 55 -14.28 -34.90 55.10
CA PRO G 55 -14.93 -34.23 53.97
C PRO G 55 -15.48 -32.88 54.42
N LEU G 56 -16.02 -32.13 53.46
CA LEU G 56 -16.49 -30.78 53.72
C LEU G 56 -17.94 -30.61 53.26
N LEU G 57 -18.65 -29.71 53.94
CA LEU G 57 -20.01 -29.33 53.58
C LEU G 57 -20.18 -27.86 53.93
N THR G 58 -20.11 -26.99 52.93
CA THR G 58 -20.04 -25.55 53.16
C THR G 58 -21.40 -24.90 52.89
N LEU G 59 -21.83 -24.05 53.82
CA LEU G 59 -23.08 -23.32 53.70
C LEU G 59 -22.78 -21.83 53.52
N THR G 60 -23.67 -21.12 52.83
CA THR G 60 -23.47 -19.70 52.59
C THR G 60 -24.80 -19.04 52.35
N VAL G 61 -24.82 -17.72 52.53
CA VAL G 61 -26.01 -16.90 52.34
C VAL G 61 -25.61 -15.63 51.60
N ASP G 62 -26.45 -15.19 50.67
CA ASP G 62 -26.23 -13.96 49.94
C ASP G 62 -27.53 -13.18 49.84
N GLY G 63 -27.40 -11.88 49.62
CA GLY G 63 -28.56 -11.01 49.56
C GLY G 63 -28.44 -9.98 48.45
N GLY G 64 -29.59 -9.68 47.85
CA GLY G 64 -29.69 -8.62 46.87
C GLY G 64 -30.80 -7.65 47.20
N GLU G 65 -30.73 -6.48 46.55
CA GLU G 65 -31.67 -5.40 46.84
C GLU G 65 -32.21 -4.82 45.55
N GLY G 66 -33.52 -4.57 45.52
CA GLY G 66 -34.11 -3.89 44.39
C GLY G 66 -33.80 -2.40 44.40
N ARG G 67 -33.87 -1.79 43.22
CA ARG G 67 -33.50 -0.38 43.10
C ARG G 67 -34.39 0.48 44.00
N ALA G 68 -33.74 1.43 44.70
CA ALA G 68 -34.39 2.35 45.62
C ALA G 68 -34.80 1.70 46.93
N PHE G 69 -34.15 0.59 47.33
CA PHE G 69 -34.46 -0.01 48.62
C PHE G 69 -34.01 0.87 49.77
N GLU G 70 -32.89 1.58 49.61
CA GLU G 70 -32.43 2.50 50.65
C GLU G 70 -33.23 3.79 50.63
N GLU G 71 -33.28 4.46 49.47
CA GLU G 71 -33.99 5.73 49.38
C GLU G 71 -35.48 5.56 49.66
N LEU G 72 -36.10 4.54 49.07
CA LEU G 72 -37.53 4.27 49.21
C LEU G 72 -37.75 2.80 49.49
N PRO G 73 -37.46 2.34 50.71
CA PRO G 73 -37.66 0.92 51.05
C PRO G 73 -39.12 0.50 51.08
N LEU G 74 -40.06 1.42 50.85
CA LEU G 74 -41.48 1.09 50.84
C LEU G 74 -42.02 0.77 49.45
N LEU G 75 -41.17 0.82 48.42
CA LEU G 75 -41.56 0.46 47.07
C LEU G 75 -40.70 -0.64 46.48
N SER G 76 -39.69 -1.11 47.22
CA SER G 76 -38.77 -2.15 46.76
C SER G 76 -38.84 -3.35 47.72
N PHE G 77 -37.94 -4.30 47.50
CA PHE G 77 -37.91 -5.57 48.22
C PHE G 77 -36.50 -6.11 48.24
N GLY G 78 -36.31 -7.21 48.96
CA GLY G 78 -34.99 -7.81 49.15
C GLY G 78 -35.01 -9.29 48.87
N LEU G 79 -33.88 -9.80 48.38
CA LEU G 79 -33.72 -11.22 48.04
C LEU G 79 -32.71 -11.83 49.00
N VAL G 80 -33.05 -12.99 49.58
CA VAL G 80 -32.12 -13.75 50.41
C VAL G 80 -32.03 -15.16 49.86
N ARG G 81 -30.81 -15.63 49.62
CA ARG G 81 -30.61 -16.97 49.10
C ARG G 81 -29.54 -17.69 49.91
N VAL G 82 -29.91 -18.83 50.49
CA VAL G 82 -29.00 -19.69 51.25
C VAL G 82 -28.78 -20.96 50.47
N ALA G 83 -27.51 -21.32 50.28
CA ALA G 83 -27.13 -22.48 49.49
C ALA G 83 -25.98 -23.22 50.15
N ALA G 84 -25.96 -24.54 49.97
CA ALA G 84 -24.93 -25.39 50.54
C ALA G 84 -24.36 -26.30 49.46
N VAL G 85 -23.05 -26.55 49.56
CA VAL G 85 -22.34 -27.41 48.62
C VAL G 85 -21.58 -28.46 49.41
N GLY G 86 -21.78 -29.73 49.07
CA GLY G 86 -21.04 -30.81 49.66
C GLY G 86 -19.84 -31.19 48.81
N VAL G 87 -18.67 -30.69 49.17
CA VAL G 87 -17.45 -30.94 48.42
C VAL G 87 -17.66 -30.51 46.97
N LYS G 88 -18.24 -31.39 46.15
CA LYS G 88 -18.48 -31.09 44.75
C LYS G 88 -19.95 -31.11 44.37
N GLY G 89 -20.67 -32.19 44.67
CA GLY G 89 -22.02 -32.32 44.19
C GLY G 89 -23.01 -32.92 45.17
N PHE G 90 -22.55 -33.28 46.36
CA PHE G 90 -23.46 -33.79 47.40
C PHE G 90 -24.04 -32.65 48.22
N ARG G 91 -24.62 -31.67 47.52
CA ARG G 91 -25.10 -30.43 48.11
C ARG G 91 -26.59 -30.51 48.42
N LEU G 92 -27.03 -29.60 49.29
CA LEU G 92 -28.42 -29.51 49.70
C LEU G 92 -29.19 -28.65 48.71
N PRO G 93 -30.51 -28.48 48.93
CA PRO G 93 -31.26 -27.53 48.10
C PRO G 93 -30.87 -26.09 48.39
N SER G 94 -31.54 -25.13 47.76
CA SER G 94 -31.27 -23.72 47.98
C SER G 94 -32.56 -23.02 48.37
N ILE G 95 -32.53 -22.30 49.49
CA ILE G 95 -33.71 -21.59 49.97
C ILE G 95 -33.61 -20.14 49.55
N ALA G 96 -34.61 -19.67 48.80
CA ALA G 96 -34.65 -18.28 48.34
C ALA G 96 -35.95 -17.65 48.82
N HIS G 97 -35.85 -16.46 49.39
CA HIS G 97 -37.01 -15.75 49.91
C HIS G 97 -36.96 -14.28 49.52
N LEU G 98 -38.13 -13.74 49.19
CA LEU G 98 -38.30 -12.33 48.87
C LEU G 98 -39.03 -11.64 50.02
N LEU G 99 -38.43 -10.57 50.52
CA LEU G 99 -39.03 -9.74 51.57
C LEU G 99 -39.51 -8.43 50.96
N PRO G 100 -40.81 -8.22 50.81
CA PRO G 100 -41.29 -6.94 50.29
C PRO G 100 -41.00 -5.82 51.29
N GLY G 101 -40.59 -4.67 50.76
CA GLY G 101 -40.22 -3.55 51.59
C GLY G 101 -41.37 -2.98 52.40
N TYR G 102 -42.49 -2.68 51.74
CA TYR G 102 -43.64 -2.11 52.41
C TYR G 102 -44.22 -3.09 53.43
N GLU G 103 -44.75 -4.21 52.93
CA GLU G 103 -45.31 -5.32 53.70
C GLU G 103 -45.30 -5.10 55.21
N VAL G 104 -44.61 -5.97 55.93
CA VAL G 104 -44.50 -5.89 57.38
C VAL G 104 -43.07 -5.55 57.81
N LEU G 105 -42.16 -5.37 56.86
CA LEU G 105 -40.79 -5.00 57.20
C LEU G 105 -40.76 -3.65 57.91
N ARG G 106 -41.62 -2.73 57.49
CA ARG G 106 -41.67 -1.42 58.16
C ARG G 106 -42.12 -1.55 59.60
N ASP G 107 -42.92 -2.57 59.91
CA ASP G 107 -43.42 -2.82 61.26
C ASP G 107 -43.10 -4.27 61.64
N PRO G 108 -41.85 -4.55 61.99
CA PRO G 108 -41.45 -5.93 62.28
C PRO G 108 -42.14 -6.51 63.51
N LYS G 109 -41.83 -7.77 63.82
CA LYS G 109 -42.37 -8.54 64.93
C LYS G 109 -43.73 -9.14 64.56
N GLY G 110 -44.26 -8.85 63.38
CA GLY G 110 -45.46 -9.51 62.91
C GLY G 110 -45.21 -10.30 61.64
N TYR G 111 -44.24 -9.84 60.86
CA TYR G 111 -43.85 -10.55 59.65
C TYR G 111 -43.32 -11.94 59.99
N LEU G 112 -42.51 -12.04 61.04
CA LEU G 112 -41.98 -13.34 61.45
C LEU G 112 -43.10 -14.28 61.86
N GLU G 113 -44.09 -13.77 62.61
CA GLU G 113 -45.21 -14.61 63.00
C GLU G 113 -45.99 -15.07 61.77
N GLY G 114 -46.29 -14.15 60.85
CA GLY G 114 -47.02 -14.54 59.65
C GLY G 114 -46.27 -15.57 58.83
N LEU G 115 -44.94 -15.44 58.75
CA LEU G 115 -44.15 -16.40 57.97
C LEU G 115 -44.11 -17.76 58.66
N LEU G 116 -43.85 -17.78 59.97
CA LEU G 116 -43.75 -19.05 60.68
C LEU G 116 -45.07 -19.79 60.66
N GLU G 117 -46.19 -19.07 60.85
CA GLU G 117 -47.51 -19.68 60.79
C GLU G 117 -48.01 -19.85 59.37
N ARG G 118 -47.12 -19.81 58.39
CA ARG G 118 -47.52 -20.02 57.01
C ARG G 118 -48.21 -21.37 56.85
N SER G 119 -49.45 -21.34 56.36
CA SER G 119 -50.14 -22.59 56.07
C SER G 119 -49.43 -23.35 54.98
N GLU G 120 -48.93 -22.66 53.95
CA GLU G 120 -48.18 -23.31 52.89
C GLU G 120 -46.90 -23.93 53.42
N GLU G 121 -46.20 -23.22 54.32
CA GLU G 121 -44.91 -23.67 54.84
C GLU G 121 -43.88 -23.76 53.71
N SER G 122 -43.72 -22.64 53.01
CA SER G 122 -42.69 -22.56 51.98
C SER G 122 -41.33 -22.90 52.59
N PRO G 123 -40.34 -23.20 51.76
CA PRO G 123 -39.05 -23.69 52.31
C PRO G 123 -38.46 -22.78 53.37
N ALA G 124 -38.56 -21.46 53.19
CA ALA G 124 -37.99 -20.54 54.17
C ALA G 124 -38.66 -20.71 55.53
N ALA G 125 -40.00 -20.84 55.55
CA ALA G 125 -40.70 -21.02 56.81
C ALA G 125 -40.50 -22.42 57.37
N ASP G 126 -40.43 -23.43 56.51
CA ASP G 126 -40.20 -24.80 56.97
C ASP G 126 -38.85 -24.93 57.66
N ALA G 127 -37.81 -24.32 57.09
CA ALA G 127 -36.50 -24.38 57.70
C ALA G 127 -36.50 -23.72 59.08
N LEU G 128 -37.15 -22.57 59.20
CA LEU G 128 -37.23 -21.90 60.50
C LEU G 128 -38.01 -22.72 61.50
N LYS G 129 -39.12 -23.33 61.06
CA LYS G 129 -39.88 -24.21 61.94
C LYS G 129 -39.01 -25.34 62.47
N THR G 130 -38.30 -26.02 61.57
CA THR G 130 -37.43 -27.12 61.99
C THR G 130 -36.35 -26.64 62.94
N PHE G 131 -35.71 -25.52 62.61
CA PHE G 131 -34.66 -24.98 63.47
C PHE G 131 -35.19 -24.69 64.87
N PHE G 132 -36.30 -23.96 64.96
CA PHE G 132 -36.86 -23.61 66.26
C PHE G 132 -37.21 -24.87 67.05
N ARG G 133 -37.95 -25.80 66.43
CA ARG G 133 -38.41 -26.97 67.17
C ARG G 133 -37.23 -27.82 67.63
N ALA G 134 -36.24 -28.02 66.76
CA ALA G 134 -35.11 -28.88 67.11
C ALA G 134 -34.23 -28.25 68.18
N THR G 135 -33.86 -26.98 68.00
CA THR G 135 -32.92 -26.35 68.91
C THR G 135 -33.57 -25.85 70.20
N GLY G 136 -34.90 -25.79 70.26
CA GLY G 136 -35.55 -25.24 71.44
C GLY G 136 -35.52 -23.74 71.55
N ILE G 137 -35.07 -23.05 70.51
CA ILE G 137 -35.01 -21.59 70.52
C ILE G 137 -36.37 -21.05 70.12
N SER G 138 -36.95 -20.20 70.97
CA SER G 138 -38.25 -19.61 70.72
C SER G 138 -38.09 -18.21 70.13
N LEU G 139 -39.21 -17.66 69.67
CA LEU G 139 -39.20 -16.33 69.07
C LEU G 139 -38.88 -15.24 70.09
N GLU G 140 -38.91 -15.56 71.39
CA GLU G 140 -38.54 -14.61 72.43
C GLU G 140 -37.05 -14.57 72.70
N ASP G 141 -36.28 -15.52 72.16
CA ASP G 141 -34.83 -15.47 72.31
C ASP G 141 -34.20 -14.41 71.41
N LEU G 142 -34.86 -14.08 70.30
CA LEU G 142 -34.34 -13.05 69.41
C LEU G 142 -34.33 -11.68 70.07
N GLY G 143 -35.05 -11.50 71.17
CA GLY G 143 -35.11 -10.20 71.79
C GLY G 143 -35.89 -9.20 70.94
N GLU G 144 -35.59 -7.92 71.17
CA GLU G 144 -36.23 -6.84 70.45
C GLU G 144 -35.27 -6.09 69.53
N TYR G 145 -34.05 -6.59 69.36
CA TYR G 145 -33.10 -5.92 68.47
C TYR G 145 -33.56 -6.01 67.02
N TYR G 146 -34.10 -7.16 66.61
CA TYR G 146 -34.58 -7.30 65.24
C TYR G 146 -35.82 -6.48 64.97
N THR G 147 -36.56 -6.11 66.00
CA THR G 147 -37.73 -5.24 65.87
C THR G 147 -37.36 -3.77 65.96
N LYS G 148 -36.07 -3.45 66.09
CA LYS G 148 -35.65 -2.05 66.17
C LYS G 148 -35.98 -1.30 64.90
N ASP G 149 -35.65 -1.86 63.74
CA ASP G 149 -35.94 -1.23 62.47
C ASP G 149 -35.55 -2.20 61.35
N LEU G 150 -35.82 -1.80 60.11
CA LEU G 150 -35.65 -2.69 58.97
C LEU G 150 -34.18 -3.04 58.73
N ARG G 151 -33.27 -2.10 58.97
CA ARG G 151 -31.86 -2.37 58.75
C ARG G 151 -31.36 -3.50 59.65
N ALA G 152 -31.77 -3.49 60.91
CA ALA G 152 -31.42 -4.58 61.81
C ALA G 152 -32.21 -5.84 61.46
N PHE G 153 -33.46 -5.69 61.05
CA PHE G 153 -34.29 -6.85 60.75
C PHE G 153 -33.71 -7.66 59.60
N MET G 154 -33.22 -7.00 58.56
CA MET G 154 -32.65 -7.72 57.42
C MET G 154 -31.50 -8.61 57.86
N GLY G 155 -30.54 -8.04 58.60
CA GLY G 155 -29.39 -8.82 59.03
C GLY G 155 -29.76 -9.94 59.99
N ILE G 156 -30.64 -9.65 60.95
CA ILE G 156 -31.03 -10.68 61.91
C ILE G 156 -31.75 -11.81 61.19
N PHE G 157 -32.63 -11.47 60.24
CA PHE G 157 -33.33 -12.49 59.47
C PHE G 157 -32.35 -13.34 58.68
N ARG G 158 -31.35 -12.72 58.06
CA ARG G 158 -30.38 -13.49 57.30
C ARG G 158 -29.58 -14.43 58.20
N ASP G 159 -29.17 -13.96 59.38
CA ASP G 159 -28.43 -14.80 60.30
C ASP G 159 -29.28 -15.98 60.76
N VAL G 160 -30.52 -15.71 61.15
CA VAL G 160 -31.41 -16.78 61.60
C VAL G 160 -31.70 -17.75 60.47
N LEU G 161 -31.81 -17.24 59.24
CA LEU G 161 -32.03 -18.11 58.09
C LEU G 161 -30.85 -19.03 57.86
N GLU G 162 -29.63 -18.53 57.99
CA GLU G 162 -28.46 -19.41 57.83
C GLU G 162 -28.43 -20.47 58.93
N TRP G 163 -28.69 -20.08 60.18
CA TRP G 163 -28.72 -21.07 61.26
C TRP G 163 -29.80 -22.12 61.02
N ALA G 164 -30.99 -21.68 60.61
CA ALA G 164 -32.09 -22.60 60.36
C ALA G 164 -31.77 -23.52 59.19
N TYR G 165 -31.12 -23.00 58.16
CA TYR G 165 -30.69 -23.85 57.05
C TYR G 165 -29.72 -24.92 57.51
N LEU G 166 -28.75 -24.56 58.35
CA LEU G 166 -27.83 -25.56 58.87
C LEU G 166 -28.57 -26.64 59.64
N VAL G 167 -29.45 -26.22 60.57
CA VAL G 167 -30.15 -27.20 61.40
C VAL G 167 -31.06 -28.08 60.55
N TRP G 168 -31.77 -27.49 59.59
CA TRP G 168 -32.68 -28.25 58.74
C TRP G 168 -31.91 -29.24 57.86
N GLY G 169 -30.77 -28.83 57.32
CA GLY G 169 -29.94 -29.76 56.58
C GLY G 169 -29.43 -30.90 57.42
N VAL G 170 -29.07 -30.64 58.68
CA VAL G 170 -28.68 -31.71 59.58
C VAL G 170 -29.84 -32.63 59.94
N GLU G 171 -31.06 -32.11 60.06
CA GLU G 171 -32.17 -32.89 60.59
C GLU G 171 -32.99 -33.62 59.54
N LYS G 172 -33.18 -33.06 58.35
CA LYS G 172 -34.10 -33.63 57.38
C LYS G 172 -33.46 -34.10 56.08
N VAL G 173 -32.19 -33.78 55.83
CA VAL G 173 -31.56 -34.16 54.57
C VAL G 173 -30.38 -35.09 54.84
N LEU G 174 -29.75 -34.95 56.00
CA LEU G 174 -28.62 -35.81 56.39
C LEU G 174 -28.91 -36.30 57.80
N GLN G 175 -29.66 -37.41 57.89
CA GLN G 175 -30.10 -37.92 59.18
C GLN G 175 -28.96 -38.56 59.96
N GLU G 176 -28.12 -39.33 59.27
CA GLU G 176 -26.97 -39.97 59.89
C GLU G 176 -25.65 -39.57 59.25
N SER G 177 -25.65 -39.27 57.95
CA SER G 177 -24.41 -38.93 57.26
C SER G 177 -23.65 -37.81 57.95
N TYR G 178 -24.35 -36.85 58.57
CA TYR G 178 -23.68 -35.74 59.21
C TYR G 178 -22.62 -36.20 60.20
N LYS G 179 -22.65 -37.46 60.62
CA LYS G 179 -21.69 -37.96 61.59
C LYS G 179 -20.28 -38.06 61.04
N ASP G 180 -20.10 -37.99 59.71
CA ASP G 180 -18.76 -38.09 59.12
C ASP G 180 -18.47 -36.91 58.19
N TYR G 181 -18.94 -35.73 58.55
CA TYR G 181 -18.69 -34.52 57.78
C TYR G 181 -18.11 -33.44 58.69
N LEU G 182 -17.43 -32.49 58.05
CA LEU G 182 -16.92 -31.29 58.72
C LEU G 182 -17.69 -30.11 58.17
N PHE G 183 -18.68 -29.63 58.93
CA PHE G 183 -19.55 -28.56 58.47
C PHE G 183 -18.81 -27.22 58.55
N ILE G 184 -18.70 -26.54 57.41
CA ILE G 184 -18.02 -25.25 57.33
C ILE G 184 -19.08 -24.19 57.07
N LYS G 185 -19.14 -23.19 57.96
CA LYS G 185 -20.06 -22.08 57.83
C LYS G 185 -19.26 -20.79 57.66
N ASP G 186 -19.56 -20.05 56.61
CA ASP G 186 -18.84 -18.80 56.37
C ASP G 186 -19.14 -17.80 57.48
N GLY G 187 -18.10 -17.12 57.94
CA GLY G 187 -18.23 -16.17 59.02
C GLY G 187 -17.92 -16.78 60.37
N ARG G 188 -17.55 -15.91 61.31
CA ARG G 188 -17.19 -16.35 62.64
C ARG G 188 -18.39 -16.98 63.35
N LEU G 189 -18.11 -17.93 64.24
CA LEU G 189 -19.14 -18.56 65.05
C LEU G 189 -19.55 -17.57 66.15
N ALA G 190 -20.35 -16.59 65.76
CA ALA G 190 -20.81 -15.56 66.68
C ALA G 190 -22.12 -14.99 66.17
N GLN G 191 -23.07 -14.80 67.08
CA GLN G 191 -24.36 -14.22 66.76
C GLN G 191 -24.55 -12.94 67.56
N LEU G 192 -24.86 -11.85 66.87
CA LEU G 192 -25.06 -10.55 67.49
C LEU G 192 -26.51 -10.12 67.34
N GLY G 193 -27.04 -9.47 68.36
CA GLY G 193 -28.42 -9.00 68.35
C GLY G 193 -29.43 -9.92 69.00
N VAL G 194 -28.99 -10.93 69.73
CA VAL G 194 -29.86 -11.88 70.40
C VAL G 194 -29.48 -11.95 71.87
N ARG G 195 -30.29 -12.68 72.64
CA ARG G 195 -30.03 -12.85 74.06
C ARG G 195 -29.03 -14.00 74.29
N GLU G 196 -28.51 -14.06 75.51
CA GLU G 196 -27.59 -15.14 75.86
C GLU G 196 -28.28 -16.51 75.79
N SER G 197 -29.60 -16.54 75.97
CA SER G 197 -30.31 -17.81 75.89
C SER G 197 -30.25 -18.40 74.50
N PHE G 198 -30.33 -17.56 73.46
CA PHE G 198 -30.22 -18.04 72.09
C PHE G 198 -28.87 -18.70 71.86
N ARG G 199 -27.79 -18.05 72.28
CA ARG G 199 -26.46 -18.61 72.12
C ARG G 199 -26.31 -19.91 72.91
N SER G 200 -26.85 -19.94 74.13
CA SER G 200 -26.77 -21.14 74.94
C SER G 200 -27.51 -22.30 74.28
N LYS G 201 -28.69 -22.03 73.73
CA LYS G 201 -29.44 -23.08 73.05
C LYS G 201 -28.69 -23.60 71.82
N LEU G 202 -28.15 -22.70 71.01
CA LEU G 202 -27.37 -23.15 69.87
C LEU G 202 -26.19 -24.00 70.33
N GLN G 203 -25.48 -23.56 71.35
CA GLN G 203 -24.29 -24.27 71.83
C GLN G 203 -24.66 -25.65 72.33
N ASN G 204 -25.72 -25.74 73.14
CA ASN G 204 -26.07 -27.03 73.72
C ASN G 204 -26.61 -27.98 72.67
N TYR G 205 -27.36 -27.48 71.68
CA TYR G 205 -27.78 -28.34 70.59
C TYR G 205 -26.59 -28.87 69.79
N PHE G 206 -25.62 -28.00 69.49
CA PHE G 206 -24.46 -28.44 68.74
C PHE G 206 -23.66 -29.47 69.53
N ALA G 207 -23.49 -29.25 70.83
CA ALA G 207 -22.80 -30.24 71.65
C ALA G 207 -23.59 -31.55 71.72
N ARG G 208 -24.92 -31.46 71.80
CA ARG G 208 -25.76 -32.66 71.84
C ARG G 208 -25.59 -33.50 70.59
N LYS G 209 -25.56 -32.86 69.43
CA LYS G 209 -25.39 -33.59 68.17
C LYS G 209 -23.93 -33.83 67.83
N HIS G 210 -22.99 -33.32 68.63
CA HIS G 210 -21.56 -33.47 68.36
C HIS G 210 -21.22 -33.03 66.94
N LEU G 211 -21.80 -31.92 66.52
CA LEU G 211 -21.56 -31.41 65.18
C LEU G 211 -20.11 -30.98 65.02
N LEU G 212 -19.54 -31.27 63.84
CA LEU G 212 -18.20 -30.82 63.49
C LEU G 212 -18.34 -29.51 62.71
N LEU G 213 -18.33 -28.41 63.44
CA LEU G 213 -18.60 -27.09 62.88
C LEU G 213 -17.38 -26.20 63.06
N ALA G 214 -16.93 -25.57 61.98
CA ALA G 214 -15.84 -24.60 62.03
C ALA G 214 -16.24 -23.40 61.17
N GLY G 215 -16.13 -22.22 61.76
CA GLY G 215 -16.48 -20.99 61.07
C GLY G 215 -15.23 -20.31 60.53
N VAL G 216 -15.15 -20.21 59.20
CA VAL G 216 -13.95 -19.72 58.53
C VAL G 216 -14.19 -18.30 58.03
N THR G 217 -13.25 -17.41 58.32
CA THR G 217 -13.31 -16.02 57.92
C THR G 217 -11.97 -15.59 57.37
N LYS G 218 -11.97 -14.51 56.59
CA LYS G 218 -10.75 -13.99 55.98
C LYS G 218 -10.38 -12.62 56.54
N ARG G 219 -11.26 -11.64 56.44
CA ARG G 219 -11.01 -10.30 56.95
C ARG G 219 -12.26 -9.47 56.69
N SER G 220 -12.29 -8.27 57.28
CA SER G 220 -13.41 -7.37 57.11
C SER G 220 -13.59 -6.97 55.65
N GLU G 225 -14.65 -8.13 60.08
CA GLU G 225 -14.78 -6.89 60.84
C GLU G 225 -13.41 -6.38 61.26
N GLY G 226 -13.39 -5.51 62.27
CA GLY G 226 -12.13 -4.96 62.74
C GLY G 226 -11.18 -6.05 63.19
N LEU G 227 -10.11 -6.26 62.42
CA LEU G 227 -9.18 -7.37 62.64
C LEU G 227 -7.76 -6.85 62.76
N THR G 228 -7.36 -6.47 63.98
CA THR G 228 -5.94 -6.40 64.28
C THR G 228 -5.35 -7.79 64.42
N SER G 229 -6.18 -8.82 64.58
CA SER G 229 -5.72 -10.20 64.63
C SER G 229 -4.94 -10.61 63.40
N LEU G 230 -4.96 -9.80 62.34
CA LEU G 230 -4.14 -10.04 61.16
C LEU G 230 -2.70 -9.60 61.36
N VAL G 231 -2.28 -9.39 62.61
CA VAL G 231 -0.86 -9.28 62.92
C VAL G 231 -0.11 -10.51 62.49
N MET G 232 -0.81 -11.60 62.16
CA MET G 232 -0.18 -12.77 61.57
C MET G 232 0.51 -12.43 60.25
N ALA G 233 0.11 -11.33 59.61
CA ALA G 233 0.85 -10.86 58.44
C ALA G 233 2.32 -10.77 58.76
N ARG G 234 2.65 -10.26 59.94
CA ARG G 234 3.96 -10.46 60.51
C ARG G 234 4.00 -11.80 61.24
N LEU G 235 5.19 -12.38 61.34
CA LEU G 235 5.46 -13.68 61.92
C LEU G 235 5.08 -14.83 60.98
N PHE G 236 4.44 -14.56 59.84
CA PHE G 236 4.37 -15.54 58.77
C PHE G 236 5.56 -15.45 57.84
N ALA G 237 6.22 -14.30 57.76
CA ALA G 237 7.57 -14.24 57.23
C ALA G 237 8.48 -15.04 58.15
N GLU G 238 9.46 -15.73 57.56
CA GLU G 238 10.28 -16.70 58.28
C GLU G 238 9.42 -17.58 59.18
N ALA G 239 8.42 -18.21 58.56
CA ALA G 239 7.47 -19.05 59.28
C ALA G 239 7.51 -20.52 58.88
N ARG G 240 8.39 -20.89 57.95
CA ARG G 240 8.58 -22.28 57.54
C ARG G 240 7.27 -22.87 56.98
N GLY G 241 6.84 -22.28 55.86
CA GLY G 241 5.71 -22.79 55.12
C GLY G 241 4.38 -22.71 55.85
N THR G 242 3.61 -23.80 55.81
CA THR G 242 2.27 -23.84 56.37
C THR G 242 2.30 -24.45 57.77
N PHE G 243 1.33 -24.05 58.59
CA PHE G 243 1.27 -24.49 59.98
C PHE G 243 -0.07 -24.03 60.56
N VAL G 244 -0.27 -24.36 61.84
CA VAL G 244 -1.47 -24.00 62.58
C VAL G 244 -1.06 -23.37 63.90
N LEU G 245 -1.88 -22.44 64.39
CA LEU G 245 -1.57 -21.68 65.58
C LEU G 245 -2.88 -21.24 66.23
N GLN G 246 -2.81 -20.92 67.52
CA GLN G 246 -3.97 -20.49 68.28
C GLN G 246 -3.79 -19.03 68.71
N VAL G 247 -4.81 -18.23 68.47
CA VAL G 247 -4.72 -16.79 68.77
C VAL G 247 -4.74 -16.60 70.28
N PRO G 248 -3.85 -15.77 70.84
CA PRO G 248 -3.80 -15.60 72.29
C PRO G 248 -5.00 -14.82 72.83
N GLN G 249 -5.26 -15.04 74.13
CA GLN G 249 -6.38 -14.38 74.78
C GLN G 249 -6.20 -12.87 74.81
N GLU G 250 -4.96 -12.39 74.96
CA GLU G 250 -4.73 -10.95 74.96
C GLU G 250 -5.12 -10.35 73.61
N LEU G 251 -4.72 -10.99 72.51
CA LEU G 251 -5.11 -10.53 71.19
C LEU G 251 -6.63 -10.55 71.04
N MET G 252 -7.28 -11.63 71.47
CA MET G 252 -8.72 -11.71 71.36
C MET G 252 -9.40 -10.58 72.14
N GLU G 253 -8.94 -10.33 73.37
CA GLU G 253 -9.55 -9.30 74.19
C GLU G 253 -9.35 -7.92 73.58
N LYS G 254 -8.14 -7.64 73.07
CA LYS G 254 -7.90 -6.34 72.45
C LYS G 254 -8.77 -6.15 71.22
N ALA G 255 -8.89 -7.19 70.39
CA ALA G 255 -9.74 -7.09 69.21
C ALA G 255 -11.19 -6.85 69.59
N TYR G 256 -11.68 -7.57 70.60
CA TYR G 256 -13.07 -7.40 71.03
C TYR G 256 -13.32 -5.99 71.55
N ARG G 257 -12.41 -5.47 72.38
CA ARG G 257 -12.60 -4.14 72.92
C ARG G 257 -12.54 -3.09 71.81
N TYR G 258 -11.64 -3.26 70.85
CA TYR G 258 -11.58 -2.33 69.74
C TYR G 258 -12.86 -2.38 68.92
N GLU G 259 -13.40 -3.57 68.70
CA GLU G 259 -14.66 -3.68 67.96
C GLU G 259 -15.79 -2.97 68.69
N ARG G 260 -15.91 -3.19 70.00
CA ARG G 260 -16.99 -2.56 70.76
C ARG G 260 -16.76 -1.07 71.00
N GLN G 261 -15.54 -0.57 70.78
CA GLN G 261 -15.29 0.85 70.82
C GLN G 261 -15.43 1.52 69.46
N TRP G 262 -15.36 0.75 68.37
CA TRP G 262 -15.45 1.29 67.03
C TRP G 262 -16.84 1.20 66.43
N ASN G 263 -17.61 0.18 66.75
CA ASN G 263 -18.90 -0.04 66.10
C ASN G 263 -20.09 0.09 67.04
N ALA G 264 -19.97 -0.37 68.28
CA ALA G 264 -21.14 -0.51 69.14
C ALA G 264 -22.10 -1.49 68.50
N ASP G 265 -23.17 -1.85 69.21
CA ASP G 265 -24.10 -2.89 68.76
C ASP G 265 -23.40 -4.21 68.53
N LEU G 266 -22.15 -4.36 68.99
CA LEU G 266 -21.38 -5.58 68.83
C LEU G 266 -21.16 -6.28 70.16
N GLU G 267 -22.15 -6.22 71.05
CA GLU G 267 -22.04 -6.89 72.33
C GLU G 267 -21.86 -8.40 72.14
N GLY G 268 -22.63 -8.99 71.23
CA GLY G 268 -22.39 -10.37 70.88
C GLY G 268 -21.48 -10.49 69.68
N ALA G 269 -20.18 -10.63 69.94
CA ALA G 269 -19.19 -10.91 68.91
C ALA G 269 -18.16 -11.92 69.34
N PHE G 270 -18.05 -12.23 70.63
CA PHE G 270 -17.09 -13.21 71.12
C PHE G 270 -17.33 -14.55 70.44
N VAL G 271 -16.24 -15.17 69.99
CA VAL G 271 -16.33 -16.48 69.33
C VAL G 271 -16.75 -17.52 70.35
N MET G 272 -17.78 -18.30 70.00
CA MET G 272 -18.29 -19.36 70.88
C MET G 272 -17.36 -20.58 70.77
N GLY G 273 -16.17 -20.41 71.32
CA GLY G 273 -15.16 -21.44 71.28
C GLY G 273 -13.78 -20.83 71.10
N ARG G 274 -12.91 -21.56 70.41
CA ARG G 274 -11.54 -21.14 70.16
C ARG G 274 -11.39 -20.58 68.76
N ARG G 275 -10.28 -19.86 68.55
CA ARG G 275 -9.95 -19.26 67.26
C ARG G 275 -8.55 -19.71 66.88
N TYR G 276 -8.38 -20.19 65.66
CA TYR G 276 -7.09 -20.64 65.18
C TYR G 276 -6.79 -20.01 63.83
N VAL G 277 -5.50 -19.84 63.57
CA VAL G 277 -5.00 -19.31 62.31
C VAL G 277 -4.07 -20.34 61.69
N ALA G 278 -4.31 -20.67 60.42
CA ALA G 278 -3.51 -21.63 59.69
C ALA G 278 -3.03 -21.00 58.40
N ARG G 279 -1.92 -21.53 57.89
CA ARG G 279 -1.32 -21.03 56.65
C ARG G 279 -1.58 -22.02 55.53
N LEU G 280 -2.11 -21.53 54.41
CA LEU G 280 -2.43 -22.37 53.27
C LEU G 280 -1.43 -22.25 52.13
N LEU G 281 -0.74 -21.12 52.01
CA LEU G 281 0.22 -20.89 50.94
C LEU G 281 1.51 -20.33 51.54
N GLU G 282 2.64 -20.75 50.98
CA GLU G 282 3.94 -20.26 51.42
C GLU G 282 4.50 -19.14 50.55
N ASP G 283 4.08 -19.06 49.29
CA ASP G 283 4.43 -17.95 48.41
C ASP G 283 3.14 -17.21 48.03
N THR G 284 3.14 -15.89 48.19
CA THR G 284 1.90 -15.14 48.10
C THR G 284 1.95 -13.88 47.24
N PHE G 285 3.12 -13.29 47.01
CA PHE G 285 3.22 -12.00 46.31
C PHE G 285 2.74 -10.84 47.18
N ARG G 286 2.18 -11.12 48.35
CA ARG G 286 1.61 -10.07 49.19
C ARG G 286 1.58 -10.53 50.63
N PRO G 287 1.66 -9.61 51.59
CA PRO G 287 1.81 -10.02 52.99
C PRO G 287 0.68 -10.88 53.53
N GLN G 288 -0.56 -10.63 53.11
CA GLN G 288 -1.71 -11.22 53.79
C GLN G 288 -2.55 -12.09 52.88
N GLU G 289 -1.90 -12.96 52.10
CA GLU G 289 -2.60 -13.90 51.23
C GLU G 289 -2.40 -15.32 51.75
N GLY G 290 -3.43 -16.15 51.56
CA GLY G 290 -3.38 -17.53 51.99
C GLY G 290 -3.34 -17.75 53.49
N VAL G 291 -4.16 -17.02 54.25
CA VAL G 291 -4.27 -17.19 55.69
C VAL G 291 -5.71 -17.56 56.01
N ALA G 292 -5.90 -18.68 56.71
CA ALA G 292 -7.22 -19.13 57.12
C ALA G 292 -7.39 -18.87 58.60
N ILE G 293 -8.57 -18.36 58.98
CA ILE G 293 -8.90 -18.06 60.37
C ILE G 293 -10.21 -18.76 60.69
N PHE G 294 -10.15 -19.83 61.47
CA PHE G 294 -11.33 -20.64 61.72
C PHE G 294 -11.58 -20.75 63.22
N ASP G 295 -12.86 -20.68 63.58
CA ASP G 295 -13.33 -20.76 64.95
C ASP G 295 -13.99 -22.11 65.18
N LEU G 296 -13.65 -22.74 66.31
CA LEU G 296 -14.07 -24.08 66.68
C LEU G 296 -14.94 -24.05 67.92
N PRO G 297 -15.93 -24.96 68.00
CA PRO G 297 -16.84 -24.94 69.13
C PRO G 297 -16.13 -25.34 70.42
N PRO G 298 -16.69 -25.01 71.58
CA PRO G 298 -16.01 -25.30 72.84
C PRO G 298 -15.74 -26.77 73.09
N TYR G 299 -16.45 -27.68 72.43
CA TYR G 299 -16.34 -29.11 72.69
C TYR G 299 -15.36 -29.82 71.75
N LEU G 300 -14.39 -29.10 71.20
CA LEU G 300 -13.40 -29.68 70.29
C LEU G 300 -12.00 -29.43 70.84
N GLY G 301 -11.15 -30.46 70.82
CA GLY G 301 -9.82 -30.34 71.37
C GLY G 301 -8.84 -29.70 70.41
N GLU G 302 -7.56 -29.75 70.78
CA GLU G 302 -6.51 -29.21 69.92
C GLU G 302 -6.23 -30.13 68.74
N GLU G 303 -6.42 -31.45 68.92
CA GLU G 303 -6.27 -32.38 67.80
C GLU G 303 -7.31 -32.11 66.72
N ASP G 304 -8.53 -31.78 67.12
CA ASP G 304 -9.56 -31.42 66.15
C ASP G 304 -9.13 -30.19 65.35
N ALA G 305 -8.44 -29.24 65.98
CA ALA G 305 -7.95 -28.08 65.25
C ALA G 305 -6.95 -28.49 64.18
N VAL G 306 -6.02 -29.39 64.52
CA VAL G 306 -5.05 -29.84 63.54
C VAL G 306 -5.74 -30.54 62.38
N LYS G 307 -6.71 -31.41 62.68
CA LYS G 307 -7.42 -32.11 61.62
C LYS G 307 -8.20 -31.15 60.74
N VAL G 308 -8.86 -30.15 61.35
CA VAL G 308 -9.61 -29.16 60.58
C VAL G 308 -8.68 -28.37 59.67
N ALA G 309 -7.51 -27.99 60.19
CA ALA G 309 -6.54 -27.28 59.36
C ALA G 309 -6.05 -28.16 58.21
N ARG G 310 -5.85 -29.45 58.48
CA ARG G 310 -5.46 -30.36 57.40
C ARG G 310 -6.52 -30.41 56.31
N SER G 311 -7.79 -30.50 56.70
CA SER G 311 -8.86 -30.50 55.70
C SER G 311 -8.88 -29.18 54.93
N LEU G 312 -8.73 -28.06 55.64
CA LEU G 312 -8.77 -26.76 54.98
C LEU G 312 -7.65 -26.63 53.96
N ARG G 313 -6.44 -27.09 54.31
CA ARG G 313 -5.36 -27.09 53.35
C ARG G 313 -5.64 -28.03 52.18
N ALA G 314 -6.19 -29.21 52.47
CA ALA G 314 -6.52 -30.15 51.41
C ALA G 314 -7.54 -29.58 50.44
N HIS G 315 -8.34 -28.60 50.86
CA HIS G 315 -9.28 -27.94 49.96
C HIS G 315 -8.84 -26.52 49.61
N ARG G 316 -7.55 -26.22 49.72
CA ARG G 316 -7.07 -24.87 49.47
C ARG G 316 -7.22 -24.50 48.00
N SER G 317 -7.32 -23.20 47.74
CA SER G 317 -7.40 -22.66 46.38
C SER G 317 -6.53 -21.43 46.27
N VAL G 318 -6.29 -21.01 45.02
CA VAL G 318 -5.46 -19.83 44.74
C VAL G 318 -6.32 -18.79 44.03
N LEU G 319 -7.61 -18.77 44.32
CA LEU G 319 -8.54 -17.94 43.56
C LEU G 319 -8.52 -16.49 44.04
N TYR G 320 -8.86 -16.26 45.30
CA TYR G 320 -8.94 -14.92 45.87
C TYR G 320 -7.77 -14.66 46.83
N GLY G 321 -6.60 -15.19 46.50
CA GLY G 321 -5.46 -15.08 47.38
C GLY G 321 -5.51 -16.10 48.51
N GLY G 322 -5.50 -17.37 48.16
CA GLY G 322 -5.56 -18.43 49.15
C GLY G 322 -6.90 -18.57 49.83
N SER G 323 -7.92 -18.97 49.08
CA SER G 323 -9.25 -19.20 49.64
C SER G 323 -9.37 -20.66 50.09
N VAL G 324 -10.59 -21.04 50.47
CA VAL G 324 -10.84 -22.41 50.96
C VAL G 324 -11.46 -23.29 49.88
N GLY G 325 -11.79 -22.74 48.71
CA GLY G 325 -12.28 -23.54 47.61
C GLY G 325 -13.76 -23.82 47.65
N THR G 326 -14.19 -24.68 48.58
CA THR G 326 -15.61 -24.92 48.75
C THR G 326 -16.36 -23.64 49.15
N VAL G 327 -15.72 -22.78 49.93
CA VAL G 327 -16.35 -21.52 50.31
C VAL G 327 -16.61 -20.66 49.09
N VAL G 328 -15.63 -20.54 48.19
CA VAL G 328 -15.82 -19.74 46.99
C VAL G 328 -16.86 -20.38 46.08
N GLU G 329 -16.86 -21.71 45.99
CA GLU G 329 -17.87 -22.39 45.19
C GLU G 329 -19.27 -22.08 45.70
N ALA G 330 -19.48 -22.19 47.02
CA ALA G 330 -20.78 -21.88 47.58
C ALA G 330 -21.15 -20.42 47.38
N HIS G 331 -20.19 -19.52 47.61
CA HIS G 331 -20.47 -18.10 47.43
C HIS G 331 -20.80 -17.76 45.99
N GLY G 332 -20.31 -18.56 45.04
CA GLY G 332 -20.61 -18.37 43.64
C GLY G 332 -21.91 -18.95 43.16
N ARG G 333 -22.66 -19.61 44.05
CA ARG G 333 -23.95 -20.20 43.69
C ARG G 333 -25.13 -19.46 44.29
N ALA G 334 -25.02 -18.99 45.53
CA ALA G 334 -26.08 -18.20 46.14
C ALA G 334 -26.04 -16.73 45.74
N SER G 335 -25.01 -16.31 45.02
CA SER G 335 -24.91 -14.92 44.59
C SER G 335 -26.08 -14.57 43.68
N VAL G 336 -26.53 -13.33 43.77
CA VAL G 336 -27.71 -12.85 43.04
C VAL G 336 -27.26 -11.78 42.06
N ALA G 337 -27.53 -12.00 40.78
CA ALA G 337 -27.27 -10.99 39.77
C ALA G 337 -28.35 -9.90 39.82
N ARG G 338 -28.01 -8.73 39.27
CA ARG G 338 -28.93 -7.60 39.30
C ARG G 338 -30.07 -7.77 38.30
N SER G 339 -29.80 -8.45 37.18
CA SER G 339 -30.88 -8.80 36.27
C SER G 339 -31.97 -9.58 36.99
N ILE G 340 -31.59 -10.34 38.03
CA ILE G 340 -32.60 -11.03 38.83
C ILE G 340 -33.57 -10.05 39.48
N PRO G 341 -33.12 -9.05 40.24
CA PRO G 341 -34.08 -8.06 40.76
C PRO G 341 -34.81 -7.29 39.69
N ARG G 342 -34.17 -6.99 38.56
CA ARG G 342 -34.87 -6.26 37.51
C ARG G 342 -36.04 -7.08 36.96
N ARG G 343 -35.77 -8.33 36.57
CA ARG G 343 -36.83 -9.21 36.10
C ARG G 343 -37.84 -9.52 37.20
N MET G 344 -37.42 -9.49 38.47
CA MET G 344 -38.37 -9.66 39.56
C MET G 344 -39.35 -8.49 39.61
N GLU G 345 -38.84 -7.27 39.47
CA GLU G 345 -39.72 -6.10 39.40
C GLU G 345 -40.71 -6.25 38.25
N GLU G 346 -40.21 -6.61 37.07
CA GLU G 346 -41.11 -6.74 35.92
C GLU G 346 -42.14 -7.84 36.12
N GLU G 347 -41.73 -8.99 36.67
CA GLU G 347 -42.67 -10.09 36.88
C GLU G 347 -43.71 -9.74 37.93
N ILE G 348 -43.31 -9.02 38.99
CA ILE G 348 -44.26 -8.59 40.00
C ILE G 348 -45.26 -7.62 39.39
N LEU G 349 -44.79 -6.71 38.53
CA LEU G 349 -45.71 -5.81 37.84
C LEU G 349 -46.70 -6.58 36.97
N ALA G 350 -46.23 -7.58 36.24
CA ALA G 350 -47.12 -8.36 35.38
C ALA G 350 -48.16 -9.10 36.21
N ARG G 351 -47.74 -9.73 37.31
CA ARG G 351 -48.69 -10.44 38.16
C ARG G 351 -49.69 -9.49 38.79
N PHE G 352 -49.24 -8.31 39.22
CA PHE G 352 -50.17 -7.31 39.75
C PHE G 352 -51.19 -6.91 38.68
N ARG G 353 -50.72 -6.70 37.45
CA ARG G 353 -51.64 -6.34 36.37
C ARG G 353 -52.67 -7.42 36.14
N LYS G 354 -52.25 -8.69 36.12
CA LYS G 354 -53.16 -9.78 35.81
C LYS G 354 -53.99 -10.23 37.01
N ALA G 355 -53.68 -9.76 38.22
CA ALA G 355 -54.48 -10.07 39.39
C ALA G 355 -55.34 -8.92 39.87
N PHE G 356 -55.10 -7.70 39.38
CA PHE G 356 -55.92 -6.53 39.70
C PHE G 356 -56.21 -5.77 38.41
N GLY G 357 -56.79 -4.58 38.57
CA GLY G 357 -57.20 -3.80 37.41
C GLY G 357 -56.02 -3.21 36.66
N GLU G 358 -56.21 -3.08 35.35
CA GLU G 358 -55.19 -2.42 34.53
C GLU G 358 -55.01 -0.96 34.94
N ASP G 359 -56.08 -0.30 35.39
CA ASP G 359 -55.94 1.06 35.91
C ASP G 359 -55.05 1.08 37.14
N LEU G 360 -55.23 0.12 38.06
CA LEU G 360 -54.40 0.07 39.25
C LEU G 360 -52.94 -0.20 38.88
N ALA G 361 -52.72 -1.15 37.97
CA ALA G 361 -51.36 -1.46 37.55
C ALA G 361 -50.71 -0.25 36.88
N LYS G 362 -51.48 0.48 36.06
CA LYS G 362 -50.94 1.65 35.38
C LYS G 362 -50.63 2.77 36.37
N LYS G 363 -51.45 2.93 37.41
CA LYS G 363 -51.16 3.91 38.44
C LYS G 363 -49.87 3.57 39.18
N LEU G 364 -49.69 2.28 39.52
CA LEU G 364 -48.44 1.87 40.17
C LEU G 364 -47.26 2.12 39.24
N THR G 365 -47.41 1.82 37.95
CA THR G 365 -46.33 2.06 36.99
C THR G 365 -46.03 3.54 36.86
N GLU G 366 -47.06 4.39 36.91
CA GLU G 366 -46.82 5.83 36.86
C GLU G 366 -46.04 6.30 38.08
N TRP G 367 -46.36 5.78 39.26
CA TRP G 367 -45.55 6.11 40.43
C TRP G 367 -44.10 5.67 40.25
N LEU G 368 -43.91 4.44 39.75
CA LEU G 368 -42.55 3.94 39.55
C LEU G 368 -41.80 4.73 38.48
N ARG G 369 -42.52 5.32 37.52
CA ARG G 369 -41.88 6.17 36.52
C ARG G 369 -41.53 7.54 37.10
N LEU G 370 -42.43 8.11 37.90
CA LEU G 370 -42.18 9.40 38.51
C LEU G 370 -41.08 9.34 39.56
N ALA G 371 -40.80 8.17 40.13
CA ALA G 371 -39.65 8.04 41.01
C ALA G 371 -39.32 6.56 41.11
N ASP G 372 -38.12 6.28 41.63
CA ASP G 372 -37.56 4.93 41.78
C ASP G 372 -38.20 3.87 40.88
N LEU H 11 -29.62 -18.78 36.27
CA LEU H 11 -29.40 -18.00 37.48
C LEU H 11 -30.32 -18.46 38.60
N GLY H 12 -31.55 -18.83 38.25
CA GLY H 12 -32.48 -19.36 39.23
C GLY H 12 -33.44 -18.34 39.80
N LEU H 13 -34.04 -17.52 38.93
CA LEU H 13 -35.02 -16.54 39.39
C LEU H 13 -36.32 -17.18 39.87
N LYS H 14 -36.67 -18.34 39.32
CA LYS H 14 -37.94 -18.97 39.67
C LYS H 14 -38.03 -19.29 41.15
N ASP H 15 -36.90 -19.36 41.85
CA ASP H 15 -36.94 -19.59 43.29
C ASP H 15 -37.64 -18.44 44.01
N PHE H 16 -37.41 -17.20 43.57
CA PHE H 16 -38.01 -16.05 44.22
C PHE H 16 -39.47 -15.85 43.84
N LEU H 17 -39.98 -16.57 42.83
CA LEU H 17 -41.35 -16.41 42.36
C LEU H 17 -42.30 -17.45 42.95
N ASP H 18 -41.88 -18.15 44.01
CA ASP H 18 -42.70 -19.24 44.53
C ASP H 18 -43.95 -18.71 45.25
N ASP H 19 -43.80 -17.68 46.07
CA ASP H 19 -44.87 -17.21 46.94
C ASP H 19 -45.01 -15.69 46.88
N LEU H 20 -45.05 -15.15 45.66
CA LEU H 20 -45.24 -13.72 45.50
C LEU H 20 -46.58 -13.28 46.09
N ARG H 21 -46.58 -12.10 46.71
CA ARG H 21 -47.76 -11.55 47.38
C ARG H 21 -48.01 -10.16 46.81
N LEU H 22 -49.26 -9.89 46.43
CA LEU H 22 -49.59 -8.62 45.80
C LEU H 22 -50.76 -7.92 46.47
N ASP H 23 -50.75 -7.85 47.80
CA ASP H 23 -51.75 -7.12 48.56
C ASP H 23 -51.21 -5.85 49.20
N HIS H 24 -49.97 -5.90 49.69
CA HIS H 24 -49.35 -4.69 50.23
C HIS H 24 -49.24 -3.61 49.15
N TYR H 25 -49.19 -4.00 47.88
CA TYR H 25 -49.18 -3.00 46.82
C TYR H 25 -50.50 -2.24 46.75
N GLN H 26 -51.63 -2.96 46.88
CA GLN H 26 -52.91 -2.28 46.95
C GLN H 26 -53.02 -1.43 48.21
N ASP H 27 -52.48 -1.93 49.33
CA ASP H 27 -52.46 -1.13 50.54
C ASP H 27 -51.68 0.16 50.34
N LEU H 28 -50.55 0.07 49.63
CA LEU H 28 -49.71 1.23 49.38
C LEU H 28 -50.38 2.23 48.44
N LEU H 29 -51.09 1.73 47.42
CA LEU H 29 -51.73 2.64 46.49
C LEU H 29 -53.05 3.15 47.07
N ARG H 30 -53.01 3.56 48.31
CA ARG H 30 -54.08 4.33 48.95
C ARG H 30 -53.53 5.53 49.70
N GLU H 31 -52.42 5.36 50.42
CA GLU H 31 -51.81 6.47 51.14
C GLU H 31 -51.18 7.47 50.18
N LEU H 32 -50.56 6.98 49.10
CA LEU H 32 -49.99 7.89 48.11
C LEU H 32 -51.07 8.74 47.46
N ASP H 33 -52.20 8.12 47.10
CA ASP H 33 -53.30 8.89 46.53
C ASP H 33 -53.88 9.88 47.53
N GLU H 34 -54.02 9.47 48.79
CA GLU H 34 -54.52 10.39 49.80
C GLU H 34 -53.59 11.59 49.97
N LEU H 35 -52.28 11.33 50.00
CA LEU H 35 -51.30 12.40 50.11
C LEU H 35 -51.34 13.33 48.90
N TYR H 36 -51.52 12.77 47.70
CA TYR H 36 -51.64 13.60 46.51
C TYR H 36 -52.86 14.51 46.61
N GLN H 37 -54.01 13.96 47.01
CA GLN H 37 -55.19 14.80 47.17
C GLN H 37 -54.99 15.85 48.24
N LYS H 38 -54.27 15.52 49.32
CA LYS H 38 -53.97 16.51 50.35
C LYS H 38 -53.11 17.64 49.80
N LEU H 39 -52.11 17.30 48.98
CA LEU H 39 -51.24 18.34 48.42
C LEU H 39 -51.98 19.20 47.40
N LYS H 40 -52.94 18.62 46.66
CA LYS H 40 -53.67 19.42 45.69
C LYS H 40 -54.50 20.52 46.32
N GLN H 41 -54.57 20.57 47.65
CA GLN H 41 -55.29 21.63 48.35
C GLN H 41 -54.39 22.77 48.83
N GLU H 42 -53.09 22.68 48.56
CA GLU H 42 -52.17 23.71 49.01
C GLU H 42 -52.23 24.94 48.11
N ARG H 43 -51.70 26.05 48.61
CA ARG H 43 -51.73 27.33 47.91
C ARG H 43 -50.38 27.56 47.25
N GLN H 44 -50.40 27.74 45.92
CA GLN H 44 -49.18 27.98 45.15
C GLN H 44 -48.97 29.48 44.99
N VAL H 45 -47.78 29.95 45.35
CA VAL H 45 -47.41 31.35 45.27
C VAL H 45 -46.43 31.51 44.11
N PRO H 46 -46.76 32.26 43.07
CA PRO H 46 -45.88 32.34 41.90
C PRO H 46 -44.62 33.13 42.17
N LEU H 47 -43.60 32.89 41.35
CA LEU H 47 -42.34 33.61 41.39
C LEU H 47 -42.09 34.15 39.98
N HIS H 48 -42.54 35.39 39.74
CA HIS H 48 -42.51 35.95 38.39
C HIS H 48 -41.15 36.51 38.04
N GLY H 49 -40.09 35.72 38.23
CA GLY H 49 -38.75 36.13 37.89
C GLY H 49 -38.34 37.49 38.45
N ASP H 50 -39.05 37.97 39.46
CA ASP H 50 -38.77 39.27 40.04
C ASP H 50 -39.33 39.28 41.46
N GLY H 51 -39.14 40.41 42.15
CA GLY H 51 -39.58 40.55 43.51
C GLY H 51 -38.53 41.16 44.41
N GLU H 52 -38.50 40.74 45.68
CA GLU H 52 -37.52 41.23 46.64
C GLU H 52 -36.53 40.11 46.94
N ALA H 53 -35.25 40.37 46.66
CA ALA H 53 -34.19 39.41 46.92
C ALA H 53 -33.03 40.12 47.59
N TYR H 54 -32.37 39.41 48.50
CA TYR H 54 -31.22 39.92 49.22
C TYR H 54 -30.13 38.86 49.31
N PRO H 55 -28.89 39.27 49.55
CA PRO H 55 -27.75 38.39 49.31
C PRO H 55 -27.79 37.11 50.15
N LEU H 56 -27.19 36.06 49.60
CA LEU H 56 -27.06 34.77 50.27
C LEU H 56 -25.67 34.62 50.86
N LEU H 57 -25.61 34.02 52.04
CA LEU H 57 -24.36 33.61 52.69
C LEU H 57 -24.50 32.14 53.04
N THR H 58 -23.78 31.28 52.32
CA THR H 58 -23.98 29.84 52.40
C THR H 58 -22.81 29.18 53.11
N LEU H 59 -23.13 28.18 53.94
CA LEU H 59 -22.14 27.43 54.71
C LEU H 59 -22.16 25.97 54.26
N THR H 60 -21.01 25.31 54.28
CA THR H 60 -20.94 23.90 53.95
C THR H 60 -19.81 23.25 54.73
N VAL H 61 -19.96 21.94 54.95
CA VAL H 61 -18.96 21.13 55.64
C VAL H 61 -18.73 19.86 54.84
N ASP H 62 -17.47 19.49 54.65
CA ASP H 62 -17.10 18.26 53.96
C ASP H 62 -15.97 17.61 54.73
N GLY H 63 -15.49 16.47 54.23
CA GLY H 63 -14.41 15.79 54.91
C GLY H 63 -13.98 14.55 54.15
N GLY H 64 -13.22 13.71 54.84
CA GLY H 64 -12.72 12.49 54.26
C GLY H 64 -11.97 11.65 55.28
N GLU H 65 -11.59 10.46 54.85
CA GLU H 65 -10.88 9.53 55.72
C GLU H 65 -9.68 8.96 54.96
N GLY H 66 -8.62 8.68 55.70
CA GLY H 66 -7.46 8.02 55.13
C GLY H 66 -7.72 6.53 54.89
N ARG H 67 -6.75 5.89 54.25
CA ARG H 67 -6.88 4.47 53.96
C ARG H 67 -6.87 3.66 55.25
N ALA H 68 -7.58 2.54 55.22
CA ALA H 68 -7.71 1.60 56.32
C ALA H 68 -8.57 2.14 57.46
N PHE H 69 -9.01 3.40 57.39
CA PHE H 69 -9.83 3.95 58.45
C PHE H 69 -11.17 3.23 58.57
N GLU H 70 -11.66 2.67 57.46
CA GLU H 70 -12.97 2.03 57.48
C GLU H 70 -12.99 0.80 58.40
N GLU H 71 -11.94 -0.03 58.35
CA GLU H 71 -11.84 -1.18 59.23
C GLU H 71 -10.62 -1.17 60.14
N LEU H 72 -9.66 -0.28 59.93
CA LEU H 72 -8.48 -0.16 60.80
C LEU H 72 -8.30 1.29 61.23
N PRO H 73 -9.31 1.88 61.86
CA PRO H 73 -9.21 3.30 62.23
C PRO H 73 -8.07 3.60 63.18
N LEU H 74 -7.57 2.59 63.91
CA LEU H 74 -6.45 2.82 64.81
C LEU H 74 -5.14 3.08 64.09
N LEU H 75 -5.09 2.89 62.76
CA LEU H 75 -3.91 3.20 61.97
C LEU H 75 -4.19 4.24 60.89
N SER H 76 -5.17 5.13 61.14
CA SER H 76 -5.51 6.16 60.17
C SER H 76 -6.03 7.38 60.94
N PHE H 77 -6.65 8.30 60.20
CA PHE H 77 -7.15 9.54 60.78
C PHE H 77 -8.39 9.97 60.01
N GLY H 78 -8.88 11.16 60.30
CA GLY H 78 -9.98 11.74 59.55
C GLY H 78 -9.79 13.23 59.39
N LEU H 79 -10.38 13.78 58.33
CA LEU H 79 -10.27 15.19 58.01
C LEU H 79 -11.65 15.80 57.87
N VAL H 80 -11.86 16.96 58.47
CA VAL H 80 -13.14 17.68 58.35
C VAL H 80 -12.86 19.15 58.11
N ARG H 81 -13.47 19.71 57.06
CA ARG H 81 -13.26 21.10 56.69
C ARG H 81 -14.58 21.80 56.42
N VAL H 82 -14.74 23.00 56.97
CA VAL H 82 -15.95 23.78 56.85
C VAL H 82 -15.61 25.13 56.22
N ALA H 83 -16.42 25.56 55.25
CA ALA H 83 -16.18 26.80 54.54
C ALA H 83 -17.50 27.46 54.18
N ALA H 84 -17.46 28.79 54.04
CA ALA H 84 -18.63 29.58 53.72
C ALA H 84 -18.29 30.59 52.63
N VAL H 85 -19.32 31.00 51.89
CA VAL H 85 -19.15 31.96 50.80
C VAL H 85 -20.37 32.89 50.76
N GLY H 86 -20.11 34.16 50.42
CA GLY H 86 -21.15 35.16 50.40
C GLY H 86 -21.18 35.93 49.08
N VAL H 87 -22.09 36.90 49.04
CA VAL H 87 -22.27 37.74 47.86
C VAL H 87 -21.20 38.81 47.82
N LYS H 88 -21.00 39.40 46.62
CA LYS H 88 -20.02 40.46 46.42
C LYS H 88 -18.60 39.95 46.44
N GLY H 89 -18.41 38.65 46.24
CA GLY H 89 -17.12 38.03 46.48
C GLY H 89 -16.83 37.79 47.94
N PHE H 90 -17.79 38.05 48.83
CA PHE H 90 -17.59 37.88 50.26
C PHE H 90 -17.44 36.40 50.61
N ARG H 91 -16.70 36.15 51.68
CA ARG H 91 -16.47 34.79 52.16
C ARG H 91 -15.99 34.89 53.60
N LEU H 92 -15.53 33.76 54.14
CA LEU H 92 -14.97 33.70 55.47
C LEU H 92 -13.77 32.77 55.44
N PRO H 93 -12.85 32.91 56.39
CA PRO H 93 -11.76 31.93 56.48
C PRO H 93 -12.33 30.54 56.78
N SER H 94 -11.72 29.53 56.16
CA SER H 94 -12.15 28.16 56.35
C SER H 94 -11.58 27.60 57.65
N ILE H 95 -12.19 26.52 58.14
CA ILE H 95 -11.72 25.86 59.35
C ILE H 95 -11.63 24.37 59.09
N ALA H 96 -10.43 23.81 59.26
CA ALA H 96 -10.19 22.39 59.01
C ALA H 96 -9.52 21.77 60.22
N HIS H 97 -9.85 20.50 60.47
CA HIS H 97 -9.31 19.78 61.60
C HIS H 97 -9.04 18.33 61.23
N LEU H 98 -8.05 17.75 61.89
CA LEU H 98 -7.64 16.37 61.72
C LEU H 98 -7.87 15.61 63.02
N LEU H 99 -8.66 14.55 62.95
CA LEU H 99 -8.95 13.72 64.10
C LEU H 99 -8.09 12.47 64.05
N PRO H 100 -7.19 12.24 65.01
CA PRO H 100 -6.41 11.00 65.03
C PRO H 100 -7.30 9.83 65.43
N GLY H 101 -7.37 8.82 64.55
CA GLY H 101 -8.27 7.71 64.79
C GLY H 101 -7.97 6.95 66.07
N TYR H 102 -6.69 6.63 66.28
CA TYR H 102 -6.31 5.84 67.46
C TYR H 102 -6.64 6.57 68.75
N GLU H 103 -6.26 7.84 68.83
CA GLU H 103 -6.48 8.60 70.07
C GLU H 103 -7.96 8.72 70.39
N VAL H 104 -8.78 9.07 69.37
CA VAL H 104 -10.20 9.31 69.62
C VAL H 104 -10.93 7.99 69.90
N LEU H 105 -10.60 6.93 69.17
CA LEU H 105 -11.38 5.69 69.27
C LEU H 105 -11.39 5.16 70.69
N ARG H 106 -10.32 5.35 71.43
CA ARG H 106 -10.22 4.81 72.79
C ARG H 106 -10.81 5.72 73.85
N ASP H 107 -11.15 6.97 73.51
CA ASP H 107 -11.67 7.86 74.53
C ASP H 107 -12.46 9.03 73.95
N PRO H 108 -13.75 8.84 73.66
CA PRO H 108 -14.59 9.99 73.31
C PRO H 108 -14.79 10.91 74.51
N LYS H 109 -14.91 12.20 74.23
CA LYS H 109 -15.09 13.22 75.26
C LYS H 109 -13.79 13.46 76.00
N GLY H 110 -12.77 12.64 75.72
CA GLY H 110 -11.44 12.88 76.26
C GLY H 110 -10.63 13.68 75.27
N TYR H 111 -10.99 13.57 74.00
CA TYR H 111 -10.40 14.38 72.94
C TYR H 111 -11.13 15.71 72.77
N LEU H 112 -12.46 15.70 72.87
CA LEU H 112 -13.21 16.94 72.70
C LEU H 112 -12.83 17.96 73.77
N GLU H 113 -12.72 17.53 75.03
CA GLU H 113 -12.36 18.45 76.09
C GLU H 113 -10.93 18.94 75.93
N GLY H 114 -10.01 18.04 75.58
CA GLY H 114 -8.64 18.47 75.34
C GLY H 114 -8.54 19.51 74.23
N LEU H 115 -9.27 19.30 73.14
CA LEU H 115 -9.32 20.28 72.06
C LEU H 115 -9.88 21.61 72.58
N LEU H 116 -11.02 21.56 73.27
CA LEU H 116 -11.64 22.78 73.76
C LEU H 116 -10.74 23.55 74.71
N GLU H 117 -9.87 22.85 75.45
CA GLU H 117 -9.02 23.53 76.43
C GLU H 117 -7.85 24.26 75.77
N ARG H 118 -7.29 23.72 74.69
CA ARG H 118 -6.15 24.38 74.06
C ARG H 118 -6.51 25.79 73.60
N SER H 119 -7.42 25.89 72.63
CA SER H 119 -7.96 27.16 72.18
C SER H 119 -6.90 28.24 71.99
N GLU H 120 -5.71 27.85 71.54
CA GLU H 120 -4.63 28.82 71.38
C GLU H 120 -4.78 29.61 70.08
N GLU H 121 -4.75 28.89 68.95
CA GLU H 121 -4.83 29.51 67.64
C GLU H 121 -5.81 28.76 66.74
N SER H 122 -6.08 27.51 67.08
CA SER H 122 -6.83 26.63 66.21
C SER H 122 -8.21 27.22 65.92
N PRO H 123 -8.55 27.47 64.66
CA PRO H 123 -9.90 27.97 64.36
C PRO H 123 -10.99 27.03 64.82
N ALA H 124 -10.76 25.72 64.79
CA ALA H 124 -11.78 24.78 65.25
C ALA H 124 -12.11 24.99 66.72
N ALA H 125 -11.09 25.03 67.58
CA ALA H 125 -11.31 25.25 69.01
C ALA H 125 -11.89 26.63 69.26
N ASP H 126 -11.40 27.64 68.53
CA ASP H 126 -11.94 28.98 68.71
C ASP H 126 -13.43 29.02 68.37
N ALA H 127 -13.82 28.40 67.26
CA ALA H 127 -15.23 28.36 66.88
C ALA H 127 -16.06 27.59 67.88
N LEU H 128 -15.52 26.47 68.39
CA LEU H 128 -16.27 25.69 69.38
C LEU H 128 -16.51 26.51 70.65
N LYS H 129 -15.47 27.20 71.14
CA LYS H 129 -15.63 28.02 72.34
C LYS H 129 -16.61 29.16 72.09
N THR H 130 -16.52 29.80 70.92
CA THR H 130 -17.45 30.89 70.61
C THR H 130 -18.88 30.37 70.54
N PHE H 131 -19.09 29.22 69.92
CA PHE H 131 -20.42 28.63 69.82
C PHE H 131 -20.97 28.31 71.20
N PHE H 132 -20.13 27.75 72.08
CA PHE H 132 -20.60 27.41 73.42
C PHE H 132 -20.96 28.68 74.21
N ARG H 133 -20.10 29.71 74.14
CA ARG H 133 -20.31 30.88 74.97
C ARG H 133 -21.32 31.87 74.40
N ALA H 134 -21.67 31.74 73.11
CA ALA H 134 -22.65 32.65 72.53
C ALA H 134 -24.07 32.29 72.93
N THR H 135 -24.33 31.03 73.27
CA THR H 135 -25.68 30.58 73.58
C THR H 135 -25.77 29.74 74.85
N GLY H 136 -24.69 29.59 75.60
CA GLY H 136 -24.75 28.85 76.84
C GLY H 136 -25.05 27.38 76.63
N ILE H 137 -24.39 26.76 75.66
CA ILE H 137 -24.54 25.34 75.39
C ILE H 137 -23.37 24.60 76.04
N SER H 138 -23.70 23.60 76.86
CA SER H 138 -22.69 22.83 77.59
C SER H 138 -22.52 21.46 76.93
N LEU H 139 -21.42 20.80 77.30
CA LEU H 139 -21.17 19.45 76.80
C LEU H 139 -22.20 18.45 77.32
N GLU H 140 -22.82 18.73 78.45
CA GLU H 140 -23.90 17.86 78.93
C GLU H 140 -25.10 17.91 78.00
N ASP H 141 -25.30 19.03 77.31
CA ASP H 141 -26.41 19.13 76.36
C ASP H 141 -26.23 18.18 75.19
N LEU H 142 -24.99 17.85 74.84
CA LEU H 142 -24.72 16.94 73.73
C LEU H 142 -25.19 15.52 74.02
N GLY H 143 -25.50 15.19 75.27
CA GLY H 143 -26.04 13.88 75.58
C GLY H 143 -24.97 12.80 75.65
N GLU H 144 -25.38 11.58 75.35
CA GLU H 144 -24.50 10.42 75.40
C GLU H 144 -24.40 9.68 74.06
N TYR H 145 -25.05 10.18 73.01
CA TYR H 145 -25.03 9.47 71.74
C TYR H 145 -23.67 9.54 71.07
N TYR H 146 -22.94 10.64 71.25
CA TYR H 146 -21.67 10.84 70.54
C TYR H 146 -20.51 10.10 71.17
N THR H 147 -20.68 9.54 72.37
CA THR H 147 -19.63 8.79 73.03
C THR H 147 -19.78 7.28 72.86
N LYS H 148 -20.86 6.82 72.21
CA LYS H 148 -21.05 5.38 72.08
C LYS H 148 -20.00 4.76 71.17
N ASP H 149 -19.65 5.42 70.07
CA ASP H 149 -18.62 4.91 69.19
C ASP H 149 -18.21 5.99 68.19
N LEU H 150 -17.17 5.67 67.42
CA LEU H 150 -16.57 6.65 66.50
C LEU H 150 -17.53 7.04 65.39
N ARG H 151 -18.38 6.10 64.95
CA ARG H 151 -19.34 6.42 63.90
C ARG H 151 -20.28 7.55 64.32
N ALA H 152 -20.78 7.48 65.56
CA ALA H 152 -21.61 8.57 66.07
C ALA H 152 -20.78 9.82 66.34
N PHE H 153 -19.56 9.63 66.85
CA PHE H 153 -18.75 10.79 67.20
C PHE H 153 -18.43 11.64 65.98
N MET H 154 -18.11 11.01 64.84
CA MET H 154 -17.75 11.78 63.66
C MET H 154 -18.91 12.66 63.19
N GLY H 155 -20.11 12.09 63.10
CA GLY H 155 -21.26 12.88 62.68
C GLY H 155 -21.60 13.98 63.66
N ILE H 156 -21.56 13.67 64.96
CA ILE H 156 -21.85 14.70 65.95
C ILE H 156 -20.83 15.82 65.86
N PHE H 157 -19.55 15.47 65.67
CA PHE H 157 -18.51 16.48 65.53
C PHE H 157 -18.74 17.36 64.32
N ARG H 158 -19.10 16.76 63.19
CA ARG H 158 -19.37 17.56 61.99
C ARG H 158 -20.51 18.53 62.23
N ASP H 159 -21.63 18.03 62.76
CA ASP H 159 -22.79 18.89 62.97
C ASP H 159 -22.48 20.03 63.94
N VAL H 160 -21.85 19.69 65.07
CA VAL H 160 -21.56 20.72 66.07
C VAL H 160 -20.55 21.73 65.52
N LEU H 161 -19.59 21.26 64.73
CA LEU H 161 -18.61 22.19 64.16
C LEU H 161 -19.25 23.14 63.17
N GLU H 162 -20.20 22.65 62.37
CA GLU H 162 -20.89 23.55 61.45
C GLU H 162 -21.75 24.57 62.19
N TRP H 163 -22.46 24.13 63.24
CA TRP H 163 -23.22 25.08 64.04
C TRP H 163 -22.31 26.13 64.67
N ALA H 164 -21.17 25.68 65.20
CA ALA H 164 -20.21 26.61 65.79
C ALA H 164 -19.66 27.57 64.75
N TYR H 165 -19.40 27.08 63.53
CA TYR H 165 -18.95 27.96 62.46
C TYR H 165 -19.98 29.04 62.18
N LEU H 166 -21.26 28.67 62.10
CA LEU H 166 -22.29 29.66 61.84
C LEU H 166 -22.34 30.70 62.94
N VAL H 167 -22.34 30.25 64.21
CA VAL H 167 -22.41 31.21 65.31
C VAL H 167 -21.18 32.10 65.36
N TRP H 168 -20.00 31.52 65.16
CA TRP H 168 -18.77 32.28 65.19
C TRP H 168 -18.72 33.32 64.07
N GLY H 169 -19.16 32.95 62.87
CA GLY H 169 -19.25 33.91 61.80
C GLY H 169 -20.27 35.01 62.06
N VAL H 170 -21.38 34.68 62.72
CA VAL H 170 -22.36 35.70 63.07
C VAL H 170 -21.84 36.65 64.14
N GLU H 171 -20.97 36.19 65.04
CA GLU H 171 -20.57 37.01 66.18
C GLU H 171 -19.20 37.68 66.04
N LYS H 172 -18.28 37.16 65.23
CA LYS H 172 -16.92 37.68 65.18
C LYS H 172 -16.56 38.35 63.87
N VAL H 173 -17.12 37.90 62.75
CA VAL H 173 -16.81 38.46 61.45
C VAL H 173 -17.86 39.46 60.99
N LEU H 174 -19.13 39.20 61.29
CA LEU H 174 -20.23 40.11 60.95
C LEU H 174 -21.07 40.32 62.21
N GLN H 175 -20.64 41.27 63.05
CA GLN H 175 -21.40 41.63 64.25
C GLN H 175 -22.30 42.84 64.04
N GLU H 176 -22.22 43.48 62.87
CA GLU H 176 -23.09 44.60 62.55
C GLU H 176 -23.77 44.38 61.20
N SER H 177 -23.06 43.74 60.27
CA SER H 177 -23.54 43.54 58.91
C SER H 177 -24.07 42.13 58.69
N TYR H 178 -24.70 41.54 59.71
CA TYR H 178 -25.26 40.19 59.58
C TYR H 178 -26.75 40.20 59.26
N LYS H 179 -27.45 41.29 59.61
CA LYS H 179 -28.90 41.31 59.50
C LYS H 179 -29.39 41.46 58.06
N ASP H 180 -28.52 41.80 57.12
CA ASP H 180 -28.92 42.02 55.73
C ASP H 180 -28.62 40.82 54.84
N TYR H 181 -28.27 39.68 55.42
CA TYR H 181 -27.93 38.49 54.66
C TYR H 181 -28.91 37.36 54.99
N LEU H 182 -29.14 36.50 54.00
CA LEU H 182 -29.90 35.27 54.18
C LEU H 182 -28.92 34.12 54.32
N PHE H 183 -28.91 33.47 55.49
CA PHE H 183 -27.94 32.43 55.79
C PHE H 183 -28.49 31.08 55.32
N ILE H 184 -27.70 30.38 54.52
CA ILE H 184 -28.10 29.12 53.91
C ILE H 184 -27.25 28.00 54.50
N LYS H 185 -27.92 26.95 54.97
CA LYS H 185 -27.27 25.76 55.49
C LYS H 185 -27.59 24.59 54.58
N ASP H 186 -26.54 23.90 54.11
CA ASP H 186 -26.72 22.74 53.24
C ASP H 186 -27.23 21.58 54.09
N GLY H 187 -28.54 21.42 54.14
CA GLY H 187 -29.17 20.39 54.94
C GLY H 187 -30.38 20.93 55.70
N ARG H 188 -31.17 19.98 56.19
CA ARG H 188 -32.38 20.34 56.91
C ARG H 188 -32.07 20.99 58.25
N LEU H 189 -32.96 21.89 58.68
CA LEU H 189 -32.84 22.56 59.97
C LEU H 189 -33.24 21.60 61.09
N ALA H 190 -32.36 20.63 61.35
CA ALA H 190 -32.61 19.63 62.38
C ALA H 190 -31.28 19.07 62.86
N GLN H 191 -31.28 18.63 64.11
CA GLN H 191 -30.11 18.03 64.74
C GLN H 191 -30.54 16.74 65.42
N LEU H 192 -29.83 15.65 65.14
CA LEU H 192 -30.14 14.35 65.70
C LEU H 192 -29.00 13.88 66.60
N GLY H 193 -29.36 13.16 67.65
CA GLY H 193 -28.38 12.66 68.59
C GLY H 193 -28.03 13.60 69.72
N VAL H 194 -28.86 14.59 70.00
CA VAL H 194 -28.63 15.54 71.08
C VAL H 194 -29.90 15.69 71.90
N ARG H 195 -29.73 16.19 73.12
CA ARG H 195 -30.87 16.38 74.02
C ARG H 195 -31.70 17.58 73.59
N GLU H 196 -32.94 17.61 74.08
CA GLU H 196 -33.86 18.69 73.73
C GLU H 196 -33.33 20.05 74.11
N SER H 197 -32.44 20.13 75.10
CA SER H 197 -31.88 21.40 75.50
C SER H 197 -31.06 22.03 74.38
N PHE H 198 -30.31 21.21 73.63
CA PHE H 198 -29.55 21.72 72.50
C PHE H 198 -30.46 22.41 71.48
N ARG H 199 -31.53 21.73 71.08
CA ARG H 199 -32.46 22.31 70.11
C ARG H 199 -33.12 23.56 70.66
N SER H 200 -33.54 23.53 71.93
CA SER H 200 -34.19 24.70 72.52
C SER H 200 -33.24 25.90 72.54
N LYS H 201 -32.00 25.67 72.94
CA LYS H 201 -31.04 26.77 73.02
C LYS H 201 -30.70 27.32 71.64
N LEU H 202 -30.56 26.45 70.65
CA LEU H 202 -30.35 26.95 69.28
C LEU H 202 -31.55 27.77 68.81
N GLN H 203 -32.76 27.24 68.99
CA GLN H 203 -33.97 27.92 68.54
C GLN H 203 -34.20 29.24 69.26
N ASN H 204 -33.73 29.38 70.50
CA ASN H 204 -33.84 30.64 71.22
C ASN H 204 -32.69 31.60 70.94
N TYR H 205 -31.52 31.10 70.55
CA TYR H 205 -30.45 32.01 70.14
C TYR H 205 -30.74 32.61 68.77
N PHE H 206 -31.29 31.80 67.86
CA PHE H 206 -31.72 32.36 66.58
C PHE H 206 -32.90 33.33 66.77
N ALA H 207 -33.78 33.04 67.73
CA ALA H 207 -34.93 33.91 67.95
C ALA H 207 -34.51 35.29 68.42
N ARG H 208 -33.54 35.37 69.34
CA ARG H 208 -33.13 36.65 69.88
C ARG H 208 -32.23 37.44 68.94
N LYS H 209 -31.80 36.84 67.83
CA LYS H 209 -31.07 37.54 66.80
C LYS H 209 -31.87 37.74 65.52
N HIS H 210 -33.02 37.07 65.39
CA HIS H 210 -33.83 37.11 64.17
C HIS H 210 -32.96 36.83 62.94
N LEU H 211 -32.13 35.80 63.05
CA LEU H 211 -31.27 35.40 61.95
C LEU H 211 -32.11 34.91 60.78
N LEU H 212 -31.80 35.40 59.59
CA LEU H 212 -32.47 34.97 58.36
C LEU H 212 -31.81 33.68 57.90
N LEU H 213 -32.26 32.56 58.47
CA LEU H 213 -31.64 31.26 58.25
C LEU H 213 -32.64 30.33 57.57
N ALA H 214 -32.24 29.76 56.44
CA ALA H 214 -33.04 28.77 55.74
C ALA H 214 -32.16 27.56 55.43
N GLY H 215 -32.71 26.38 55.64
CA GLY H 215 -31.98 25.16 55.37
C GLY H 215 -32.43 24.47 54.11
N VAL H 216 -31.54 24.36 53.12
CA VAL H 216 -31.88 23.77 51.83
C VAL H 216 -31.30 22.38 51.76
N THR H 217 -32.16 21.38 51.57
CA THR H 217 -31.75 19.98 51.66
C THR H 217 -31.61 19.30 50.30
N LYS H 218 -32.35 19.74 49.29
CA LYS H 218 -32.34 19.06 47.99
C LYS H 218 -32.95 17.67 48.14
N ARG H 219 -32.10 16.65 48.24
CA ARG H 219 -32.55 15.27 48.43
C ARG H 219 -31.66 14.58 49.46
N SER H 220 -32.19 13.53 50.06
CA SER H 220 -31.46 12.77 51.07
C SER H 220 -31.21 11.34 50.62
N GLU H 225 -37.74 13.46 52.49
CA GLU H 225 -37.11 14.04 51.32
C GLU H 225 -37.37 13.20 50.08
N GLY H 226 -37.13 11.89 50.19
CA GLY H 226 -37.40 11.01 49.06
C GLY H 226 -38.88 10.91 48.75
N LEU H 227 -39.72 10.75 49.78
CA LEU H 227 -41.16 10.64 49.56
C LEU H 227 -41.77 11.98 49.19
N THR H 228 -41.31 13.05 49.84
CA THR H 228 -41.79 14.39 49.50
C THR H 228 -41.47 14.72 48.05
N SER H 229 -40.25 14.41 47.62
CA SER H 229 -39.88 14.61 46.21
C SER H 229 -40.70 13.70 45.30
N LEU H 230 -40.94 12.45 45.72
CA LEU H 230 -41.72 11.54 44.91
C LEU H 230 -43.10 12.11 44.62
N VAL H 231 -43.75 12.68 45.63
CA VAL H 231 -45.09 13.21 45.42
C VAL H 231 -45.06 14.57 44.72
N MET H 232 -44.04 15.39 45.02
CA MET H 232 -43.98 16.71 44.42
C MET H 232 -43.63 16.66 42.95
N ALA H 233 -42.88 15.65 42.52
CA ALA H 233 -42.64 15.47 41.09
C ALA H 233 -43.95 15.22 40.35
N ARG H 234 -44.80 14.36 40.90
CA ARG H 234 -46.11 14.13 40.31
C ARG H 234 -46.94 15.41 40.31
N LEU H 235 -46.89 16.17 41.41
CA LEU H 235 -47.64 17.42 41.44
C LEU H 235 -47.15 18.41 40.37
N PHE H 236 -45.83 18.52 40.21
CA PHE H 236 -45.26 19.44 39.24
C PHE H 236 -45.57 19.01 37.82
N ALA H 237 -45.63 17.70 37.58
CA ALA H 237 -45.97 17.21 36.24
C ALA H 237 -47.27 17.83 35.75
N GLU H 238 -48.22 18.05 36.66
CA GLU H 238 -49.45 18.75 36.31
C GLU H 238 -49.26 20.26 36.37
N ALA H 239 -48.91 20.78 37.55
CA ALA H 239 -48.81 22.23 37.73
C ALA H 239 -47.78 22.83 36.78
N ARG H 240 -48.13 23.96 36.18
CA ARG H 240 -47.27 24.65 35.23
C ARG H 240 -46.88 26.01 35.79
N GLY H 241 -45.59 26.33 35.73
CA GLY H 241 -45.10 27.60 36.23
C GLY H 241 -44.40 27.47 37.57
N THR H 242 -43.24 28.12 37.71
CA THR H 242 -42.51 28.07 38.97
C THR H 242 -43.37 28.65 40.09
N PHE H 243 -43.38 27.96 41.23
CA PHE H 243 -44.23 28.35 42.34
C PHE H 243 -43.64 27.79 43.63
N VAL H 244 -44.07 28.37 44.74
CA VAL H 244 -43.64 27.96 46.08
C VAL H 244 -44.88 27.63 46.90
N LEU H 245 -44.84 26.50 47.61
CA LEU H 245 -45.96 26.06 48.42
C LEU H 245 -45.48 25.35 49.67
N GLN H 246 -46.32 25.36 50.70
CA GLN H 246 -46.00 24.80 52.00
C GLN H 246 -46.38 23.32 52.07
N VAL H 247 -45.53 22.53 52.72
CA VAL H 247 -45.77 21.09 52.83
C VAL H 247 -46.77 20.82 53.96
N PRO H 248 -47.84 20.07 53.71
CA PRO H 248 -48.81 19.78 54.77
C PRO H 248 -48.22 18.94 55.89
N GLN H 249 -48.73 19.19 57.10
CA GLN H 249 -48.31 18.42 58.27
C GLN H 249 -48.70 16.96 58.15
N GLU H 250 -49.79 16.66 57.43
CA GLU H 250 -50.19 15.27 57.24
C GLU H 250 -49.12 14.49 56.48
N LEU H 251 -48.53 15.12 55.45
CA LEU H 251 -47.44 14.49 54.72
C LEU H 251 -46.16 14.47 55.56
N MET H 252 -45.91 15.56 56.30
CA MET H 252 -44.70 15.62 57.12
C MET H 252 -44.67 14.49 58.14
N GLU H 253 -45.79 14.22 58.79
CA GLU H 253 -45.82 13.18 59.82
C GLU H 253 -45.62 11.80 59.22
N LYS H 254 -46.20 11.54 58.05
CA LYS H 254 -45.96 10.26 57.39
C LYS H 254 -44.48 10.10 57.03
N ALA H 255 -43.86 11.17 56.51
CA ALA H 255 -42.44 11.10 56.19
C ALA H 255 -41.61 10.82 57.44
N TYR H 256 -41.93 11.50 58.55
CA TYR H 256 -41.21 11.26 59.79
C TYR H 256 -41.38 9.83 60.27
N ARG H 257 -42.61 9.31 60.22
CA ARG H 257 -42.86 7.93 60.62
C ARG H 257 -42.03 6.96 59.79
N TYR H 258 -42.05 7.13 58.47
CA TYR H 258 -41.32 6.20 57.60
C TYR H 258 -39.81 6.27 57.85
N GLU H 259 -39.27 7.48 57.96
CA GLU H 259 -37.82 7.59 58.18
C GLU H 259 -37.42 7.06 59.54
N ARG H 260 -38.25 7.27 60.57
CA ARG H 260 -37.96 6.69 61.88
C ARG H 260 -37.97 5.16 61.82
N GLN H 261 -38.97 4.58 61.15
CA GLN H 261 -39.04 3.13 61.05
C GLN H 261 -37.87 2.56 60.26
N TRP H 262 -37.39 3.27 59.25
CA TRP H 262 -36.23 2.82 58.51
C TRP H 262 -34.93 3.02 59.26
N ASN H 263 -34.86 4.01 60.16
CA ASN H 263 -33.65 4.26 60.94
C ASN H 263 -34.07 4.89 62.26
N ALA H 264 -33.94 4.12 63.35
CA ALA H 264 -34.35 4.61 64.66
C ALA H 264 -33.51 5.82 65.09
N ASP H 265 -32.23 5.85 64.72
CA ASP H 265 -31.37 6.95 65.11
C ASP H 265 -31.84 8.29 64.55
N LEU H 266 -32.72 8.28 63.55
CA LEU H 266 -33.28 9.51 63.00
C LEU H 266 -34.37 10.10 63.88
N GLU H 267 -34.76 9.41 64.94
CA GLU H 267 -35.72 9.98 65.88
C GLU H 267 -35.18 11.29 66.44
N GLY H 268 -36.03 12.31 66.47
CA GLY H 268 -35.62 13.63 66.90
C GLY H 268 -34.99 14.49 65.82
N ALA H 269 -34.93 14.00 64.58
CA ALA H 269 -34.39 14.76 63.46
C ALA H 269 -35.47 15.59 62.77
N PHE H 270 -36.55 15.92 63.48
CA PHE H 270 -37.61 16.73 62.90
C PHE H 270 -37.11 18.13 62.58
N VAL H 271 -37.68 18.72 61.52
CA VAL H 271 -37.29 20.07 61.11
C VAL H 271 -37.65 21.05 62.23
N MET H 272 -36.72 21.94 62.54
CA MET H 272 -36.96 22.99 63.54
C MET H 272 -37.60 24.21 62.88
N GLY H 273 -38.77 23.98 62.32
CA GLY H 273 -39.49 25.03 61.60
C GLY H 273 -40.55 24.42 60.68
N ARG H 274 -40.71 25.06 59.53
CA ARG H 274 -41.70 24.62 58.54
C ARG H 274 -41.02 24.44 57.19
N ARG H 275 -41.54 23.50 56.41
CA ARG H 275 -41.00 23.13 55.11
C ARG H 275 -41.75 23.84 53.98
N TYR H 276 -41.02 24.19 52.94
CA TYR H 276 -41.59 24.71 51.70
C TYR H 276 -40.88 24.08 50.52
N VAL H 277 -41.61 23.95 49.42
CA VAL H 277 -41.08 23.42 48.17
C VAL H 277 -41.29 24.46 47.09
N ALA H 278 -40.24 24.77 46.35
CA ALA H 278 -40.27 25.76 45.28
C ALA H 278 -39.78 25.13 43.99
N ARG H 279 -40.34 25.58 42.88
CA ARG H 279 -39.97 25.13 41.55
C ARG H 279 -39.02 26.16 40.95
N LEU H 280 -37.82 25.72 40.57
CA LEU H 280 -36.79 26.63 40.09
C LEU H 280 -36.66 26.65 38.57
N LEU H 281 -36.92 25.54 37.90
CA LEU H 281 -36.72 25.41 36.46
C LEU H 281 -38.06 25.22 35.76
N GLU H 282 -38.31 26.01 34.73
CA GLU H 282 -39.54 25.86 33.95
C GLU H 282 -39.57 24.51 33.23
N ASP H 283 -38.44 24.09 32.66
CA ASP H 283 -38.37 22.89 31.84
C ASP H 283 -37.25 22.00 32.32
N THR H 284 -37.44 20.68 32.17
CA THR H 284 -36.46 19.72 32.62
C THR H 284 -36.53 18.49 31.72
N PHE H 285 -35.50 17.65 31.80
CA PHE H 285 -35.47 16.37 31.11
C PHE H 285 -35.82 15.19 32.02
N ARG H 286 -35.82 15.39 33.33
CA ARG H 286 -36.09 14.35 34.30
C ARG H 286 -37.17 14.82 35.27
N PRO H 287 -37.93 13.90 35.86
CA PRO H 287 -39.09 14.29 36.67
C PRO H 287 -38.75 15.16 37.87
N GLN H 288 -37.60 14.97 38.50
CA GLN H 288 -37.28 15.58 39.78
C GLN H 288 -36.11 16.57 39.67
N GLU H 289 -36.12 17.41 38.64
CA GLU H 289 -35.10 18.43 38.45
C GLU H 289 -35.68 19.81 38.73
N GLY H 290 -34.82 20.69 39.23
CA GLY H 290 -35.24 22.06 39.52
C GLY H 290 -36.27 22.19 40.62
N VAL H 291 -36.15 21.39 41.68
CA VAL H 291 -37.05 21.43 42.81
C VAL H 291 -36.22 21.68 44.06
N ALA H 292 -36.54 22.76 44.77
CA ALA H 292 -35.79 23.16 45.97
C ALA H 292 -36.69 23.03 47.18
N ILE H 293 -36.31 22.16 48.11
CA ILE H 293 -37.01 22.00 49.37
C ILE H 293 -36.19 22.71 50.44
N PHE H 294 -36.82 23.63 51.18
CA PHE H 294 -36.12 24.37 52.20
C PHE H 294 -36.98 24.44 53.46
N ASP H 295 -36.31 24.76 54.57
CA ASP H 295 -36.96 24.85 55.87
C ASP H 295 -36.64 26.21 56.49
N LEU H 296 -37.65 26.76 57.18
CA LEU H 296 -37.54 28.05 57.83
C LEU H 296 -37.84 27.92 59.31
N PRO H 297 -37.17 28.69 60.16
CA PRO H 297 -37.46 28.66 61.60
C PRO H 297 -38.87 29.16 61.88
N PRO H 298 -39.42 28.83 63.05
CA PRO H 298 -40.82 29.19 63.32
C PRO H 298 -41.10 30.68 63.35
N TYR H 299 -40.07 31.51 63.55
CA TYR H 299 -40.29 32.96 63.64
C TYR H 299 -40.37 33.65 62.28
N LEU H 300 -40.24 32.89 61.19
CA LEU H 300 -40.36 33.44 59.84
C LEU H 300 -41.72 33.04 59.26
N GLY H 301 -42.48 34.03 58.80
CA GLY H 301 -43.81 33.79 58.29
C GLY H 301 -43.83 33.35 56.84
N GLU H 302 -45.06 33.24 56.31
CA GLU H 302 -45.23 32.78 54.93
C GLU H 302 -44.74 33.82 53.93
N GLU H 303 -44.91 35.10 54.24
CA GLU H 303 -44.35 36.14 53.39
C GLU H 303 -42.82 36.07 53.36
N ASP H 304 -42.20 35.81 54.52
CA ASP H 304 -40.76 35.58 54.55
C ASP H 304 -40.37 34.36 53.73
N ALA H 305 -41.17 33.30 53.79
CA ALA H 305 -40.91 32.13 52.97
C ALA H 305 -40.96 32.47 51.49
N VAL H 306 -41.94 33.28 51.09
CA VAL H 306 -42.04 33.72 49.69
C VAL H 306 -40.80 34.51 49.29
N LYS H 307 -40.37 35.42 50.16
CA LYS H 307 -39.17 36.22 49.86
C LYS H 307 -37.94 35.33 49.72
N VAL H 308 -37.79 34.34 50.61
CA VAL H 308 -36.63 33.46 50.55
C VAL H 308 -36.68 32.60 49.30
N ALA H 309 -37.87 32.16 48.90
CA ALA H 309 -38.01 31.41 47.66
C ALA H 309 -37.63 32.26 46.46
N ARG H 310 -38.03 33.55 46.47
CA ARG H 310 -37.62 34.44 45.39
C ARG H 310 -36.10 34.59 45.35
N SER H 311 -35.47 34.72 46.51
CA SER H 311 -34.00 34.81 46.53
C SER H 311 -33.36 33.55 45.97
N LEU H 312 -33.86 32.38 46.39
CA LEU H 312 -33.31 31.12 45.91
C LEU H 312 -33.47 30.99 44.40
N ARG H 313 -34.64 31.39 43.87
CA ARG H 313 -34.86 31.34 42.44
C ARG H 313 -34.00 32.35 41.70
N ALA H 314 -33.68 33.48 42.35
CA ALA H 314 -32.78 34.45 41.75
C ALA H 314 -31.34 33.97 41.73
N HIS H 315 -30.97 33.06 42.63
CA HIS H 315 -29.64 32.46 42.62
C HIS H 315 -29.66 31.03 42.09
N ARG H 316 -30.57 30.72 41.17
CA ARG H 316 -30.70 29.36 40.66
C ARG H 316 -29.56 29.03 39.69
N SER H 317 -29.32 27.73 39.55
CA SER H 317 -28.30 27.22 38.64
C SER H 317 -28.81 25.95 37.97
N VAL H 318 -28.15 25.58 36.86
CA VAL H 318 -28.54 24.40 36.09
C VAL H 318 -27.40 23.40 36.09
N LEU H 319 -26.62 23.37 37.17
CA LEU H 319 -25.43 22.51 37.18
C LEU H 319 -25.80 21.06 37.45
N TYR H 320 -26.33 20.76 38.63
CA TYR H 320 -26.76 19.40 38.97
C TYR H 320 -28.27 19.26 38.82
N GLY H 321 -28.73 19.42 37.59
CA GLY H 321 -30.16 19.34 37.32
C GLY H 321 -30.98 20.34 38.10
N GLY H 322 -30.49 21.58 38.23
CA GLY H 322 -31.18 22.59 38.99
C GLY H 322 -30.67 22.71 40.41
N SER H 323 -29.91 23.75 40.69
CA SER H 323 -29.29 23.93 42.00
C SER H 323 -29.37 25.40 42.39
N VAL H 324 -28.68 25.75 43.47
CA VAL H 324 -28.67 27.12 43.97
C VAL H 324 -27.37 27.85 43.63
N GLY H 325 -26.42 27.18 42.98
CA GLY H 325 -25.20 27.83 42.57
C GLY H 325 -24.26 28.10 43.73
N THR H 326 -24.72 28.91 44.69
CA THR H 326 -23.90 29.17 45.86
C THR H 326 -23.64 27.90 46.65
N VAL H 327 -24.64 27.01 46.71
CA VAL H 327 -24.45 25.73 47.41
C VAL H 327 -23.34 24.93 46.76
N VAL H 328 -23.35 24.82 45.42
CA VAL H 328 -22.32 24.05 44.74
C VAL H 328 -20.95 24.72 44.88
N GLU H 329 -20.93 26.05 44.84
CA GLU H 329 -19.66 26.77 45.02
C GLU H 329 -19.06 26.50 46.39
N ALA H 330 -19.88 26.61 47.44
CA ALA H 330 -19.40 26.35 48.78
C ALA H 330 -18.96 24.91 48.95
N HIS H 331 -19.73 23.97 48.39
CA HIS H 331 -19.36 22.56 48.50
C HIS H 331 -18.05 22.28 47.80
N GLY H 332 -17.85 22.86 46.62
CA GLY H 332 -16.58 22.69 45.94
C GLY H 332 -15.42 23.30 46.70
N ARG H 333 -15.64 24.46 47.31
CA ARG H 333 -14.59 25.08 48.10
C ARG H 333 -14.22 24.22 49.31
N ALA H 334 -15.22 23.64 49.99
CA ALA H 334 -14.97 22.86 51.18
C ALA H 334 -14.62 21.41 50.90
N SER H 335 -14.71 20.97 49.64
CA SER H 335 -14.40 19.59 49.31
C SER H 335 -12.92 19.30 49.58
N VAL H 336 -12.63 18.03 49.86
CA VAL H 336 -11.28 17.57 50.14
C VAL H 336 -10.90 16.56 49.07
N ALA H 337 -9.85 16.88 48.31
CA ALA H 337 -9.40 15.99 47.26
C ALA H 337 -8.89 14.68 47.85
N ARG H 338 -9.09 13.59 47.10
CA ARG H 338 -8.63 12.28 47.56
C ARG H 338 -7.11 12.24 47.73
N SER H 339 -6.38 13.13 47.06
CA SER H 339 -4.92 13.16 47.21
C SER H 339 -4.50 13.68 48.57
N ILE H 340 -5.35 14.49 49.20
CA ILE H 340 -4.99 15.06 50.51
C ILE H 340 -4.78 14.00 51.57
N PRO H 341 -5.67 13.01 51.74
CA PRO H 341 -5.41 11.98 52.76
C PRO H 341 -4.11 11.22 52.52
N ARG H 342 -3.74 10.99 51.26
CA ARG H 342 -2.53 10.25 50.96
C ARG H 342 -1.28 11.09 51.18
N ARG H 343 -1.33 12.39 50.88
CA ARG H 343 -0.21 13.27 51.14
C ARG H 343 -0.06 13.62 52.63
N MET H 344 -1.17 13.60 53.37
CA MET H 344 -1.10 13.88 54.80
C MET H 344 -0.29 12.81 55.53
N GLU H 345 -0.45 11.55 55.12
CA GLU H 345 0.35 10.49 55.73
C GLU H 345 1.83 10.69 55.44
N GLU H 346 2.18 11.03 54.20
CA GLU H 346 3.58 11.26 53.86
C GLU H 346 4.18 12.42 54.62
N GLU H 347 3.40 13.47 54.88
CA GLU H 347 3.87 14.59 55.70
C GLU H 347 3.97 14.23 57.18
N ILE H 348 2.96 13.53 57.72
CA ILE H 348 2.93 13.22 59.14
C ILE H 348 4.05 12.24 59.49
N LEU H 349 4.31 11.25 58.64
CA LEU H 349 5.37 10.30 58.94
C LEU H 349 6.72 10.99 58.98
N ALA H 350 6.97 11.91 58.05
CA ALA H 350 8.22 12.66 58.07
C ALA H 350 8.34 13.51 59.33
N ARG H 351 7.28 14.23 59.68
CA ARG H 351 7.33 15.06 60.88
C ARG H 351 7.47 14.23 62.16
N PHE H 352 6.95 13.00 62.16
CA PHE H 352 7.10 12.11 63.30
C PHE H 352 8.52 11.55 63.38
N ARG H 353 9.10 11.18 62.24
CA ARG H 353 10.47 10.71 62.23
C ARG H 353 11.44 11.79 62.68
N LYS H 354 11.26 13.03 62.22
CA LYS H 354 12.14 14.12 62.59
C LYS H 354 11.99 14.55 64.04
N ALA H 355 11.20 13.81 64.83
CA ALA H 355 11.04 14.11 66.25
C ALA H 355 11.36 12.89 67.09
N PHE H 356 11.07 11.69 66.57
CA PHE H 356 11.26 10.46 67.32
C PHE H 356 12.48 9.65 66.88
N GLY H 357 13.22 10.11 65.87
CA GLY H 357 14.42 9.43 65.44
C GLY H 357 14.17 8.51 64.26
N GLU H 358 15.26 8.04 63.67
CA GLU H 358 15.22 7.20 62.49
C GLU H 358 15.01 5.72 62.83
N ASP H 359 14.94 5.36 64.10
CA ASP H 359 14.68 3.98 64.49
C ASP H 359 13.20 3.73 64.75
N LEU H 360 12.58 4.55 65.61
CA LEU H 360 11.16 4.37 65.90
C LEU H 360 10.28 4.64 64.69
N ALA H 361 10.80 5.33 63.68
CA ALA H 361 10.02 5.62 62.48
C ALA H 361 10.00 4.46 61.49
N LYS H 362 11.06 3.65 61.45
CA LYS H 362 11.12 2.54 60.50
C LYS H 362 10.04 1.51 60.80
N LYS H 363 9.82 1.20 62.07
CA LYS H 363 8.85 0.17 62.43
C LYS H 363 7.43 0.61 62.14
N LEU H 364 7.13 1.90 62.27
CA LEU H 364 5.81 2.38 61.87
C LEU H 364 5.55 2.11 60.40
N THR H 365 6.53 2.41 59.54
CA THR H 365 6.38 2.13 58.11
C THR H 365 6.27 0.64 57.85
N GLU H 366 7.05 -0.17 58.57
CA GLU H 366 6.95 -1.62 58.40
C GLU H 366 5.57 -2.14 58.76
N TRP H 367 5.01 -1.67 59.89
CA TRP H 367 3.66 -2.06 60.27
C TRP H 367 2.65 -1.62 59.23
N LEU H 368 2.79 -0.39 58.71
CA LEU H 368 1.87 0.07 57.69
C LEU H 368 1.94 -0.79 56.43
N ARG H 369 3.15 -1.16 56.03
CA ARG H 369 3.30 -2.02 54.85
C ARG H 369 2.66 -3.38 55.09
N LEU H 370 2.86 -3.96 56.26
CA LEU H 370 2.29 -5.28 56.54
C LEU H 370 0.77 -5.23 56.57
N ALA H 371 0.20 -4.20 57.17
CA ALA H 371 -1.25 -4.08 57.34
C ALA H 371 -1.74 -2.86 56.57
N ASP H 372 -2.36 -3.11 55.41
CA ASP H 372 -2.88 -2.04 54.56
C ASP H 372 -1.92 -0.87 54.45
PG ANP K . 34.38 -10.14 0.56
O1G ANP K . 35.28 -9.04 0.12
O2G ANP K . 32.91 -9.78 0.16
O3G ANP K . 34.80 -11.49 -0.13
PB ANP K . 34.22 -11.86 2.75
O1B ANP K . 34.75 -12.83 1.74
O2B ANP K . 32.70 -12.08 2.91
N3B ANP K . 34.50 -10.29 2.25
PA ANP K . 36.37 -12.73 4.20
O1A ANP K . 37.25 -12.22 3.14
O2A ANP K . 36.18 -14.25 4.16
O3A ANP K . 34.92 -12.10 4.12
O5' ANP K . 36.94 -12.29 5.60
C5' ANP K . 37.59 -11.02 5.80
C4' ANP K . 38.10 -10.95 7.21
O4' ANP K . 37.03 -11.18 8.13
C3' ANP K . 39.16 -11.98 7.59
O3' ANP K . 40.47 -11.54 7.22
C2' ANP K . 39.01 -12.08 9.10
O2' ANP K . 39.78 -11.09 9.77
C1' ANP K . 37.51 -11.83 9.30
N9 ANP K . 36.73 -13.04 9.51
C8 ANP K . 36.04 -13.75 8.57
N7 ANP K . 35.43 -14.81 9.04
C5 ANP K . 35.74 -14.79 10.39
C6 ANP K . 35.39 -15.64 11.46
N6 ANP K . 34.62 -16.73 11.32
N1 ANP K . 35.87 -15.34 12.69
C2 ANP K . 36.63 -14.25 12.84
N3 ANP K . 37.02 -13.38 11.90
C4 ANP K . 36.54 -13.70 10.70
HNB1 ANP K . 35.33 -10.03 2.51
H5'1 ANP K . 38.33 -10.93 5.17
H5'2 ANP K . 36.94 -10.30 5.65
H4' ANP K . 38.46 -10.06 7.40
H3' ANP K . 38.94 -12.82 7.18
HO3' ANP K . 40.40 -10.95 6.56
H2' ANP K . 39.21 -12.96 9.41
HO2' ANP K . 40.02 -10.45 9.20
H1' ANP K . 37.40 -11.23 10.06
H8 ANP K . 36.01 -13.51 7.65
HN61 ANP K . 34.45 -17.26 12.06
HN62 ANP K . 34.27 -16.94 10.50
H2 ANP K . 36.95 -14.08 13.73
PG ANP L . 28.52 22.13 -2.66
O1G ANP L . 27.34 21.25 -2.97
O2G ANP L . 28.48 23.37 -3.64
O3G ANP L . 29.85 21.31 -2.87
PB ANP L . 29.53 21.90 -0.09
O1B ANP L . 30.71 21.49 -0.88
O2B ANP L . 28.86 20.64 0.53
N3B ANP L . 28.42 22.67 -1.06
PA ANP L . 31.40 23.52 1.09
O1A ANP L . 32.41 22.61 1.65
O2A ANP L . 31.69 23.98 -0.34
O3A ANP L . 29.96 22.86 1.06
O5' ANP L . 31.27 24.75 2.06
C5' ANP L . 30.54 25.93 1.72
C4' ANP L . 30.83 27.00 2.74
O4' ANP L . 30.23 26.63 4.01
C3' ANP L . 32.30 27.24 3.06
O3' ANP L . 32.90 28.13 2.14
C2' ANP L . 32.24 27.81 4.47
O2' ANP L . 32.00 29.21 4.46
C1' ANP L . 31.05 27.07 5.08
N9 ANP L . 31.42 25.89 5.86
C8 ANP L . 31.58 24.61 5.42
N7 ANP L . 31.93 23.76 6.35
C5 ANP L . 32.02 24.54 7.49
C6 ANP L . 32.35 24.23 8.82
N6 ANP L . 32.67 23.00 9.25
N1 ANP L . 32.34 25.23 9.72
C2 ANP L . 32.01 26.46 9.30
N3 ANP L . 31.69 26.87 8.07
C4 ANP L . 31.71 25.86 7.21
HNB1 ANP L . 28.57 23.58 -1.05
H5'1 ANP L . 30.82 26.24 0.83
H5'2 ANP L . 29.59 25.73 1.71
H4' ANP L . 30.43 27.86 2.48
H3' ANP L . 32.76 26.38 3.06
HO3' ANP L . 32.64 27.94 1.32
H2' ANP L . 33.04 27.59 4.97
HO2' ANP L . 31.35 29.40 3.89
H1' ANP L . 30.55 27.68 5.63
H8 ANP L . 31.45 24.36 4.51
HN61 ANP L . 32.91 22.86 10.13
HN62 ANP L . 32.66 22.30 8.66
H2 ANP L . 32.02 27.15 9.99
PG ANP M . 0.03 34.22 -14.23
O1G ANP M . 0.26 32.86 -13.63
O2G ANP M . 1.40 34.84 -14.66
O3G ANP M . -0.91 34.06 -15.49
PB ANP M . 0.40 35.78 -11.99
O1B ANP M . 1.68 36.11 -12.69
O2B ANP M . 0.66 34.68 -10.92
N3B ANP M . -0.73 35.22 -13.09
PA ANP M . 0.16 38.50 -11.87
O1A ANP M . 1.43 39.04 -11.34
O2A ANP M . 0.11 38.37 -13.39
O3A ANP M . -0.15 37.06 -11.28
O5' ANP M . -1.01 39.43 -11.34
C5' ANP M . -2.23 38.84 -10.84
C4' ANP M . -3.14 39.93 -10.32
O4' ANP M . -2.87 40.15 -8.92
C3' ANP M . -2.99 41.29 -11.00
O3' ANP M . -4.25 41.93 -11.12
C2' ANP M . -2.06 42.05 -10.05
O2' ANP M . -2.26 43.45 -10.10
C1' ANP M . -2.49 41.49 -8.69
N9 ANP M . -1.44 41.51 -7.68
C8 ANP M . -0.19 40.98 -7.78
N7 ANP M . 0.55 41.14 -6.71
C5 ANP M . -0.27 41.83 -5.84
C6 ANP M . -0.09 42.31 -4.53
N6 ANP M . 1.04 42.15 -3.84
N1 ANP M . -1.12 42.96 -3.94
C2 ANP M . -2.26 43.11 -4.63
N3 ANP M . -2.54 42.71 -5.87
C4 ANP M . -1.51 42.06 -6.42
HNB1 ANP M . -1.12 35.93 -13.52
H5'1 ANP M . -2.67 38.36 -11.56
H5'2 ANP M . -2.02 38.22 -10.11
H4' ANP M . -4.06 39.65 -10.39
H3' ANP M . -2.57 41.18 -11.86
HO3' ANP M . -4.20 42.59 -11.72
H2' ANP M . -1.14 41.81 -10.22
HO2' ANP M . -3.09 43.64 -9.88
H1' ANP M . -3.26 42.00 -8.39
H8 ANP M . 0.13 40.52 -8.57
HN61 ANP M . 1.12 42.51 -2.99
HN62 ANP M . 1.74 41.71 -4.21
H2 ANP M . -2.96 43.58 -4.17
#